data_2RNX
#
_entry.id   2RNX
#
loop_
_entity.id
_entity.type
_entity.pdbx_description
1 polymer 'Histone acetyltransferase PCAF'
2 polymer 'Histone H3'
#
loop_
_entity_poly.entity_id
_entity_poly.type
_entity_poly.pdbx_seq_one_letter_code
_entity_poly.pdbx_strand_id
1 'polypeptide(L)'
;GSHMSKEPRDPDQLYSTLKSILQQVKSHQSAWPFMEPVKRTEAPGYYEVIRFPMDLKTMSERLKNRYYVSKKLFMADLQR
VFTNCKEYNPPESEYYKCANILEKFFFSKIKEAGLIDK
;
A
2 'polypeptide(L)' STGGV(ALY)KPHRYKC B
#
# COMPACT_ATOMS: atom_id res chain seq x y z
N GLY A 1 -27.26 19.38 -3.83
CA GLY A 1 -28.12 19.46 -2.62
C GLY A 1 -27.56 18.67 -1.46
N SER A 2 -26.26 18.38 -1.51
CA SER A 2 -25.60 17.63 -0.46
C SER A 2 -24.30 18.30 -0.04
N HIS A 3 -23.84 18.01 1.18
CA HIS A 3 -22.61 18.58 1.70
C HIS A 3 -22.16 17.86 2.96
N MET A 4 -22.43 16.57 3.04
CA MET A 4 -22.05 15.77 4.20
C MET A 4 -20.89 14.84 3.86
N SER A 5 -20.61 14.68 2.57
CA SER A 5 -19.53 13.82 2.11
C SER A 5 -18.16 14.43 2.47
N LYS A 6 -17.19 13.56 2.74
CA LYS A 6 -15.85 14.01 3.09
C LYS A 6 -14.86 13.68 1.98
N GLU A 7 -15.37 13.13 0.88
CA GLU A 7 -14.53 12.78 -0.26
C GLU A 7 -13.67 13.96 -0.69
N PRO A 8 -12.33 13.79 -0.63
CA PRO A 8 -11.39 14.84 -0.98
C PRO A 8 -11.46 15.20 -2.46
N ARG A 9 -11.23 14.21 -3.33
CA ARG A 9 -11.30 14.41 -4.79
C ARG A 9 -10.15 15.27 -5.31
N ASP A 10 -10.08 16.53 -4.87
CA ASP A 10 -9.02 17.42 -5.32
C ASP A 10 -7.65 16.75 -5.19
N PRO A 11 -6.65 17.21 -5.95
CA PRO A 11 -5.32 16.64 -5.95
C PRO A 11 -4.51 17.06 -4.74
N ASP A 12 -4.91 18.16 -4.12
CA ASP A 12 -4.22 18.67 -2.94
C ASP A 12 -4.86 18.11 -1.68
N GLN A 13 -6.20 18.18 -1.59
CA GLN A 13 -6.87 17.64 -0.42
C GLN A 13 -6.47 16.19 -0.29
N LEU A 14 -6.47 15.49 -1.42
CA LEU A 14 -6.08 14.08 -1.47
C LEU A 14 -4.61 13.95 -1.14
N TYR A 15 -3.78 14.65 -1.90
CA TYR A 15 -2.35 14.59 -1.68
C TYR A 15 -2.05 14.46 -0.21
N SER A 16 -2.43 15.44 0.58
CA SER A 16 -2.12 15.36 1.98
C SER A 16 -3.15 14.57 2.77
N THR A 17 -4.35 14.37 2.21
CA THR A 17 -5.33 13.54 2.91
C THR A 17 -4.70 12.20 3.00
N LEU A 18 -4.46 11.70 1.81
CA LEU A 18 -3.80 10.47 1.59
C LEU A 18 -2.44 10.46 2.26
N LYS A 19 -1.81 11.64 2.31
CA LYS A 19 -0.50 11.77 2.94
C LYS A 19 -0.62 11.26 4.36
N SER A 20 -1.82 11.35 4.90
CA SER A 20 -2.09 10.89 6.25
C SER A 20 -2.45 9.42 6.22
N ILE A 21 -3.39 9.03 5.34
CA ILE A 21 -3.74 7.63 5.24
C ILE A 21 -2.44 6.87 5.06
N LEU A 22 -1.76 7.14 3.96
CA LEU A 22 -0.48 6.53 3.67
C LEU A 22 0.38 6.50 4.93
N GLN A 23 0.63 7.69 5.45
CA GLN A 23 1.41 7.85 6.67
C GLN A 23 0.98 6.87 7.76
N GLN A 24 -0.31 6.55 7.74
CA GLN A 24 -0.89 5.65 8.72
C GLN A 24 -0.74 4.19 8.32
N VAL A 25 -1.26 3.84 7.14
CA VAL A 25 -1.18 2.50 6.61
C VAL A 25 0.26 2.05 6.59
N LYS A 26 1.14 3.02 6.43
CA LYS A 26 2.57 2.78 6.37
C LYS A 26 3.13 2.67 7.77
N SER A 27 2.61 3.50 8.66
CA SER A 27 3.05 3.45 10.04
C SER A 27 2.46 2.22 10.69
N HIS A 28 1.63 1.52 9.93
CA HIS A 28 0.97 0.31 10.39
C HIS A 28 1.97 -0.80 10.67
N GLN A 29 1.71 -1.53 11.76
CA GLN A 29 2.53 -2.65 12.19
C GLN A 29 2.62 -3.74 11.10
N SER A 30 1.75 -3.65 10.10
CA SER A 30 1.71 -4.62 9.01
C SER A 30 2.23 -4.00 7.73
N ALA A 31 2.82 -2.84 7.88
CA ALA A 31 3.31 -2.10 6.74
C ALA A 31 4.81 -2.19 6.55
N TRP A 32 5.53 -2.95 7.37
CA TRP A 32 6.98 -3.00 7.21
C TRP A 32 7.42 -3.66 5.89
N PRO A 33 6.71 -4.68 5.35
CA PRO A 33 7.11 -5.28 4.08
C PRO A 33 6.83 -4.33 2.94
N PHE A 34 6.08 -3.29 3.26
CA PHE A 34 5.68 -2.31 2.26
C PHE A 34 6.25 -0.92 2.60
N MET A 35 6.69 -0.74 3.84
CA MET A 35 7.20 0.55 4.30
C MET A 35 8.16 1.13 3.29
N GLU A 36 8.89 0.25 2.65
CA GLU A 36 9.84 0.58 1.62
C GLU A 36 9.98 -0.58 0.68
N PRO A 37 10.30 -0.31 -0.59
CA PRO A 37 10.43 -1.35 -1.59
C PRO A 37 11.50 -2.34 -1.24
N VAL A 38 11.26 -3.58 -1.60
CA VAL A 38 12.18 -4.64 -1.30
C VAL A 38 13.45 -4.49 -2.11
N LYS A 39 14.41 -5.36 -1.89
CA LYS A 39 15.70 -5.26 -2.57
C LYS A 39 15.59 -5.68 -4.03
N ARG A 40 14.37 -5.86 -4.50
CA ARG A 40 14.13 -6.32 -5.87
C ARG A 40 14.57 -7.76 -6.00
N THR A 41 15.44 -8.18 -5.07
CA THR A 41 15.94 -9.53 -5.05
C THR A 41 15.83 -10.11 -3.66
N GLU A 42 15.38 -9.27 -2.72
CA GLU A 42 15.13 -9.68 -1.37
C GLU A 42 14.07 -10.69 -1.52
N ALA A 43 13.27 -10.28 -2.45
CA ALA A 43 12.14 -10.97 -2.92
C ALA A 43 12.52 -11.66 -4.22
N PRO A 44 12.72 -12.94 -4.12
CA PRO A 44 13.13 -13.78 -5.23
C PRO A 44 12.07 -13.88 -6.31
N GLY A 45 12.36 -13.28 -7.46
CA GLY A 45 11.42 -13.27 -8.56
C GLY A 45 10.39 -12.20 -8.35
N TYR A 46 10.62 -11.37 -7.34
CA TYR A 46 9.73 -10.27 -6.97
C TYR A 46 9.18 -9.51 -8.16
N TYR A 47 10.05 -8.98 -8.97
CA TYR A 47 9.62 -8.20 -10.13
C TYR A 47 8.99 -9.05 -11.22
N GLU A 48 9.20 -10.35 -11.15
CA GLU A 48 8.63 -11.28 -12.12
C GLU A 48 7.20 -11.64 -11.70
N VAL A 49 7.09 -12.01 -10.44
CA VAL A 49 5.83 -12.38 -9.81
C VAL A 49 4.96 -11.16 -9.64
N ILE A 50 5.61 -10.07 -9.32
CA ILE A 50 4.93 -8.83 -9.09
C ILE A 50 5.03 -7.90 -10.27
N ARG A 51 4.10 -8.04 -11.18
CA ARG A 51 4.04 -7.18 -12.35
C ARG A 51 4.17 -5.71 -11.93
N PHE A 52 3.57 -5.36 -10.78
CA PHE A 52 3.63 -3.98 -10.29
C PHE A 52 3.93 -3.88 -8.78
N PRO A 53 5.22 -4.03 -8.38
CA PRO A 53 5.61 -3.92 -6.97
C PRO A 53 5.58 -2.50 -6.41
N MET A 54 4.49 -2.18 -5.71
CA MET A 54 4.34 -0.87 -5.09
C MET A 54 4.45 -0.99 -3.59
N ASP A 55 4.95 0.07 -2.98
CA ASP A 55 5.14 0.08 -1.54
C ASP A 55 4.57 1.36 -0.93
N LEU A 56 4.66 1.48 0.38
CA LEU A 56 4.17 2.66 1.07
C LEU A 56 5.12 3.83 0.86
N LYS A 57 6.40 3.54 0.66
CA LYS A 57 7.35 4.59 0.36
C LYS A 57 7.15 5.01 -1.07
N THR A 58 6.94 4.01 -1.93
CA THR A 58 6.66 4.28 -3.34
C THR A 58 5.35 5.05 -3.38
N MET A 59 4.40 4.60 -2.57
CA MET A 59 3.12 5.28 -2.42
C MET A 59 3.42 6.71 -2.04
N SER A 60 4.06 6.86 -0.87
CA SER A 60 4.45 8.17 -0.35
C SER A 60 5.31 8.92 -1.35
N GLU A 61 5.99 8.19 -2.20
CA GLU A 61 6.83 8.79 -3.23
C GLU A 61 5.95 9.64 -4.11
N ARG A 62 4.91 8.98 -4.60
CA ARG A 62 3.92 9.62 -5.43
C ARG A 62 3.29 10.75 -4.66
N LEU A 63 2.87 10.39 -3.46
CA LEU A 63 2.26 11.31 -2.52
C LEU A 63 3.05 12.57 -2.42
N LYS A 64 4.32 12.40 -2.20
CA LYS A 64 5.19 13.51 -2.06
C LYS A 64 5.03 14.47 -3.22
N ASN A 65 5.09 13.92 -4.42
CA ASN A 65 4.95 14.70 -5.64
C ASN A 65 3.51 15.15 -5.85
N ARG A 66 2.64 14.77 -4.93
CA ARG A 66 1.22 15.09 -5.01
C ARG A 66 0.62 14.30 -6.14
N TYR A 67 1.32 13.24 -6.53
CA TYR A 67 0.91 12.39 -7.62
C TYR A 67 -0.53 11.94 -7.46
N TYR A 68 -0.93 11.66 -6.21
CA TYR A 68 -2.29 11.21 -5.95
C TYR A 68 -3.31 12.29 -6.19
N VAL A 69 -3.56 12.53 -7.46
CA VAL A 69 -4.54 13.50 -7.86
C VAL A 69 -5.89 12.83 -7.81
N SER A 70 -5.88 11.65 -7.22
CA SER A 70 -7.04 10.83 -7.09
C SER A 70 -6.79 9.74 -6.07
N LYS A 71 -7.67 9.62 -5.06
CA LYS A 71 -7.49 8.58 -4.04
C LYS A 71 -7.34 7.24 -4.69
N LYS A 72 -7.69 7.14 -5.98
CA LYS A 72 -7.58 5.88 -6.68
C LYS A 72 -6.12 5.57 -6.97
N LEU A 73 -5.35 6.59 -7.29
CA LEU A 73 -3.93 6.41 -7.49
C LEU A 73 -3.39 5.85 -6.23
N PHE A 74 -3.89 6.46 -5.21
CA PHE A 74 -3.57 6.17 -3.87
C PHE A 74 -4.13 4.85 -3.42
N MET A 75 -5.31 4.57 -3.89
CA MET A 75 -5.96 3.35 -3.55
C MET A 75 -5.25 2.22 -4.25
N ALA A 76 -5.30 2.28 -5.57
CA ALA A 76 -4.68 1.29 -6.42
C ALA A 76 -3.26 0.94 -6.02
N ASP A 77 -2.42 1.96 -5.84
CA ASP A 77 -1.01 1.76 -5.50
C ASP A 77 -0.85 1.20 -4.10
N LEU A 78 -1.44 1.83 -3.09
CA LEU A 78 -1.33 1.26 -1.76
C LEU A 78 -1.90 -0.13 -1.81
N GLN A 79 -2.94 -0.25 -2.62
CA GLN A 79 -3.61 -1.51 -2.83
C GLN A 79 -2.72 -2.39 -3.65
N ARG A 80 -1.80 -1.73 -4.32
CA ARG A 80 -0.81 -2.36 -5.17
C ARG A 80 0.26 -3.01 -4.29
N VAL A 81 0.43 -2.48 -3.07
CA VAL A 81 1.41 -3.02 -2.13
C VAL A 81 0.81 -4.22 -1.40
N PHE A 82 -0.46 -4.09 -1.01
CA PHE A 82 -1.17 -5.17 -0.33
C PHE A 82 -1.37 -6.32 -1.31
N THR A 83 -1.91 -5.98 -2.49
CA THR A 83 -2.19 -6.97 -3.51
C THR A 83 -0.91 -7.66 -3.97
N ASN A 84 0.17 -6.89 -4.12
CA ASN A 84 1.43 -7.48 -4.52
C ASN A 84 1.94 -8.33 -3.38
N CYS A 85 1.54 -7.97 -2.17
CA CYS A 85 1.93 -8.72 -1.01
C CYS A 85 1.08 -9.97 -0.92
N LYS A 86 -0.14 -9.83 -1.40
CA LYS A 86 -1.12 -10.90 -1.45
C LYS A 86 -0.90 -11.76 -2.68
N GLU A 87 -0.22 -11.17 -3.65
CA GLU A 87 0.06 -11.81 -4.93
C GLU A 87 1.14 -12.85 -4.85
N TYR A 88 2.30 -12.37 -4.47
CA TYR A 88 3.49 -13.16 -4.39
C TYR A 88 3.60 -13.94 -3.10
N ASN A 89 3.54 -13.21 -2.01
CA ASN A 89 3.65 -13.79 -0.69
C ASN A 89 2.54 -14.78 -0.43
N PRO A 90 2.77 -15.68 0.54
CA PRO A 90 1.79 -16.64 1.00
C PRO A 90 1.10 -16.14 2.27
N PRO A 91 -0.23 -16.32 2.43
CA PRO A 91 -0.95 -15.87 3.63
C PRO A 91 -0.36 -16.45 4.92
N GLU A 92 0.76 -17.17 4.79
CA GLU A 92 1.44 -17.76 5.92
C GLU A 92 2.58 -16.86 6.37
N SER A 93 3.22 -16.21 5.39
CA SER A 93 4.33 -15.31 5.68
C SER A 93 3.85 -14.16 6.55
N GLU A 94 4.78 -13.34 6.99
CA GLU A 94 4.45 -12.20 7.83
C GLU A 94 3.76 -11.13 7.03
N TYR A 95 4.30 -10.88 5.85
CA TYR A 95 3.82 -9.80 5.01
C TYR A 95 2.41 -10.02 4.45
N TYR A 96 2.18 -11.15 3.77
CA TYR A 96 0.86 -11.40 3.17
C TYR A 96 -0.27 -10.98 4.11
N LYS A 97 -0.32 -11.57 5.29
CA LYS A 97 -1.36 -11.20 6.24
C LYS A 97 -1.29 -9.73 6.54
N CYS A 98 -0.06 -9.24 6.66
CA CYS A 98 0.17 -7.83 6.93
C CYS A 98 -0.43 -6.99 5.81
N ALA A 99 -0.61 -7.61 4.66
CA ALA A 99 -1.18 -6.94 3.51
C ALA A 99 -2.68 -6.81 3.69
N ASN A 100 -3.31 -7.93 3.99
CA ASN A 100 -4.74 -8.00 4.24
C ASN A 100 -5.09 -7.11 5.42
N ILE A 101 -4.26 -7.22 6.43
CA ILE A 101 -4.40 -6.49 7.68
C ILE A 101 -4.29 -5.01 7.44
N LEU A 102 -3.16 -4.61 6.87
CA LEU A 102 -2.93 -3.23 6.54
C LEU A 102 -4.09 -2.76 5.68
N GLU A 103 -4.29 -3.47 4.58
CA GLU A 103 -5.35 -3.18 3.65
C GLU A 103 -6.67 -2.89 4.39
N LYS A 104 -6.82 -3.51 5.55
CA LYS A 104 -7.98 -3.35 6.39
C LYS A 104 -7.89 -2.05 7.20
N PHE A 105 -6.79 -1.86 7.93
CA PHE A 105 -6.58 -0.64 8.70
C PHE A 105 -6.65 0.52 7.72
N PHE A 106 -5.79 0.43 6.72
CA PHE A 106 -5.74 1.38 5.64
C PHE A 106 -7.14 1.67 5.18
N PHE A 107 -7.95 0.62 5.01
CA PHE A 107 -9.33 0.81 4.59
C PHE A 107 -10.08 1.74 5.52
N SER A 108 -9.80 1.65 6.81
CA SER A 108 -10.45 2.54 7.77
C SER A 108 -9.92 3.96 7.63
N LYS A 109 -8.70 4.08 7.10
CA LYS A 109 -8.05 5.39 6.91
C LYS A 109 -8.51 6.10 5.65
N ILE A 110 -8.71 5.33 4.60
CA ILE A 110 -9.15 5.87 3.34
C ILE A 110 -10.61 6.24 3.48
N LYS A 111 -11.34 5.29 4.04
CA LYS A 111 -12.76 5.46 4.28
C LYS A 111 -12.99 6.74 5.04
N GLU A 112 -12.22 6.85 6.12
CA GLU A 112 -12.27 7.99 7.01
C GLU A 112 -11.97 9.25 6.24
N ALA A 113 -11.04 9.15 5.30
CA ALA A 113 -10.63 10.30 4.52
C ALA A 113 -11.42 10.47 3.23
N GLY A 114 -12.60 9.86 3.14
CA GLY A 114 -13.41 10.00 1.94
C GLY A 114 -12.73 9.43 0.71
N LEU A 115 -11.77 8.55 0.94
CA LEU A 115 -11.00 7.93 -0.12
C LEU A 115 -11.80 6.89 -0.87
N ILE A 116 -11.65 5.62 -0.48
CA ILE A 116 -12.38 4.53 -1.08
C ILE A 116 -13.65 4.99 -1.79
N ASP A 117 -13.77 4.60 -3.04
CA ASP A 117 -14.93 4.99 -3.84
C ASP A 117 -15.07 4.11 -5.08
N LYS A 118 -13.93 3.71 -5.64
CA LYS A 118 -13.89 2.86 -6.83
C LYS A 118 -14.86 1.69 -6.71
N SER B 1 11.92 -6.18 15.87
CA SER B 1 10.62 -6.62 15.31
C SER B 1 10.45 -6.11 13.88
N THR B 2 11.57 -5.81 13.23
CA THR B 2 11.54 -5.32 11.86
C THR B 2 12.26 -6.28 10.91
N GLY B 3 11.50 -6.97 10.08
CA GLY B 3 12.07 -7.91 9.14
C GLY B 3 12.96 -7.24 8.12
N GLY B 4 14.04 -7.91 7.74
CA GLY B 4 14.97 -7.36 6.77
C GLY B 4 14.86 -8.03 5.42
N VAL B 5 14.66 -9.35 5.43
CA VAL B 5 14.54 -10.12 4.19
C VAL B 5 13.13 -10.08 3.66
OH ALY B 6 7.24 -7.84 1.28
CH ALY B 6 6.96 -7.39 0.18
CH3 ALY B 6 5.67 -6.57 0.01
NZ ALY B 6 7.74 -7.58 -0.88
CE ALY B 6 8.45 -8.83 -1.13
CD ALY B 6 9.80 -8.87 -0.44
CG ALY B 6 10.19 -10.26 -0.08
CB ALY B 6 11.56 -10.26 0.54
CA ALY B 6 11.57 -10.85 1.96
N ALY B 6 12.90 -10.80 2.56
C ALY B 6 11.04 -12.28 1.97
O ALY B 6 10.47 -12.75 0.98
HH31 ALY B 6 4.86 -7.23 -0.21
HH32 ALY B 6 5.47 -6.03 0.93
HH33 ALY B 6 5.80 -5.87 -0.80
HZ ALY B 6 7.79 -6.88 -1.56
HE3 ALY B 6 7.85 -9.66 -0.77
HE2 ALY B 6 8.61 -8.93 -2.20
HD3 ALY B 6 10.56 -8.51 -1.13
HD2 ALY B 6 9.77 -8.24 0.44
HG3 ALY B 6 9.47 -10.66 0.62
HG2 ALY B 6 10.21 -10.83 -0.98
HB3 ALY B 6 12.21 -10.82 -0.12
HB2 ALY B 6 11.91 -9.25 0.57
HA ALY B 6 10.92 -10.25 2.58
H ALY B 6 13.63 -11.28 2.14
N LYS B 7 11.24 -12.96 3.12
CA LYS B 7 10.79 -14.34 3.31
C LYS B 7 10.49 -15.00 1.98
N PRO B 8 11.54 -15.20 1.14
CA PRO B 8 11.44 -15.78 -0.18
C PRO B 8 10.23 -16.71 -0.33
N HIS B 9 9.21 -16.24 -1.03
CA HIS B 9 8.00 -17.02 -1.24
C HIS B 9 8.07 -17.79 -2.56
N ARG B 10 7.06 -18.62 -2.81
CA ARG B 10 7.01 -19.42 -4.03
C ARG B 10 5.62 -19.37 -4.65
N TYR B 11 5.34 -18.30 -5.40
CA TYR B 11 4.06 -18.14 -6.05
C TYR B 11 4.18 -18.33 -7.57
N LYS B 12 5.33 -17.95 -8.11
CA LYS B 12 5.56 -18.07 -9.54
C LYS B 12 7.01 -18.48 -9.81
N CYS B 13 7.32 -19.75 -9.54
CA CYS B 13 8.67 -20.28 -9.75
C CYS B 13 9.00 -20.32 -11.23
N GLY A 1 -29.73 18.46 9.24
CA GLY A 1 -28.92 19.30 8.31
C GLY A 1 -27.45 18.93 8.34
N SER A 2 -27.16 17.68 8.70
CA SER A 2 -25.78 17.21 8.75
C SER A 2 -25.48 16.28 7.58
N HIS A 3 -24.46 16.63 6.80
CA HIS A 3 -24.07 15.83 5.65
C HIS A 3 -22.75 15.11 5.91
N MET A 4 -21.86 15.79 6.64
CA MET A 4 -20.54 15.22 6.97
C MET A 4 -19.82 14.75 5.71
N SER A 5 -19.20 15.68 5.01
CA SER A 5 -18.46 15.36 3.79
C SER A 5 -17.24 14.51 4.11
N LYS A 6 -16.65 13.91 3.08
CA LYS A 6 -15.48 13.07 3.26
C LYS A 6 -14.63 13.01 1.99
N GLU A 7 -15.26 12.70 0.87
CA GLU A 7 -14.56 12.61 -0.41
C GLU A 7 -13.72 13.87 -0.65
N PRO A 8 -12.40 13.75 -0.49
CA PRO A 8 -11.46 14.84 -0.68
C PRO A 8 -11.56 15.45 -2.08
N ARG A 9 -11.64 14.58 -3.08
CA ARG A 9 -11.76 15.00 -4.48
C ARG A 9 -10.51 15.71 -4.98
N ASP A 10 -10.31 16.95 -4.52
CA ASP A 10 -9.17 17.76 -4.92
C ASP A 10 -7.86 16.96 -4.88
N PRO A 11 -6.86 17.40 -5.68
CA PRO A 11 -5.56 16.75 -5.78
C PRO A 11 -4.64 17.10 -4.61
N ASP A 12 -4.92 18.25 -3.99
CA ASP A 12 -4.14 18.70 -2.84
C ASP A 12 -4.80 18.20 -1.58
N GLN A 13 -6.14 18.27 -1.57
CA GLN A 13 -6.91 17.78 -0.46
C GLN A 13 -6.55 16.33 -0.24
N LEU A 14 -6.47 15.60 -1.35
CA LEU A 14 -6.12 14.19 -1.34
C LEU A 14 -4.65 14.03 -1.03
N TYR A 15 -3.81 14.69 -1.82
CA TYR A 15 -2.38 14.61 -1.63
C TYR A 15 -2.04 14.49 -0.16
N SER A 16 -2.39 15.48 0.63
CA SER A 16 -2.05 15.39 2.02
C SER A 16 -3.08 14.62 2.85
N THR A 17 -4.28 14.43 2.32
CA THR A 17 -5.26 13.63 3.05
C THR A 17 -4.64 12.27 3.13
N LEU A 18 -4.42 11.77 1.94
CA LEU A 18 -3.79 10.52 1.70
C LEU A 18 -2.41 10.52 2.35
N LYS A 19 -1.77 11.68 2.38
CA LYS A 19 -0.45 11.80 2.98
C LYS A 19 -0.53 11.28 4.40
N SER A 20 -1.72 11.37 4.96
CA SER A 20 -1.97 10.92 6.32
C SER A 20 -2.33 9.44 6.29
N ILE A 21 -3.28 9.06 5.44
CA ILE A 21 -3.63 7.66 5.33
C ILE A 21 -2.35 6.88 5.13
N LEU A 22 -1.68 7.16 4.01
CA LEU A 22 -0.41 6.54 3.70
C LEU A 22 0.46 6.50 4.93
N GLN A 23 0.73 7.68 5.47
CA GLN A 23 1.53 7.84 6.68
C GLN A 23 1.12 6.84 7.75
N GLN A 24 -0.17 6.53 7.77
CA GLN A 24 -0.73 5.61 8.76
C GLN A 24 -0.59 4.15 8.33
N VAL A 25 -1.12 3.82 7.16
CA VAL A 25 -1.06 2.46 6.62
C VAL A 25 0.38 2.02 6.57
N LYS A 26 1.26 2.98 6.37
CA LYS A 26 2.68 2.73 6.28
C LYS A 26 3.27 2.61 7.66
N SER A 27 2.77 3.43 8.59
CA SER A 27 3.23 3.37 9.95
C SER A 27 2.67 2.11 10.59
N HIS A 28 1.78 1.45 9.84
CA HIS A 28 1.15 0.23 10.29
C HIS A 28 2.20 -0.86 10.52
N GLN A 29 2.01 -1.59 11.60
CA GLN A 29 2.89 -2.68 11.99
C GLN A 29 2.95 -3.78 10.94
N SER A 30 2.01 -3.74 10.01
CA SER A 30 1.94 -4.71 8.92
C SER A 30 2.42 -4.08 7.63
N ALA A 31 2.98 -2.91 7.77
CA ALA A 31 3.44 -2.16 6.63
C ALA A 31 4.95 -2.23 6.39
N TRP A 32 5.70 -2.92 7.23
CA TRP A 32 7.15 -2.96 7.02
C TRP A 32 7.57 -3.67 5.73
N PRO A 33 6.86 -4.72 5.26
CA PRO A 33 7.25 -5.37 4.01
C PRO A 33 6.94 -4.47 2.84
N PHE A 34 6.18 -3.41 3.13
CA PHE A 34 5.75 -2.48 2.11
C PHE A 34 6.29 -1.07 2.39
N MET A 35 6.75 -0.85 3.62
CA MET A 35 7.25 0.46 4.06
C MET A 35 8.15 1.10 3.04
N GLU A 36 8.91 0.27 2.37
CA GLU A 36 9.84 0.73 1.36
C GLU A 36 10.10 -0.37 0.36
N PRO A 37 10.12 -0.03 -0.95
CA PRO A 37 10.36 -0.99 -2.00
C PRO A 37 11.42 -1.99 -1.59
N VAL A 38 11.18 -3.22 -1.95
CA VAL A 38 12.08 -4.29 -1.61
C VAL A 38 13.35 -4.21 -2.46
N LYS A 39 14.32 -5.03 -2.12
CA LYS A 39 15.61 -5.03 -2.82
C LYS A 39 15.45 -5.57 -4.23
N ARG A 40 14.21 -5.78 -4.64
CA ARG A 40 13.91 -6.34 -5.94
C ARG A 40 14.59 -7.71 -6.05
N THR A 41 15.21 -8.13 -4.95
CA THR A 41 15.89 -9.41 -4.92
C THR A 41 15.74 -10.11 -3.57
N GLU A 42 15.42 -9.37 -2.49
CA GLU A 42 15.19 -10.02 -1.22
C GLU A 42 14.02 -10.90 -1.51
N ALA A 43 13.33 -10.37 -2.50
CA ALA A 43 12.17 -10.91 -3.09
C ALA A 43 12.56 -11.51 -4.42
N PRO A 44 12.90 -12.76 -4.36
CA PRO A 44 13.34 -13.54 -5.50
C PRO A 44 12.27 -13.63 -6.56
N GLY A 45 12.56 -13.05 -7.72
CA GLY A 45 11.60 -13.03 -8.80
C GLY A 45 10.50 -12.04 -8.51
N TYR A 46 10.71 -11.22 -7.48
CA TYR A 46 9.74 -10.21 -7.07
C TYR A 46 9.07 -9.50 -8.25
N TYR A 47 9.87 -8.79 -9.01
CA TYR A 47 9.36 -8.06 -10.17
C TYR A 47 8.77 -8.97 -11.23
N GLU A 48 9.06 -10.25 -11.16
CA GLU A 48 8.55 -11.22 -12.13
C GLU A 48 7.09 -11.53 -11.81
N VAL A 49 6.84 -11.85 -10.55
CA VAL A 49 5.51 -12.17 -10.06
C VAL A 49 4.74 -10.90 -9.93
N ILE A 50 5.41 -9.94 -9.38
CA ILE A 50 4.83 -8.66 -9.11
C ILE A 50 4.94 -7.71 -10.26
N ARG A 51 3.96 -7.75 -11.16
CA ARG A 51 3.92 -6.83 -12.28
C ARG A 51 3.87 -5.39 -11.77
N PHE A 52 3.39 -5.22 -10.54
CA PHE A 52 3.26 -3.89 -9.93
C PHE A 52 3.71 -3.85 -8.46
N PRO A 53 5.01 -3.93 -8.19
CA PRO A 53 5.51 -3.88 -6.82
C PRO A 53 5.41 -2.51 -6.17
N MET A 54 4.19 -2.19 -5.73
CA MET A 54 3.93 -0.92 -5.07
C MET A 54 4.29 -1.04 -3.61
N ASP A 55 4.62 0.08 -3.03
CA ASP A 55 4.99 0.13 -1.64
C ASP A 55 4.46 1.39 -1.00
N LEU A 56 4.61 1.48 0.30
CA LEU A 56 4.17 2.66 1.04
C LEU A 56 5.11 3.82 0.81
N LYS A 57 6.40 3.53 0.62
CA LYS A 57 7.32 4.60 0.32
C LYS A 57 7.07 5.02 -1.10
N THR A 58 6.88 4.04 -1.98
CA THR A 58 6.54 4.33 -3.36
C THR A 58 5.28 5.16 -3.34
N MET A 59 4.26 4.62 -2.66
CA MET A 59 3.00 5.33 -2.46
C MET A 59 3.32 6.74 -2.00
N SER A 60 4.14 6.83 -0.96
CA SER A 60 4.54 8.12 -0.42
C SER A 60 5.33 8.96 -1.42
N GLU A 61 6.09 8.31 -2.31
CA GLU A 61 6.83 9.03 -3.31
C GLU A 61 5.85 9.75 -4.18
N ARG A 62 4.88 8.97 -4.60
CA ARG A 62 3.80 9.43 -5.43
C ARG A 62 3.10 10.57 -4.69
N LEU A 63 2.85 10.30 -3.43
CA LEU A 63 2.20 11.23 -2.52
C LEU A 63 2.95 12.52 -2.48
N LYS A 64 4.24 12.41 -2.30
CA LYS A 64 5.08 13.56 -2.21
C LYS A 64 4.85 14.51 -3.37
N ASN A 65 4.90 13.93 -4.57
CA ASN A 65 4.72 14.70 -5.79
C ASN A 65 3.27 15.14 -5.95
N ARG A 66 2.46 14.76 -4.99
CA ARG A 66 1.03 15.07 -5.00
C ARG A 66 0.37 14.19 -6.04
N TYR A 67 1.16 13.24 -6.54
CA TYR A 67 0.72 12.28 -7.55
C TYR A 67 -0.75 11.93 -7.38
N TYR A 68 -1.15 11.61 -6.15
CA TYR A 68 -2.52 11.22 -5.86
C TYR A 68 -3.50 12.33 -6.09
N VAL A 69 -3.84 12.52 -7.35
CA VAL A 69 -4.82 13.50 -7.73
C VAL A 69 -6.16 12.84 -7.67
N SER A 70 -6.15 11.68 -7.04
CA SER A 70 -7.32 10.85 -6.90
C SER A 70 -7.07 9.80 -5.84
N LYS A 71 -7.94 9.74 -4.81
CA LYS A 71 -7.78 8.76 -3.75
C LYS A 71 -7.67 7.36 -4.34
N LYS A 72 -8.00 7.23 -5.62
CA LYS A 72 -7.92 5.95 -6.28
C LYS A 72 -6.47 5.63 -6.64
N LEU A 73 -5.72 6.63 -7.06
CA LEU A 73 -4.31 6.43 -7.34
C LEU A 73 -3.73 5.86 -6.10
N PHE A 74 -4.15 6.50 -5.06
CA PHE A 74 -3.77 6.20 -3.73
C PHE A 74 -4.31 4.86 -3.28
N MET A 75 -5.56 4.61 -3.61
CA MET A 75 -6.16 3.36 -3.25
C MET A 75 -5.48 2.26 -4.01
N ALA A 76 -5.63 2.31 -5.33
CA ALA A 76 -5.05 1.34 -6.25
C ALA A 76 -3.61 1.00 -5.91
N ASP A 77 -2.77 2.01 -5.77
CA ASP A 77 -1.35 1.80 -5.50
C ASP A 77 -1.13 1.21 -4.11
N LEU A 78 -1.62 1.84 -3.07
CA LEU A 78 -1.44 1.26 -1.75
C LEU A 78 -2.04 -0.13 -1.79
N GLN A 79 -3.11 -0.24 -2.55
CA GLN A 79 -3.80 -1.49 -2.73
C GLN A 79 -2.95 -2.37 -3.61
N ARG A 80 -2.08 -1.70 -4.34
CA ARG A 80 -1.14 -2.34 -5.23
C ARG A 80 -0.05 -3.00 -4.41
N VAL A 81 0.19 -2.48 -3.19
CA VAL A 81 1.18 -3.08 -2.31
C VAL A 81 0.56 -4.32 -1.67
N PHE A 82 -0.57 -4.13 -0.97
CA PHE A 82 -1.25 -5.24 -0.32
C PHE A 82 -1.51 -6.37 -1.30
N THR A 83 -2.02 -6.01 -2.49
CA THR A 83 -2.33 -7.01 -3.52
C THR A 83 -1.07 -7.73 -3.97
N ASN A 84 -0.02 -6.98 -4.31
CA ASN A 84 1.22 -7.59 -4.73
C ASN A 84 1.80 -8.39 -3.57
N CYS A 85 1.42 -8.00 -2.36
CA CYS A 85 1.88 -8.67 -1.17
C CYS A 85 1.04 -9.92 -0.97
N LYS A 86 -0.17 -9.84 -1.48
CA LYS A 86 -1.12 -10.92 -1.49
C LYS A 86 -0.87 -11.82 -2.71
N GLU A 87 -0.16 -11.25 -3.68
CA GLU A 87 0.15 -11.91 -4.95
C GLU A 87 1.25 -12.95 -4.83
N TYR A 88 2.41 -12.43 -4.49
CA TYR A 88 3.64 -13.19 -4.39
C TYR A 88 3.76 -13.92 -3.08
N ASN A 89 3.73 -13.17 -2.01
CA ASN A 89 3.85 -13.74 -0.68
C ASN A 89 2.70 -14.69 -0.42
N PRO A 90 2.93 -15.68 0.46
CA PRO A 90 1.89 -16.62 0.91
C PRO A 90 1.20 -16.13 2.18
N PRO A 91 -0.12 -16.33 2.33
CA PRO A 91 -0.86 -15.88 3.53
C PRO A 91 -0.28 -16.47 4.82
N GLU A 92 0.76 -17.29 4.69
CA GLU A 92 1.40 -17.91 5.85
C GLU A 92 2.77 -17.31 6.13
N SER A 93 3.36 -16.65 5.13
CA SER A 93 4.67 -16.03 5.30
C SER A 93 4.68 -15.10 6.49
N GLU A 94 4.12 -13.92 6.27
CA GLU A 94 4.06 -12.89 7.29
C GLU A 94 3.54 -11.60 6.68
N TYR A 95 4.20 -11.16 5.60
CA TYR A 95 3.82 -9.94 4.93
C TYR A 95 2.43 -10.04 4.30
N TYR A 96 2.12 -11.22 3.77
CA TYR A 96 0.83 -11.43 3.13
C TYR A 96 -0.31 -11.00 4.03
N LYS A 97 -0.41 -11.61 5.20
CA LYS A 97 -1.46 -11.25 6.14
C LYS A 97 -1.34 -9.79 6.49
N CYS A 98 -0.10 -9.32 6.55
CA CYS A 98 0.18 -7.93 6.85
C CYS A 98 -0.39 -7.07 5.75
N ALA A 99 -0.54 -7.66 4.57
CA ALA A 99 -1.09 -6.96 3.43
C ALA A 99 -2.59 -6.80 3.60
N ASN A 100 -3.23 -7.90 3.98
CA ASN A 100 -4.65 -7.94 4.22
C ASN A 100 -5.00 -7.09 5.44
N ILE A 101 -4.16 -7.22 6.45
CA ILE A 101 -4.30 -6.51 7.70
C ILE A 101 -4.19 -5.02 7.47
N LEU A 102 -3.07 -4.63 6.90
CA LEU A 102 -2.86 -3.25 6.54
C LEU A 102 -4.01 -2.78 5.70
N GLU A 103 -4.24 -3.51 4.63
CA GLU A 103 -5.32 -3.22 3.70
C GLU A 103 -6.62 -2.93 4.46
N LYS A 104 -6.76 -3.53 5.63
CA LYS A 104 -7.91 -3.37 6.48
C LYS A 104 -7.81 -2.06 7.29
N PHE A 105 -6.71 -1.91 8.05
CA PHE A 105 -6.48 -0.69 8.83
C PHE A 105 -6.58 0.48 7.87
N PHE A 106 -5.75 0.40 6.85
CA PHE A 106 -5.72 1.35 5.77
C PHE A 106 -7.14 1.62 5.32
N PHE A 107 -7.93 0.56 5.13
CA PHE A 107 -9.32 0.73 4.70
C PHE A 107 -10.09 1.66 5.60
N SER A 108 -9.82 1.60 6.90
CA SER A 108 -10.52 2.48 7.83
C SER A 108 -9.95 3.90 7.72
N LYS A 109 -8.73 4.00 7.23
CA LYS A 109 -8.07 5.29 7.03
C LYS A 109 -8.64 5.99 5.83
N ILE A 110 -8.50 5.36 4.69
CA ILE A 110 -9.07 5.90 3.47
C ILE A 110 -10.53 6.24 3.71
N LYS A 111 -11.20 5.27 4.32
CA LYS A 111 -12.61 5.37 4.65
C LYS A 111 -12.87 6.68 5.37
N GLU A 112 -12.07 6.87 6.40
CA GLU A 112 -12.13 8.03 7.26
C GLU A 112 -11.86 9.30 6.46
N ALA A 113 -10.97 9.19 5.50
CA ALA A 113 -10.58 10.33 4.70
C ALA A 113 -11.43 10.47 3.44
N GLY A 114 -12.57 9.78 3.40
CA GLY A 114 -13.43 9.88 2.23
C GLY A 114 -12.75 9.37 0.98
N LEU A 115 -11.75 8.53 1.18
CA LEU A 115 -10.99 7.97 0.08
C LEU A 115 -11.78 6.92 -0.66
N ILE A 116 -11.71 5.66 -0.21
CA ILE A 116 -12.45 4.58 -0.80
C ILE A 116 -13.69 5.03 -1.55
N ASP A 117 -13.81 4.60 -2.80
CA ASP A 117 -14.96 4.95 -3.63
C ASP A 117 -15.07 3.99 -4.82
N LYS A 118 -13.93 3.57 -5.33
CA LYS A 118 -13.88 2.65 -6.47
C LYS A 118 -14.71 1.39 -6.19
N SER B 1 19.70 -20.87 -1.76
CA SER B 1 19.12 -21.49 -0.54
C SER B 1 18.64 -20.42 0.44
N THR B 2 19.17 -19.20 0.29
CA THR B 2 18.79 -18.10 1.16
C THR B 2 18.29 -16.92 0.35
N GLY B 3 17.05 -16.51 0.60
CA GLY B 3 16.46 -15.39 -0.12
C GLY B 3 16.71 -14.07 0.58
N GLY B 4 17.50 -14.10 1.65
CA GLY B 4 17.80 -12.89 2.38
C GLY B 4 16.79 -12.60 3.47
N VAL B 5 15.77 -11.80 3.13
CA VAL B 5 14.73 -11.45 4.09
C VAL B 5 13.35 -11.70 3.51
OH ALY B 6 6.78 -6.62 -1.39
CH ALY B 6 6.86 -7.35 -0.40
CH3 ALY B 6 5.76 -7.26 0.67
NZ ALY B 6 7.78 -8.30 -0.30
CE ALY B 6 8.92 -8.42 -1.20
CD ALY B 6 10.22 -8.64 -0.46
CG ALY B 6 10.31 -10.05 -0.02
CB ALY B 6 11.70 -10.37 0.46
CA ALY B 6 11.73 -11.12 1.79
N ALY B 6 13.03 -11.00 2.43
C ALY B 6 11.35 -12.57 1.59
O ALY B 6 11.83 -13.22 0.64
HH31 ALY B 6 6.11 -7.76 1.57
HH32 ALY B 6 5.52 -6.22 0.89
HH33 ALY B 6 4.88 -7.77 0.31
HZ ALY B 6 7.78 -8.87 0.50
HE3 ALY B 6 8.77 -9.24 -1.88
HE2 ALY B 6 9.00 -7.52 -1.77
HD3 ALY B 6 11.06 -8.47 -1.12
HD2 ALY B 6 10.28 -7.99 0.40
HG3 ALY B 6 9.60 -10.24 0.77
HG2 ALY B 6 10.09 -10.68 -0.88
HB3 ALY B 6 12.18 -10.93 -0.31
HB2 ALY B 6 12.23 -9.43 0.58
HA ALY B 6 11.00 -10.67 2.45
H ALY B 6 13.69 -10.38 2.05
N LYS B 7 10.49 -13.08 2.47
CA LYS B 7 10.03 -14.46 2.40
C LYS B 7 9.63 -14.79 0.97
N PRO B 8 10.50 -15.52 0.25
CA PRO B 8 10.24 -15.88 -1.14
C PRO B 8 8.93 -16.63 -1.33
N HIS B 9 8.77 -17.22 -2.50
CA HIS B 9 7.58 -18.00 -2.83
C HIS B 9 7.73 -18.62 -4.21
N ARG B 10 6.90 -19.61 -4.51
CA ARG B 10 6.95 -20.29 -5.81
C ARG B 10 6.24 -19.46 -6.88
N TYR B 11 6.23 -18.14 -6.71
CA TYR B 11 5.59 -17.26 -7.66
C TYR B 11 6.61 -16.72 -8.65
N LYS B 12 7.78 -17.32 -8.67
CA LYS B 12 8.85 -16.91 -9.58
C LYS B 12 9.38 -18.11 -10.36
N CYS B 13 8.84 -19.29 -10.07
CA CYS B 13 9.26 -20.52 -10.75
C CYS B 13 8.05 -21.36 -11.15
N GLY A 1 -24.82 9.39 9.90
CA GLY A 1 -24.71 8.09 10.63
C GLY A 1 -24.95 6.89 9.72
N SER A 2 -25.99 6.98 8.90
CA SER A 2 -26.34 5.91 7.98
C SER A 2 -25.45 5.95 6.74
N HIS A 3 -25.44 7.10 6.08
CA HIS A 3 -24.64 7.27 4.86
C HIS A 3 -24.38 8.76 4.59
N MET A 4 -23.27 9.04 3.91
CA MET A 4 -22.90 10.40 3.58
C MET A 4 -21.77 10.43 2.55
N SER A 5 -21.99 11.17 1.46
CA SER A 5 -20.99 11.27 0.41
C SER A 5 -19.96 12.35 0.74
N LYS A 6 -18.76 11.92 1.12
CA LYS A 6 -17.69 12.86 1.45
C LYS A 6 -16.76 13.05 0.27
N GLU A 7 -15.78 12.16 0.13
CA GLU A 7 -14.80 12.22 -0.97
C GLU A 7 -14.04 13.55 -0.94
N PRO A 8 -12.77 13.49 -0.53
CA PRO A 8 -11.89 14.65 -0.44
C PRO A 8 -11.79 15.42 -1.75
N ARG A 9 -11.78 14.68 -2.85
CA ARG A 9 -11.65 15.26 -4.17
C ARG A 9 -10.39 16.10 -4.25
N ASP A 10 -10.16 16.75 -5.38
CA ASP A 10 -8.98 17.59 -5.57
C ASP A 10 -7.68 16.79 -5.42
N PRO A 11 -6.61 17.23 -6.10
CA PRO A 11 -5.31 16.59 -6.06
C PRO A 11 -4.50 16.97 -4.84
N ASP A 12 -4.84 18.11 -4.24
CA ASP A 12 -4.15 18.59 -3.05
C ASP A 12 -4.86 18.08 -1.81
N GLN A 13 -6.19 18.14 -1.86
CA GLN A 13 -7.03 17.66 -0.78
C GLN A 13 -6.65 16.22 -0.51
N LEU A 14 -6.55 15.46 -1.59
CA LEU A 14 -6.20 14.04 -1.54
C LEU A 14 -4.72 13.90 -1.24
N TYR A 15 -3.88 14.59 -1.98
CA TYR A 15 -2.44 14.52 -1.74
C TYR A 15 -2.15 14.40 -0.27
N SER A 16 -2.53 15.39 0.51
CA SER A 16 -2.23 15.32 1.91
C SER A 16 -3.27 14.53 2.70
N THR A 17 -4.46 14.33 2.14
CA THR A 17 -5.44 13.51 2.82
C THR A 17 -4.80 12.17 2.93
N LEU A 18 -4.54 11.67 1.76
CA LEU A 18 -3.87 10.43 1.56
C LEU A 18 -2.51 10.44 2.23
N LYS A 19 -1.89 11.62 2.30
CA LYS A 19 -0.59 11.76 2.93
C LYS A 19 -0.69 11.25 4.35
N SER A 20 -1.90 11.34 4.90
CA SER A 20 -2.17 10.89 6.25
C SER A 20 -2.49 9.41 6.24
N ILE A 21 -3.41 9.00 5.36
CA ILE A 21 -3.74 7.60 5.26
C ILE A 21 -2.44 6.84 5.08
N LEU A 22 -1.74 7.13 3.99
CA LEU A 22 -0.45 6.52 3.72
C LEU A 22 0.38 6.50 4.98
N GLN A 23 0.61 7.68 5.51
CA GLN A 23 1.38 7.87 6.74
C GLN A 23 0.94 6.88 7.82
N GLN A 24 -0.33 6.52 7.79
CA GLN A 24 -0.91 5.60 8.76
C GLN A 24 -0.74 4.13 8.36
N VAL A 25 -1.22 3.78 7.16
CA VAL A 25 -1.14 2.44 6.65
C VAL A 25 0.30 1.99 6.64
N LYS A 26 1.17 2.96 6.47
CA LYS A 26 2.58 2.72 6.45
C LYS A 26 3.07 2.58 7.88
N SER A 27 2.70 3.53 8.73
CA SER A 27 3.09 3.46 10.12
C SER A 27 2.58 2.15 10.72
N HIS A 28 1.71 1.48 9.97
CA HIS A 28 1.13 0.22 10.38
C HIS A 28 2.20 -0.85 10.60
N GLN A 29 1.99 -1.66 11.64
CA GLN A 29 2.89 -2.75 12.00
C GLN A 29 2.92 -3.84 10.92
N SER A 30 2.00 -3.76 9.96
CA SER A 30 1.91 -4.72 8.86
C SER A 30 2.40 -4.09 7.59
N ALA A 31 3.00 -2.94 7.73
CA ALA A 31 3.48 -2.18 6.60
C ALA A 31 4.98 -2.30 6.35
N TRP A 32 5.72 -2.99 7.21
CA TRP A 32 7.16 -3.08 7.01
C TRP A 32 7.57 -3.74 5.68
N PRO A 33 6.84 -4.75 5.16
CA PRO A 33 7.20 -5.37 3.88
C PRO A 33 6.91 -4.43 2.74
N PHE A 34 6.11 -3.40 3.04
CA PHE A 34 5.70 -2.43 2.03
C PHE A 34 6.31 -1.06 2.32
N MET A 35 6.83 -0.90 3.53
CA MET A 35 7.41 0.37 3.97
C MET A 35 8.27 1.01 2.90
N GLU A 36 8.93 0.17 2.14
CA GLU A 36 9.80 0.62 1.08
C GLU A 36 9.81 -0.41 -0.03
N PRO A 37 10.31 -0.05 -1.22
CA PRO A 37 10.35 -0.96 -2.34
C PRO A 37 11.33 -2.09 -2.08
N VAL A 38 10.90 -3.31 -2.33
CA VAL A 38 11.74 -4.46 -2.10
C VAL A 38 13.02 -4.34 -2.93
N LYS A 39 14.04 -5.09 -2.55
CA LYS A 39 15.34 -5.03 -3.23
C LYS A 39 15.25 -5.64 -4.61
N ARG A 40 14.04 -5.93 -5.04
CA ARG A 40 13.82 -6.57 -6.31
C ARG A 40 14.47 -7.94 -6.27
N THR A 41 15.10 -8.25 -5.13
CA THR A 41 15.78 -9.52 -4.98
C THR A 41 15.57 -10.18 -3.62
N GLU A 42 15.20 -9.41 -2.58
CA GLU A 42 14.92 -10.07 -1.29
C GLU A 42 13.81 -11.00 -1.63
N ALA A 43 13.13 -10.46 -2.62
CA ALA A 43 12.00 -11.04 -3.25
C ALA A 43 12.43 -11.57 -4.58
N PRO A 44 12.76 -12.84 -4.57
CA PRO A 44 13.25 -13.56 -5.74
C PRO A 44 12.26 -13.52 -6.88
N GLY A 45 12.67 -12.90 -7.97
CA GLY A 45 11.80 -12.78 -9.11
C GLY A 45 10.54 -12.00 -8.76
N TYR A 46 10.62 -11.20 -7.70
CA TYR A 46 9.48 -10.39 -7.29
C TYR A 46 8.88 -9.62 -8.45
N TYR A 47 9.73 -8.98 -9.22
CA TYR A 47 9.27 -8.20 -10.36
C TYR A 47 8.68 -9.08 -11.46
N GLU A 48 8.97 -10.36 -11.39
CA GLU A 48 8.46 -11.32 -12.37
C GLU A 48 6.98 -11.58 -12.12
N VAL A 49 6.68 -11.79 -10.86
CA VAL A 49 5.34 -12.06 -10.38
C VAL A 49 4.62 -10.76 -10.21
N ILE A 50 5.25 -9.94 -9.43
CA ILE A 50 4.74 -8.66 -9.11
C ILE A 50 4.88 -7.69 -10.27
N ARG A 51 3.88 -7.66 -11.12
CA ARG A 51 3.90 -6.77 -12.27
C ARG A 51 4.11 -5.32 -11.81
N PHE A 52 3.44 -4.96 -10.71
CA PHE A 52 3.53 -3.60 -10.21
C PHE A 52 3.90 -3.56 -8.71
N PRO A 53 5.17 -3.83 -8.38
CA PRO A 53 5.65 -3.81 -7.00
C PRO A 53 5.61 -2.42 -6.37
N MET A 54 4.44 -2.07 -5.83
CA MET A 54 4.26 -0.77 -5.18
C MET A 54 4.38 -0.93 -3.68
N ASP A 55 4.89 0.09 -3.05
CA ASP A 55 5.10 0.10 -1.63
C ASP A 55 4.61 1.38 -1.01
N LEU A 56 4.68 1.47 0.30
CA LEU A 56 4.26 2.66 1.04
C LEU A 56 5.20 3.81 0.79
N LYS A 57 6.48 3.53 0.56
CA LYS A 57 7.41 4.60 0.27
C LYS A 57 7.19 5.06 -1.16
N THR A 58 6.97 4.10 -2.06
CA THR A 58 6.67 4.44 -3.44
C THR A 58 5.36 5.19 -3.44
N MET A 59 4.44 4.72 -2.60
CA MET A 59 3.16 5.37 -2.39
C MET A 59 3.46 6.81 -1.97
N SER A 60 4.14 6.93 -0.84
CA SER A 60 4.53 8.23 -0.31
C SER A 60 5.39 9.00 -1.28
N GLU A 61 6.08 8.28 -2.16
CA GLU A 61 6.92 8.91 -3.16
C GLU A 61 6.04 9.74 -4.07
N ARG A 62 5.00 9.07 -4.52
CA ARG A 62 4.00 9.68 -5.36
C ARG A 62 3.33 10.80 -4.58
N LEU A 63 2.94 10.45 -3.39
CA LEU A 63 2.29 11.35 -2.45
C LEU A 63 3.07 12.62 -2.31
N LYS A 64 4.34 12.47 -1.98
CA LYS A 64 5.19 13.60 -1.77
C LYS A 64 5.10 14.55 -2.95
N ASN A 65 5.25 14.00 -4.15
CA ASN A 65 5.20 14.83 -5.37
C ASN A 65 3.76 15.23 -5.71
N ARG A 66 2.81 14.78 -4.87
CA ARG A 66 1.39 15.08 -5.03
C ARG A 66 0.78 14.27 -6.17
N TYR A 67 1.44 13.17 -6.51
CA TYR A 67 1.00 12.30 -7.59
C TYR A 67 -0.45 11.90 -7.45
N TYR A 68 -0.89 11.66 -6.21
CA TYR A 68 -2.26 11.23 -5.96
C TYR A 68 -3.26 12.32 -6.25
N VAL A 69 -3.47 12.54 -7.54
CA VAL A 69 -4.43 13.51 -8.00
C VAL A 69 -5.78 12.85 -8.00
N SER A 70 -5.76 11.65 -7.45
CA SER A 70 -6.93 10.82 -7.36
C SER A 70 -6.73 9.80 -6.24
N LYS A 71 -7.61 9.81 -5.27
CA LYS A 71 -7.53 8.88 -4.14
C LYS A 71 -7.42 7.46 -4.65
N LYS A 72 -7.77 7.26 -5.92
CA LYS A 72 -7.69 5.94 -6.52
C LYS A 72 -6.26 5.59 -6.83
N LEU A 73 -5.47 6.57 -7.22
CA LEU A 73 -4.05 6.36 -7.46
C LEU A 73 -3.49 5.78 -6.21
N PHE A 74 -3.83 6.48 -5.18
CA PHE A 74 -3.46 6.20 -3.85
C PHE A 74 -3.94 4.85 -3.42
N MET A 75 -5.21 4.63 -3.53
CA MET A 75 -5.78 3.38 -3.16
C MET A 75 -5.16 2.28 -3.97
N ALA A 76 -5.33 2.36 -5.28
CA ALA A 76 -4.79 1.37 -6.20
C ALA A 76 -3.35 0.99 -5.88
N ASP A 77 -2.49 2.00 -5.73
CA ASP A 77 -1.08 1.76 -5.45
C ASP A 77 -0.87 1.18 -4.06
N LEU A 78 -1.39 1.83 -3.03
CA LEU A 78 -1.26 1.27 -1.69
C LEU A 78 -1.85 -0.12 -1.72
N GLN A 79 -2.88 -0.24 -2.54
CA GLN A 79 -3.58 -1.49 -2.71
C GLN A 79 -2.74 -2.38 -3.58
N ARG A 80 -1.85 -1.71 -4.29
CA ARG A 80 -0.90 -2.36 -5.17
C ARG A 80 0.18 -3.02 -4.32
N VAL A 81 0.37 -2.51 -3.10
CA VAL A 81 1.35 -3.07 -2.17
C VAL A 81 0.73 -4.24 -1.43
N PHE A 82 -0.51 -4.07 -1.00
CA PHE A 82 -1.22 -5.15 -0.30
C PHE A 82 -1.47 -6.28 -1.26
N THR A 83 -1.97 -5.93 -2.45
CA THR A 83 -2.28 -6.91 -3.48
C THR A 83 -1.03 -7.62 -3.97
N ASN A 84 0.05 -6.86 -4.22
CA ASN A 84 1.30 -7.46 -4.65
C ASN A 84 1.80 -8.35 -3.54
N CYS A 85 1.46 -7.99 -2.30
CA CYS A 85 1.86 -8.77 -1.16
C CYS A 85 1.01 -10.03 -1.12
N LYS A 86 -0.21 -9.87 -1.57
CA LYS A 86 -1.18 -10.94 -1.66
C LYS A 86 -0.97 -11.76 -2.94
N GLU A 87 -0.28 -11.14 -3.89
CA GLU A 87 0.00 -11.72 -5.20
C GLU A 87 1.03 -12.82 -5.15
N TYR A 88 2.21 -12.45 -4.72
CA TYR A 88 3.35 -13.32 -4.65
C TYR A 88 3.36 -14.14 -3.38
N ASN A 89 3.44 -13.44 -2.28
CA ASN A 89 3.53 -14.06 -0.98
C ASN A 89 2.35 -14.95 -0.69
N PRO A 90 2.54 -15.90 0.22
CA PRO A 90 1.49 -16.80 0.70
C PRO A 90 0.85 -16.26 1.98
N PRO A 91 -0.48 -16.40 2.16
CA PRO A 91 -1.16 -15.93 3.38
C PRO A 91 -0.59 -16.55 4.65
N GLU A 92 0.46 -17.37 4.49
CA GLU A 92 1.09 -18.03 5.63
C GLU A 92 2.49 -17.47 5.89
N SER A 93 3.06 -16.80 4.89
CA SER A 93 4.40 -16.22 5.03
C SER A 93 4.48 -15.32 6.25
N GLU A 94 4.00 -14.10 6.08
CA GLU A 94 4.02 -13.10 7.14
C GLU A 94 3.52 -11.77 6.62
N TYR A 95 4.09 -11.32 5.50
CA TYR A 95 3.70 -10.06 4.90
C TYR A 95 2.30 -10.16 4.31
N TYR A 96 2.01 -11.29 3.68
CA TYR A 96 0.70 -11.49 3.06
C TYR A 96 -0.42 -11.06 4.00
N LYS A 97 -0.48 -11.67 5.18
CA LYS A 97 -1.51 -11.29 6.13
C LYS A 97 -1.37 -9.81 6.43
N CYS A 98 -0.13 -9.37 6.56
CA CYS A 98 0.16 -7.97 6.83
C CYS A 98 -0.44 -7.12 5.73
N ALA A 99 -0.63 -7.72 4.56
CA ALA A 99 -1.21 -7.03 3.42
C ALA A 99 -2.70 -6.85 3.65
N ASN A 100 -3.36 -7.95 3.97
CA ASN A 100 -4.78 -7.98 4.25
C ASN A 100 -5.08 -7.12 5.46
N ILE A 101 -4.19 -7.24 6.42
CA ILE A 101 -4.27 -6.55 7.69
C ILE A 101 -4.14 -5.06 7.48
N LEU A 102 -3.03 -4.67 6.86
CA LEU A 102 -2.80 -3.29 6.53
C LEU A 102 -3.97 -2.80 5.71
N GLU A 103 -4.19 -3.49 4.61
CA GLU A 103 -5.29 -3.17 3.71
C GLU A 103 -6.58 -2.92 4.50
N LYS A 104 -6.69 -3.55 5.65
CA LYS A 104 -7.83 -3.40 6.53
C LYS A 104 -7.72 -2.10 7.34
N PHE A 105 -6.61 -1.93 8.06
CA PHE A 105 -6.38 -0.72 8.83
C PHE A 105 -6.47 0.45 7.87
N PHE A 106 -5.65 0.36 6.83
CA PHE A 106 -5.63 1.33 5.75
C PHE A 106 -7.06 1.63 5.37
N PHE A 107 -7.87 0.58 5.21
CA PHE A 107 -9.27 0.76 4.86
C PHE A 107 -9.98 1.69 5.82
N SER A 108 -9.66 1.62 7.10
CA SER A 108 -10.30 2.51 8.06
C SER A 108 -9.75 3.93 7.91
N LYS A 109 -8.53 4.04 7.38
CA LYS A 109 -7.89 5.33 7.15
C LYS A 109 -8.51 6.00 5.95
N ILE A 110 -8.41 5.34 4.81
CA ILE A 110 -9.01 5.84 3.60
C ILE A 110 -10.48 6.17 3.88
N LYS A 111 -11.13 5.22 4.56
CA LYS A 111 -12.54 5.33 4.93
C LYS A 111 -12.76 6.66 5.62
N GLU A 112 -11.93 6.87 6.62
CA GLU A 112 -11.97 8.06 7.44
C GLU A 112 -11.73 9.30 6.61
N ALA A 113 -10.90 9.14 5.58
CA ALA A 113 -10.56 10.24 4.72
C ALA A 113 -11.43 10.31 3.48
N GLY A 114 -12.62 9.74 3.52
CA GLY A 114 -13.50 9.80 2.36
C GLY A 114 -12.85 9.22 1.12
N LEU A 115 -11.89 8.35 1.32
CA LEU A 115 -11.15 7.73 0.23
C LEU A 115 -11.96 6.64 -0.44
N ILE A 116 -11.76 5.39 -0.01
CA ILE A 116 -12.47 4.25 -0.53
C ILE A 116 -13.74 4.64 -1.28
N ASP A 117 -13.75 4.34 -2.57
CA ASP A 117 -14.89 4.67 -3.40
C ASP A 117 -15.00 3.70 -4.57
N LYS A 118 -13.86 3.32 -5.12
CA LYS A 118 -13.80 2.39 -6.25
C LYS A 118 -14.56 1.10 -5.93
N SER B 1 9.11 -6.27 12.33
CA SER B 1 10.03 -5.22 12.80
C SER B 1 11.44 -5.43 12.25
N THR B 2 11.82 -6.69 12.09
CA THR B 2 13.15 -7.02 11.58
C THR B 2 13.06 -8.11 10.50
N GLY B 3 13.35 -7.74 9.26
CA GLY B 3 13.29 -8.70 8.17
C GLY B 3 13.90 -8.16 6.88
N GLY B 4 15.20 -8.35 6.72
CA GLY B 4 15.87 -7.87 5.53
C GLY B 4 15.54 -8.72 4.31
N VAL B 5 14.96 -9.89 4.55
CA VAL B 5 14.58 -10.79 3.47
C VAL B 5 13.17 -10.51 2.99
OH ALY B 6 5.86 -8.87 0.20
CH ALY B 6 6.61 -7.90 0.13
CH3 ALY B 6 6.00 -6.51 -0.04
NZ ALY B 6 7.92 -8.02 0.26
CE ALY B 6 8.88 -7.91 -0.84
CD ALY B 6 10.20 -8.58 -0.53
CG ALY B 6 10.01 -10.01 -0.16
CB ALY B 6 11.33 -10.58 0.27
CA ALY B 6 11.29 -11.26 1.64
N ALY B 6 12.64 -11.40 2.16
C ALY B 6 10.61 -12.61 1.57
O ALY B 6 9.85 -12.88 0.64
HH31 ALY B 6 5.33 -6.51 -0.89
HH32 ALY B 6 5.45 -6.24 0.86
HH33 ALY B 6 6.78 -5.79 -0.20
HZ ALY B 6 8.29 -8.20 1.16
HE3 ALY B 6 8.47 -8.37 -1.72
HE2 ALY B 6 9.06 -6.86 -1.04
HD3 ALY B 6 10.84 -8.58 -1.40
HD2 ALY B 6 10.68 -8.07 0.29
HG3 ALY B 6 9.28 -10.08 0.64
HG2 ALY B 6 9.67 -10.52 -1.04
HB3 ALY B 6 11.65 -11.27 -0.50
HB2 ALY B 6 12.03 -9.77 0.32
HA ALY B 6 10.74 -10.64 2.33
H ALY B 6 13.18 -12.18 1.90
N LYS B 7 10.92 -13.45 2.57
CA LYS B 7 10.35 -14.80 2.67
C LYS B 7 9.95 -15.33 1.31
N PRO B 8 10.93 -15.56 0.43
CA PRO B 8 10.69 -16.07 -0.93
C PRO B 8 9.55 -17.09 -0.97
N HIS B 9 8.86 -17.20 -2.10
CA HIS B 9 7.76 -18.16 -2.23
C HIS B 9 7.33 -18.30 -3.69
N ARG B 10 6.46 -19.28 -3.96
CA ARG B 10 5.97 -19.50 -5.32
C ARG B 10 5.22 -18.27 -5.82
N TYR B 11 4.94 -18.23 -7.12
CA TYR B 11 4.25 -17.10 -7.72
C TYR B 11 4.00 -17.33 -9.21
N LYS B 12 3.92 -16.23 -9.96
CA LYS B 12 3.69 -16.30 -11.40
C LYS B 12 4.78 -17.11 -12.09
N CYS B 13 4.37 -18.15 -12.82
CA CYS B 13 5.32 -19.01 -13.53
C CYS B 13 4.90 -19.20 -14.98
N GLY A 1 -23.26 13.93 -7.22
CA GLY A 1 -23.01 13.00 -8.34
C GLY A 1 -23.02 11.54 -7.91
N SER A 2 -21.94 11.10 -7.27
CA SER A 2 -21.84 9.73 -6.80
C SER A 2 -21.56 9.68 -5.29
N HIS A 3 -22.59 9.39 -4.51
CA HIS A 3 -22.47 9.31 -3.05
C HIS A 3 -22.01 10.65 -2.46
N MET A 4 -22.94 11.36 -1.86
CA MET A 4 -22.65 12.66 -1.25
C MET A 4 -22.15 12.48 0.19
N SER A 5 -21.30 11.48 0.40
CA SER A 5 -20.76 11.21 1.71
C SER A 5 -19.71 12.25 2.10
N LYS A 6 -18.50 12.11 1.59
CA LYS A 6 -17.42 13.04 1.89
C LYS A 6 -16.55 13.26 0.65
N GLU A 7 -15.57 12.37 0.45
CA GLU A 7 -14.66 12.46 -0.68
C GLU A 7 -13.89 13.78 -0.66
N PRO A 8 -12.60 13.70 -0.29
CA PRO A 8 -11.72 14.86 -0.20
C PRO A 8 -11.50 15.52 -1.56
N ARG A 9 -11.49 14.71 -2.61
CA ARG A 9 -11.28 15.20 -3.97
C ARG A 9 -10.03 16.08 -4.03
N ASP A 10 -9.85 16.77 -5.15
CA ASP A 10 -8.72 17.67 -5.35
C ASP A 10 -7.38 16.97 -5.14
N PRO A 11 -6.44 17.29 -6.02
CA PRO A 11 -5.09 16.73 -6.00
C PRO A 11 -4.30 17.12 -4.75
N ASP A 12 -4.66 18.25 -4.14
CA ASP A 12 -3.98 18.71 -2.93
C ASP A 12 -4.70 18.19 -1.70
N GLN A 13 -6.02 18.27 -1.75
CA GLN A 13 -6.86 17.77 -0.67
C GLN A 13 -6.54 16.31 -0.44
N LEU A 14 -6.44 15.57 -1.54
CA LEU A 14 -6.11 14.16 -1.51
C LEU A 14 -4.65 13.97 -1.19
N TYR A 15 -3.79 14.64 -1.93
CA TYR A 15 -2.36 14.54 -1.71
C TYR A 15 -2.07 14.42 -0.23
N SER A 16 -2.43 15.41 0.55
CA SER A 16 -2.14 15.35 1.95
C SER A 16 -3.18 14.57 2.74
N THR A 17 -4.37 14.38 2.18
CA THR A 17 -5.36 13.57 2.88
C THR A 17 -4.74 12.22 2.99
N LEU A 18 -4.49 11.72 1.80
CA LEU A 18 -3.84 10.47 1.59
C LEU A 18 -2.48 10.46 2.26
N LYS A 19 -1.84 11.65 2.31
CA LYS A 19 -0.53 11.77 2.94
C LYS A 19 -0.64 11.25 4.37
N SER A 20 -1.84 11.36 4.90
CA SER A 20 -2.11 10.91 6.26
C SER A 20 -2.47 9.44 6.25
N ILE A 21 -3.39 9.04 5.37
CA ILE A 21 -3.73 7.64 5.27
C ILE A 21 -2.45 6.87 5.09
N LEU A 22 -1.77 7.14 3.97
CA LEU A 22 -0.49 6.51 3.68
C LEU A 22 0.37 6.47 4.91
N GLN A 23 0.62 7.66 5.44
CA GLN A 23 1.41 7.82 6.66
C GLN A 23 1.01 6.79 7.70
N GLN A 24 -0.30 6.57 7.81
CA GLN A 24 -0.86 5.63 8.77
C GLN A 24 -0.69 4.17 8.34
N VAL A 25 -1.22 3.84 7.17
CA VAL A 25 -1.15 2.49 6.63
C VAL A 25 0.27 1.98 6.62
N LYS A 26 1.21 2.85 6.28
CA LYS A 26 2.60 2.44 6.23
C LYS A 26 3.19 2.43 7.61
N SER A 27 2.65 3.24 8.51
CA SER A 27 3.14 3.24 9.87
C SER A 27 2.58 2.02 10.59
N HIS A 28 1.83 1.22 9.83
CA HIS A 28 1.20 0.01 10.36
C HIS A 28 2.24 -1.07 10.67
N GLN A 29 1.95 -1.83 11.72
CA GLN A 29 2.80 -2.94 12.15
C GLN A 29 2.81 -4.04 11.09
N SER A 30 2.00 -3.83 10.06
CA SER A 30 1.88 -4.78 8.96
C SER A 30 2.37 -4.14 7.68
N ALA A 31 2.87 -2.94 7.83
CA ALA A 31 3.35 -2.18 6.71
C ALA A 31 4.86 -2.24 6.52
N TRP A 32 5.59 -2.98 7.34
CA TRP A 32 7.04 -3.01 7.18
C TRP A 32 7.49 -3.68 5.86
N PRO A 33 6.78 -4.72 5.34
CA PRO A 33 7.17 -5.32 4.07
C PRO A 33 6.88 -4.36 2.93
N PHE A 34 6.12 -3.32 3.25
CA PHE A 34 5.73 -2.32 2.25
C PHE A 34 6.30 -0.95 2.59
N MET A 35 6.76 -0.77 3.82
CA MET A 35 7.30 0.52 4.27
C MET A 35 8.26 1.11 3.26
N GLU A 36 8.98 0.23 2.61
CA GLU A 36 9.95 0.62 1.62
C GLU A 36 10.14 -0.53 0.63
N PRO A 37 10.25 -0.22 -0.67
CA PRO A 37 10.43 -1.22 -1.70
C PRO A 37 11.46 -2.25 -1.32
N VAL A 38 11.05 -3.50 -1.43
CA VAL A 38 11.91 -4.60 -1.07
C VAL A 38 13.22 -4.52 -1.84
N LYS A 39 14.15 -5.37 -1.45
CA LYS A 39 15.48 -5.44 -2.06
C LYS A 39 15.40 -5.72 -3.55
N ARG A 40 14.20 -5.89 -4.07
CA ARG A 40 14.00 -6.23 -5.46
C ARG A 40 14.64 -7.60 -5.69
N THR A 41 15.20 -8.13 -4.60
CA THR A 41 15.84 -9.42 -4.63
C THR A 41 15.67 -10.15 -3.30
N GLU A 42 15.36 -9.43 -2.20
CA GLU A 42 15.12 -10.10 -0.94
C GLU A 42 14.00 -11.02 -1.26
N ALA A 43 13.24 -10.52 -2.21
CA ALA A 43 12.14 -11.22 -2.81
C ALA A 43 12.63 -11.85 -4.07
N PRO A 44 12.93 -13.11 -3.96
CA PRO A 44 13.44 -13.91 -5.06
C PRO A 44 12.40 -14.04 -6.14
N GLY A 45 12.50 -13.17 -7.13
CA GLY A 45 11.55 -13.16 -8.21
C GLY A 45 10.53 -12.06 -7.99
N TYR A 46 10.74 -11.26 -6.95
CA TYR A 46 9.85 -10.17 -6.60
C TYR A 46 9.29 -9.49 -7.84
N TYR A 47 10.16 -8.88 -8.61
CA TYR A 47 9.73 -8.17 -9.81
C TYR A 47 9.21 -9.11 -10.89
N GLU A 48 9.51 -10.39 -10.77
CA GLU A 48 9.07 -11.39 -11.73
C GLU A 48 7.59 -11.73 -11.53
N VAL A 49 7.19 -11.87 -10.26
CA VAL A 49 5.83 -12.19 -9.89
C VAL A 49 5.03 -10.94 -9.79
N ILE A 50 5.66 -9.98 -9.17
CA ILE A 50 5.04 -8.73 -8.91
C ILE A 50 5.11 -7.78 -10.08
N ARG A 51 4.07 -7.82 -10.91
CA ARG A 51 3.96 -6.93 -12.04
C ARG A 51 4.09 -5.47 -11.59
N PHE A 52 3.54 -5.16 -10.40
CA PHE A 52 3.62 -3.80 -9.86
C PHE A 52 4.01 -3.79 -8.38
N PRO A 53 5.30 -3.97 -8.05
CA PRO A 53 5.75 -3.94 -6.67
C PRO A 53 5.64 -2.57 -6.03
N MET A 54 4.43 -2.25 -5.57
CA MET A 54 4.17 -0.99 -4.92
C MET A 54 4.49 -1.10 -3.46
N ASP A 55 4.85 0.02 -2.88
CA ASP A 55 5.18 0.08 -1.50
C ASP A 55 4.64 1.36 -0.92
N LEU A 56 4.70 1.48 0.39
CA LEU A 56 4.23 2.67 1.07
C LEU A 56 5.18 3.83 0.84
N LYS A 57 6.45 3.53 0.59
CA LYS A 57 7.39 4.58 0.27
C LYS A 57 7.17 5.01 -1.16
N THR A 58 6.93 4.02 -2.01
CA THR A 58 6.63 4.30 -3.41
C THR A 58 5.30 5.06 -3.45
N MET A 59 4.37 4.61 -2.60
CA MET A 59 3.10 5.28 -2.41
C MET A 59 3.41 6.71 -1.99
N SER A 60 4.11 6.83 -0.86
CA SER A 60 4.53 8.12 -0.32
C SER A 60 5.37 8.89 -1.32
N GLU A 61 6.02 8.17 -2.21
CA GLU A 61 6.84 8.78 -3.24
C GLU A 61 5.93 9.56 -4.15
N ARG A 62 4.87 8.89 -4.53
CA ARG A 62 3.85 9.44 -5.39
C ARG A 62 3.13 10.54 -4.62
N LEU A 63 2.95 10.29 -3.36
CA LEU A 63 2.28 11.20 -2.45
C LEU A 63 3.06 12.48 -2.35
N LYS A 64 4.33 12.33 -2.06
CA LYS A 64 5.19 13.47 -1.90
C LYS A 64 5.07 14.40 -3.09
N ASN A 65 5.18 13.82 -4.29
CA ASN A 65 5.10 14.60 -5.52
C ASN A 65 3.66 15.02 -5.82
N ARG A 66 2.74 14.59 -4.94
CA ARG A 66 1.31 14.90 -5.06
C ARG A 66 0.64 14.06 -6.12
N TYR A 67 1.39 13.09 -6.62
CA TYR A 67 0.90 12.18 -7.65
C TYR A 67 -0.57 11.82 -7.47
N TYR A 68 -0.96 11.54 -6.22
CA TYR A 68 -2.34 11.16 -5.95
C TYR A 68 -3.32 12.27 -6.20
N VAL A 69 -3.65 12.44 -7.47
CA VAL A 69 -4.61 13.42 -7.88
C VAL A 69 -5.97 12.78 -7.80
N SER A 70 -5.97 11.64 -7.14
CA SER A 70 -7.16 10.85 -6.97
C SER A 70 -6.91 9.76 -5.92
N LYS A 71 -7.79 9.67 -4.92
CA LYS A 71 -7.63 8.66 -3.88
C LYS A 71 -7.53 7.29 -4.51
N LYS A 72 -7.92 7.19 -5.78
CA LYS A 72 -7.88 5.91 -6.47
C LYS A 72 -6.45 5.56 -6.84
N LEU A 73 -5.64 6.57 -7.16
CA LEU A 73 -4.24 6.35 -7.43
C LEU A 73 -3.65 5.76 -6.20
N PHE A 74 -4.02 6.45 -5.16
CA PHE A 74 -3.65 6.15 -3.83
C PHE A 74 -4.18 4.82 -3.40
N MET A 75 -5.40 4.56 -3.79
CA MET A 75 -6.03 3.33 -3.45
C MET A 75 -5.31 2.21 -4.16
N ALA A 76 -5.38 2.26 -5.48
CA ALA A 76 -4.76 1.27 -6.34
C ALA A 76 -3.33 0.95 -5.95
N ASP A 77 -2.52 1.98 -5.78
CA ASP A 77 -1.11 1.81 -5.46
C ASP A 77 -0.91 1.24 -4.06
N LEU A 78 -1.48 1.85 -3.03
CA LEU A 78 -1.33 1.27 -1.71
C LEU A 78 -1.89 -0.13 -1.76
N GLN A 79 -2.93 -0.27 -2.57
CA GLN A 79 -3.59 -1.53 -2.77
C GLN A 79 -2.69 -2.39 -3.62
N ARG A 80 -1.80 -1.70 -4.31
CA ARG A 80 -0.81 -2.31 -5.16
C ARG A 80 0.28 -2.95 -4.29
N VAL A 81 0.43 -2.45 -3.06
CA VAL A 81 1.42 -3.00 -2.12
C VAL A 81 0.81 -4.20 -1.40
N PHE A 82 -0.45 -4.07 -1.00
CA PHE A 82 -1.15 -5.16 -0.33
C PHE A 82 -1.36 -6.30 -1.31
N THR A 83 -1.83 -5.93 -2.51
CA THR A 83 -2.09 -6.91 -3.57
C THR A 83 -0.81 -7.63 -3.95
N ASN A 84 0.29 -6.89 -4.10
CA ASN A 84 1.56 -7.49 -4.46
C ASN A 84 2.02 -8.37 -3.33
N CYS A 85 1.64 -7.99 -2.11
CA CYS A 85 2.00 -8.76 -0.96
C CYS A 85 1.16 -10.03 -0.92
N LYS A 86 -0.05 -9.88 -1.44
CA LYS A 86 -1.03 -10.94 -1.54
C LYS A 86 -0.78 -11.78 -2.79
N GLU A 87 -0.05 -11.19 -3.72
CA GLU A 87 0.26 -11.79 -5.01
C GLU A 87 1.34 -12.85 -4.95
N TYR A 88 2.49 -12.40 -4.52
CA TYR A 88 3.69 -13.20 -4.45
C TYR A 88 3.76 -14.03 -3.19
N ASN A 89 3.73 -13.35 -2.07
CA ASN A 89 3.82 -13.98 -0.78
C ASN A 89 2.62 -14.87 -0.51
N PRO A 90 2.79 -15.86 0.38
CA PRO A 90 1.73 -16.74 0.82
C PRO A 90 1.06 -16.22 2.10
N PRO A 91 -0.28 -16.37 2.25
CA PRO A 91 -1.01 -15.91 3.45
C PRO A 91 -0.44 -16.52 4.74
N GLU A 92 0.53 -17.41 4.60
CA GLU A 92 1.15 -18.07 5.74
C GLU A 92 2.52 -17.48 6.06
N SER A 93 3.09 -16.78 5.08
CA SER A 93 4.41 -16.17 5.25
C SER A 93 4.44 -15.28 6.47
N GLU A 94 3.93 -14.06 6.29
CA GLU A 94 3.90 -13.07 7.35
C GLU A 94 3.41 -11.74 6.79
N TYR A 95 4.06 -11.30 5.73
CA TYR A 95 3.71 -10.04 5.08
C TYR A 95 2.33 -10.13 4.45
N TYR A 96 2.05 -11.26 3.82
CA TYR A 96 0.77 -11.47 3.15
C TYR A 96 -0.38 -11.04 4.06
N LYS A 97 -0.47 -11.65 5.22
CA LYS A 97 -1.51 -11.29 6.17
C LYS A 97 -1.43 -9.81 6.40
N CYS A 98 -0.23 -9.36 6.73
CA CYS A 98 0.05 -7.96 6.97
C CYS A 98 -0.53 -7.11 5.85
N ALA A 99 -0.63 -7.69 4.67
CA ALA A 99 -1.20 -7.00 3.53
C ALA A 99 -2.68 -6.81 3.72
N ASN A 100 -3.33 -7.93 4.02
CA ASN A 100 -4.77 -7.96 4.28
C ASN A 100 -5.09 -7.08 5.47
N ILE A 101 -4.25 -7.21 6.48
CA ILE A 101 -4.37 -6.50 7.73
C ILE A 101 -4.24 -5.01 7.51
N LEU A 102 -3.11 -4.63 6.97
CA LEU A 102 -2.85 -3.25 6.64
C LEU A 102 -4.00 -2.76 5.79
N GLU A 103 -4.23 -3.46 4.70
CA GLU A 103 -5.29 -3.16 3.77
C GLU A 103 -6.60 -2.90 4.53
N LYS A 104 -6.75 -3.51 5.69
CA LYS A 104 -7.90 -3.34 6.53
C LYS A 104 -7.81 -2.05 7.35
N PHE A 105 -6.69 -1.87 8.06
CA PHE A 105 -6.46 -0.64 8.82
C PHE A 105 -6.55 0.52 7.85
N PHE A 106 -5.71 0.43 6.83
CA PHE A 106 -5.67 1.38 5.74
C PHE A 106 -7.09 1.68 5.34
N PHE A 107 -7.89 0.62 5.17
CA PHE A 107 -9.29 0.80 4.79
C PHE A 107 -10.00 1.76 5.73
N SER A 108 -9.69 1.68 7.02
CA SER A 108 -10.31 2.57 7.98
C SER A 108 -9.80 4.01 7.81
N LYS A 109 -8.57 4.13 7.29
CA LYS A 109 -7.93 5.44 7.07
C LYS A 109 -8.41 6.13 5.80
N ILE A 110 -8.64 5.34 4.78
CA ILE A 110 -9.08 5.87 3.51
C ILE A 110 -10.54 6.24 3.64
N LYS A 111 -11.28 5.29 4.22
CA LYS A 111 -12.69 5.47 4.44
C LYS A 111 -12.91 6.76 5.20
N GLU A 112 -12.16 6.86 6.28
CA GLU A 112 -12.21 8.01 7.15
C GLU A 112 -11.92 9.27 6.37
N ALA A 113 -10.99 9.15 5.43
CA ALA A 113 -10.59 10.29 4.63
C ALA A 113 -11.39 10.43 3.34
N GLY A 114 -12.55 9.78 3.26
CA GLY A 114 -13.37 9.87 2.05
C GLY A 114 -12.65 9.34 0.82
N LEU A 115 -11.79 8.37 1.03
CA LEU A 115 -10.98 7.77 -0.03
C LEU A 115 -11.73 6.68 -0.78
N ILE A 116 -11.61 5.45 -0.30
CA ILE A 116 -12.26 4.26 -0.86
C ILE A 116 -13.45 4.52 -1.76
N ASP A 117 -14.21 5.57 -1.51
CA ASP A 117 -15.36 5.87 -2.34
C ASP A 117 -14.98 5.91 -3.82
N LYS A 118 -13.68 6.05 -4.08
CA LYS A 118 -13.15 6.10 -5.44
C LYS A 118 -13.96 7.04 -6.32
N SER B 1 11.19 -15.28 11.14
CA SER B 1 10.34 -14.95 12.31
C SER B 1 10.46 -13.47 12.68
N THR B 2 9.37 -12.91 13.20
CA THR B 2 9.35 -11.50 13.60
C THR B 2 9.55 -10.58 12.40
N GLY B 3 10.81 -10.39 12.02
CA GLY B 3 11.12 -9.52 10.89
C GLY B 3 12.45 -9.85 10.25
N GLY B 4 12.49 -9.86 8.92
CA GLY B 4 13.72 -10.16 8.21
C GLY B 4 13.47 -10.76 6.84
N VAL B 5 14.45 -10.61 5.95
CA VAL B 5 14.36 -11.12 4.58
C VAL B 5 13.00 -10.86 3.96
OH ALY B 6 6.40 -8.66 1.07
CH ALY B 6 6.83 -7.74 0.39
CH3 ALY B 6 5.89 -6.56 0.08
NZ ALY B 6 8.10 -7.66 0.03
CE ALY B 6 8.78 -8.68 -0.77
CD ALY B 6 10.17 -8.98 -0.23
CG ALY B 6 10.27 -10.42 0.16
CB ALY B 6 11.57 -10.68 0.88
CA ALY B 6 11.41 -11.43 2.21
N ALY B 6 12.69 -11.57 2.88
C ALY B 6 10.75 -12.79 2.01
O ALY B 6 10.30 -13.11 0.91
HH31 ALY B 6 5.08 -6.90 -0.54
HH32 ALY B 6 5.48 -6.16 1.01
HH33 ALY B 6 6.44 -5.78 -0.43
HZ ALY B 6 8.64 -6.90 0.34
HE3 ALY B 6 8.20 -9.59 -0.77
HE2 ALY B 6 8.88 -8.32 -1.79
HD3 ALY B 6 10.92 -8.79 -0.99
HD2 ALY B 6 10.35 -8.36 0.64
HG3 ALY B 6 9.44 -10.68 0.81
HG2 ALY B 6 10.25 -11.01 -0.73
HB3 ALY B 6 12.21 -11.22 0.21
HB2 ALY B 6 12.03 -9.73 1.09
HA ALY B 6 10.78 -10.84 2.86
H ALY B 6 13.34 -12.21 2.53
N LYS B 7 10.70 -13.57 3.10
CA LYS B 7 10.10 -14.91 3.10
C LYS B 7 9.92 -15.42 1.68
N PRO B 8 11.06 -15.69 1.00
CA PRO B 8 11.08 -16.16 -0.37
C PRO B 8 9.93 -17.09 -0.72
N HIS B 9 9.52 -17.06 -1.99
CA HIS B 9 8.44 -17.92 -2.46
C HIS B 9 8.60 -18.23 -3.94
N ARG B 10 9.28 -17.35 -4.66
CA ARG B 10 9.51 -17.52 -6.09
C ARG B 10 8.19 -17.82 -6.81
N TYR B 11 7.35 -16.79 -6.91
CA TYR B 11 6.05 -16.94 -7.57
C TYR B 11 6.15 -16.61 -9.06
N LYS B 12 5.15 -17.07 -9.81
CA LYS B 12 5.11 -16.84 -11.25
C LYS B 12 6.32 -17.45 -11.95
N CYS B 13 6.20 -18.72 -12.33
CA CYS B 13 7.29 -19.43 -12.99
C CYS B 13 6.74 -20.38 -14.06
N GLY A 1 -19.70 24.03 4.23
CA GLY A 1 -19.83 22.84 5.12
C GLY A 1 -18.60 21.96 5.11
N SER A 2 -18.35 21.26 6.21
CA SER A 2 -17.20 20.38 6.32
C SER A 2 -17.56 18.95 5.94
N HIS A 3 -18.71 18.48 6.41
CA HIS A 3 -19.17 17.14 6.12
C HIS A 3 -19.78 17.06 4.72
N MET A 4 -19.12 16.32 3.83
CA MET A 4 -19.59 16.16 2.46
C MET A 4 -20.20 14.78 2.26
N SER A 5 -19.35 13.77 2.11
CA SER A 5 -19.81 12.40 1.91
C SER A 5 -18.66 11.40 1.97
N LYS A 6 -18.04 11.15 0.81
CA LYS A 6 -16.92 10.21 0.73
C LYS A 6 -16.01 10.55 -0.43
N GLU A 7 -15.56 11.80 -0.48
CA GLU A 7 -14.66 12.24 -1.54
C GLU A 7 -14.05 13.59 -1.19
N PRO A 8 -12.77 13.56 -0.77
CA PRO A 8 -12.01 14.75 -0.39
C PRO A 8 -11.89 15.73 -1.55
N ARG A 9 -11.82 15.18 -2.75
CA ARG A 9 -11.72 15.95 -3.97
C ARG A 9 -10.43 16.77 -3.99
N ASP A 10 -10.09 17.29 -5.17
CA ASP A 10 -8.88 18.09 -5.33
C ASP A 10 -7.63 17.25 -5.11
N PRO A 11 -6.55 17.58 -5.82
CA PRO A 11 -5.29 16.86 -5.77
C PRO A 11 -4.45 17.20 -4.55
N ASP A 12 -4.82 18.29 -3.89
CA ASP A 12 -4.11 18.72 -2.69
C ASP A 12 -4.77 18.15 -1.44
N GLN A 13 -6.10 18.27 -1.34
CA GLN A 13 -6.81 17.72 -0.19
C GLN A 13 -6.42 16.25 -0.06
N LEU A 14 -6.40 15.59 -1.22
CA LEU A 14 -6.03 14.18 -1.30
C LEU A 14 -4.58 14.00 -1.02
N TYR A 15 -3.75 14.70 -1.77
CA TYR A 15 -2.32 14.61 -1.57
C TYR A 15 -2.01 14.46 -0.09
N SER A 16 -2.38 15.44 0.70
CA SER A 16 -2.07 15.33 2.10
C SER A 16 -3.11 14.55 2.90
N THR A 17 -4.31 14.38 2.36
CA THR A 17 -5.29 13.56 3.06
C THR A 17 -4.68 12.21 3.12
N LEU A 18 -4.48 11.74 1.92
CA LEU A 18 -3.84 10.49 1.67
C LEU A 18 -2.46 10.46 2.32
N LYS A 19 -1.81 11.63 2.38
CA LYS A 19 -0.49 11.72 2.99
C LYS A 19 -0.56 11.19 4.40
N SER A 20 -1.76 11.31 4.97
CA SER A 20 -2.00 10.85 6.33
C SER A 20 -2.38 9.39 6.30
N ILE A 21 -3.32 9.01 5.43
CA ILE A 21 -3.68 7.61 5.32
C ILE A 21 -2.40 6.84 5.13
N LEU A 22 -1.73 7.11 4.02
CA LEU A 22 -0.46 6.47 3.71
C LEU A 22 0.40 6.41 4.96
N GLN A 23 0.69 7.60 5.47
CA GLN A 23 1.51 7.75 6.67
C GLN A 23 1.09 6.74 7.74
N GLN A 24 -0.20 6.49 7.80
CA GLN A 24 -0.77 5.58 8.77
C GLN A 24 -0.65 4.11 8.35
N VAL A 25 -1.16 3.79 7.16
CA VAL A 25 -1.13 2.45 6.64
C VAL A 25 0.30 1.93 6.62
N LYS A 26 1.25 2.83 6.39
CA LYS A 26 2.66 2.45 6.34
C LYS A 26 3.22 2.35 7.74
N SER A 27 2.77 3.24 8.61
CA SER A 27 3.21 3.22 9.98
C SER A 27 2.63 1.99 10.65
N HIS A 28 1.70 1.36 9.95
CA HIS A 28 1.04 0.16 10.42
C HIS A 28 2.04 -0.96 10.67
N GLN A 29 1.81 -1.69 11.75
CA GLN A 29 2.64 -2.82 12.15
C GLN A 29 2.70 -3.90 11.06
N SER A 30 1.84 -3.78 10.05
CA SER A 30 1.79 -4.74 8.95
C SER A 30 2.26 -4.11 7.67
N ALA A 31 2.82 -2.95 7.81
CA ALA A 31 3.27 -2.19 6.68
C ALA A 31 4.77 -2.24 6.44
N TRP A 32 5.53 -2.85 7.34
CA TRP A 32 6.97 -2.86 7.17
C TRP A 32 7.44 -3.60 5.90
N PRO A 33 6.76 -4.65 5.41
CA PRO A 33 7.18 -5.28 4.17
C PRO A 33 6.92 -4.35 3.02
N PHE A 34 6.12 -3.32 3.32
CA PHE A 34 5.71 -2.34 2.34
C PHE A 34 6.25 -0.96 2.69
N MET A 35 6.73 -0.82 3.93
CA MET A 35 7.27 0.46 4.42
C MET A 35 8.29 1.02 3.46
N GLU A 36 8.93 0.13 2.73
CA GLU A 36 9.94 0.52 1.76
C GLU A 36 10.03 -0.51 0.64
N PRO A 37 10.10 -0.03 -0.61
CA PRO A 37 10.19 -0.90 -1.79
C PRO A 37 11.29 -1.93 -1.66
N VAL A 38 10.93 -3.15 -1.95
CA VAL A 38 11.82 -4.28 -1.92
C VAL A 38 13.15 -3.99 -2.63
N LYS A 39 14.14 -4.83 -2.36
CA LYS A 39 15.45 -4.70 -2.98
C LYS A 39 15.39 -5.23 -4.40
N ARG A 40 14.18 -5.57 -4.82
CA ARG A 40 13.94 -6.15 -6.14
C ARG A 40 14.64 -7.50 -6.19
N THR A 41 15.25 -7.89 -5.06
CA THR A 41 15.95 -9.15 -4.99
C THR A 41 15.80 -9.86 -3.65
N GLU A 42 15.41 -9.13 -2.59
CA GLU A 42 15.20 -9.81 -1.31
C GLU A 42 14.04 -10.70 -1.58
N ALA A 43 13.34 -10.22 -2.59
CA ALA A 43 12.19 -10.81 -3.15
C ALA A 43 12.59 -11.45 -4.45
N PRO A 44 12.95 -12.71 -4.36
CA PRO A 44 13.41 -13.50 -5.50
C PRO A 44 12.33 -13.62 -6.56
N GLY A 45 12.62 -13.06 -7.72
CA GLY A 45 11.67 -13.08 -8.79
C GLY A 45 10.58 -12.07 -8.54
N TYR A 46 10.79 -11.20 -7.57
CA TYR A 46 9.83 -10.17 -7.20
C TYR A 46 9.23 -9.51 -8.44
N TYR A 47 10.07 -8.84 -9.21
CA TYR A 47 9.62 -8.16 -10.41
C TYR A 47 9.07 -9.13 -11.45
N GLU A 48 9.36 -10.41 -11.26
CA GLU A 48 8.87 -11.43 -12.19
C GLU A 48 7.39 -11.65 -11.97
N VAL A 49 7.03 -11.75 -10.69
CA VAL A 49 5.67 -11.95 -10.27
C VAL A 49 4.97 -10.63 -10.18
N ILE A 50 5.55 -9.83 -9.33
CA ILE A 50 5.05 -8.52 -9.03
C ILE A 50 5.22 -7.58 -10.21
N ARG A 51 4.20 -7.58 -11.07
CA ARG A 51 4.20 -6.72 -12.24
C ARG A 51 4.30 -5.26 -11.85
N PHE A 52 3.59 -4.88 -10.79
CA PHE A 52 3.59 -3.49 -10.35
C PHE A 52 4.01 -3.30 -8.91
N PRO A 53 5.30 -3.55 -8.60
CA PRO A 53 5.86 -3.38 -7.25
C PRO A 53 5.59 -2.01 -6.66
N MET A 54 4.65 -1.96 -5.74
CA MET A 54 4.34 -0.71 -5.08
C MET A 54 4.40 -0.88 -3.59
N ASP A 55 4.93 0.13 -2.94
CA ASP A 55 5.08 0.15 -1.51
C ASP A 55 4.52 1.42 -0.93
N LEU A 56 4.67 1.56 0.36
CA LEU A 56 4.21 2.75 1.06
C LEU A 56 5.17 3.91 0.84
N LYS A 57 6.44 3.61 0.62
CA LYS A 57 7.40 4.64 0.32
C LYS A 57 7.18 5.07 -1.12
N THR A 58 6.91 4.08 -1.97
CA THR A 58 6.60 4.37 -3.35
C THR A 58 5.29 5.13 -3.39
N MET A 59 4.33 4.64 -2.61
CA MET A 59 3.05 5.31 -2.44
C MET A 59 3.37 6.75 -2.04
N SER A 60 4.09 6.88 -0.93
CA SER A 60 4.50 8.17 -0.41
C SER A 60 5.35 8.93 -1.40
N GLU A 61 6.02 8.20 -2.29
CA GLU A 61 6.84 8.83 -3.32
C GLU A 61 5.94 9.65 -4.20
N ARG A 62 4.87 9.01 -4.62
CA ARG A 62 3.86 9.63 -5.43
C ARG A 62 3.23 10.75 -4.65
N LEU A 63 2.87 10.40 -3.44
CA LEU A 63 2.25 11.31 -2.49
C LEU A 63 3.05 12.58 -2.37
N LYS A 64 4.32 12.42 -2.11
CA LYS A 64 5.19 13.53 -1.93
C LYS A 64 5.07 14.49 -3.10
N ASN A 65 5.15 13.93 -4.31
CA ASN A 65 5.07 14.73 -5.53
C ASN A 65 3.63 15.16 -5.80
N ARG A 66 2.72 14.72 -4.93
CA ARG A 66 1.29 15.05 -5.03
C ARG A 66 0.64 14.26 -6.15
N TYR A 67 1.27 13.16 -6.52
CA TYR A 67 0.80 12.29 -7.58
C TYR A 67 -0.67 11.93 -7.39
N TYR A 68 -1.06 11.66 -6.14
CA TYR A 68 -2.42 11.27 -5.84
C TYR A 68 -3.40 12.39 -6.04
N VAL A 69 -3.72 12.62 -7.30
CA VAL A 69 -4.69 13.63 -7.66
C VAL A 69 -6.06 13.00 -7.54
N SER A 70 -6.04 11.83 -6.95
CA SER A 70 -7.22 11.03 -6.76
C SER A 70 -6.93 9.93 -5.73
N LYS A 71 -7.74 9.84 -4.68
CA LYS A 71 -7.51 8.81 -3.67
C LYS A 71 -7.49 7.45 -4.31
N LYS A 72 -7.97 7.36 -5.56
CA LYS A 72 -7.98 6.10 -6.27
C LYS A 72 -6.58 5.72 -6.68
N LEU A 73 -5.77 6.70 -7.03
CA LEU A 73 -4.37 6.47 -7.35
C LEU A 73 -3.77 5.87 -6.14
N PHE A 74 -4.09 6.55 -5.09
CA PHE A 74 -3.69 6.25 -3.77
C PHE A 74 -4.22 4.92 -3.34
N MET A 75 -5.43 4.64 -3.70
CA MET A 75 -6.05 3.40 -3.37
C MET A 75 -5.34 2.30 -4.08
N ALA A 76 -5.42 2.35 -5.40
CA ALA A 76 -4.82 1.36 -6.28
C ALA A 76 -3.38 1.02 -5.93
N ASP A 77 -2.54 2.03 -5.77
CA ASP A 77 -1.12 1.81 -5.48
C ASP A 77 -0.93 1.24 -4.08
N LEU A 78 -1.48 1.86 -3.07
CA LEU A 78 -1.34 1.29 -1.73
C LEU A 78 -1.92 -0.10 -1.78
N GLN A 79 -2.95 -0.21 -2.59
CA GLN A 79 -3.63 -1.47 -2.79
C GLN A 79 -2.77 -2.33 -3.67
N ARG A 80 -1.88 -1.67 -4.37
CA ARG A 80 -0.92 -2.31 -5.23
C ARG A 80 0.13 -2.98 -4.36
N VAL A 81 0.33 -2.44 -3.15
CA VAL A 81 1.28 -3.04 -2.22
C VAL A 81 0.62 -4.26 -1.59
N PHE A 82 -0.53 -4.06 -0.95
CA PHE A 82 -1.25 -5.15 -0.30
C PHE A 82 -1.47 -6.29 -1.29
N THR A 83 -1.98 -5.96 -2.47
CA THR A 83 -2.26 -6.96 -3.49
C THR A 83 -0.98 -7.65 -3.98
N ASN A 84 0.06 -6.87 -4.25
CA ASN A 84 1.33 -7.45 -4.69
C ASN A 84 1.89 -8.27 -3.55
N CYS A 85 1.50 -7.90 -2.34
CA CYS A 85 1.96 -8.59 -1.15
C CYS A 85 1.13 -9.85 -0.96
N LYS A 86 -0.08 -9.78 -1.48
CA LYS A 86 -1.03 -10.88 -1.49
C LYS A 86 -0.78 -11.77 -2.71
N GLU A 87 -0.13 -11.17 -3.70
CA GLU A 87 0.14 -11.83 -4.98
C GLU A 87 1.25 -12.85 -4.92
N TYR A 88 2.43 -12.36 -4.60
CA TYR A 88 3.64 -13.16 -4.56
C TYR A 88 3.81 -13.84 -3.23
N ASN A 89 3.87 -13.05 -2.19
CA ASN A 89 4.05 -13.59 -0.86
C ASN A 89 2.93 -14.57 -0.57
N PRO A 90 3.20 -15.64 0.19
CA PRO A 90 2.19 -16.61 0.58
C PRO A 90 1.44 -16.15 1.83
N PRO A 91 0.16 -16.52 1.97
CA PRO A 91 -0.68 -16.10 3.12
C PRO A 91 -0.18 -16.70 4.42
N GLU A 92 0.97 -17.38 4.36
CA GLU A 92 1.57 -17.99 5.53
C GLU A 92 2.93 -17.36 5.84
N SER A 93 3.48 -16.65 4.86
CA SER A 93 4.78 -16.00 5.03
C SER A 93 4.78 -15.12 6.27
N GLU A 94 4.27 -13.90 6.09
CA GLU A 94 4.21 -12.93 7.16
C GLU A 94 3.68 -11.60 6.63
N TYR A 95 4.21 -11.19 5.48
CA TYR A 95 3.80 -9.93 4.87
C TYR A 95 2.42 -10.05 4.22
N TYR A 96 2.16 -11.19 3.59
CA TYR A 96 0.88 -11.42 2.93
C TYR A 96 -0.26 -10.98 3.83
N LYS A 97 -0.35 -11.60 4.99
CA LYS A 97 -1.39 -11.25 5.95
C LYS A 97 -1.33 -9.76 6.15
N CYS A 98 -0.17 -9.32 6.58
CA CYS A 98 0.09 -7.91 6.83
C CYS A 98 -0.48 -7.05 5.71
N ALA A 99 -0.58 -7.62 4.52
CA ALA A 99 -1.12 -6.90 3.38
C ALA A 99 -2.61 -6.77 3.54
N ASN A 100 -3.25 -7.87 3.89
CA ASN A 100 -4.67 -7.94 4.13
C ASN A 100 -5.03 -7.09 5.35
N ILE A 101 -4.23 -7.26 6.39
CA ILE A 101 -4.39 -6.56 7.65
C ILE A 101 -4.29 -5.06 7.43
N LEU A 102 -3.15 -4.65 6.91
CA LEU A 102 -2.93 -3.28 6.58
C LEU A 102 -4.07 -2.79 5.73
N GLU A 103 -4.29 -3.50 4.65
CA GLU A 103 -5.36 -3.19 3.73
C GLU A 103 -6.67 -2.92 4.48
N LYS A 104 -6.82 -3.53 5.63
CA LYS A 104 -7.98 -3.37 6.47
C LYS A 104 -7.87 -2.08 7.30
N PHE A 105 -6.78 -1.92 8.05
CA PHE A 105 -6.57 -0.69 8.82
C PHE A 105 -6.65 0.47 7.86
N PHE A 106 -5.79 0.39 6.84
CA PHE A 106 -5.75 1.35 5.78
C PHE A 106 -7.17 1.62 5.32
N PHE A 107 -7.96 0.57 5.15
CA PHE A 107 -9.35 0.73 4.72
C PHE A 107 -10.14 1.64 5.64
N SER A 108 -9.84 1.62 6.93
CA SER A 108 -10.53 2.48 7.87
C SER A 108 -9.99 3.91 7.76
N LYS A 109 -8.76 4.02 7.28
CA LYS A 109 -8.10 5.31 7.10
C LYS A 109 -8.66 6.02 5.89
N ILE A 110 -8.53 5.37 4.74
CA ILE A 110 -9.08 5.89 3.52
C ILE A 110 -10.55 6.22 3.73
N LYS A 111 -11.23 5.27 4.34
CA LYS A 111 -12.65 5.38 4.65
C LYS A 111 -12.92 6.67 5.37
N GLU A 112 -12.14 6.85 6.42
CA GLU A 112 -12.22 8.02 7.27
C GLU A 112 -11.93 9.29 6.51
N ALA A 113 -11.03 9.18 5.54
CA ALA A 113 -10.61 10.32 4.76
C ALA A 113 -11.41 10.50 3.48
N GLY A 114 -12.59 9.88 3.38
CA GLY A 114 -13.40 10.03 2.18
C GLY A 114 -12.77 9.42 0.96
N LEU A 115 -11.77 8.58 1.19
CA LEU A 115 -11.03 7.95 0.11
C LEU A 115 -11.85 6.91 -0.64
N ILE A 116 -11.72 5.66 -0.24
CA ILE A 116 -12.46 4.57 -0.83
C ILE A 116 -13.73 5.01 -1.56
N ASP A 117 -13.81 4.64 -2.82
CA ASP A 117 -14.96 5.00 -3.65
C ASP A 117 -15.15 4.00 -4.79
N LYS A 118 -14.04 3.51 -5.33
CA LYS A 118 -14.07 2.54 -6.43
C LYS A 118 -15.13 1.47 -6.20
N SER B 1 13.50 -6.90 16.59
CA SER B 1 12.54 -7.32 15.54
C SER B 1 12.95 -8.66 14.94
N THR B 2 12.00 -9.33 14.29
CA THR B 2 12.26 -10.63 13.66
C THR B 2 11.61 -10.72 12.30
N GLY B 3 12.37 -10.38 11.25
CA GLY B 3 11.85 -10.43 9.90
C GLY B 3 12.05 -9.12 9.15
N GLY B 4 13.20 -9.00 8.50
CA GLY B 4 13.50 -7.80 7.74
C GLY B 4 13.72 -8.08 6.26
N VAL B 5 13.71 -9.35 5.90
CA VAL B 5 13.90 -9.77 4.51
C VAL B 5 12.59 -9.72 3.74
OH ALY B 6 6.44 -6.37 -1.45
CH ALY B 6 6.84 -6.98 -0.45
CH3 ALY B 6 5.92 -7.08 0.77
NZ ALY B 6 8.01 -7.61 -0.42
CE ALY B 6 8.31 -8.81 -1.21
CD ALY B 6 9.38 -9.66 -0.55
CG ALY B 6 10.58 -8.83 -0.17
CB ALY B 6 11.69 -9.70 0.36
CA ALY B 6 11.39 -10.35 1.72
N ALY B 6 12.58 -10.32 2.55
C ALY B 6 10.88 -11.79 1.56
O ALY B 6 10.49 -12.20 0.47
HH31 ALY B 6 6.47 -7.47 1.60
HH32 ALY B 6 5.53 -6.09 1.03
HH33 ALY B 6 5.09 -7.74 0.54
HZ ALY B 6 8.72 -7.26 0.16
HE3 ALY B 6 7.41 -9.40 -1.30
HE2 ALY B 6 8.65 -8.51 -2.19
HD3 ALY B 6 8.98 -10.13 0.33
HD2 ALY B 6 9.72 -10.41 -1.25
HG3 ALY B 6 10.93 -8.31 -1.06
HG2 ALY B 6 10.29 -8.12 0.59
HB3 ALY B 6 11.90 -10.46 -0.38
HB2 ALY B 6 12.57 -9.11 0.45
HA ALY B 6 10.63 -9.77 2.22
H ALY B 6 13.40 -10.75 2.23
N LYS B 7 10.89 -12.52 2.68
CA LYS B 7 10.45 -13.93 2.75
C LYS B 7 10.29 -14.53 1.37
N PRO B 8 11.42 -14.93 0.76
CA PRO B 8 11.42 -15.53 -0.57
C PRO B 8 10.29 -16.53 -0.79
N HIS B 9 9.77 -16.55 -2.01
CA HIS B 9 8.70 -17.47 -2.38
C HIS B 9 8.44 -17.41 -3.88
N ARG B 10 9.34 -17.99 -4.65
CA ARG B 10 9.24 -18.01 -6.11
C ARG B 10 7.79 -18.12 -6.58
N TYR B 11 7.25 -17.02 -7.10
CA TYR B 11 5.89 -17.00 -7.58
C TYR B 11 5.81 -16.51 -9.02
N LYS B 12 4.77 -16.92 -9.72
CA LYS B 12 4.57 -16.54 -11.12
C LYS B 12 5.78 -16.93 -11.97
N CYS B 13 5.94 -18.24 -12.17
CA CYS B 13 7.06 -18.75 -12.96
C CYS B 13 6.58 -19.80 -13.95
N GLY A 1 -22.37 16.37 11.13
CA GLY A 1 -23.22 15.23 11.59
C GLY A 1 -23.73 14.38 10.44
N SER A 2 -24.35 15.04 9.47
CA SER A 2 -24.90 14.35 8.31
C SER A 2 -23.86 14.25 7.19
N HIS A 3 -22.59 14.33 7.56
CA HIS A 3 -21.51 14.25 6.58
C HIS A 3 -20.97 12.83 6.48
N MET A 4 -21.80 11.92 5.97
CA MET A 4 -21.41 10.53 5.82
C MET A 4 -20.67 10.31 4.51
N SER A 5 -21.17 10.95 3.45
CA SER A 5 -20.55 10.83 2.13
C SER A 5 -19.49 11.90 1.92
N LYS A 6 -18.28 11.63 2.36
CA LYS A 6 -17.18 12.58 2.23
C LYS A 6 -16.15 12.08 1.22
N GLU A 7 -15.39 13.00 0.64
CA GLU A 7 -14.37 12.67 -0.35
C GLU A 7 -13.55 13.90 -0.71
N PRO A 8 -12.24 13.83 -0.46
CA PRO A 8 -11.28 14.91 -0.74
C PRO A 8 -11.38 15.45 -2.17
N ARG A 9 -11.59 14.53 -3.12
CA ARG A 9 -11.72 14.88 -4.54
C ARG A 9 -10.51 15.64 -5.07
N ASP A 10 -10.39 16.92 -4.75
CA ASP A 10 -9.26 17.72 -5.19
C ASP A 10 -7.97 16.94 -4.97
N PRO A 11 -6.99 17.18 -5.85
CA PRO A 11 -5.73 16.47 -5.85
C PRO A 11 -4.77 16.94 -4.78
N ASP A 12 -5.09 18.07 -4.17
CA ASP A 12 -4.29 18.62 -3.07
C ASP A 12 -4.88 18.14 -1.76
N GLN A 13 -6.21 18.13 -1.66
CA GLN A 13 -6.86 17.63 -0.46
C GLN A 13 -6.50 16.19 -0.30
N LEU A 14 -6.54 15.46 -1.41
CA LEU A 14 -6.18 14.06 -1.44
C LEU A 14 -4.71 13.91 -1.15
N TYR A 15 -3.89 14.61 -1.92
CA TYR A 15 -2.46 14.55 -1.73
C TYR A 15 -2.13 14.45 -0.27
N SER A 16 -2.49 15.45 0.51
CA SER A 16 -2.17 15.39 1.91
C SER A 16 -3.18 14.62 2.73
N THR A 17 -4.38 14.40 2.19
CA THR A 17 -5.35 13.59 2.90
C THR A 17 -4.70 12.24 3.02
N LEU A 18 -4.47 11.72 1.84
CA LEU A 18 -3.82 10.48 1.63
C LEU A 18 -2.44 10.51 2.30
N LYS A 19 -1.83 11.69 2.33
CA LYS A 19 -0.51 11.83 2.96
C LYS A 19 -0.59 11.31 4.38
N SER A 20 -1.78 11.40 4.94
CA SER A 20 -2.02 10.94 6.30
C SER A 20 -2.37 9.47 6.29
N ILE A 21 -3.33 9.08 5.43
CA ILE A 21 -3.68 7.68 5.33
C ILE A 21 -2.38 6.91 5.13
N LEU A 22 -1.71 7.19 4.02
CA LEU A 22 -0.43 6.57 3.72
C LEU A 22 0.43 6.52 4.95
N GLN A 23 0.70 7.71 5.48
CA GLN A 23 1.50 7.87 6.69
C GLN A 23 1.09 6.86 7.77
N GLN A 24 -0.20 6.56 7.80
CA GLN A 24 -0.78 5.64 8.78
C GLN A 24 -0.63 4.17 8.36
N VAL A 25 -1.14 3.83 7.19
CA VAL A 25 -1.09 2.49 6.66
C VAL A 25 0.36 2.04 6.59
N LYS A 26 1.23 3.00 6.37
CA LYS A 26 2.65 2.76 6.27
C LYS A 26 3.25 2.63 7.64
N SER A 27 2.74 3.41 8.58
CA SER A 27 3.21 3.33 9.94
C SER A 27 2.66 2.07 10.59
N HIS A 28 1.79 1.38 9.84
CA HIS A 28 1.17 0.15 10.31
C HIS A 28 2.21 -0.94 10.56
N GLN A 29 2.00 -1.70 11.63
CA GLN A 29 2.90 -2.79 12.00
C GLN A 29 2.89 -3.90 10.94
N SER A 30 2.05 -3.74 9.94
CA SER A 30 1.93 -4.70 8.84
C SER A 30 2.40 -4.07 7.56
N ALA A 31 2.97 -2.91 7.71
CA ALA A 31 3.44 -2.14 6.59
C ALA A 31 4.94 -2.24 6.36
N TRP A 32 5.66 -2.97 7.18
CA TRP A 32 7.11 -3.03 7.00
C TRP A 32 7.53 -3.73 5.69
N PRO A 33 6.82 -4.77 5.19
CA PRO A 33 7.21 -5.39 3.94
C PRO A 33 6.93 -4.43 2.79
N PHE A 34 6.17 -3.37 3.10
CA PHE A 34 5.79 -2.39 2.12
C PHE A 34 6.36 -1.01 2.45
N MET A 35 6.82 -0.83 3.69
CA MET A 35 7.35 0.46 4.14
C MET A 35 8.31 1.05 3.13
N GLU A 36 9.05 0.17 2.50
CA GLU A 36 10.02 0.53 1.50
C GLU A 36 10.09 -0.55 0.44
N PRO A 37 10.52 -0.21 -0.78
CA PRO A 37 10.61 -1.17 -1.87
C PRO A 37 11.62 -2.24 -1.53
N VAL A 38 11.20 -3.47 -1.70
CA VAL A 38 12.05 -4.60 -1.41
C VAL A 38 13.35 -4.53 -2.21
N LYS A 39 14.28 -5.39 -1.87
CA LYS A 39 15.60 -5.39 -2.52
C LYS A 39 15.51 -5.86 -3.96
N ARG A 40 14.29 -6.00 -4.44
CA ARG A 40 14.06 -6.50 -5.79
C ARG A 40 14.58 -7.93 -5.87
N THR A 41 15.19 -8.40 -4.78
CA THR A 41 15.74 -9.74 -4.75
C THR A 41 15.55 -10.43 -3.40
N GLU A 42 15.23 -9.68 -2.34
CA GLU A 42 14.97 -10.32 -1.06
C GLU A 42 13.78 -11.16 -1.35
N ALA A 43 13.10 -10.62 -2.33
CA ALA A 43 11.92 -11.14 -2.91
C ALA A 43 12.31 -11.75 -4.24
N PRO A 44 12.62 -13.03 -4.17
CA PRO A 44 13.06 -13.81 -5.31
C PRO A 44 11.99 -13.89 -6.37
N GLY A 45 12.31 -13.36 -7.54
CA GLY A 45 11.35 -13.35 -8.62
C GLY A 45 10.29 -12.30 -8.36
N TYR A 46 10.53 -11.48 -7.33
CA TYR A 46 9.60 -10.42 -6.95
C TYR A 46 8.99 -9.71 -8.15
N TYR A 47 9.84 -9.07 -8.95
CA TYR A 47 9.38 -8.36 -10.13
C TYR A 47 8.80 -9.28 -11.20
N GLU A 48 9.08 -10.56 -11.07
CA GLU A 48 8.58 -11.55 -12.03
C GLU A 48 7.10 -11.81 -11.79
N VAL A 49 6.74 -11.90 -10.53
CA VAL A 49 5.38 -12.14 -10.10
C VAL A 49 4.66 -10.85 -9.94
N ILE A 50 5.40 -9.89 -9.45
CA ILE A 50 4.86 -8.61 -9.18
C ILE A 50 5.04 -7.62 -10.32
N ARG A 51 4.07 -7.58 -11.22
CA ARG A 51 4.11 -6.64 -12.33
C ARG A 51 4.07 -5.21 -11.79
N PHE A 52 3.56 -5.05 -10.57
CA PHE A 52 3.45 -3.72 -9.95
C PHE A 52 3.91 -3.71 -8.49
N PRO A 53 5.21 -3.87 -8.23
CA PRO A 53 5.73 -3.86 -6.87
C PRO A 53 5.70 -2.47 -6.25
N MET A 54 4.52 -2.07 -5.78
CA MET A 54 4.34 -0.79 -5.14
C MET A 54 4.44 -0.95 -3.64
N ASP A 55 4.94 0.08 -3.00
CA ASP A 55 5.12 0.07 -1.58
C ASP A 55 4.66 1.38 -0.97
N LEU A 56 4.69 1.47 0.35
CA LEU A 56 4.30 2.68 1.04
C LEU A 56 5.30 3.79 0.79
N LYS A 57 6.54 3.42 0.52
CA LYS A 57 7.56 4.39 0.21
C LYS A 57 7.28 4.97 -1.17
N THR A 58 7.00 4.06 -2.10
CA THR A 58 6.67 4.47 -3.46
C THR A 58 5.35 5.22 -3.43
N MET A 59 4.44 4.74 -2.57
CA MET A 59 3.16 5.40 -2.36
C MET A 59 3.45 6.84 -1.94
N SER A 60 4.12 6.97 -0.80
CA SER A 60 4.50 8.29 -0.26
C SER A 60 5.31 9.07 -1.27
N GLU A 61 6.05 8.36 -2.11
CA GLU A 61 6.83 8.99 -3.15
C GLU A 61 5.89 9.76 -4.05
N ARG A 62 4.89 9.03 -4.53
CA ARG A 62 3.86 9.58 -5.37
C ARG A 62 3.16 10.70 -4.64
N LEU A 63 2.89 10.43 -3.38
CA LEU A 63 2.23 11.35 -2.48
C LEU A 63 2.95 12.66 -2.44
N LYS A 64 4.24 12.57 -2.23
CA LYS A 64 5.04 13.75 -2.14
C LYS A 64 4.82 14.64 -3.34
N ASN A 65 4.93 14.05 -4.52
CA ASN A 65 4.76 14.77 -5.76
C ASN A 65 3.32 15.22 -5.94
N ARG A 66 2.48 14.85 -4.98
CA ARG A 66 1.06 15.16 -5.02
C ARG A 66 0.40 14.28 -6.07
N TYR A 67 1.20 13.36 -6.59
CA TYR A 67 0.78 12.42 -7.62
C TYR A 67 -0.65 11.98 -7.41
N TYR A 68 -1.02 11.66 -6.17
CA TYR A 68 -2.37 11.21 -5.88
C TYR A 68 -3.38 12.29 -6.11
N VAL A 69 -3.71 12.46 -7.37
CA VAL A 69 -4.70 13.42 -7.77
C VAL A 69 -6.04 12.74 -7.74
N SER A 70 -6.02 11.60 -7.08
CA SER A 70 -7.18 10.77 -6.96
C SER A 70 -6.93 9.69 -5.92
N LYS A 71 -7.80 9.58 -4.91
CA LYS A 71 -7.62 8.55 -3.89
C LYS A 71 -7.47 7.21 -4.57
N LYS A 72 -7.84 7.14 -5.85
CA LYS A 72 -7.74 5.90 -6.57
C LYS A 72 -6.28 5.56 -6.85
N LEU A 73 -5.49 6.56 -7.19
CA LEU A 73 -4.08 6.36 -7.40
C LEU A 73 -3.50 5.77 -6.16
N PHE A 74 -3.89 6.43 -5.12
CA PHE A 74 -3.52 6.15 -3.79
C PHE A 74 -3.97 4.78 -3.36
N MET A 75 -5.23 4.57 -3.48
CA MET A 75 -5.81 3.32 -3.10
C MET A 75 -5.19 2.23 -3.91
N ALA A 76 -5.31 2.33 -5.22
CA ALA A 76 -4.77 1.35 -6.14
C ALA A 76 -3.32 0.99 -5.83
N ASP A 77 -2.48 2.01 -5.69
CA ASP A 77 -1.06 1.77 -5.42
C ASP A 77 -0.84 1.20 -4.02
N LEU A 78 -1.40 1.82 -3.01
CA LEU A 78 -1.27 1.26 -1.67
C LEU A 78 -1.84 -0.13 -1.71
N GLN A 79 -2.87 -0.27 -2.52
CA GLN A 79 -3.55 -1.52 -2.71
C GLN A 79 -2.70 -2.38 -3.60
N ARG A 80 -1.81 -1.70 -4.29
CA ARG A 80 -0.86 -2.34 -5.16
C ARG A 80 0.23 -2.97 -4.30
N VAL A 81 0.41 -2.44 -3.08
CA VAL A 81 1.40 -3.00 -2.16
C VAL A 81 0.78 -4.18 -1.41
N PHE A 82 -0.47 -4.02 -0.98
CA PHE A 82 -1.18 -5.09 -0.30
C PHE A 82 -1.39 -6.23 -1.27
N THR A 83 -1.99 -5.91 -2.42
CA THR A 83 -2.26 -6.90 -3.45
C THR A 83 -0.99 -7.60 -3.90
N ASN A 84 0.07 -6.84 -4.20
CA ASN A 84 1.32 -7.45 -4.61
C ASN A 84 1.85 -8.33 -3.48
N CYS A 85 1.54 -7.95 -2.23
CA CYS A 85 1.98 -8.74 -1.10
C CYS A 85 1.17 -10.00 -1.00
N LYS A 86 -0.07 -9.85 -1.40
CA LYS A 86 -1.07 -10.89 -1.41
C LYS A 86 -0.94 -11.74 -2.68
N GLU A 87 -0.26 -11.16 -3.65
CA GLU A 87 -0.04 -11.77 -4.96
C GLU A 87 1.05 -12.81 -4.94
N TYR A 88 2.22 -12.32 -4.60
CA TYR A 88 3.45 -13.09 -4.57
C TYR A 88 3.57 -13.93 -3.32
N ASN A 89 3.55 -13.26 -2.20
CA ASN A 89 3.70 -13.92 -0.93
C ASN A 89 2.49 -14.78 -0.62
N PRO A 90 2.71 -15.87 0.14
CA PRO A 90 1.64 -16.76 0.59
C PRO A 90 0.99 -16.21 1.87
N PRO A 91 -0.30 -16.50 2.10
CA PRO A 91 -1.04 -16.00 3.28
C PRO A 91 -0.48 -16.52 4.60
N GLU A 92 0.72 -17.08 4.55
CA GLU A 92 1.36 -17.62 5.75
C GLU A 92 2.76 -17.01 5.93
N SER A 93 3.30 -16.43 4.86
CA SER A 93 4.63 -15.83 4.90
C SER A 93 4.65 -14.49 5.61
N GLU A 94 3.77 -14.32 6.60
CA GLU A 94 3.74 -13.10 7.38
C GLU A 94 3.24 -11.88 6.60
N TYR A 95 4.08 -11.34 5.71
CA TYR A 95 3.71 -10.13 4.96
C TYR A 95 2.33 -10.22 4.36
N TYR A 96 2.03 -11.34 3.69
CA TYR A 96 0.73 -11.51 3.05
C TYR A 96 -0.35 -11.03 3.98
N LYS A 97 -0.42 -11.62 5.15
CA LYS A 97 -1.41 -11.22 6.13
C LYS A 97 -1.33 -9.74 6.29
N CYS A 98 -0.14 -9.29 6.68
CA CYS A 98 0.14 -7.88 6.87
C CYS A 98 -0.45 -7.03 5.74
N ALA A 99 -0.57 -7.62 4.56
CA ALA A 99 -1.12 -6.92 3.42
C ALA A 99 -2.62 -6.76 3.64
N ASN A 100 -3.25 -7.86 3.99
CA ASN A 100 -4.67 -7.91 4.29
C ASN A 100 -4.97 -7.01 5.47
N ILE A 101 -4.14 -7.18 6.48
CA ILE A 101 -4.24 -6.45 7.73
C ILE A 101 -4.14 -4.97 7.50
N LEU A 102 -3.00 -4.54 6.98
CA LEU A 102 -2.79 -3.17 6.63
C LEU A 102 -3.96 -2.71 5.79
N GLU A 103 -4.19 -3.41 4.70
CA GLU A 103 -5.28 -3.11 3.78
C GLU A 103 -6.58 -2.81 4.54
N LYS A 104 -6.75 -3.41 5.70
CA LYS A 104 -7.93 -3.18 6.52
C LYS A 104 -7.80 -1.87 7.28
N PHE A 105 -6.74 -1.76 8.08
CA PHE A 105 -6.46 -0.54 8.83
C PHE A 105 -6.52 0.62 7.84
N PHE A 106 -5.70 0.50 6.81
CA PHE A 106 -5.66 1.45 5.72
C PHE A 106 -7.08 1.76 5.33
N PHE A 107 -7.91 0.72 5.19
CA PHE A 107 -9.30 0.92 4.84
C PHE A 107 -10.01 1.85 5.80
N SER A 108 -9.66 1.79 7.08
CA SER A 108 -10.28 2.69 8.05
C SER A 108 -9.75 4.10 7.88
N LYS A 109 -8.54 4.22 7.34
CA LYS A 109 -7.90 5.52 7.11
C LYS A 109 -8.39 6.21 5.86
N ILE A 110 -8.65 5.42 4.83
CA ILE A 110 -9.12 5.95 3.58
C ILE A 110 -10.58 6.32 3.77
N LYS A 111 -11.30 5.40 4.37
CA LYS A 111 -12.71 5.57 4.66
C LYS A 111 -12.89 6.88 5.39
N GLU A 112 -12.09 7.00 6.43
CA GLU A 112 -12.09 8.17 7.30
C GLU A 112 -11.81 9.42 6.51
N ALA A 113 -10.92 9.27 5.53
CA ALA A 113 -10.51 10.40 4.72
C ALA A 113 -11.30 10.55 3.42
N GLY A 114 -12.50 10.01 3.36
CA GLY A 114 -13.30 10.15 2.14
C GLY A 114 -12.59 9.57 0.93
N LEU A 115 -11.81 8.54 1.16
CA LEU A 115 -11.04 7.90 0.11
C LEU A 115 -11.85 6.80 -0.59
N ILE A 116 -11.71 5.56 -0.10
CA ILE A 116 -12.44 4.42 -0.62
C ILE A 116 -13.63 4.81 -1.47
N ASP A 117 -13.44 4.81 -2.76
CA ASP A 117 -14.49 5.17 -3.70
C ASP A 117 -14.49 4.24 -4.91
N LYS A 118 -13.59 3.26 -4.90
CA LYS A 118 -13.49 2.31 -6.00
C LYS A 118 -14.57 1.23 -5.89
N SER B 1 18.29 -19.91 -6.84
CA SER B 1 17.34 -18.98 -6.17
C SER B 1 17.99 -18.30 -4.97
N THR B 2 17.36 -17.23 -4.48
CA THR B 2 17.89 -16.50 -3.34
C THR B 2 16.80 -16.22 -2.31
N GLY B 3 17.17 -16.26 -1.04
CA GLY B 3 16.22 -16.01 0.03
C GLY B 3 16.87 -15.34 1.22
N GLY B 4 16.93 -14.01 1.19
CA GLY B 4 17.55 -13.26 2.27
C GLY B 4 16.59 -13.00 3.42
N VAL B 5 15.53 -12.25 3.15
CA VAL B 5 14.54 -11.93 4.17
C VAL B 5 13.12 -12.07 3.65
OH ALY B 6 5.58 -8.79 1.03
CH ALY B 6 6.49 -8.10 0.55
CH3 ALY B 6 6.18 -6.66 0.13
NZ ALY B 6 7.76 -8.53 0.58
CE ALY B 6 8.76 -8.20 -0.45
CD ALY B 6 10.14 -8.73 -0.10
CG ALY B 6 10.10 -10.19 0.22
CB ALY B 6 11.47 -10.63 0.64
CA ALY B 6 11.50 -11.47 1.93
N ALY B 6 12.84 -11.44 2.52
C ALY B 6 11.03 -12.89 1.66
O ALY B 6 11.18 -13.40 0.55
HH31 ALY B 6 5.67 -6.66 -0.82
HH32 ALY B 6 5.54 -6.18 0.89
HH33 ALY B 6 7.11 -6.11 0.05
HZ ALY B 6 8.10 -8.91 1.41
HE3 ALY B 6 8.45 -8.62 -1.39
HE2 ALY B 6 8.81 -7.13 -0.53
HD3 ALY B 6 10.81 -8.63 -0.96
HD2 ALY B 6 10.53 -8.19 0.76
HG3 ALY B 6 9.38 -10.37 1.00
HG2 ALY B 6 9.83 -10.71 -0.69
HB3 ALY B 6 11.91 -11.17 -0.18
HB2 ALY B 6 12.07 -9.75 0.81
HA ALY B 6 10.82 -11.02 2.63
H ALY B 6 13.54 -10.93 2.07
N LYS B 7 10.47 -13.51 2.71
CA LYS B 7 9.95 -14.88 2.66
C LYS B 7 9.61 -15.28 1.23
N PRO B 8 10.60 -15.84 0.52
CA PRO B 8 10.46 -16.25 -0.87
C PRO B 8 9.19 -17.06 -1.13
N HIS B 9 8.82 -17.16 -2.41
CA HIS B 9 7.65 -17.92 -2.84
C HIS B 9 7.41 -17.73 -4.33
N ARG B 10 8.19 -18.44 -5.14
CA ARG B 10 8.09 -18.37 -6.60
C ARG B 10 6.63 -18.29 -7.05
N TYR B 11 6.23 -17.12 -7.54
CA TYR B 11 4.87 -16.91 -8.01
C TYR B 11 4.86 -16.48 -9.47
N LYS B 12 3.69 -16.58 -10.10
CA LYS B 12 3.53 -16.21 -11.50
C LYS B 12 4.39 -17.08 -12.39
N CYS B 13 3.82 -18.19 -12.87
CA CYS B 13 4.54 -19.11 -13.74
C CYS B 13 3.94 -19.12 -15.14
N GLY A 1 -29.35 8.67 -2.07
CA GLY A 1 -29.00 10.10 -1.86
C GLY A 1 -28.55 10.39 -0.43
N SER A 2 -28.79 9.44 0.46
CA SER A 2 -28.41 9.59 1.86
C SER A 2 -27.12 8.83 2.17
N HIS A 3 -26.23 8.79 1.17
CA HIS A 3 -24.96 8.09 1.33
C HIS A 3 -23.79 9.08 1.26
N MET A 4 -23.32 9.52 2.42
CA MET A 4 -22.20 10.47 2.48
C MET A 4 -21.09 9.94 3.38
N SER A 5 -19.85 10.11 2.94
CA SER A 5 -18.70 9.65 3.71
C SER A 5 -17.49 10.56 3.49
N LYS A 6 -17.76 11.77 2.99
CA LYS A 6 -16.72 12.75 2.72
C LYS A 6 -15.90 12.35 1.51
N GLU A 7 -15.25 13.32 0.89
CA GLU A 7 -14.45 13.06 -0.28
C GLU A 7 -13.57 14.25 -0.63
N PRO A 8 -12.26 14.13 -0.40
CA PRO A 8 -11.27 15.17 -0.69
C PRO A 8 -11.35 15.65 -2.14
N ARG A 9 -11.35 14.69 -3.06
CA ARG A 9 -11.43 14.97 -4.50
C ARG A 9 -10.20 15.70 -5.04
N ASP A 10 -10.03 16.95 -4.64
CA ASP A 10 -8.90 17.75 -5.09
C ASP A 10 -7.59 16.97 -5.03
N PRO A 11 -6.60 17.39 -5.84
CA PRO A 11 -5.30 16.73 -5.91
C PRO A 11 -4.41 17.10 -4.74
N ASP A 12 -4.70 18.24 -4.13
CA ASP A 12 -3.94 18.72 -2.98
C ASP A 12 -4.64 18.23 -1.72
N GLN A 13 -5.97 18.24 -1.77
CA GLN A 13 -6.76 17.75 -0.67
C GLN A 13 -6.43 16.29 -0.44
N LEU A 14 -6.40 15.54 -1.54
CA LEU A 14 -6.06 14.13 -1.51
C LEU A 14 -4.59 13.96 -1.21
N TYR A 15 -3.74 14.65 -1.95
CA TYR A 15 -2.31 14.56 -1.72
C TYR A 15 -2.01 14.46 -0.25
N SER A 16 -2.38 15.46 0.52
CA SER A 16 -2.09 15.39 1.93
C SER A 16 -3.13 14.62 2.72
N THR A 17 -4.31 14.43 2.17
CA THR A 17 -5.32 13.63 2.86
C THR A 17 -4.69 12.28 2.98
N LEU A 18 -4.44 11.76 1.80
CA LEU A 18 -3.81 10.51 1.60
C LEU A 18 -2.44 10.52 2.29
N LYS A 19 -1.80 11.69 2.33
CA LYS A 19 -0.50 11.80 2.98
C LYS A 19 -0.62 11.30 4.39
N SER A 20 -1.83 11.40 4.93
CA SER A 20 -2.10 10.95 6.29
C SER A 20 -2.47 9.48 6.27
N ILE A 21 -3.40 9.09 5.39
CA ILE A 21 -3.75 7.69 5.29
C ILE A 21 -2.47 6.92 5.11
N LEU A 22 -1.79 7.18 4.01
CA LEU A 22 -0.50 6.55 3.73
C LEU A 22 0.34 6.53 4.99
N GLN A 23 0.60 7.71 5.52
CA GLN A 23 1.38 7.87 6.74
C GLN A 23 0.94 6.87 7.81
N GLN A 24 -0.36 6.60 7.84
CA GLN A 24 -0.94 5.70 8.82
C GLN A 24 -0.78 4.23 8.43
N VAL A 25 -1.28 3.88 7.25
CA VAL A 25 -1.21 2.54 6.73
C VAL A 25 0.24 2.10 6.69
N LYS A 26 1.10 3.07 6.49
CA LYS A 26 2.53 2.86 6.41
C LYS A 26 3.11 2.75 7.80
N SER A 27 2.53 3.49 8.73
CA SER A 27 2.98 3.43 10.10
C SER A 27 2.39 2.19 10.74
N HIS A 28 1.60 1.47 9.95
CA HIS A 28 0.96 0.26 10.42
C HIS A 28 2.01 -0.82 10.72
N GLN A 29 1.77 -1.55 11.79
CA GLN A 29 2.65 -2.63 12.22
C GLN A 29 2.76 -3.72 11.16
N SER A 30 1.87 -3.65 10.19
CA SER A 30 1.84 -4.60 9.08
C SER A 30 2.34 -3.93 7.82
N ALA A 31 2.89 -2.75 7.99
CA ALA A 31 3.39 -1.99 6.89
C ALA A 31 4.90 -2.05 6.71
N TRP A 32 5.62 -2.71 7.62
CA TRP A 32 7.07 -2.77 7.52
C TRP A 32 7.59 -3.41 6.22
N PRO A 33 6.89 -4.41 5.64
CA PRO A 33 7.33 -5.03 4.38
C PRO A 33 7.05 -4.13 3.20
N PHE A 34 6.14 -3.19 3.43
CA PHE A 34 5.73 -2.26 2.40
C PHE A 34 6.28 -0.87 2.67
N MET A 35 6.73 -0.65 3.90
CA MET A 35 7.26 0.64 4.32
C MET A 35 8.23 1.21 3.32
N GLU A 36 8.85 0.32 2.56
CA GLU A 36 9.79 0.70 1.54
C GLU A 36 9.83 -0.36 0.44
N PRO A 37 10.29 0.01 -0.76
CA PRO A 37 10.37 -0.89 -1.90
C PRO A 37 11.48 -1.90 -1.76
N VAL A 38 11.15 -3.15 -2.03
CA VAL A 38 12.10 -4.23 -1.95
C VAL A 38 13.25 -4.02 -2.91
N LYS A 39 14.29 -4.77 -2.65
CA LYS A 39 15.54 -4.73 -3.38
C LYS A 39 15.40 -5.40 -4.75
N ARG A 40 14.18 -5.72 -5.11
CA ARG A 40 13.91 -6.44 -6.34
C ARG A 40 14.61 -7.79 -6.29
N THR A 41 15.23 -8.07 -5.14
CA THR A 41 15.93 -9.32 -4.95
C THR A 41 15.76 -9.88 -3.54
N GLU A 42 15.42 -9.05 -2.55
CA GLU A 42 15.17 -9.58 -1.21
C GLU A 42 13.98 -10.42 -1.41
N ALA A 43 13.32 -10.00 -2.47
CA ALA A 43 12.15 -10.60 -2.97
C ALA A 43 12.53 -11.34 -4.23
N PRO A 44 12.86 -12.60 -4.03
CA PRO A 44 13.31 -13.49 -5.10
C PRO A 44 12.26 -13.70 -6.16
N GLY A 45 12.51 -13.13 -7.33
CA GLY A 45 11.55 -13.22 -8.41
C GLY A 45 10.46 -12.20 -8.24
N TYR A 46 10.69 -11.28 -7.30
CA TYR A 46 9.74 -10.20 -7.00
C TYR A 46 9.09 -9.62 -8.23
N TYR A 47 9.88 -9.00 -9.07
CA TYR A 47 9.38 -8.38 -10.29
C TYR A 47 8.74 -9.36 -11.26
N GLU A 48 9.01 -10.65 -11.09
CA GLU A 48 8.45 -11.66 -11.98
C GLU A 48 6.96 -11.86 -11.66
N VAL A 49 6.68 -11.99 -10.38
CA VAL A 49 5.34 -12.19 -9.87
C VAL A 49 4.68 -10.85 -9.77
N ILE A 50 5.34 -10.01 -9.04
CA ILE A 50 4.88 -8.69 -8.77
C ILE A 50 4.97 -7.81 -10.01
N ARG A 51 3.89 -7.83 -10.77
CA ARG A 51 3.79 -7.05 -11.98
C ARG A 51 3.96 -5.57 -11.69
N PHE A 52 3.39 -5.12 -10.56
CA PHE A 52 3.47 -3.69 -10.21
C PHE A 52 3.90 -3.47 -8.76
N PRO A 53 5.18 -3.71 -8.47
CA PRO A 53 5.76 -3.49 -7.15
C PRO A 53 5.42 -2.14 -6.54
N MET A 54 4.57 -2.17 -5.52
CA MET A 54 4.19 -0.94 -4.83
C MET A 54 4.50 -1.05 -3.37
N ASP A 55 4.75 0.08 -2.76
CA ASP A 55 5.06 0.14 -1.36
C ASP A 55 4.53 1.43 -0.77
N LEU A 56 4.60 1.53 0.54
CA LEU A 56 4.14 2.72 1.23
C LEU A 56 5.10 3.88 1.01
N LYS A 57 6.37 3.56 0.77
CA LYS A 57 7.32 4.61 0.47
C LYS A 57 7.14 5.01 -0.98
N THR A 58 6.91 4.01 -1.83
CA THR A 58 6.65 4.28 -3.24
C THR A 58 5.35 5.04 -3.31
N MET A 59 4.39 4.61 -2.49
CA MET A 59 3.11 5.30 -2.34
C MET A 59 3.43 6.73 -1.94
N SER A 60 4.06 6.86 -0.78
CA SER A 60 4.44 8.17 -0.26
C SER A 60 5.32 8.92 -1.25
N GLU A 61 6.01 8.17 -2.10
CA GLU A 61 6.85 8.76 -3.11
C GLU A 61 5.97 9.61 -4.00
N ARG A 62 4.93 8.95 -4.50
CA ARG A 62 3.95 9.57 -5.35
C ARG A 62 3.34 10.73 -4.58
N LEU A 63 2.90 10.39 -3.39
CA LEU A 63 2.29 11.31 -2.45
C LEU A 63 3.10 12.57 -2.36
N LYS A 64 4.36 12.39 -2.13
CA LYS A 64 5.24 13.50 -1.98
C LYS A 64 5.11 14.45 -3.15
N ASN A 65 5.17 13.88 -4.35
CA ASN A 65 5.07 14.66 -5.57
C ASN A 65 3.65 15.13 -5.79
N ARG A 66 2.76 14.76 -4.87
CA ARG A 66 1.34 15.11 -4.96
C ARG A 66 0.72 14.31 -6.10
N TYR A 67 1.41 13.24 -6.47
CA TYR A 67 0.99 12.39 -7.55
C TYR A 67 -0.46 11.96 -7.40
N TYR A 68 -0.88 11.69 -6.15
CA TYR A 68 -2.24 11.25 -5.90
C TYR A 68 -3.25 12.35 -6.14
N VAL A 69 -3.50 12.59 -7.42
CA VAL A 69 -4.48 13.56 -7.81
C VAL A 69 -5.83 12.90 -7.79
N SER A 70 -5.82 11.72 -7.19
CA SER A 70 -6.97 10.89 -7.07
C SER A 70 -6.73 9.85 -5.99
N LYS A 71 -7.60 9.80 -4.98
CA LYS A 71 -7.45 8.83 -3.90
C LYS A 71 -7.40 7.43 -4.48
N LYS A 72 -7.77 7.31 -5.76
CA LYS A 72 -7.75 6.02 -6.43
C LYS A 72 -6.34 5.66 -6.83
N LEU A 73 -5.52 6.67 -7.14
CA LEU A 73 -4.12 6.43 -7.44
C LEU A 73 -3.54 5.82 -6.21
N PHE A 74 -3.89 6.50 -5.18
CA PHE A 74 -3.54 6.20 -3.84
C PHE A 74 -4.07 4.86 -3.43
N MET A 75 -5.32 4.63 -3.77
CA MET A 75 -5.95 3.40 -3.45
C MET A 75 -5.24 2.29 -4.18
N ALA A 76 -5.33 2.35 -5.49
CA ALA A 76 -4.72 1.37 -6.37
C ALA A 76 -3.31 0.99 -5.97
N ASP A 77 -2.47 1.99 -5.76
CA ASP A 77 -1.07 1.75 -5.41
C ASP A 77 -0.91 1.18 -4.01
N LEU A 78 -1.44 1.84 -2.98
CA LEU A 78 -1.34 1.27 -1.65
C LEU A 78 -1.93 -0.11 -1.71
N GLN A 79 -2.97 -0.21 -2.51
CA GLN A 79 -3.66 -1.46 -2.72
C GLN A 79 -2.76 -2.36 -3.51
N ARG A 80 -1.91 -1.71 -4.29
CA ARG A 80 -0.95 -2.37 -5.12
C ARG A 80 0.10 -3.03 -4.24
N VAL A 81 0.30 -2.49 -3.03
CA VAL A 81 1.25 -3.09 -2.10
C VAL A 81 0.60 -4.30 -1.46
N PHE A 82 -0.54 -4.09 -0.79
CA PHE A 82 -1.26 -5.19 -0.14
C PHE A 82 -1.47 -6.35 -1.12
N THR A 83 -1.99 -6.02 -2.29
CA THR A 83 -2.27 -7.02 -3.32
C THR A 83 -0.99 -7.71 -3.80
N ASN A 84 0.07 -6.93 -4.03
CA ASN A 84 1.32 -7.52 -4.46
C ASN A 84 1.93 -8.31 -3.31
N CYS A 85 1.55 -7.92 -2.10
CA CYS A 85 2.02 -8.58 -0.92
C CYS A 85 1.21 -9.86 -0.71
N LYS A 86 0.00 -9.80 -1.24
CA LYS A 86 -0.94 -10.90 -1.24
C LYS A 86 -0.70 -11.81 -2.44
N GLU A 87 -0.13 -11.21 -3.48
CA GLU A 87 0.14 -11.90 -4.74
C GLU A 87 1.28 -12.87 -4.68
N TYR A 88 2.43 -12.31 -4.39
CA TYR A 88 3.68 -13.03 -4.32
C TYR A 88 3.75 -13.89 -3.09
N ASN A 89 3.58 -13.26 -1.97
CA ASN A 89 3.67 -13.93 -0.69
C ASN A 89 2.54 -14.91 -0.44
N PRO A 90 2.77 -15.82 0.51
CA PRO A 90 1.77 -16.76 1.02
C PRO A 90 1.19 -16.20 2.33
N PRO A 91 -0.13 -16.37 2.59
CA PRO A 91 -0.76 -15.85 3.82
C PRO A 91 -0.12 -16.40 5.10
N GLU A 92 1.04 -17.05 4.96
CA GLU A 92 1.73 -17.64 6.08
C GLU A 92 3.11 -17.01 6.28
N SER A 93 3.68 -16.49 5.21
CA SER A 93 5.03 -15.89 5.26
C SER A 93 5.15 -14.90 6.40
N GLU A 94 4.88 -13.64 6.11
CA GLU A 94 4.97 -12.59 7.09
C GLU A 94 4.23 -11.35 6.63
N TYR A 95 4.52 -10.91 5.41
CA TYR A 95 3.89 -9.71 4.92
C TYR A 95 2.52 -9.95 4.27
N TYR A 96 2.25 -11.15 3.82
CA TYR A 96 0.96 -11.43 3.20
C TYR A 96 -0.17 -10.99 4.13
N LYS A 97 -0.23 -11.57 5.33
CA LYS A 97 -1.28 -11.21 6.27
C LYS A 97 -1.20 -9.72 6.54
N CYS A 98 0.01 -9.23 6.75
CA CYS A 98 0.23 -7.82 7.00
C CYS A 98 -0.39 -6.99 5.89
N ALA A 99 -0.48 -7.57 4.71
CA ALA A 99 -1.05 -6.90 3.58
C ALA A 99 -2.54 -6.76 3.77
N ASN A 100 -3.16 -7.86 4.13
CA ASN A 100 -4.59 -7.92 4.40
C ASN A 100 -4.92 -7.07 5.62
N ILE A 101 -4.06 -7.20 6.62
CA ILE A 101 -4.21 -6.49 7.87
C ILE A 101 -4.17 -5.00 7.62
N LEU A 102 -3.05 -4.54 7.11
CA LEU A 102 -2.88 -3.16 6.73
C LEU A 102 -4.06 -2.74 5.89
N GLU A 103 -4.29 -3.48 4.82
CA GLU A 103 -5.37 -3.22 3.90
C GLU A 103 -6.68 -2.92 4.64
N LYS A 104 -6.84 -3.52 5.83
CA LYS A 104 -8.03 -3.29 6.65
C LYS A 104 -7.92 -1.95 7.37
N PHE A 105 -6.88 -1.79 8.18
CA PHE A 105 -6.63 -0.54 8.90
C PHE A 105 -6.70 0.59 7.89
N PHE A 106 -5.85 0.47 6.89
CA PHE A 106 -5.79 1.41 5.80
C PHE A 106 -7.20 1.68 5.32
N PHE A 107 -8.00 0.62 5.14
CA PHE A 107 -9.38 0.78 4.69
C PHE A 107 -10.17 1.73 5.57
N SER A 108 -9.89 1.74 6.86
CA SER A 108 -10.60 2.64 7.76
C SER A 108 -10.02 4.04 7.67
N LYS A 109 -8.75 4.14 7.24
CA LYS A 109 -8.07 5.43 7.07
C LYS A 109 -8.64 6.13 5.86
N ILE A 110 -8.51 5.50 4.73
CA ILE A 110 -9.07 6.02 3.50
C ILE A 110 -10.52 6.37 3.73
N LYS A 111 -11.21 5.42 4.36
CA LYS A 111 -12.63 5.57 4.68
C LYS A 111 -12.86 6.88 5.41
N GLU A 112 -12.05 7.05 6.45
CA GLU A 112 -12.10 8.23 7.29
C GLU A 112 -11.81 9.47 6.50
N ALA A 113 -10.93 9.35 5.53
CA ALA A 113 -10.53 10.47 4.72
C ALA A 113 -11.34 10.61 3.43
N GLY A 114 -12.52 10.01 3.41
CA GLY A 114 -13.36 10.08 2.23
C GLY A 114 -12.61 9.63 0.98
N LEU A 115 -11.87 8.55 1.13
CA LEU A 115 -11.06 8.01 0.05
C LEU A 115 -11.85 6.96 -0.72
N ILE A 116 -11.52 5.70 -0.51
CA ILE A 116 -12.18 4.57 -1.13
C ILE A 116 -13.25 4.99 -2.16
N ASP A 117 -14.53 4.69 -1.90
CA ASP A 117 -15.60 5.06 -2.81
C ASP A 117 -15.44 4.40 -4.19
N LYS A 118 -14.35 3.67 -4.39
CA LYS A 118 -14.10 3.00 -5.66
C LYS A 118 -15.28 2.11 -6.05
N SER B 1 11.00 -8.24 17.21
CA SER B 1 11.30 -9.10 16.03
C SER B 1 10.88 -8.40 14.73
N THR B 2 11.88 -7.87 14.02
CA THR B 2 11.63 -7.18 12.76
C THR B 2 12.13 -7.99 11.58
N GLY B 3 11.81 -7.54 10.37
CA GLY B 3 12.24 -8.25 9.17
C GLY B 3 12.61 -7.32 8.04
N GLY B 4 13.63 -7.70 7.27
CA GLY B 4 14.06 -6.89 6.15
C GLY B 4 14.71 -7.73 5.06
N VAL B 5 14.11 -8.89 4.79
CA VAL B 5 14.62 -9.79 3.76
C VAL B 5 13.57 -10.09 2.71
OH ALY B 6 7.18 -8.03 1.30
CH ALY B 6 7.12 -7.24 0.35
CH3 ALY B 6 6.10 -6.11 0.38
NZ ALY B 6 7.97 -7.31 -0.68
CE ALY B 6 8.37 -8.55 -1.32
CD ALY B 6 9.42 -9.28 -0.51
CG ALY B 6 10.57 -8.39 -0.16
CB ALY B 6 11.67 -9.18 0.50
CA ALY B 6 11.29 -9.66 1.92
N ALY B 6 12.40 -9.46 2.85
C ALY B 6 10.86 -11.12 1.90
O ALY B 6 10.40 -11.63 0.88
HH31 ALY B 6 5.38 -6.26 -0.42
HH32 ALY B 6 5.58 -6.10 1.33
HH33 ALY B 6 6.60 -5.16 0.23
HZ ALY B 6 8.30 -6.47 -1.06
HE3 ALY B 6 7.50 -9.19 -1.43
HE2 ALY B 6 8.77 -8.33 -2.30
HD3 ALY B 6 8.97 -9.66 0.40
HD2 ALY B 6 9.81 -10.11 -1.09
HG3 ALY B 6 10.96 -7.96 -1.08
HG2 ALY B 6 10.24 -7.61 0.50
HB3 ALY B 6 11.90 -10.03 -0.13
HB2 ALY B 6 12.55 -8.57 0.57
HA ALY B 6 10.47 -9.07 2.28
H ALY B 6 12.28 -8.85 3.60
N LYS B 7 11.02 -11.79 3.05
CA LYS B 7 10.64 -13.19 3.22
C LYS B 7 10.67 -13.96 1.90
N PRO B 8 11.87 -14.25 1.38
CA PRO B 8 12.04 -14.97 0.12
C PRO B 8 11.16 -16.21 0.02
N HIS B 9 10.02 -16.07 -0.65
CA HIS B 9 9.11 -17.18 -0.83
C HIS B 9 9.19 -17.70 -2.27
N ARG B 10 8.95 -18.99 -2.44
CA ARG B 10 9.00 -19.61 -3.77
C ARG B 10 7.81 -19.26 -4.64
N TYR B 11 7.92 -18.14 -5.35
CA TYR B 11 6.87 -17.70 -6.26
C TYR B 11 7.47 -17.23 -7.57
N LYS B 12 8.56 -17.88 -7.95
CA LYS B 12 9.26 -17.53 -9.19
C LYS B 12 9.81 -18.79 -9.87
N CYS B 13 10.45 -18.58 -11.02
CA CYS B 13 11.03 -19.68 -11.78
C CYS B 13 12.41 -19.32 -12.32
N GLY A 1 -26.91 13.47 9.16
CA GLY A 1 -26.53 14.84 8.74
C GLY A 1 -25.26 14.87 7.90
N SER A 2 -24.12 14.94 8.56
CA SER A 2 -22.83 14.97 7.86
C SER A 2 -22.57 13.63 7.17
N HIS A 3 -22.37 13.68 5.87
CA HIS A 3 -22.10 12.47 5.08
C HIS A 3 -21.41 12.81 3.76
N MET A 4 -21.74 13.98 3.21
CA MET A 4 -21.18 14.42 1.95
C MET A 4 -20.03 15.40 2.19
N SER A 5 -19.29 15.19 3.27
CA SER A 5 -18.16 16.05 3.61
C SER A 5 -16.94 15.22 3.99
N LYS A 6 -16.82 14.04 3.38
CA LYS A 6 -15.70 13.15 3.65
C LYS A 6 -14.73 13.11 2.47
N GLU A 7 -15.27 12.83 1.28
CA GLU A 7 -14.45 12.77 0.06
C GLU A 7 -13.62 14.03 -0.09
N PRO A 8 -12.29 13.88 -0.02
CA PRO A 8 -11.33 14.98 -0.14
C PRO A 8 -11.46 15.77 -1.43
N ARG A 9 -11.43 15.05 -2.55
CA ARG A 9 -11.51 15.67 -3.86
C ARG A 9 -10.32 16.57 -4.08
N ASP A 10 -10.01 16.87 -5.34
CA ASP A 10 -8.86 17.71 -5.66
C ASP A 10 -7.55 17.02 -5.29
N PRO A 11 -6.59 17.12 -6.19
CA PRO A 11 -5.27 16.52 -6.03
C PRO A 11 -4.52 16.98 -4.79
N ASP A 12 -4.95 18.07 -4.19
CA ASP A 12 -4.29 18.60 -3.00
C ASP A 12 -4.95 18.05 -1.74
N GLN A 13 -6.28 18.19 -1.64
CA GLN A 13 -6.98 17.69 -0.46
C GLN A 13 -6.64 16.22 -0.29
N LEU A 14 -6.56 15.50 -1.41
CA LEU A 14 -6.22 14.09 -1.40
C LEU A 14 -4.74 13.92 -1.13
N TYR A 15 -3.90 14.60 -1.91
CA TYR A 15 -2.47 14.51 -1.72
C TYR A 15 -2.13 14.41 -0.26
N SER A 16 -2.49 15.40 0.52
CA SER A 16 -2.16 15.35 1.92
C SER A 16 -3.18 14.57 2.74
N THR A 17 -4.38 14.36 2.22
CA THR A 17 -5.35 13.56 2.96
C THR A 17 -4.72 12.21 3.04
N LEU A 18 -4.50 11.70 1.86
CA LEU A 18 -3.85 10.45 1.64
C LEU A 18 -2.47 10.46 2.30
N LYS A 19 -1.84 11.65 2.31
CA LYS A 19 -0.53 11.78 2.93
C LYS A 19 -0.61 11.28 4.36
N SER A 20 -1.81 11.37 4.91
CA SER A 20 -2.06 10.92 6.27
C SER A 20 -2.40 9.44 6.27
N ILE A 21 -3.36 9.04 5.41
CA ILE A 21 -3.69 7.63 5.31
C ILE A 21 -2.40 6.88 5.13
N LEU A 22 -1.72 7.15 4.03
CA LEU A 22 -0.44 6.54 3.73
C LEU A 22 0.42 6.53 4.98
N GLN A 23 0.69 7.73 5.48
CA GLN A 23 1.49 7.92 6.69
C GLN A 23 1.04 6.97 7.80
N GLN A 24 -0.23 6.63 7.78
CA GLN A 24 -0.84 5.75 8.77
C GLN A 24 -0.71 4.26 8.40
N VAL A 25 -1.21 3.89 7.22
CA VAL A 25 -1.15 2.53 6.73
C VAL A 25 0.28 2.08 6.71
N LYS A 26 1.16 3.05 6.52
CA LYS A 26 2.57 2.80 6.51
C LYS A 26 3.05 2.64 7.92
N SER A 27 2.72 3.61 8.77
CA SER A 27 3.10 3.52 10.16
C SER A 27 2.52 2.26 10.77
N HIS A 28 1.63 1.61 10.02
CA HIS A 28 1.00 0.39 10.45
C HIS A 28 2.04 -0.70 10.72
N GLN A 29 1.79 -1.45 11.77
CA GLN A 29 2.65 -2.54 12.19
C GLN A 29 2.73 -3.65 11.14
N SER A 30 1.77 -3.63 10.24
CA SER A 30 1.70 -4.62 9.14
C SER A 30 2.25 -4.02 7.87
N ALA A 31 2.86 -2.87 8.02
CA ALA A 31 3.39 -2.15 6.89
C ALA A 31 4.90 -2.28 6.73
N TRP A 32 5.58 -3.04 7.58
CA TRP A 32 7.03 -3.13 7.48
C TRP A 32 7.52 -3.74 6.16
N PRO A 33 6.79 -4.68 5.52
CA PRO A 33 7.22 -5.26 4.25
C PRO A 33 6.95 -4.32 3.09
N PHE A 34 6.13 -3.31 3.36
CA PHE A 34 5.74 -2.35 2.34
C PHE A 34 6.33 -0.96 2.63
N MET A 35 6.76 -0.78 3.88
CA MET A 35 7.31 0.50 4.35
C MET A 35 8.15 1.17 3.28
N GLU A 36 8.91 0.37 2.58
CA GLU A 36 9.77 0.84 1.52
C GLU A 36 9.94 -0.25 0.49
N PRO A 37 10.39 0.10 -0.71
CA PRO A 37 10.57 -0.87 -1.78
C PRO A 37 11.67 -1.84 -1.44
N VAL A 38 11.34 -3.11 -1.54
CA VAL A 38 12.27 -4.17 -1.22
C VAL A 38 13.51 -4.06 -2.10
N LYS A 39 14.52 -4.86 -1.81
CA LYS A 39 15.78 -4.81 -2.53
C LYS A 39 15.63 -5.38 -3.92
N ARG A 40 14.39 -5.63 -4.32
CA ARG A 40 14.13 -6.25 -5.60
C ARG A 40 14.80 -7.61 -5.60
N THR A 41 15.36 -7.98 -4.44
CA THR A 41 16.04 -9.25 -4.29
C THR A 41 15.86 -9.88 -2.92
N GLU A 42 15.48 -9.09 -1.88
CA GLU A 42 15.23 -9.72 -0.58
C GLU A 42 14.12 -10.66 -0.88
N ALA A 43 13.42 -10.16 -1.87
CA ALA A 43 12.28 -10.76 -2.46
C ALA A 43 12.73 -11.40 -3.76
N PRO A 44 13.04 -12.67 -3.66
CA PRO A 44 13.51 -13.47 -4.78
C PRO A 44 12.51 -13.56 -5.90
N GLY A 45 12.89 -13.05 -7.06
CA GLY A 45 12.00 -13.04 -8.19
C GLY A 45 10.88 -12.05 -7.99
N TYR A 46 11.02 -11.23 -6.95
CA TYR A 46 10.03 -10.22 -6.60
C TYR A 46 9.45 -9.52 -7.82
N TYR A 47 10.27 -8.79 -8.53
CA TYR A 47 9.83 -8.05 -9.72
C TYR A 47 9.25 -8.95 -10.81
N GLU A 48 9.50 -10.24 -10.73
CA GLU A 48 8.99 -11.17 -11.73
C GLU A 48 7.52 -11.48 -11.47
N VAL A 49 7.23 -11.78 -10.21
CA VAL A 49 5.87 -12.09 -9.77
C VAL A 49 5.13 -10.80 -9.59
N ILE A 50 5.80 -9.94 -8.88
CA ILE A 50 5.30 -8.64 -8.55
C ILE A 50 5.47 -7.65 -9.69
N ARG A 51 4.50 -7.64 -10.58
CA ARG A 51 4.52 -6.74 -11.73
C ARG A 51 4.57 -5.28 -11.28
N PHE A 52 3.81 -4.95 -10.23
CA PHE A 52 3.78 -3.58 -9.71
C PHE A 52 4.14 -3.55 -8.24
N PRO A 53 5.42 -3.74 -7.90
CA PRO A 53 5.86 -3.73 -6.51
C PRO A 53 5.73 -2.36 -5.86
N MET A 54 4.51 -2.06 -5.45
CA MET A 54 4.22 -0.80 -4.77
C MET A 54 4.59 -0.93 -3.33
N ASP A 55 4.79 0.19 -2.71
CA ASP A 55 5.15 0.24 -1.33
C ASP A 55 4.58 1.49 -0.69
N LEU A 56 4.69 1.59 0.61
CA LEU A 56 4.21 2.75 1.33
C LEU A 56 5.12 3.94 1.09
N LYS A 57 6.38 3.67 0.82
CA LYS A 57 7.30 4.74 0.49
C LYS A 57 7.11 5.08 -0.97
N THR A 58 6.91 4.05 -1.79
CA THR A 58 6.63 4.26 -3.20
C THR A 58 5.32 5.01 -3.30
N MET A 59 4.37 4.59 -2.47
CA MET A 59 3.08 5.26 -2.34
C MET A 59 3.39 6.70 -1.95
N SER A 60 4.04 6.86 -0.81
CA SER A 60 4.44 8.17 -0.31
C SER A 60 5.27 8.92 -1.33
N GLU A 61 5.94 8.17 -2.20
CA GLU A 61 6.74 8.76 -3.24
C GLU A 61 5.82 9.55 -4.13
N ARG A 62 4.80 8.84 -4.59
CA ARG A 62 3.77 9.40 -5.43
C ARG A 62 3.10 10.54 -4.68
N LEU A 63 2.84 10.27 -3.42
CA LEU A 63 2.21 11.21 -2.52
C LEU A 63 2.97 12.50 -2.47
N LYS A 64 4.25 12.37 -2.27
CA LYS A 64 5.09 13.51 -2.16
C LYS A 64 4.89 14.42 -3.36
N ASN A 65 4.96 13.82 -4.54
CA ASN A 65 4.80 14.56 -5.79
C ASN A 65 3.36 15.01 -5.98
N ARG A 66 2.52 14.65 -5.02
CA ARG A 66 1.09 14.98 -5.06
C ARG A 66 0.43 14.10 -6.11
N TYR A 67 1.23 13.18 -6.65
CA TYR A 67 0.79 12.25 -7.67
C TYR A 67 -0.65 11.81 -7.45
N TYR A 68 -1.03 11.52 -6.21
CA TYR A 68 -2.38 11.08 -5.91
C TYR A 68 -3.39 12.17 -6.17
N VAL A 69 -3.67 12.38 -7.44
CA VAL A 69 -4.65 13.36 -7.86
C VAL A 69 -6.00 12.72 -7.72
N SER A 70 -5.98 11.56 -7.07
CA SER A 70 -7.15 10.76 -6.86
C SER A 70 -6.85 9.68 -5.82
N LYS A 71 -7.69 9.56 -4.79
CA LYS A 71 -7.46 8.53 -3.79
C LYS A 71 -7.41 7.19 -4.47
N LYS A 72 -7.84 7.13 -5.72
CA LYS A 72 -7.83 5.87 -6.46
C LYS A 72 -6.40 5.50 -6.81
N LEU A 73 -5.59 6.51 -7.09
CA LEU A 73 -4.18 6.29 -7.35
C LEU A 73 -3.61 5.72 -6.10
N PHE A 74 -4.02 6.39 -5.07
CA PHE A 74 -3.66 6.11 -3.73
C PHE A 74 -4.20 4.79 -3.29
N MET A 75 -5.37 4.47 -3.77
CA MET A 75 -6.00 3.24 -3.44
C MET A 75 -5.28 2.13 -4.15
N ALA A 76 -5.35 2.18 -5.47
CA ALA A 76 -4.72 1.21 -6.33
C ALA A 76 -3.29 0.90 -5.92
N ASP A 77 -2.50 1.95 -5.73
CA ASP A 77 -1.09 1.80 -5.39
C ASP A 77 -0.90 1.22 -3.98
N LEU A 78 -1.47 1.83 -2.96
CA LEU A 78 -1.33 1.24 -1.63
C LEU A 78 -1.88 -0.15 -1.70
N GLN A 79 -2.91 -0.28 -2.51
CA GLN A 79 -3.56 -1.55 -2.73
C GLN A 79 -2.65 -2.40 -3.57
N ARG A 80 -1.74 -1.71 -4.24
CA ARG A 80 -0.75 -2.31 -5.09
C ARG A 80 0.32 -2.96 -4.21
N VAL A 81 0.47 -2.46 -2.97
CA VAL A 81 1.43 -3.03 -2.04
C VAL A 81 0.81 -4.23 -1.34
N PHE A 82 -0.46 -4.10 -0.96
CA PHE A 82 -1.19 -5.20 -0.31
C PHE A 82 -1.41 -6.32 -1.30
N THR A 83 -1.90 -5.95 -2.50
CA THR A 83 -2.17 -6.91 -3.55
C THR A 83 -0.91 -7.66 -3.95
N ASN A 84 0.17 -6.92 -4.17
CA ASN A 84 1.42 -7.52 -4.55
C ASN A 84 1.96 -8.31 -3.36
N CYS A 85 1.58 -7.90 -2.16
CA CYS A 85 2.02 -8.64 -1.00
C CYS A 85 1.19 -9.92 -0.91
N LYS A 86 0.00 -9.84 -1.46
CA LYS A 86 -0.95 -10.94 -1.53
C LYS A 86 -0.65 -11.83 -2.73
N GLU A 87 0.03 -11.23 -3.69
CA GLU A 87 0.40 -11.87 -4.96
C GLU A 87 1.51 -12.88 -4.85
N TYR A 88 2.64 -12.36 -4.43
CA TYR A 88 3.89 -13.10 -4.30
C TYR A 88 3.92 -13.93 -3.05
N ASN A 89 3.65 -13.25 -1.96
CA ASN A 89 3.68 -13.85 -0.64
C ASN A 89 2.59 -14.90 -0.45
N PRO A 90 2.78 -15.72 0.59
CA PRO A 90 1.84 -16.73 1.01
C PRO A 90 1.07 -16.25 2.24
N PRO A 91 -0.21 -16.60 2.36
CA PRO A 91 -1.04 -16.14 3.48
C PRO A 91 -0.60 -16.73 4.81
N GLU A 92 0.57 -17.35 4.81
CA GLU A 92 1.12 -17.96 6.02
C GLU A 92 2.33 -17.18 6.55
N SER A 93 2.98 -16.43 5.66
CA SER A 93 4.14 -15.62 6.02
C SER A 93 3.75 -14.52 6.99
N GLU A 94 4.55 -13.47 7.02
CA GLU A 94 4.29 -12.35 7.89
C GLU A 94 3.73 -11.19 7.09
N TYR A 95 4.25 -10.98 5.88
CA TYR A 95 3.80 -9.87 5.05
C TYR A 95 2.39 -10.04 4.49
N TYR A 96 2.08 -11.22 3.95
CA TYR A 96 0.78 -11.44 3.31
C TYR A 96 -0.35 -10.98 4.19
N LYS A 97 -0.45 -11.54 5.37
CA LYS A 97 -1.47 -11.14 6.30
C LYS A 97 -1.39 -9.66 6.47
N CYS A 98 -0.22 -9.21 6.87
CA CYS A 98 0.07 -7.81 7.06
C CYS A 98 -0.48 -6.97 5.90
N ALA A 99 -0.60 -7.58 4.73
CA ALA A 99 -1.12 -6.87 3.56
C ALA A 99 -2.63 -6.73 3.71
N ASN A 100 -3.27 -7.82 4.09
CA ASN A 100 -4.70 -7.88 4.30
C ASN A 100 -5.06 -7.00 5.51
N ILE A 101 -4.24 -7.13 6.52
CA ILE A 101 -4.39 -6.41 7.78
C ILE A 101 -4.25 -4.94 7.55
N LEU A 102 -3.12 -4.56 6.98
CA LEU A 102 -2.88 -3.19 6.65
C LEU A 102 -4.00 -2.70 5.79
N GLU A 103 -4.24 -3.44 4.72
CA GLU A 103 -5.31 -3.13 3.78
C GLU A 103 -6.62 -2.86 4.52
N LYS A 104 -6.75 -3.45 5.70
CA LYS A 104 -7.90 -3.29 6.54
C LYS A 104 -7.83 -1.99 7.34
N PHE A 105 -6.73 -1.80 8.08
CA PHE A 105 -6.54 -0.56 8.85
C PHE A 105 -6.65 0.58 7.87
N PHE A 106 -5.80 0.49 6.85
CA PHE A 106 -5.79 1.44 5.76
C PHE A 106 -7.21 1.69 5.33
N PHE A 107 -7.98 0.61 5.12
CA PHE A 107 -9.37 0.75 4.70
C PHE A 107 -10.16 1.67 5.61
N SER A 108 -9.85 1.66 6.89
CA SER A 108 -10.55 2.53 7.83
C SER A 108 -10.00 3.95 7.72
N LYS A 109 -8.75 4.06 7.31
CA LYS A 109 -8.09 5.35 7.12
C LYS A 109 -8.64 6.04 5.90
N ILE A 110 -8.51 5.38 4.76
CA ILE A 110 -9.06 5.90 3.53
C ILE A 110 -10.52 6.25 3.76
N LYS A 111 -11.20 5.30 4.38
CA LYS A 111 -12.63 5.43 4.70
C LYS A 111 -12.88 6.73 5.42
N GLU A 112 -12.09 6.92 6.47
CA GLU A 112 -12.15 8.09 7.33
C GLU A 112 -11.84 9.34 6.55
N ALA A 113 -10.96 9.20 5.58
CA ALA A 113 -10.51 10.33 4.79
C ALA A 113 -11.30 10.51 3.51
N GLY A 114 -12.50 9.96 3.44
CA GLY A 114 -13.31 10.11 2.24
C GLY A 114 -12.64 9.54 1.01
N LEU A 115 -11.79 8.54 1.21
CA LEU A 115 -11.05 7.93 0.13
C LEU A 115 -11.91 6.91 -0.59
N ILE A 116 -11.56 5.64 -0.43
CA ILE A 116 -12.27 4.52 -1.02
C ILE A 116 -13.40 4.96 -1.98
N ASP A 117 -14.65 4.56 -1.70
CA ASP A 117 -15.79 4.95 -2.53
C ASP A 117 -15.80 4.23 -3.87
N LYS A 118 -14.63 3.76 -4.33
CA LYS A 118 -14.55 3.07 -5.61
C LYS A 118 -15.44 1.82 -5.62
N SER B 1 16.48 -3.40 12.48
CA SER B 1 15.34 -4.19 12.97
C SER B 1 14.02 -3.62 12.44
N THR B 2 13.77 -3.84 11.16
CA THR B 2 12.54 -3.36 10.53
C THR B 2 11.85 -4.47 9.75
N GLY B 3 12.65 -5.41 9.24
CA GLY B 3 12.09 -6.51 8.48
C GLY B 3 13.15 -7.27 7.71
N GLY B 4 13.93 -8.09 8.42
CA GLY B 4 14.98 -8.86 7.77
C GLY B 4 14.43 -9.72 6.65
N VAL B 5 15.22 -9.85 5.57
CA VAL B 5 14.83 -10.65 4.40
C VAL B 5 13.42 -10.33 3.94
OH ALY B 6 5.74 -8.70 1.02
CH ALY B 6 6.64 -7.93 0.70
CH3 ALY B 6 6.29 -6.49 0.33
NZ ALY B 6 7.92 -8.30 0.80
CE ALY B 6 8.96 -7.87 -0.14
CD ALY B 6 10.34 -8.39 0.24
CG ALY B 6 10.29 -9.83 0.56
CB ALY B 6 11.63 -10.27 1.05
CA ALY B 6 11.60 -10.94 2.44
N ALY B 6 12.94 -11.11 2.97
C ALY B 6 10.89 -12.28 2.40
O ALY B 6 10.19 -12.60 1.44
HH31 ALY B 6 5.78 -6.47 -0.62
HH32 ALY B 6 5.65 -6.05 1.09
HH33 ALY B 6 7.20 -5.90 0.26
HZ ALY B 6 8.22 -8.74 1.61
HE3 ALY B 6 8.73 -8.22 -1.13
HE2 ALY B 6 8.99 -6.79 -0.15
HD3 ALY B 6 11.03 -8.29 -0.59
HD2 ALY B 6 10.70 -7.85 1.10
HG3 ALY B 6 9.54 -10.02 1.31
HG2 ALY B 6 10.06 -10.37 -0.35
HB3 ALY B 6 12.05 -10.94 0.31
HB2 ALY B 6 12.26 -9.40 1.12
HA ALY B 6 11.06 -10.29 3.12
H ALY B 6 13.52 -11.81 2.60
N LYS B 7 11.10 -13.05 3.47
CA LYS B 7 10.53 -14.39 3.60
C LYS B 7 10.42 -15.07 2.24
N PRO B 8 11.55 -15.11 1.47
CA PRO B 8 11.60 -15.68 0.13
C PRO B 8 10.54 -16.75 -0.10
N HIS B 9 9.39 -16.35 -0.64
CA HIS B 9 8.31 -17.28 -0.92
C HIS B 9 8.77 -18.39 -1.86
N ARG B 10 8.59 -18.17 -3.16
CA ARG B 10 8.96 -19.14 -4.19
C ARG B 10 8.38 -18.72 -5.53
N TYR B 11 7.42 -17.78 -5.50
CA TYR B 11 6.78 -17.29 -6.70
C TYR B 11 7.79 -16.78 -7.70
N LYS B 12 8.32 -17.68 -8.52
CA LYS B 12 9.32 -17.31 -9.52
C LYS B 12 9.74 -18.53 -10.33
N CYS B 13 8.76 -19.30 -10.78
CA CYS B 13 9.03 -20.50 -11.57
C CYS B 13 9.71 -20.15 -12.89
N GLY A 1 -25.27 15.35 11.85
CA GLY A 1 -24.91 16.80 11.77
C GLY A 1 -24.71 17.27 10.34
N SER A 2 -23.67 18.07 10.12
CA SER A 2 -23.38 18.60 8.80
C SER A 2 -21.97 18.21 8.37
N HIS A 3 -21.64 18.50 7.11
CA HIS A 3 -20.31 18.19 6.57
C HIS A 3 -20.00 16.70 6.72
N MET A 4 -20.74 15.88 5.96
CA MET A 4 -20.54 14.43 6.01
C MET A 4 -19.13 14.06 5.58
N SER A 5 -18.63 14.74 4.55
CA SER A 5 -17.29 14.48 4.04
C SER A 5 -17.10 13.01 3.71
N LYS A 6 -17.51 12.62 2.50
CA LYS A 6 -17.40 11.24 2.06
C LYS A 6 -16.36 11.11 0.93
N GLU A 7 -15.87 12.25 0.46
CA GLU A 7 -14.88 12.27 -0.61
C GLU A 7 -14.15 13.61 -0.66
N PRO A 8 -12.87 13.58 -0.23
CA PRO A 8 -11.99 14.75 -0.19
C PRO A 8 -11.87 15.46 -1.54
N ARG A 9 -11.58 14.68 -2.59
CA ARG A 9 -11.43 15.22 -3.94
C ARG A 9 -10.27 16.20 -4.01
N ASP A 10 -9.91 16.60 -5.23
CA ASP A 10 -8.82 17.53 -5.47
C ASP A 10 -7.47 16.91 -5.13
N PRO A 11 -6.50 17.14 -6.03
CA PRO A 11 -5.15 16.62 -5.91
C PRO A 11 -4.41 17.08 -4.65
N ASP A 12 -4.85 18.17 -4.06
CA ASP A 12 -4.21 18.69 -2.85
C ASP A 12 -4.88 18.13 -1.60
N GLN A 13 -6.21 18.24 -1.51
CA GLN A 13 -6.90 17.70 -0.35
C GLN A 13 -6.49 16.26 -0.17
N LEU A 14 -6.42 15.56 -1.30
CA LEU A 14 -6.03 14.17 -1.34
C LEU A 14 -4.55 14.02 -1.05
N TYR A 15 -3.73 14.71 -1.81
CA TYR A 15 -2.30 14.64 -1.61
C TYR A 15 -1.99 14.51 -0.14
N SER A 16 -2.35 15.49 0.65
CA SER A 16 -2.04 15.39 2.05
C SER A 16 -3.06 14.61 2.85
N THR A 17 -4.28 14.43 2.32
CA THR A 17 -5.25 13.62 3.03
C THR A 17 -4.64 12.27 3.09
N LEU A 18 -4.43 11.78 1.90
CA LEU A 18 -3.80 10.53 1.66
C LEU A 18 -2.43 10.52 2.33
N LYS A 19 -1.77 11.68 2.37
CA LYS A 19 -0.45 11.78 3.00
C LYS A 19 -0.55 11.25 4.42
N SER A 20 -1.74 11.37 4.97
CA SER A 20 -2.01 10.91 6.32
C SER A 20 -2.38 9.44 6.30
N ILE A 21 -3.34 9.07 5.44
CA ILE A 21 -3.70 7.67 5.32
C ILE A 21 -2.43 6.89 5.15
N LEU A 22 -1.75 7.16 4.03
CA LEU A 22 -0.47 6.52 3.74
C LEU A 22 0.37 6.47 4.99
N GLN A 23 0.66 7.64 5.52
CA GLN A 23 1.45 7.79 6.73
C GLN A 23 1.01 6.79 7.80
N GLN A 24 -0.27 6.48 7.81
CA GLN A 24 -0.83 5.55 8.78
C GLN A 24 -0.69 4.08 8.35
N VAL A 25 -1.20 3.77 7.16
CA VAL A 25 -1.16 2.43 6.62
C VAL A 25 0.26 1.90 6.61
N LYS A 26 1.20 2.79 6.38
CA LYS A 26 2.59 2.39 6.37
C LYS A 26 3.07 2.32 7.80
N SER A 27 2.72 3.32 8.60
CA SER A 27 3.10 3.29 10.00
C SER A 27 2.52 2.05 10.64
N HIS A 28 1.62 1.39 9.90
CA HIS A 28 0.98 0.18 10.35
C HIS A 28 2.02 -0.91 10.60
N GLN A 29 1.80 -1.68 11.65
CA GLN A 29 2.66 -2.77 12.04
C GLN A 29 2.74 -3.85 10.97
N SER A 30 1.78 -3.83 10.06
CA SER A 30 1.73 -4.79 8.96
C SER A 30 2.25 -4.15 7.69
N ALA A 31 2.85 -3.00 7.84
CA ALA A 31 3.35 -2.26 6.70
C ALA A 31 4.85 -2.34 6.50
N TRP A 32 5.59 -2.97 7.40
CA TRP A 32 7.04 -3.02 7.25
C TRP A 32 7.50 -3.65 5.92
N PRO A 33 6.80 -4.68 5.37
CA PRO A 33 7.21 -5.28 4.09
C PRO A 33 6.93 -4.32 2.96
N PHE A 34 6.10 -3.33 3.24
CA PHE A 34 5.68 -2.37 2.24
C PHE A 34 6.28 -1.00 2.51
N MET A 35 6.75 -0.83 3.73
CA MET A 35 7.35 0.42 4.18
C MET A 35 8.26 1.02 3.14
N GLU A 36 9.00 0.16 2.48
CA GLU A 36 9.93 0.59 1.46
C GLU A 36 10.11 -0.51 0.43
N PRO A 37 10.13 -0.14 -0.86
CA PRO A 37 10.30 -1.09 -1.95
C PRO A 37 11.43 -2.06 -1.71
N VAL A 38 11.09 -3.33 -1.81
CA VAL A 38 12.05 -4.41 -1.61
C VAL A 38 13.27 -4.20 -2.47
N LYS A 39 14.28 -4.98 -2.18
CA LYS A 39 15.54 -4.87 -2.85
C LYS A 39 15.48 -5.35 -4.30
N ARG A 40 14.27 -5.56 -4.80
CA ARG A 40 14.09 -6.08 -6.15
C ARG A 40 14.60 -7.50 -6.22
N THR A 41 15.42 -7.86 -5.23
CA THR A 41 15.98 -9.18 -5.13
C THR A 41 15.83 -9.70 -3.71
N GLU A 42 15.37 -8.82 -2.81
CA GLU A 42 15.08 -9.19 -1.45
C GLU A 42 14.05 -10.25 -1.65
N ALA A 43 13.36 -9.91 -2.71
CA ALA A 43 12.31 -10.62 -3.31
C ALA A 43 12.86 -11.10 -4.64
N PRO A 44 13.23 -12.36 -4.69
CA PRO A 44 13.84 -12.99 -5.85
C PRO A 44 13.10 -12.70 -7.15
N GLY A 45 12.13 -13.55 -7.48
CA GLY A 45 11.38 -13.30 -8.70
C GLY A 45 10.37 -12.20 -8.50
N TYR A 46 10.66 -11.31 -7.54
CA TYR A 46 9.76 -10.20 -7.20
C TYR A 46 9.11 -9.53 -8.41
N TYR A 47 9.92 -8.90 -9.22
CA TYR A 47 9.41 -8.19 -10.38
C TYR A 47 8.75 -9.11 -11.42
N GLU A 48 9.01 -10.40 -11.30
CA GLU A 48 8.43 -11.36 -12.24
C GLU A 48 6.97 -11.60 -11.89
N VAL A 49 6.73 -11.89 -10.61
CA VAL A 49 5.40 -12.15 -10.10
C VAL A 49 4.67 -10.85 -9.95
N ILE A 50 5.40 -9.92 -9.40
CA ILE A 50 4.86 -8.64 -9.12
C ILE A 50 4.96 -7.66 -10.28
N ARG A 51 3.96 -7.66 -11.13
CA ARG A 51 3.92 -6.75 -12.26
C ARG A 51 3.88 -5.30 -11.76
N PHE A 52 3.38 -5.10 -10.53
CA PHE A 52 3.28 -3.75 -9.96
C PHE A 52 3.78 -3.69 -8.52
N PRO A 53 5.09 -3.83 -8.29
CA PRO A 53 5.65 -3.77 -6.94
C PRO A 53 5.61 -2.38 -6.32
N MET A 54 4.43 -2.03 -5.79
CA MET A 54 4.22 -0.75 -5.14
C MET A 54 4.36 -0.91 -3.64
N ASP A 55 4.90 0.11 -3.01
CA ASP A 55 5.12 0.10 -1.59
C ASP A 55 4.59 1.38 -0.96
N LEU A 56 4.71 1.48 0.35
CA LEU A 56 4.27 2.66 1.06
C LEU A 56 5.22 3.81 0.84
N LYS A 57 6.50 3.51 0.62
CA LYS A 57 7.44 4.57 0.34
C LYS A 57 7.19 5.03 -1.08
N THR A 58 6.94 4.06 -1.97
CA THR A 58 6.60 4.41 -3.33
C THR A 58 5.33 5.23 -3.26
N MET A 59 4.33 4.68 -2.57
CA MET A 59 3.07 5.37 -2.35
C MET A 59 3.40 6.78 -1.89
N SER A 60 4.17 6.87 -0.80
CA SER A 60 4.59 8.15 -0.25
C SER A 60 5.45 8.93 -1.24
N GLU A 61 6.10 8.22 -2.14
CA GLU A 61 6.93 8.84 -3.16
C GLU A 61 6.02 9.58 -4.11
N ARG A 62 4.95 8.90 -4.45
CA ARG A 62 3.92 9.38 -5.32
C ARG A 62 3.18 10.49 -4.59
N LEU A 63 3.04 10.28 -3.30
CA LEU A 63 2.35 11.21 -2.42
C LEU A 63 3.12 12.49 -2.32
N LYS A 64 4.40 12.36 -2.02
CA LYS A 64 5.24 13.50 -1.86
C LYS A 64 5.14 14.41 -3.08
N ASN A 65 5.26 13.81 -4.26
CA ASN A 65 5.19 14.56 -5.50
C ASN A 65 3.75 14.98 -5.82
N ARG A 66 2.83 14.57 -4.94
CA ARG A 66 1.40 14.89 -5.06
C ARG A 66 0.73 14.04 -6.12
N TYR A 67 1.46 13.04 -6.59
CA TYR A 67 0.97 12.12 -7.62
C TYR A 67 -0.51 11.81 -7.44
N TYR A 68 -0.93 11.58 -6.20
CA TYR A 68 -2.32 11.22 -5.92
C TYR A 68 -3.27 12.36 -6.21
N VAL A 69 -3.55 12.54 -7.49
CA VAL A 69 -4.49 13.53 -7.92
C VAL A 69 -5.87 12.93 -7.85
N SER A 70 -5.89 11.79 -7.19
CA SER A 70 -7.07 11.01 -7.00
C SER A 70 -6.84 9.97 -5.92
N LYS A 71 -7.67 9.97 -4.89
CA LYS A 71 -7.54 9.01 -3.80
C LYS A 71 -7.53 7.60 -4.34
N LYS A 72 -7.94 7.45 -5.60
CA LYS A 72 -7.97 6.14 -6.23
C LYS A 72 -6.56 5.74 -6.64
N LEU A 73 -5.75 6.72 -7.01
CA LEU A 73 -4.35 6.45 -7.33
C LEU A 73 -3.77 5.85 -6.12
N PHE A 74 -4.08 6.56 -5.07
CA PHE A 74 -3.69 6.26 -3.75
C PHE A 74 -4.23 4.93 -3.31
N MET A 75 -5.49 4.70 -3.61
CA MET A 75 -6.10 3.46 -3.26
C MET A 75 -5.42 2.34 -4.02
N ALA A 76 -5.54 2.40 -5.33
CA ALA A 76 -4.96 1.41 -6.23
C ALA A 76 -3.51 1.08 -5.90
N ASP A 77 -2.67 2.10 -5.75
CA ASP A 77 -1.25 1.91 -5.48
C ASP A 77 -1.02 1.32 -4.08
N LEU A 78 -1.54 1.95 -3.05
CA LEU A 78 -1.37 1.36 -1.73
C LEU A 78 -1.96 -0.03 -1.77
N GLN A 79 -3.03 -0.14 -2.56
CA GLN A 79 -3.70 -1.40 -2.73
C GLN A 79 -2.84 -2.26 -3.61
N ARG A 80 -1.96 -1.57 -4.32
CA ARG A 80 -1.00 -2.20 -5.20
C ARG A 80 0.06 -2.87 -4.36
N VAL A 81 0.27 -2.36 -3.14
CA VAL A 81 1.22 -2.97 -2.23
C VAL A 81 0.57 -4.21 -1.62
N PHE A 82 -0.55 -4.00 -0.95
CA PHE A 82 -1.27 -5.11 -0.31
C PHE A 82 -1.48 -6.24 -1.32
N THR A 83 -1.97 -5.88 -2.51
CA THR A 83 -2.24 -6.87 -3.55
C THR A 83 -0.96 -7.58 -3.98
N ASN A 84 0.10 -6.82 -4.30
CA ASN A 84 1.36 -7.43 -4.69
C ASN A 84 1.89 -8.24 -3.53
N CYS A 85 1.46 -7.87 -2.33
CA CYS A 85 1.88 -8.56 -1.14
C CYS A 85 1.03 -9.81 -0.95
N LYS A 86 -0.18 -9.72 -1.47
CA LYS A 86 -1.14 -10.80 -1.49
C LYS A 86 -0.88 -11.70 -2.70
N GLU A 87 -0.17 -11.14 -3.68
CA GLU A 87 0.14 -11.80 -4.95
C GLU A 87 1.26 -12.81 -4.85
N TYR A 88 2.42 -12.29 -4.52
CA TYR A 88 3.64 -13.06 -4.42
C TYR A 88 3.71 -13.83 -3.14
N ASN A 89 3.63 -13.10 -2.06
CA ASN A 89 3.70 -13.70 -0.75
C ASN A 89 2.52 -14.63 -0.55
N PRO A 90 2.73 -15.72 0.19
CA PRO A 90 1.66 -16.65 0.55
C PRO A 90 0.96 -16.16 1.81
N PRO A 91 -0.33 -16.47 1.99
CA PRO A 91 -1.09 -16.01 3.16
C PRO A 91 -0.58 -16.63 4.43
N GLU A 92 0.53 -17.36 4.31
CA GLU A 92 1.11 -18.01 5.46
C GLU A 92 2.46 -17.41 5.80
N SER A 93 3.06 -16.72 4.82
CA SER A 93 4.37 -16.11 5.00
C SER A 93 4.42 -15.24 6.24
N GLU A 94 4.00 -13.99 6.09
CA GLU A 94 4.01 -13.04 7.18
C GLU A 94 3.59 -11.65 6.69
N TYR A 95 4.01 -11.32 5.48
CA TYR A 95 3.69 -10.02 4.89
C TYR A 95 2.33 -10.06 4.24
N TYR A 96 1.99 -11.21 3.66
CA TYR A 96 0.70 -11.38 2.99
C TYR A 96 -0.42 -10.94 3.93
N LYS A 97 -0.51 -11.58 5.08
CA LYS A 97 -1.53 -11.22 6.04
C LYS A 97 -1.40 -9.76 6.38
N CYS A 98 -0.16 -9.31 6.49
CA CYS A 98 0.13 -7.91 6.78
C CYS A 98 -0.44 -7.03 5.69
N ALA A 99 -0.63 -7.63 4.52
CA ALA A 99 -1.18 -6.90 3.38
C ALA A 99 -2.68 -6.74 3.55
N ASN A 100 -3.33 -7.84 3.88
CA ASN A 100 -4.76 -7.87 4.10
C ASN A 100 -5.10 -7.05 5.33
N ILE A 101 -4.27 -7.25 6.36
CA ILE A 101 -4.42 -6.57 7.63
C ILE A 101 -4.31 -5.07 7.43
N LEU A 102 -3.21 -4.68 6.84
CA LEU A 102 -2.98 -3.29 6.53
C LEU A 102 -4.13 -2.79 5.68
N GLU A 103 -4.33 -3.49 4.58
CA GLU A 103 -5.41 -3.18 3.65
C GLU A 103 -6.71 -2.90 4.40
N LYS A 104 -6.85 -3.51 5.56
CA LYS A 104 -8.01 -3.37 6.40
C LYS A 104 -7.92 -2.08 7.24
N PHE A 105 -6.83 -1.91 7.99
CA PHE A 105 -6.61 -0.70 8.77
C PHE A 105 -6.71 0.47 7.82
N PHE A 106 -5.84 0.39 6.82
CA PHE A 106 -5.81 1.36 5.74
C PHE A 106 -7.22 1.64 5.28
N PHE A 107 -8.01 0.58 5.08
CA PHE A 107 -9.40 0.76 4.64
C PHE A 107 -10.18 1.67 5.57
N SER A 108 -9.91 1.59 6.86
CA SER A 108 -10.60 2.45 7.81
C SER A 108 -10.04 3.88 7.72
N LYS A 109 -8.83 3.98 7.17
CA LYS A 109 -8.15 5.27 7.01
C LYS A 109 -8.65 6.02 5.79
N ILE A 110 -8.66 5.34 4.67
CA ILE A 110 -9.14 5.93 3.44
C ILE A 110 -10.59 6.30 3.64
N LYS A 111 -11.29 5.36 4.21
CA LYS A 111 -12.70 5.51 4.50
C LYS A 111 -12.91 6.79 5.26
N GLU A 112 -12.15 6.88 6.34
CA GLU A 112 -12.18 8.01 7.25
C GLU A 112 -11.87 9.29 6.49
N ALA A 113 -10.98 9.17 5.52
CA ALA A 113 -10.57 10.32 4.75
C ALA A 113 -11.40 10.52 3.49
N GLY A 114 -12.55 9.85 3.39
CA GLY A 114 -13.40 9.99 2.23
C GLY A 114 -12.78 9.39 0.98
N LEU A 115 -11.71 8.65 1.16
CA LEU A 115 -10.99 8.05 0.06
C LEU A 115 -11.81 7.00 -0.67
N ILE A 116 -11.74 5.73 -0.23
CA ILE A 116 -12.49 4.66 -0.85
C ILE A 116 -13.73 5.15 -1.57
N ASP A 117 -13.87 4.73 -2.83
CA ASP A 117 -15.01 5.12 -3.65
C ASP A 117 -15.15 4.22 -4.86
N LYS A 118 -14.01 3.77 -5.40
CA LYS A 118 -14.01 2.89 -6.57
C LYS A 118 -14.91 1.68 -6.35
N SER B 1 12.84 -13.02 12.21
CA SER B 1 12.00 -12.02 12.91
C SER B 1 12.47 -10.59 12.61
N THR B 2 13.62 -10.49 11.96
CA THR B 2 14.18 -9.19 11.60
C THR B 2 13.56 -8.67 10.31
N GLY B 3 12.69 -7.67 10.45
CA GLY B 3 12.04 -7.09 9.29
C GLY B 3 13.02 -6.41 8.36
N GLY B 4 12.96 -6.77 7.07
CA GLY B 4 13.86 -6.17 6.09
C GLY B 4 14.19 -7.12 4.96
N VAL B 5 13.44 -8.22 4.86
CA VAL B 5 13.65 -9.21 3.82
C VAL B 5 12.34 -9.62 3.17
OH ALY B 6 6.83 -8.20 1.32
CH ALY B 6 7.02 -7.38 0.41
CH3 ALY B 6 5.94 -6.35 0.10
NZ ALY B 6 8.14 -7.35 -0.29
CE ALY B 6 8.62 -8.48 -1.07
CD ALY B 6 9.97 -8.98 -0.57
CG ALY B 6 10.06 -10.46 -0.64
CB ALY B 6 11.35 -10.90 0.00
CA ALY B 6 11.23 -11.02 1.52
N ALY B 6 12.41 -10.53 2.20
C ALY B 6 10.99 -12.48 1.85
O ALY B 6 9.95 -13.03 1.49
HH31 ALY B 6 5.21 -6.78 -0.58
HH32 ALY B 6 5.43 -6.07 1.02
HH33 ALY B 6 6.38 -5.48 -0.36
HZ ALY B 6 8.74 -6.58 -0.18
HE3 ALY B 6 7.91 -9.30 -1.01
HE2 ALY B 6 8.73 -8.17 -2.10
HD3 ALY B 6 10.77 -8.58 -1.20
HD2 ALY B 6 10.11 -8.66 0.45
HG3 ALY B 6 9.22 -10.90 -0.13
HG2 ALY B 6 10.07 -10.75 -1.68
HB3 ALY B 6 11.63 -11.85 -0.41
HB2 ALY B 6 12.10 -10.16 -0.25
HA ALY B 6 10.39 -10.44 1.87
H ALY B 6 13.30 -10.87 1.94
N LYS B 7 11.94 -13.11 2.55
CA LYS B 7 11.81 -14.52 2.86
C LYS B 7 11.29 -15.21 1.61
N PRO B 8 12.06 -15.11 0.49
CA PRO B 8 11.70 -15.65 -0.80
C PRO B 8 10.69 -16.78 -0.72
N HIS B 9 9.58 -16.62 -1.42
CA HIS B 9 8.52 -17.64 -1.41
C HIS B 9 8.50 -18.43 -2.71
N ARG B 10 9.53 -18.24 -3.52
CA ARG B 10 9.67 -18.94 -4.79
C ARG B 10 8.43 -18.81 -5.66
N TYR B 11 7.79 -17.64 -5.64
CA TYR B 11 6.60 -17.42 -6.46
C TYR B 11 6.99 -16.96 -7.85
N LYS B 12 8.04 -17.58 -8.38
CA LYS B 12 8.55 -17.24 -9.70
C LYS B 12 8.63 -18.48 -10.59
N CYS B 13 7.75 -19.44 -10.33
CA CYS B 13 7.71 -20.68 -11.10
C CYS B 13 9.06 -21.38 -11.07
N GLY A 1 -21.32 23.80 0.30
CA GLY A 1 -20.92 22.56 1.02
C GLY A 1 -19.45 22.57 1.42
N SER A 2 -19.07 23.57 2.19
CA SER A 2 -17.69 23.70 2.65
C SER A 2 -17.50 23.05 4.02
N HIS A 3 -16.48 22.20 4.13
CA HIS A 3 -16.20 21.51 5.38
C HIS A 3 -17.40 20.70 5.86
N MET A 4 -17.58 19.51 5.28
CA MET A 4 -18.68 18.64 5.64
C MET A 4 -18.54 17.27 4.99
N SER A 5 -18.13 17.26 3.72
CA SER A 5 -17.93 16.02 2.99
C SER A 5 -16.51 15.48 3.20
N LYS A 6 -16.43 14.22 3.63
CA LYS A 6 -15.14 13.57 3.87
C LYS A 6 -14.40 13.35 2.55
N GLU A 7 -15.15 13.17 1.48
CA GLU A 7 -14.57 12.94 0.16
C GLU A 7 -13.69 14.12 -0.24
N PRO A 8 -12.38 13.86 -0.41
CA PRO A 8 -11.41 14.87 -0.79
C PRO A 8 -11.54 15.27 -2.26
N ARG A 9 -11.33 14.31 -3.15
CA ARG A 9 -11.43 14.54 -4.60
C ARG A 9 -10.29 15.39 -5.14
N ASP A 10 -10.17 16.62 -4.64
CA ASP A 10 -9.12 17.53 -5.07
C ASP A 10 -7.75 16.83 -5.00
N PRO A 11 -6.79 17.27 -5.83
CA PRO A 11 -5.47 16.67 -5.93
C PRO A 11 -4.57 17.07 -4.77
N ASP A 12 -4.88 18.21 -4.15
CA ASP A 12 -4.13 18.70 -3.00
C ASP A 12 -4.80 18.20 -1.74
N GLN A 13 -6.13 18.20 -1.76
CA GLN A 13 -6.91 17.71 -0.65
C GLN A 13 -6.55 16.25 -0.44
N LEU A 14 -6.50 15.52 -1.54
CA LEU A 14 -6.13 14.10 -1.51
C LEU A 14 -4.67 13.97 -1.18
N TYR A 15 -3.83 14.66 -1.94
CA TYR A 15 -2.40 14.60 -1.70
C TYR A 15 -2.10 14.49 -0.23
N SER A 16 -2.49 15.47 0.55
CA SER A 16 -2.19 15.41 1.95
C SER A 16 -3.22 14.62 2.74
N THR A 17 -4.41 14.41 2.18
CA THR A 17 -5.40 13.60 2.87
C THR A 17 -4.77 12.26 2.99
N LEU A 18 -4.50 11.76 1.81
CA LEU A 18 -3.83 10.51 1.61
C LEU A 18 -2.48 10.53 2.31
N LYS A 19 -1.86 11.71 2.36
CA LYS A 19 -0.56 11.85 3.02
C LYS A 19 -0.70 11.34 4.44
N SER A 20 -1.92 11.42 4.94
CA SER A 20 -2.23 10.98 6.30
C SER A 20 -2.56 9.50 6.27
N ILE A 21 -3.48 9.09 5.37
CA ILE A 21 -3.80 7.69 5.26
C ILE A 21 -2.51 6.94 5.09
N LEU A 22 -1.80 7.22 4.01
CA LEU A 22 -0.51 6.61 3.77
C LEU A 22 0.28 6.58 5.04
N GLN A 23 0.53 7.77 5.57
CA GLN A 23 1.28 7.93 6.80
C GLN A 23 0.85 6.93 7.85
N GLN A 24 -0.43 6.60 7.84
CA GLN A 24 -1.00 5.67 8.81
C GLN A 24 -0.82 4.21 8.38
N VAL A 25 -1.30 3.87 7.19
CA VAL A 25 -1.21 2.52 6.66
C VAL A 25 0.25 2.11 6.56
N LYS A 26 1.08 3.12 6.38
CA LYS A 26 2.50 2.97 6.22
C LYS A 26 3.17 2.86 7.57
N SER A 27 2.63 3.58 8.55
CA SER A 27 3.17 3.49 9.88
C SER A 27 2.63 2.23 10.54
N HIS A 28 1.66 1.61 9.86
CA HIS A 28 1.02 0.39 10.33
C HIS A 28 2.06 -0.70 10.63
N GLN A 29 1.82 -1.43 11.71
CA GLN A 29 2.68 -2.52 12.13
C GLN A 29 2.75 -3.62 11.06
N SER A 30 1.80 -3.60 10.14
CA SER A 30 1.73 -4.58 9.06
C SER A 30 2.26 -3.98 7.77
N ALA A 31 2.82 -2.81 7.91
CA ALA A 31 3.33 -2.08 6.78
C ALA A 31 4.84 -2.16 6.63
N TRP A 32 5.53 -2.94 7.45
CA TRP A 32 6.98 -3.00 7.35
C TRP A 32 7.47 -3.65 6.04
N PRO A 33 6.75 -4.62 5.44
CA PRO A 33 7.19 -5.22 4.18
C PRO A 33 6.90 -4.28 3.02
N PHE A 34 6.12 -3.25 3.33
CA PHE A 34 5.72 -2.27 2.32
C PHE A 34 6.27 -0.89 2.64
N MET A 35 6.71 -0.69 3.87
CA MET A 35 7.21 0.63 4.31
C MET A 35 8.14 1.24 3.29
N GLU A 36 8.80 0.38 2.55
CA GLU A 36 9.71 0.79 1.49
C GLU A 36 9.96 -0.34 0.52
N PRO A 37 10.03 -0.01 -0.78
CA PRO A 37 10.25 -0.99 -1.83
C PRO A 37 11.24 -2.04 -1.42
N VAL A 38 10.94 -3.25 -1.80
CA VAL A 38 11.80 -4.37 -1.47
C VAL A 38 13.12 -4.22 -2.22
N LYS A 39 14.06 -5.06 -1.85
CA LYS A 39 15.40 -5.05 -2.44
C LYS A 39 15.38 -5.33 -3.92
N ARG A 40 14.19 -5.50 -4.48
CA ARG A 40 14.06 -5.84 -5.88
C ARG A 40 14.63 -7.23 -6.07
N THR A 41 15.24 -7.75 -5.00
CA THR A 41 15.85 -9.08 -5.02
C THR A 41 15.72 -9.77 -3.67
N GLU A 42 15.43 -9.03 -2.58
CA GLU A 42 15.25 -9.67 -1.30
C GLU A 42 14.14 -10.64 -1.54
N ALA A 43 13.34 -10.21 -2.49
CA ALA A 43 12.23 -10.97 -3.00
C ALA A 43 12.68 -11.73 -4.20
N PRO A 44 12.93 -13.00 -3.99
CA PRO A 44 13.37 -13.91 -5.03
C PRO A 44 12.33 -14.08 -6.11
N GLY A 45 12.42 -13.20 -7.09
CA GLY A 45 11.47 -13.22 -8.17
C GLY A 45 10.46 -12.12 -8.02
N TYR A 46 10.72 -11.22 -7.06
CA TYR A 46 9.83 -10.10 -6.79
C TYR A 46 9.24 -9.52 -8.06
N TYR A 47 10.08 -8.99 -8.90
CA TYR A 47 9.64 -8.38 -10.15
C TYR A 47 9.08 -9.40 -11.13
N GLU A 48 9.38 -10.66 -10.89
CA GLU A 48 8.90 -11.74 -11.74
C GLU A 48 7.41 -12.00 -11.50
N VAL A 49 7.04 -12.00 -10.21
CA VAL A 49 5.66 -12.22 -9.79
C VAL A 49 4.95 -10.91 -9.75
N ILE A 50 5.57 -10.01 -9.03
CA ILE A 50 5.05 -8.71 -8.82
C ILE A 50 5.18 -7.84 -10.05
N ARG A 51 4.16 -7.86 -10.87
CA ARG A 51 4.14 -7.05 -12.08
C ARG A 51 4.28 -5.58 -11.74
N PHE A 52 3.62 -5.14 -10.65
CA PHE A 52 3.68 -3.73 -10.27
C PHE A 52 4.08 -3.52 -8.81
N PRO A 53 5.36 -3.74 -8.47
CA PRO A 53 5.90 -3.51 -7.13
C PRO A 53 5.54 -2.15 -6.55
N MET A 54 4.74 -2.15 -5.50
CA MET A 54 4.34 -0.92 -4.83
C MET A 54 4.61 -1.02 -3.35
N ASP A 55 4.86 0.11 -2.75
CA ASP A 55 5.14 0.18 -1.34
C ASP A 55 4.61 1.49 -0.77
N LEU A 56 4.65 1.59 0.55
CA LEU A 56 4.21 2.80 1.22
C LEU A 56 5.19 3.93 1.03
N LYS A 57 6.45 3.57 0.78
CA LYS A 57 7.46 4.56 0.50
C LYS A 57 7.21 5.05 -0.91
N THR A 58 7.03 4.11 -1.83
CA THR A 58 6.75 4.46 -3.19
C THR A 58 5.43 5.22 -3.24
N MET A 59 4.47 4.74 -2.45
CA MET A 59 3.18 5.41 -2.30
C MET A 59 3.46 6.84 -1.89
N SER A 60 4.10 6.98 -0.72
CA SER A 60 4.48 8.29 -0.20
C SER A 60 5.33 9.07 -1.19
N GLU A 61 6.05 8.35 -2.04
CA GLU A 61 6.87 8.97 -3.06
C GLU A 61 5.96 9.78 -3.95
N ARG A 62 4.95 9.09 -4.46
CA ARG A 62 3.96 9.70 -5.31
C ARG A 62 3.30 10.82 -4.56
N LEU A 63 2.89 10.49 -3.35
CA LEU A 63 2.25 11.39 -2.42
C LEU A 63 3.01 12.69 -2.35
N LYS A 64 4.29 12.56 -2.09
CA LYS A 64 5.12 13.71 -1.97
C LYS A 64 4.96 14.63 -3.16
N ASN A 65 5.07 14.03 -4.35
CA ASN A 65 4.93 14.76 -5.59
C ASN A 65 3.50 15.21 -5.81
N ARG A 66 2.63 14.84 -4.87
CA ARG A 66 1.21 15.15 -4.96
C ARG A 66 0.61 14.34 -6.09
N TYR A 67 1.33 13.29 -6.46
CA TYR A 67 0.94 12.42 -7.55
C TYR A 67 -0.50 11.97 -7.39
N TYR A 68 -0.92 11.70 -6.15
CA TYR A 68 -2.27 11.25 -5.89
C TYR A 68 -3.29 12.33 -6.13
N VAL A 69 -3.58 12.54 -7.40
CA VAL A 69 -4.57 13.52 -7.79
C VAL A 69 -5.91 12.83 -7.75
N SER A 70 -5.88 11.67 -7.13
CA SER A 70 -7.04 10.82 -7.01
C SER A 70 -6.77 9.74 -5.98
N LYS A 71 -7.63 9.60 -4.96
CA LYS A 71 -7.42 8.57 -3.95
C LYS A 71 -7.31 7.23 -4.62
N LYS A 72 -7.69 7.15 -5.89
CA LYS A 72 -7.60 5.89 -6.61
C LYS A 72 -6.16 5.57 -6.94
N LEU A 73 -5.38 6.60 -7.21
CA LEU A 73 -3.96 6.42 -7.45
C LEU A 73 -3.41 5.84 -6.19
N PHE A 74 -3.86 6.49 -5.17
CA PHE A 74 -3.53 6.20 -3.82
C PHE A 74 -4.08 4.88 -3.38
N MET A 75 -5.24 4.58 -3.87
CA MET A 75 -5.89 3.35 -3.54
C MET A 75 -5.17 2.24 -4.25
N ALA A 76 -5.22 2.30 -5.56
CA ALA A 76 -4.59 1.32 -6.43
C ALA A 76 -3.17 0.98 -6.00
N ASP A 77 -2.35 2.01 -5.81
CA ASP A 77 -0.96 1.81 -5.45
C ASP A 77 -0.82 1.24 -4.04
N LEU A 78 -1.38 1.89 -3.03
CA LEU A 78 -1.29 1.32 -1.69
C LEU A 78 -1.86 -0.08 -1.76
N GLN A 79 -2.88 -0.20 -2.58
CA GLN A 79 -3.56 -1.46 -2.78
C GLN A 79 -2.65 -2.36 -3.59
N ARG A 80 -1.75 -1.69 -4.30
CA ARG A 80 -0.76 -2.35 -5.12
C ARG A 80 0.31 -2.95 -4.22
N VAL A 81 0.47 -2.42 -3.00
CA VAL A 81 1.45 -2.95 -2.06
C VAL A 81 0.85 -4.15 -1.34
N PHE A 82 -0.40 -4.03 -0.93
CA PHE A 82 -1.10 -5.13 -0.25
C PHE A 82 -1.29 -6.27 -1.22
N THR A 83 -1.87 -5.94 -2.38
CA THR A 83 -2.14 -6.92 -3.42
C THR A 83 -0.86 -7.61 -3.87
N ASN A 84 0.22 -6.84 -4.04
CA ASN A 84 1.48 -7.44 -4.44
C ASN A 84 2.00 -8.28 -3.31
N CYS A 85 1.67 -7.89 -2.08
CA CYS A 85 2.10 -8.65 -0.95
C CYS A 85 1.27 -9.92 -0.86
N LYS A 86 0.06 -9.79 -1.30
CA LYS A 86 -0.92 -10.87 -1.33
C LYS A 86 -0.75 -11.72 -2.59
N GLU A 87 -0.11 -11.11 -3.59
CA GLU A 87 0.14 -11.74 -4.88
C GLU A 87 1.23 -12.78 -4.83
N TYR A 88 2.39 -12.27 -4.48
CA TYR A 88 3.62 -13.04 -4.40
C TYR A 88 3.67 -13.92 -3.19
N ASN A 89 3.56 -13.27 -2.06
CA ASN A 89 3.67 -13.90 -0.77
C ASN A 89 2.57 -14.92 -0.48
N PRO A 90 2.84 -15.79 0.51
CA PRO A 90 1.89 -16.78 0.99
C PRO A 90 1.15 -16.24 2.22
N PRO A 91 -0.14 -16.57 2.36
CA PRO A 91 -0.97 -16.10 3.47
C PRO A 91 -0.53 -16.69 4.81
N GLU A 92 0.66 -17.28 4.84
CA GLU A 92 1.21 -17.89 6.03
C GLU A 92 2.36 -17.05 6.56
N SER A 93 3.08 -16.42 5.64
CA SER A 93 4.22 -15.58 5.99
C SER A 93 3.82 -14.42 6.88
N GLU A 94 4.73 -13.47 7.05
CA GLU A 94 4.46 -12.32 7.89
C GLU A 94 3.86 -11.18 7.06
N TYR A 95 4.35 -11.01 5.83
CA TYR A 95 3.87 -9.92 4.99
C TYR A 95 2.44 -10.09 4.50
N TYR A 96 2.13 -11.25 3.90
CA TYR A 96 0.81 -11.49 3.34
C TYR A 96 -0.29 -11.04 4.26
N LYS A 97 -0.36 -11.61 5.45
CA LYS A 97 -1.38 -11.22 6.39
C LYS A 97 -1.33 -9.73 6.59
N CYS A 98 -0.11 -9.24 6.81
CA CYS A 98 0.11 -7.82 6.99
C CYS A 98 -0.49 -7.02 5.85
N ALA A 99 -0.60 -7.63 4.68
CA ALA A 99 -1.17 -6.97 3.52
C ALA A 99 -2.67 -6.84 3.71
N ASN A 100 -3.29 -7.96 4.03
CA ASN A 100 -4.72 -8.04 4.28
C ASN A 100 -5.09 -7.13 5.45
N ILE A 101 -4.24 -7.21 6.46
CA ILE A 101 -4.38 -6.47 7.69
C ILE A 101 -4.27 -4.99 7.44
N LEU A 102 -3.16 -4.59 6.87
CA LEU A 102 -2.93 -3.22 6.53
C LEU A 102 -4.09 -2.76 5.66
N GLU A 103 -4.27 -3.46 4.57
CA GLU A 103 -5.34 -3.17 3.64
C GLU A 103 -6.65 -2.91 4.38
N LYS A 104 -6.79 -3.51 5.54
CA LYS A 104 -7.95 -3.35 6.39
C LYS A 104 -7.86 -2.05 7.19
N PHE A 105 -6.76 -1.88 7.94
CA PHE A 105 -6.54 -0.66 8.72
C PHE A 105 -6.60 0.50 7.74
N PHE A 106 -5.76 0.41 6.73
CA PHE A 106 -5.71 1.37 5.65
C PHE A 106 -7.13 1.67 5.22
N PHE A 107 -7.94 0.63 5.04
CA PHE A 107 -9.32 0.82 4.65
C PHE A 107 -10.05 1.75 5.59
N SER A 108 -9.75 1.67 6.87
CA SER A 108 -10.38 2.54 7.85
C SER A 108 -9.85 3.97 7.72
N LYS A 109 -8.63 4.10 7.18
CA LYS A 109 -7.98 5.41 7.00
C LYS A 109 -8.46 6.12 5.74
N ILE A 110 -8.68 5.36 4.70
CA ILE A 110 -9.14 5.90 3.45
C ILE A 110 -10.60 6.27 3.62
N LYS A 111 -11.32 5.32 4.20
CA LYS A 111 -12.73 5.49 4.47
C LYS A 111 -12.94 6.77 5.24
N GLU A 112 -12.15 6.89 6.30
CA GLU A 112 -12.17 8.03 7.18
C GLU A 112 -11.90 9.30 6.41
N ALA A 113 -11.00 9.19 5.44
CA ALA A 113 -10.63 10.34 4.63
C ALA A 113 -11.47 10.47 3.36
N GLY A 114 -12.64 9.85 3.33
CA GLY A 114 -13.50 9.92 2.16
C GLY A 114 -12.79 9.44 0.91
N LEU A 115 -11.90 8.49 1.09
CA LEU A 115 -11.11 7.94 0.01
C LEU A 115 -11.91 6.90 -0.75
N ILE A 116 -11.58 5.62 -0.54
CA ILE A 116 -12.24 4.49 -1.15
C ILE A 116 -13.36 4.89 -2.14
N ASP A 117 -14.60 4.45 -1.91
CA ASP A 117 -15.73 4.80 -2.76
C ASP A 117 -15.66 4.12 -4.14
N LYS A 118 -14.47 3.73 -4.57
CA LYS A 118 -14.31 3.07 -5.86
C LYS A 118 -15.16 1.80 -5.93
N SER B 1 21.40 -17.70 0.10
CA SER B 1 22.01 -16.37 -0.20
C SER B 1 21.29 -15.69 -1.37
N THR B 2 19.98 -15.87 -1.43
CA THR B 2 19.18 -15.29 -2.50
C THR B 2 18.48 -14.01 -2.03
N GLY B 3 17.91 -14.07 -0.83
CA GLY B 3 17.21 -12.93 -0.30
C GLY B 3 17.21 -12.89 1.22
N GLY B 4 17.93 -11.94 1.79
CA GLY B 4 18.00 -11.82 3.24
C GLY B 4 16.64 -11.56 3.86
N VAL B 5 15.85 -10.73 3.19
CA VAL B 5 14.51 -10.40 3.67
C VAL B 5 13.46 -10.85 2.65
OH ALY B 6 6.69 -8.45 0.99
CH ALY B 6 6.96 -7.48 0.28
CH3 ALY B 6 5.90 -6.40 0.07
NZ ALY B 6 8.14 -7.34 -0.30
CE ALY B 6 8.81 -8.39 -1.06
CD ALY B 6 10.13 -8.80 -0.43
CG ALY B 6 10.19 -10.28 -0.23
CB ALY B 6 11.39 -10.64 0.58
CA ALY B 6 11.08 -10.90 2.06
N ALY B 6 12.20 -10.54 2.93
C ALY B 6 10.69 -12.36 2.20
O ALY B 6 10.08 -12.91 1.29
HH31 ALY B 6 5.02 -6.85 -0.37
HH32 ALY B 6 5.64 -5.95 1.02
HH33 ALY B 6 6.28 -5.65 -0.59
HZ ALY B 6 8.64 -6.50 -0.16
HE3 ALY B 6 8.16 -9.25 -1.11
HE2 ALY B 6 9.01 -8.04 -2.06
HD3 ALY B 6 10.95 -8.52 -1.08
HD2 ALY B 6 10.23 -8.30 0.53
HG3 ALY B 6 9.29 -10.60 0.29
HG2 ALY B 6 10.25 -10.75 -1.20
HB3 ALY B 6 11.83 -11.53 0.15
HB2 ALY B 6 12.08 -9.83 0.48
HA ALY B 6 10.24 -10.30 2.35
H ALY B 6 12.01 -10.07 3.76
N LYS B 7 11.03 -12.99 3.35
CA LYS B 7 10.71 -14.41 3.55
C LYS B 7 10.65 -15.10 2.19
N PRO B 8 11.76 -15.04 1.43
CA PRO B 8 11.87 -15.57 0.08
C PRO B 8 10.82 -16.60 -0.30
N HIS B 9 10.02 -16.24 -1.29
CA HIS B 9 8.96 -17.11 -1.80
C HIS B 9 9.09 -17.25 -3.31
N ARG B 10 8.22 -18.05 -3.91
CA ARG B 10 8.23 -18.26 -5.35
C ARG B 10 6.81 -18.34 -5.90
N TYR B 11 6.24 -17.19 -6.25
CA TYR B 11 4.89 -17.14 -6.77
C TYR B 11 4.85 -17.49 -8.26
N LYS B 12 4.95 -16.49 -9.12
CA LYS B 12 4.92 -16.72 -10.56
C LYS B 12 6.23 -17.35 -11.04
N CYS B 13 6.16 -18.57 -11.55
CA CYS B 13 7.34 -19.26 -12.04
C CYS B 13 7.01 -20.08 -13.28
N GLY A 1 -22.49 21.52 8.18
CA GLY A 1 -21.24 22.34 8.25
C GLY A 1 -20.36 22.14 7.04
N SER A 2 -19.38 21.25 7.16
CA SER A 2 -18.47 20.97 6.05
C SER A 2 -19.14 20.14 4.97
N HIS A 3 -19.49 20.79 3.87
CA HIS A 3 -20.15 20.12 2.75
C HIS A 3 -19.29 18.98 2.21
N MET A 4 -17.97 19.16 2.30
CA MET A 4 -17.05 18.15 1.82
C MET A 4 -16.65 17.18 2.93
N SER A 5 -17.39 16.06 3.02
CA SER A 5 -17.12 15.05 4.03
C SER A 5 -16.95 13.68 3.40
N LYS A 6 -16.53 13.67 2.13
CA LYS A 6 -16.32 12.44 1.40
C LYS A 6 -15.68 12.72 0.05
N GLU A 7 -14.57 12.04 -0.24
CA GLU A 7 -13.85 12.22 -1.49
C GLU A 7 -13.31 13.64 -1.60
N PRO A 8 -12.05 13.83 -1.16
CA PRO A 8 -11.37 15.13 -1.20
C PRO A 8 -11.36 15.73 -2.60
N ARG A 9 -11.36 14.86 -3.61
CA ARG A 9 -11.37 15.27 -5.01
C ARG A 9 -10.08 15.98 -5.41
N ASP A 10 -9.94 17.23 -4.98
CA ASP A 10 -8.77 18.04 -5.28
C ASP A 10 -7.47 17.27 -5.07
N PRO A 11 -6.54 17.46 -6.02
CA PRO A 11 -5.22 16.83 -6.01
C PRO A 11 -4.40 17.16 -4.78
N ASP A 12 -4.68 18.32 -4.17
CA ASP A 12 -3.96 18.74 -2.98
C ASP A 12 -4.71 18.27 -1.75
N GLN A 13 -6.03 18.32 -1.86
CA GLN A 13 -6.89 17.86 -0.80
C GLN A 13 -6.60 16.39 -0.54
N LEU A 14 -6.49 15.64 -1.64
CA LEU A 14 -6.16 14.23 -1.58
C LEU A 14 -4.71 14.05 -1.23
N TYR A 15 -3.84 14.70 -1.98
CA TYR A 15 -2.41 14.60 -1.74
C TYR A 15 -2.13 14.48 -0.25
N SER A 16 -2.51 15.46 0.53
CA SER A 16 -2.24 15.36 1.93
C SER A 16 -3.29 14.56 2.70
N THR A 17 -4.47 14.37 2.11
CA THR A 17 -5.48 13.55 2.77
C THR A 17 -4.82 12.22 2.92
N LEU A 18 -4.50 11.73 1.76
CA LEU A 18 -3.82 10.49 1.55
C LEU A 18 -2.46 10.52 2.23
N LYS A 19 -1.85 11.69 2.29
CA LYS A 19 -0.55 11.83 2.93
C LYS A 19 -0.66 11.31 4.34
N SER A 20 -1.88 11.40 4.87
CA SER A 20 -2.15 10.94 6.23
C SER A 20 -2.48 9.47 6.20
N ILE A 21 -3.41 9.07 5.32
CA ILE A 21 -3.73 7.66 5.21
C ILE A 21 -2.44 6.90 5.04
N LEU A 22 -1.73 7.18 3.96
CA LEU A 22 -0.43 6.57 3.69
C LEU A 22 0.41 6.55 4.95
N GLN A 23 0.63 7.73 5.47
CA GLN A 23 1.41 7.91 6.69
C GLN A 23 0.97 6.92 7.77
N GLN A 24 -0.30 6.58 7.75
CA GLN A 24 -0.88 5.67 8.73
C GLN A 24 -0.71 4.21 8.33
N VAL A 25 -1.22 3.85 7.15
CA VAL A 25 -1.14 2.51 6.63
C VAL A 25 0.31 2.07 6.60
N LYS A 26 1.19 3.04 6.41
CA LYS A 26 2.61 2.79 6.36
C LYS A 26 3.16 2.66 7.75
N SER A 27 2.66 3.49 8.66
CA SER A 27 3.07 3.43 10.03
C SER A 27 2.51 2.16 10.65
N HIS A 28 1.66 1.50 9.88
CA HIS A 28 1.04 0.26 10.32
C HIS A 28 2.11 -0.80 10.56
N GLN A 29 1.93 -1.56 11.64
CA GLN A 29 2.84 -2.63 12.00
C GLN A 29 2.96 -3.68 10.91
N SER A 30 1.94 -3.74 10.07
CA SER A 30 1.88 -4.69 8.95
C SER A 30 2.39 -4.04 7.69
N ALA A 31 2.92 -2.86 7.85
CA ALA A 31 3.41 -2.10 6.72
C ALA A 31 4.93 -2.15 6.57
N TRP A 32 5.62 -2.91 7.40
CA TRP A 32 7.08 -2.95 7.32
C TRP A 32 7.59 -3.60 6.02
N PRO A 33 6.87 -4.57 5.40
CA PRO A 33 7.32 -5.18 4.16
C PRO A 33 7.03 -4.27 2.99
N PHE A 34 6.20 -3.26 3.27
CA PHE A 34 5.78 -2.31 2.26
C PHE A 34 6.31 -0.91 2.56
N MET A 35 6.74 -0.71 3.81
CA MET A 35 7.24 0.60 4.27
C MET A 35 8.17 1.23 3.25
N GLU A 36 8.92 0.39 2.58
CA GLU A 36 9.87 0.82 1.58
C GLU A 36 10.11 -0.30 0.58
N PRO A 37 10.14 0.02 -0.72
CA PRO A 37 10.37 -0.96 -1.77
C PRO A 37 11.40 -1.98 -1.38
N VAL A 38 11.13 -3.21 -1.74
CA VAL A 38 12.02 -4.31 -1.45
C VAL A 38 13.31 -4.14 -2.24
N LYS A 39 14.29 -4.94 -1.89
CA LYS A 39 15.60 -4.88 -2.52
C LYS A 39 15.57 -5.42 -3.94
N ARG A 40 14.38 -5.66 -4.45
CA ARG A 40 14.22 -6.23 -5.78
C ARG A 40 14.82 -7.61 -5.81
N THR A 41 15.47 -8.00 -4.72
CA THR A 41 16.11 -9.30 -4.65
C THR A 41 15.90 -9.98 -3.31
N GLU A 42 15.58 -9.22 -2.25
CA GLU A 42 15.31 -9.86 -0.97
C GLU A 42 14.20 -10.81 -1.29
N ALA A 43 13.47 -10.37 -2.31
CA ALA A 43 12.38 -11.09 -2.88
C ALA A 43 12.88 -11.92 -4.04
N PRO A 44 13.06 -13.18 -3.79
CA PRO A 44 13.53 -14.14 -4.77
C PRO A 44 12.58 -14.23 -5.96
N GLY A 45 12.65 -13.21 -6.83
CA GLY A 45 11.80 -13.16 -7.99
C GLY A 45 10.72 -12.10 -7.87
N TYR A 46 10.93 -11.16 -6.95
CA TYR A 46 9.98 -10.07 -6.69
C TYR A 46 9.35 -9.51 -7.96
N TYR A 47 10.17 -8.90 -8.79
CA TYR A 47 9.68 -8.29 -10.03
C TYR A 47 9.15 -9.33 -11.02
N GLU A 48 9.52 -10.58 -10.81
CA GLU A 48 9.08 -11.66 -11.68
C GLU A 48 7.60 -11.98 -11.48
N VAL A 49 7.20 -11.95 -10.21
CA VAL A 49 5.84 -12.22 -9.80
C VAL A 49 5.06 -10.95 -9.76
N ILE A 50 5.69 -9.98 -9.16
CA ILE A 50 5.09 -8.72 -8.95
C ILE A 50 5.15 -7.79 -10.15
N ARG A 51 4.14 -7.85 -10.98
CA ARG A 51 4.06 -6.99 -12.14
C ARG A 51 4.06 -5.52 -11.71
N PHE A 52 3.45 -5.22 -10.55
CA PHE A 52 3.37 -3.86 -10.05
C PHE A 52 3.82 -3.74 -8.59
N PRO A 53 5.12 -3.85 -8.31
CA PRO A 53 5.63 -3.76 -6.95
C PRO A 53 5.50 -2.37 -6.34
N MET A 54 4.38 -2.16 -5.64
CA MET A 54 4.10 -0.89 -4.97
C MET A 54 4.44 -1.01 -3.51
N ASP A 55 4.74 0.12 -2.91
CA ASP A 55 5.07 0.16 -1.51
C ASP A 55 4.52 1.43 -0.89
N LEU A 56 4.63 1.53 0.41
CA LEU A 56 4.16 2.71 1.13
C LEU A 56 5.08 3.88 0.93
N LYS A 57 6.36 3.61 0.73
CA LYS A 57 7.28 4.70 0.45
C LYS A 57 7.12 5.07 -1.00
N THR A 58 6.94 4.07 -1.85
CA THR A 58 6.68 4.31 -3.26
C THR A 58 5.38 5.09 -3.34
N MET A 59 4.41 4.63 -2.55
CA MET A 59 3.13 5.31 -2.43
C MET A 59 3.44 6.72 -2.03
N SER A 60 4.16 6.87 -0.91
CA SER A 60 4.57 8.17 -0.42
C SER A 60 5.45 8.90 -1.41
N GLU A 61 6.07 8.17 -2.34
CA GLU A 61 6.90 8.78 -3.35
C GLU A 61 6.00 9.62 -4.23
N ARG A 62 4.92 8.98 -4.62
CA ARG A 62 3.90 9.61 -5.43
C ARG A 62 3.28 10.75 -4.63
N LEU A 63 2.91 10.40 -3.41
CA LEU A 63 2.31 11.34 -2.47
C LEU A 63 3.15 12.58 -2.32
N LYS A 64 4.40 12.35 -1.99
CA LYS A 64 5.34 13.43 -1.81
C LYS A 64 5.24 14.43 -2.97
N ASN A 65 5.23 13.88 -4.19
CA ASN A 65 5.16 14.71 -5.40
C ASN A 65 3.73 15.13 -5.73
N ARG A 66 2.78 14.70 -4.91
CA ARG A 66 1.35 15.03 -5.07
C ARG A 66 0.73 14.24 -6.20
N TYR A 67 1.35 13.13 -6.53
CA TYR A 67 0.90 12.27 -7.60
C TYR A 67 -0.57 11.88 -7.43
N TYR A 68 -0.97 11.62 -6.19
CA TYR A 68 -2.33 11.21 -5.90
C TYR A 68 -3.33 12.31 -6.15
N VAL A 69 -3.63 12.49 -7.43
CA VAL A 69 -4.61 13.47 -7.83
C VAL A 69 -5.95 12.80 -7.81
N SER A 70 -5.96 11.64 -7.18
CA SER A 70 -7.13 10.82 -7.08
C SER A 70 -6.90 9.73 -6.05
N LYS A 71 -7.78 9.61 -5.05
CA LYS A 71 -7.62 8.58 -4.04
C LYS A 71 -7.48 7.23 -4.69
N LYS A 72 -7.85 7.14 -5.96
CA LYS A 72 -7.75 5.88 -6.65
C LYS A 72 -6.30 5.54 -6.92
N LEU A 73 -5.51 6.56 -7.19
CA LEU A 73 -4.09 6.38 -7.38
C LEU A 73 -3.55 5.84 -6.10
N PHE A 74 -4.01 6.49 -5.09
CA PHE A 74 -3.65 6.22 -3.74
C PHE A 74 -4.15 4.88 -3.28
N MET A 75 -5.34 4.56 -3.67
CA MET A 75 -5.92 3.31 -3.29
C MET A 75 -5.29 2.23 -4.09
N ALA A 76 -5.44 2.31 -5.39
CA ALA A 76 -4.86 1.33 -6.30
C ALA A 76 -3.43 1.00 -5.97
N ASP A 77 -2.61 2.03 -5.76
CA ASP A 77 -1.18 1.83 -5.48
C ASP A 77 -0.98 1.24 -4.08
N LEU A 78 -1.51 1.85 -3.04
CA LEU A 78 -1.37 1.27 -1.72
C LEU A 78 -1.93 -0.13 -1.77
N GLN A 79 -2.97 -0.26 -2.58
CA GLN A 79 -3.64 -1.51 -2.79
C GLN A 79 -2.79 -2.36 -3.69
N ARG A 80 -1.91 -1.66 -4.39
CA ARG A 80 -0.95 -2.26 -5.28
C ARG A 80 0.12 -2.93 -4.43
N VAL A 81 0.31 -2.41 -3.20
CA VAL A 81 1.28 -3.00 -2.27
C VAL A 81 0.63 -4.22 -1.63
N PHE A 82 -0.51 -4.03 -0.98
CA PHE A 82 -1.23 -5.12 -0.34
C PHE A 82 -1.43 -6.27 -1.32
N THR A 83 -1.89 -5.94 -2.52
CA THR A 83 -2.15 -6.93 -3.55
C THR A 83 -0.87 -7.64 -3.98
N ASN A 84 0.21 -6.88 -4.18
CA ASN A 84 1.48 -7.49 -4.58
C ASN A 84 2.03 -8.29 -3.42
N CYS A 85 1.63 -7.88 -2.22
CA CYS A 85 2.06 -8.55 -1.03
C CYS A 85 1.19 -9.78 -0.81
N LYS A 86 0.01 -9.71 -1.39
CA LYS A 86 -0.95 -10.79 -1.40
C LYS A 86 -0.68 -11.72 -2.58
N GLU A 87 -0.05 -11.15 -3.61
CA GLU A 87 0.25 -11.84 -4.86
C GLU A 87 1.38 -12.83 -4.76
N TYR A 88 2.53 -12.27 -4.49
CA TYR A 88 3.77 -13.00 -4.39
C TYR A 88 3.83 -13.81 -3.14
N ASN A 89 3.73 -13.10 -2.05
CA ASN A 89 3.81 -13.67 -0.74
C ASN A 89 2.73 -14.70 -0.46
N PRO A 90 3.01 -15.61 0.48
CA PRO A 90 2.06 -16.61 0.95
C PRO A 90 1.32 -16.09 2.18
N PRO A 91 0.03 -16.44 2.34
CA PRO A 91 -0.79 -15.97 3.47
C PRO A 91 -0.35 -16.55 4.80
N GLU A 92 0.86 -17.12 4.83
CA GLU A 92 1.39 -17.73 6.05
C GLU A 92 2.74 -17.14 6.47
N SER A 93 3.42 -16.48 5.52
CA SER A 93 4.71 -15.87 5.79
C SER A 93 4.62 -14.84 6.90
N GLU A 94 4.25 -13.63 6.53
CA GLU A 94 4.13 -12.54 7.47
C GLU A 94 3.65 -11.29 6.75
N TYR A 95 4.32 -10.96 5.65
CA TYR A 95 3.96 -9.79 4.86
C TYR A 95 2.57 -9.90 4.24
N TYR A 96 2.21 -11.12 3.82
CA TYR A 96 0.92 -11.34 3.19
C TYR A 96 -0.22 -10.91 4.10
N LYS A 97 -0.31 -11.53 5.27
CA LYS A 97 -1.37 -11.17 6.20
C LYS A 97 -1.24 -9.71 6.52
N CYS A 98 0.00 -9.24 6.56
CA CYS A 98 0.28 -7.85 6.83
C CYS A 98 -0.32 -6.99 5.73
N ALA A 99 -0.46 -7.58 4.56
CA ALA A 99 -1.03 -6.89 3.41
C ALA A 99 -2.53 -6.74 3.62
N ASN A 100 -3.16 -7.85 3.96
CA ASN A 100 -4.58 -7.91 4.22
C ASN A 100 -4.90 -7.06 5.44
N ILE A 101 -4.07 -7.22 6.46
CA ILE A 101 -4.20 -6.53 7.72
C ILE A 101 -4.15 -5.03 7.48
N LEU A 102 -3.02 -4.59 6.95
CA LEU A 102 -2.85 -3.21 6.60
C LEU A 102 -4.01 -2.76 5.74
N GLU A 103 -4.23 -3.49 4.66
CA GLU A 103 -5.32 -3.20 3.75
C GLU A 103 -6.62 -2.89 4.51
N LYS A 104 -6.78 -3.48 5.68
CA LYS A 104 -7.97 -3.24 6.49
C LYS A 104 -7.82 -1.93 7.27
N PHE A 105 -6.76 -1.82 8.07
CA PHE A 105 -6.49 -0.60 8.82
C PHE A 105 -6.55 0.55 7.86
N PHE A 106 -5.76 0.42 6.81
CA PHE A 106 -5.73 1.37 5.71
C PHE A 106 -7.14 1.66 5.33
N PHE A 107 -7.96 0.61 5.18
CA PHE A 107 -9.36 0.78 4.82
C PHE A 107 -10.09 1.71 5.76
N SER A 108 -9.69 1.74 7.02
CA SER A 108 -10.32 2.63 7.98
C SER A 108 -9.77 4.03 7.84
N LYS A 109 -8.55 4.14 7.32
CA LYS A 109 -7.87 5.43 7.13
C LYS A 109 -8.37 6.13 5.90
N ILE A 110 -8.69 5.34 4.91
CA ILE A 110 -9.17 5.86 3.68
C ILE A 110 -10.62 6.22 3.87
N LYS A 111 -11.35 5.26 4.39
CA LYS A 111 -12.76 5.42 4.67
C LYS A 111 -12.96 6.71 5.43
N GLU A 112 -12.05 6.90 6.36
CA GLU A 112 -12.07 8.04 7.24
C GLU A 112 -11.80 9.34 6.50
N ALA A 113 -10.87 9.27 5.56
CA ALA A 113 -10.48 10.43 4.81
C ALA A 113 -11.27 10.60 3.52
N GLY A 114 -12.46 10.02 3.46
CA GLY A 114 -13.30 10.12 2.27
C GLY A 114 -12.62 9.54 1.05
N LEU A 115 -11.84 8.51 1.28
CA LEU A 115 -11.11 7.84 0.23
C LEU A 115 -11.99 6.87 -0.54
N ILE A 116 -11.86 5.58 -0.15
CA ILE A 116 -12.60 4.50 -0.74
C ILE A 116 -13.83 4.95 -1.49
N ASP A 117 -13.82 4.72 -2.79
CA ASP A 117 -14.93 5.11 -3.63
C ASP A 117 -15.11 4.12 -4.78
N LYS A 118 -14.00 3.61 -5.30
CA LYS A 118 -14.01 2.65 -6.40
C LYS A 118 -14.99 1.51 -6.12
N SER B 1 14.95 -3.49 12.59
CA SER B 1 15.03 -4.39 13.76
C SER B 1 14.30 -5.70 13.50
N THR B 2 12.99 -5.61 13.27
CA THR B 2 12.18 -6.80 13.00
C THR B 2 12.04 -7.04 11.50
N GLY B 3 12.58 -8.17 11.05
CA GLY B 3 12.51 -8.51 9.64
C GLY B 3 13.74 -8.07 8.87
N GLY B 4 13.57 -7.17 7.91
CA GLY B 4 14.69 -6.69 7.12
C GLY B 4 14.90 -7.52 5.88
N VAL B 5 14.04 -8.49 5.65
CA VAL B 5 14.13 -9.36 4.48
C VAL B 5 12.77 -9.59 3.85
OH ALY B 6 6.66 -6.53 -1.53
CH ALY B 6 7.05 -6.91 -0.43
CH3 ALY B 6 6.04 -7.01 0.73
NZ ALY B 6 8.30 -7.33 -0.22
CE ALY B 6 8.95 -8.39 -1.00
CD ALY B 6 10.30 -8.75 -0.42
CG ALY B 6 10.41 -10.22 -0.18
CB ALY B 6 11.69 -10.51 0.55
CA ALY B 6 11.51 -10.66 2.07
N ALY B 6 12.75 -10.36 2.77
C ALY B 6 11.08 -12.10 2.35
O ALY B 6 10.33 -12.67 1.56
HH31 ALY B 6 6.51 -7.47 1.58
HH32 ALY B 6 5.68 -6.01 1.00
HH33 ALY B 6 5.19 -7.61 0.41
HZ ALY B 6 8.82 -6.92 0.50
HE3 ALY B 6 8.31 -9.27 -0.99
HE2 ALY B 6 9.06 -8.05 -2.02
HD3 ALY B 6 11.09 -8.49 -1.13
HD2 ALY B 6 10.45 -8.22 0.50
HG3 ALY B 6 9.57 -10.55 0.41
HG2 ALY B 6 10.42 -10.71 -1.13
HB3 ALY B 6 12.10 -11.42 0.15
HB2 ALY B 6 12.36 -9.70 0.35
HA ALY B 6 10.75 -9.99 2.41
H ALY B 6 13.60 -10.73 2.43
N LYS B 7 11.54 -12.66 3.47
CA LYS B 7 11.21 -14.04 3.82
C LYS B 7 11.08 -14.83 2.52
N PRO B 8 12.16 -14.85 1.71
CA PRO B 8 12.21 -15.49 0.41
C PRO B 8 11.16 -16.56 0.17
N HIS B 9 10.38 -16.32 -0.86
CA HIS B 9 9.33 -17.23 -1.28
C HIS B 9 9.34 -17.32 -2.81
N ARG B 10 8.81 -18.41 -3.36
CA ARG B 10 8.80 -18.58 -4.82
C ARG B 10 7.39 -18.53 -5.41
N TYR B 11 7.10 -17.46 -6.16
CA TYR B 11 5.81 -17.29 -6.79
C TYR B 11 5.95 -16.98 -8.27
N LYS B 12 5.10 -17.61 -9.09
CA LYS B 12 5.13 -17.41 -10.53
C LYS B 12 6.51 -17.71 -11.10
N CYS B 13 7.07 -18.86 -10.71
CA CYS B 13 8.39 -19.26 -11.18
C CYS B 13 8.30 -20.56 -11.98
N GLY A 1 -24.18 21.27 6.61
CA GLY A 1 -24.67 20.10 7.40
C GLY A 1 -25.74 19.32 6.67
N SER A 2 -26.40 19.97 5.71
CA SER A 2 -27.45 19.32 4.94
C SER A 2 -26.87 18.23 4.04
N HIS A 3 -25.77 18.54 3.37
CA HIS A 3 -25.12 17.59 2.48
C HIS A 3 -23.99 16.85 3.20
N MET A 4 -23.94 15.54 3.03
CA MET A 4 -22.91 14.71 3.66
C MET A 4 -22.25 13.80 2.65
N SER A 5 -21.02 14.13 2.26
CA SER A 5 -20.28 13.33 1.29
C SER A 5 -18.92 12.95 1.83
N LYS A 6 -18.32 11.90 1.24
CA LYS A 6 -17.01 11.43 1.65
C LYS A 6 -16.13 11.14 0.45
N GLU A 7 -15.52 12.20 -0.09
CA GLU A 7 -14.64 12.07 -1.25
C GLU A 7 -13.86 13.36 -1.45
N PRO A 8 -12.57 13.33 -1.07
CA PRO A 8 -11.66 14.49 -1.19
C PRO A 8 -11.68 15.10 -2.59
N ARG A 9 -11.58 14.23 -3.60
CA ARG A 9 -11.60 14.65 -5.00
C ARG A 9 -10.36 15.46 -5.39
N ASP A 10 -10.27 16.69 -4.87
CA ASP A 10 -9.15 17.58 -5.17
C ASP A 10 -7.81 16.84 -5.06
N PRO A 11 -6.82 17.27 -5.85
CA PRO A 11 -5.50 16.66 -5.91
C PRO A 11 -4.60 17.05 -4.74
N ASP A 12 -4.90 18.18 -4.13
CA ASP A 12 -4.15 18.65 -2.98
C ASP A 12 -4.83 18.16 -1.72
N GLN A 13 -6.17 18.18 -1.75
CA GLN A 13 -6.96 17.69 -0.65
C GLN A 13 -6.60 16.24 -0.41
N LEU A 14 -6.52 15.50 -1.51
CA LEU A 14 -6.16 14.09 -1.49
C LEU A 14 -4.69 13.95 -1.15
N TYR A 15 -3.85 14.63 -1.92
CA TYR A 15 -2.42 14.56 -1.71
C TYR A 15 -2.10 14.45 -0.23
N SER A 16 -2.47 15.44 0.55
CA SER A 16 -2.16 15.37 1.95
C SER A 16 -3.18 14.59 2.75
N THR A 17 -4.38 14.37 2.20
CA THR A 17 -5.36 13.57 2.90
C THR A 17 -4.73 12.23 3.01
N LEU A 18 -4.48 11.71 1.83
CA LEU A 18 -3.83 10.46 1.62
C LEU A 18 -2.46 10.48 2.31
N LYS A 19 -1.83 11.65 2.34
CA LYS A 19 -0.52 11.78 2.98
C LYS A 19 -0.63 11.27 4.40
N SER A 20 -1.84 11.36 4.94
CA SER A 20 -2.10 10.90 6.29
C SER A 20 -2.45 9.43 6.27
N ILE A 21 -3.38 9.04 5.40
CA ILE A 21 -3.73 7.63 5.30
C ILE A 21 -2.44 6.87 5.11
N LEU A 22 -1.75 7.15 4.00
CA LEU A 22 -0.46 6.52 3.72
C LEU A 22 0.39 6.48 4.96
N GLN A 23 0.61 7.66 5.50
CA GLN A 23 1.39 7.80 6.72
C GLN A 23 0.97 6.79 7.77
N GLN A 24 -0.33 6.55 7.86
CA GLN A 24 -0.90 5.61 8.81
C GLN A 24 -0.70 4.16 8.38
N VAL A 25 -1.25 3.81 7.22
CA VAL A 25 -1.15 2.46 6.68
C VAL A 25 0.29 1.99 6.67
N LYS A 26 1.21 2.89 6.34
CA LYS A 26 2.61 2.51 6.29
C LYS A 26 3.21 2.52 7.68
N SER A 27 2.63 3.30 8.57
CA SER A 27 3.09 3.32 9.95
C SER A 27 2.56 2.07 10.64
N HIS A 28 1.63 1.41 9.95
CA HIS A 28 1.02 0.20 10.46
C HIS A 28 2.07 -0.88 10.67
N GLN A 29 1.88 -1.65 11.72
CA GLN A 29 2.77 -2.74 12.07
C GLN A 29 2.81 -3.81 10.99
N SER A 30 1.84 -3.76 10.11
CA SER A 30 1.74 -4.71 9.00
C SER A 30 2.24 -4.06 7.73
N ALA A 31 2.87 -2.92 7.90
CA ALA A 31 3.37 -2.16 6.78
C ALA A 31 4.88 -2.27 6.57
N TRP A 32 5.59 -2.99 7.40
CA TRP A 32 7.04 -3.05 7.24
C TRP A 32 7.49 -3.71 5.93
N PRO A 33 6.77 -4.72 5.38
CA PRO A 33 7.17 -5.32 4.12
C PRO A 33 6.80 -4.43 2.95
N PHE A 34 6.08 -3.36 3.27
CA PHE A 34 5.65 -2.40 2.26
C PHE A 34 6.25 -1.03 2.54
N MET A 35 6.68 -0.81 3.78
CA MET A 35 7.24 0.47 4.23
C MET A 35 8.21 1.01 3.21
N GLU A 36 8.93 0.11 2.59
CA GLU A 36 9.92 0.45 1.60
C GLU A 36 10.11 -0.73 0.63
N PRO A 37 10.16 -0.45 -0.68
CA PRO A 37 10.33 -1.47 -1.69
C PRO A 37 11.47 -2.42 -1.36
N VAL A 38 11.36 -3.62 -1.88
CA VAL A 38 12.35 -4.64 -1.65
C VAL A 38 13.58 -4.38 -2.52
N LYS A 39 14.60 -5.22 -2.39
CA LYS A 39 15.84 -5.06 -3.14
C LYS A 39 15.69 -5.52 -4.57
N ARG A 40 14.44 -5.74 -4.98
CA ARG A 40 14.16 -6.26 -6.30
C ARG A 40 14.75 -7.66 -6.41
N THR A 41 15.44 -8.07 -5.34
CA THR A 41 16.06 -9.38 -5.28
C THR A 41 15.93 -9.99 -3.88
N GLU A 42 15.52 -9.19 -2.89
CA GLU A 42 15.27 -9.72 -1.55
C GLU A 42 14.34 -10.83 -1.80
N ALA A 43 13.51 -10.40 -2.70
CA ALA A 43 12.43 -11.08 -3.25
C ALA A 43 12.86 -11.64 -4.59
N PRO A 44 13.17 -12.93 -4.60
CA PRO A 44 13.65 -13.63 -5.78
C PRO A 44 12.59 -13.72 -6.85
N GLY A 45 12.89 -13.18 -8.02
CA GLY A 45 11.93 -13.18 -9.09
C GLY A 45 10.70 -12.40 -8.70
N TYR A 46 10.84 -11.58 -7.67
CA TYR A 46 9.74 -10.77 -7.17
C TYR A 46 9.10 -9.93 -8.26
N TYR A 47 9.90 -9.20 -8.97
CA TYR A 47 9.42 -8.38 -10.09
C TYR A 47 8.75 -9.24 -11.16
N GLU A 48 9.00 -10.54 -11.13
CA GLU A 48 8.43 -11.46 -12.12
C GLU A 48 6.98 -11.77 -11.77
N VAL A 49 6.75 -11.95 -10.48
CA VAL A 49 5.44 -12.26 -9.94
C VAL A 49 4.65 -11.00 -9.77
N ILE A 50 5.37 -9.99 -9.38
CA ILE A 50 4.79 -8.73 -9.09
C ILE A 50 4.82 -7.78 -10.27
N ARG A 51 3.77 -7.82 -11.07
CA ARG A 51 3.66 -6.93 -12.21
C ARG A 51 3.82 -5.47 -11.75
N PHE A 52 3.29 -5.15 -10.56
CA PHE A 52 3.37 -3.77 -10.03
C PHE A 52 3.82 -3.75 -8.57
N PRO A 53 5.12 -3.94 -8.29
CA PRO A 53 5.63 -3.93 -6.93
C PRO A 53 5.53 -2.55 -6.27
N MET A 54 4.37 -2.30 -5.67
CA MET A 54 4.11 -1.06 -4.98
C MET A 54 4.45 -1.20 -3.52
N ASP A 55 4.80 -0.09 -2.92
CA ASP A 55 5.13 -0.05 -1.53
C ASP A 55 4.65 1.26 -0.94
N LEU A 56 4.67 1.35 0.37
CA LEU A 56 4.26 2.57 1.04
C LEU A 56 5.25 3.67 0.80
N LYS A 57 6.50 3.31 0.56
CA LYS A 57 7.52 4.31 0.25
C LYS A 57 7.24 4.83 -1.14
N THR A 58 6.99 3.91 -2.07
CA THR A 58 6.65 4.29 -3.44
C THR A 58 5.34 5.05 -3.40
N MET A 59 4.42 4.59 -2.56
CA MET A 59 3.15 5.28 -2.35
C MET A 59 3.46 6.70 -1.95
N SER A 60 4.12 6.85 -0.81
CA SER A 60 4.51 8.16 -0.30
C SER A 60 5.34 8.92 -1.31
N GLU A 61 6.07 8.20 -2.14
CA GLU A 61 6.88 8.80 -3.18
C GLU A 61 5.97 9.64 -4.06
N ARG A 62 4.92 8.98 -4.53
CA ARG A 62 3.93 9.62 -5.36
C ARG A 62 3.30 10.77 -4.60
N LEU A 63 2.90 10.43 -3.40
CA LEU A 63 2.29 11.36 -2.46
C LEU A 63 3.08 12.62 -2.38
N LYS A 64 4.37 12.44 -2.19
CA LYS A 64 5.27 13.55 -2.08
C LYS A 64 5.07 14.50 -3.24
N ASN A 65 5.08 13.93 -4.44
CA ASN A 65 4.92 14.69 -5.67
C ASN A 65 3.47 15.13 -5.86
N ARG A 66 2.62 14.76 -4.91
CA ARG A 66 1.20 15.08 -4.98
C ARG A 66 0.58 14.27 -6.09
N TYR A 67 1.30 13.22 -6.49
CA TYR A 67 0.88 12.36 -7.57
C TYR A 67 -0.56 11.91 -7.40
N TYR A 68 -0.96 11.66 -6.14
CA TYR A 68 -2.30 11.20 -5.86
C TYR A 68 -3.33 12.28 -6.09
N VAL A 69 -3.61 12.50 -7.37
CA VAL A 69 -4.59 13.47 -7.77
C VAL A 69 -5.94 12.80 -7.75
N SER A 70 -5.94 11.65 -7.13
CA SER A 70 -7.12 10.82 -7.03
C SER A 70 -6.89 9.74 -5.99
N LYS A 71 -7.78 9.66 -4.98
CA LYS A 71 -7.61 8.62 -3.95
C LYS A 71 -7.45 7.27 -4.60
N LYS A 72 -7.85 7.15 -5.85
CA LYS A 72 -7.73 5.88 -6.54
C LYS A 72 -6.28 5.55 -6.83
N LEU A 73 -5.49 6.57 -7.16
CA LEU A 73 -4.08 6.37 -7.39
C LEU A 73 -3.50 5.78 -6.15
N PHE A 74 -3.88 6.45 -5.11
CA PHE A 74 -3.50 6.16 -3.77
C PHE A 74 -3.97 4.82 -3.32
N MET A 75 -5.23 4.59 -3.50
CA MET A 75 -5.82 3.37 -3.11
C MET A 75 -5.23 2.25 -3.92
N ALA A 76 -5.35 2.36 -5.23
CA ALA A 76 -4.82 1.35 -6.13
C ALA A 76 -3.38 0.99 -5.83
N ASP A 77 -2.53 2.01 -5.68
CA ASP A 77 -1.12 1.80 -5.40
C ASP A 77 -0.91 1.21 -4.00
N LEU A 78 -1.47 1.82 -2.98
CA LEU A 78 -1.33 1.24 -1.65
C LEU A 78 -1.90 -0.16 -1.71
N GLN A 79 -2.93 -0.30 -2.52
CA GLN A 79 -3.60 -1.55 -2.72
C GLN A 79 -2.75 -2.41 -3.61
N ARG A 80 -1.85 -1.72 -4.29
CA ARG A 80 -0.89 -2.32 -5.17
C ARG A 80 0.21 -2.97 -4.31
N VAL A 81 0.37 -2.46 -3.07
CA VAL A 81 1.35 -3.02 -2.12
C VAL A 81 0.73 -4.20 -1.39
N PHE A 82 -0.54 -4.05 -1.01
CA PHE A 82 -1.25 -5.12 -0.32
C PHE A 82 -1.47 -6.27 -1.30
N THR A 83 -1.93 -5.92 -2.50
CA THR A 83 -2.19 -6.90 -3.55
C THR A 83 -0.91 -7.62 -3.95
N ASN A 84 0.18 -6.86 -4.15
CA ASN A 84 1.44 -7.46 -4.53
C ASN A 84 1.94 -8.29 -3.38
N CYS A 85 1.52 -7.93 -2.18
CA CYS A 85 1.91 -8.69 -1.02
C CYS A 85 1.07 -9.94 -0.94
N LYS A 86 -0.14 -9.81 -1.44
CA LYS A 86 -1.11 -10.88 -1.50
C LYS A 86 -0.86 -11.75 -2.73
N GLU A 87 -0.13 -11.17 -3.68
CA GLU A 87 0.19 -11.80 -4.96
C GLU A 87 1.30 -12.82 -4.86
N TYR A 88 2.45 -12.33 -4.46
CA TYR A 88 3.66 -13.10 -4.37
C TYR A 88 3.77 -13.86 -3.06
N ASN A 89 3.72 -13.11 -1.99
CA ASN A 89 3.83 -13.70 -0.66
C ASN A 89 2.70 -14.67 -0.40
N PRO A 90 2.91 -15.60 0.53
CA PRO A 90 1.91 -16.57 0.97
C PRO A 90 1.19 -16.08 2.24
N PRO A 91 -0.15 -16.29 2.35
CA PRO A 91 -0.91 -15.86 3.53
C PRO A 91 -0.31 -16.39 4.83
N GLU A 92 0.64 -17.31 4.70
CA GLU A 92 1.31 -17.89 5.86
C GLU A 92 2.48 -17.01 6.31
N SER A 93 3.08 -16.29 5.36
CA SER A 93 4.20 -15.40 5.65
C SER A 93 3.76 -14.31 6.63
N GLU A 94 4.64 -13.34 6.83
CA GLU A 94 4.33 -12.23 7.73
C GLU A 94 3.65 -11.12 6.98
N TYR A 95 4.16 -10.88 5.78
CA TYR A 95 3.69 -9.77 4.96
C TYR A 95 2.29 -9.98 4.40
N TYR A 96 2.04 -11.13 3.80
CA TYR A 96 0.74 -11.39 3.18
C TYR A 96 -0.41 -10.95 4.07
N LYS A 97 -0.50 -11.53 5.26
CA LYS A 97 -1.56 -11.16 6.17
C LYS A 97 -1.44 -9.70 6.52
N CYS A 98 -0.21 -9.22 6.58
CA CYS A 98 0.06 -7.83 6.88
C CYS A 98 -0.50 -6.96 5.77
N ALA A 99 -0.69 -7.57 4.60
CA ALA A 99 -1.24 -6.88 3.45
C ALA A 99 -2.73 -6.74 3.61
N ASN A 100 -3.38 -7.84 3.96
CA ASN A 100 -4.79 -7.89 4.19
C ASN A 100 -5.15 -7.03 5.40
N ILE A 101 -4.32 -7.18 6.43
CA ILE A 101 -4.47 -6.46 7.69
C ILE A 101 -4.35 -4.98 7.45
N LEU A 102 -3.24 -4.59 6.85
CA LEU A 102 -3.01 -3.21 6.52
C LEU A 102 -4.16 -2.73 5.69
N GLU A 103 -4.37 -3.43 4.60
CA GLU A 103 -5.44 -3.14 3.67
C GLU A 103 -6.74 -2.84 4.43
N LYS A 104 -6.89 -3.45 5.59
CA LYS A 104 -8.04 -3.27 6.43
C LYS A 104 -7.92 -1.98 7.25
N PHE A 105 -6.82 -1.82 7.99
CA PHE A 105 -6.58 -0.60 8.76
C PHE A 105 -6.64 0.56 7.78
N PHE A 106 -5.81 0.45 6.77
CA PHE A 106 -5.75 1.40 5.68
C PHE A 106 -7.17 1.72 5.27
N PHE A 107 -8.00 0.67 5.10
CA PHE A 107 -9.38 0.88 4.73
C PHE A 107 -10.10 1.83 5.68
N SER A 108 -9.80 1.74 6.97
CA SER A 108 -10.42 2.62 7.94
C SER A 108 -9.88 4.05 7.78
N LYS A 109 -8.67 4.15 7.23
CA LYS A 109 -7.98 5.43 7.03
C LYS A 109 -8.46 6.15 5.78
N ILE A 110 -8.71 5.39 4.75
CA ILE A 110 -9.18 5.92 3.49
C ILE A 110 -10.62 6.31 3.67
N LYS A 111 -11.35 5.38 4.26
CA LYS A 111 -12.75 5.57 4.55
C LYS A 111 -12.93 6.85 5.30
N GLU A 112 -12.14 6.97 6.35
CA GLU A 112 -12.13 8.13 7.21
C GLU A 112 -11.87 9.37 6.39
N ALA A 113 -11.00 9.22 5.40
CA ALA A 113 -10.64 10.33 4.56
C ALA A 113 -11.49 10.43 3.28
N GLY A 114 -12.67 9.82 3.29
CA GLY A 114 -13.54 9.88 2.12
C GLY A 114 -12.88 9.28 0.88
N LEU A 115 -11.81 8.53 1.10
CA LEU A 115 -11.05 7.90 0.04
C LEU A 115 -11.86 6.83 -0.68
N ILE A 116 -11.79 5.60 -0.17
CA ILE A 116 -12.53 4.48 -0.73
C ILE A 116 -13.79 4.91 -1.47
N ASP A 117 -13.94 4.43 -2.69
CA ASP A 117 -15.08 4.79 -3.52
C ASP A 117 -15.18 3.90 -4.76
N LYS A 118 -14.02 3.46 -5.26
CA LYS A 118 -13.97 2.60 -6.44
C LYS A 118 -15.09 1.57 -6.45
N SER B 1 11.64 -4.90 9.42
CA SER B 1 12.23 -4.71 10.77
C SER B 1 11.94 -5.91 11.66
N THR B 2 11.10 -6.82 11.17
CA THR B 2 10.75 -8.02 11.92
C THR B 2 11.15 -9.28 11.17
N GLY B 3 11.09 -9.22 9.84
CA GLY B 3 11.45 -10.37 9.03
C GLY B 3 12.91 -10.35 8.61
N GLY B 4 13.34 -9.24 8.03
CA GLY B 4 14.72 -9.11 7.59
C GLY B 4 14.88 -9.39 6.11
N VAL B 5 14.00 -10.24 5.57
CA VAL B 5 14.05 -10.58 4.15
C VAL B 5 12.69 -10.33 3.49
OH ALY B 6 6.42 -6.54 -1.62
CH ALY B 6 6.77 -7.05 -0.56
CH3 ALY B 6 5.79 -7.06 0.62
NZ ALY B 6 7.91 -7.73 -0.46
CE ALY B 6 8.33 -8.77 -1.39
CD ALY B 6 9.31 -9.74 -0.77
CG ALY B 6 10.55 -9.06 -0.28
CB ALY B 6 11.58 -10.07 0.17
CA ALY B 6 11.28 -10.71 1.54
N ALY B 6 12.52 -10.87 2.28
C ALY B 6 10.57 -12.05 1.38
O ALY B 6 9.98 -12.32 0.33
HH31 ALY B 6 6.24 -7.56 1.45
HH32 ALY B 6 5.52 -6.04 0.90
HH33 ALY B 6 4.89 -7.61 0.33
HZ ALY B 6 8.51 -7.53 0.29
HE3 ALY B 6 7.45 -9.32 -1.71
HE2 ALY B 6 8.79 -8.31 -2.26
HD3 ALY B 6 8.84 -10.26 0.07
HD2 ALY B 6 9.62 -10.46 -1.51
HG3 ALY B 6 10.97 -8.49 -1.11
HG2 ALY B 6 10.30 -8.39 0.53
HB3 ALY B 6 11.63 -10.84 -0.57
HB2 ALY B 6 12.53 -9.58 0.22
HA ALY B 6 10.64 -10.04 2.11
H ALY B 6 13.26 -11.39 1.89
N LYS B 7 10.63 -12.88 2.44
CA LYS B 7 10.01 -14.21 2.48
C LYS B 7 9.70 -14.71 1.07
N PRO B 8 10.74 -15.14 0.33
CA PRO B 8 10.60 -15.64 -1.03
C PRO B 8 9.43 -16.60 -1.21
N HIS B 9 9.05 -16.83 -2.45
CA HIS B 9 7.96 -17.73 -2.78
C HIS B 9 8.05 -18.20 -4.23
N ARG B 10 8.88 -17.49 -5.01
CA ARG B 10 9.09 -17.80 -6.42
C ARG B 10 7.77 -17.89 -7.17
N TYR B 11 6.85 -16.98 -6.85
CA TYR B 11 5.54 -16.96 -7.48
C TYR B 11 5.68 -16.68 -8.99
N LYS B 12 4.62 -16.98 -9.73
CA LYS B 12 4.60 -16.77 -11.18
C LYS B 12 5.63 -17.66 -11.88
N CYS B 13 5.14 -18.78 -12.43
CA CYS B 13 5.99 -19.73 -13.14
C CYS B 13 7.20 -20.12 -12.29
N GLY A 1 -20.31 9.90 -2.49
CA GLY A 1 -21.64 9.31 -2.19
C GLY A 1 -22.77 10.29 -2.47
N SER A 2 -22.42 11.56 -2.63
CA SER A 2 -23.41 12.60 -2.90
C SER A 2 -22.84 13.67 -3.82
N HIS A 3 -21.97 14.52 -3.27
CA HIS A 3 -21.35 15.59 -4.05
C HIS A 3 -20.22 16.24 -3.25
N MET A 4 -20.51 16.60 -2.00
CA MET A 4 -19.52 17.22 -1.14
C MET A 4 -19.42 16.49 0.19
N SER A 5 -19.12 15.20 0.13
CA SER A 5 -18.99 14.37 1.31
C SER A 5 -18.44 13.00 0.97
N LYS A 6 -17.75 12.38 1.93
CA LYS A 6 -17.17 11.05 1.75
C LYS A 6 -16.22 11.02 0.56
N GLU A 7 -15.58 12.16 0.30
CA GLU A 7 -14.63 12.27 -0.81
C GLU A 7 -13.87 13.59 -0.75
N PRO A 8 -12.58 13.52 -0.41
CA PRO A 8 -11.71 14.68 -0.30
C PRO A 8 -11.60 15.44 -1.61
N ARG A 9 -11.54 14.69 -2.72
CA ARG A 9 -11.43 15.28 -4.04
C ARG A 9 -10.23 16.21 -4.15
N ASP A 10 -9.98 16.72 -5.35
CA ASP A 10 -8.86 17.63 -5.59
C ASP A 10 -7.53 16.98 -5.27
N PRO A 11 -6.56 17.21 -6.16
CA PRO A 11 -5.21 16.65 -6.06
C PRO A 11 -4.47 17.06 -4.78
N ASP A 12 -4.90 18.15 -4.16
CA ASP A 12 -4.25 18.64 -2.94
C ASP A 12 -4.93 18.06 -1.70
N GLN A 13 -6.26 18.16 -1.63
CA GLN A 13 -6.97 17.62 -0.48
C GLN A 13 -6.58 16.17 -0.32
N LEU A 14 -6.54 15.46 -1.45
CA LEU A 14 -6.16 14.05 -1.48
C LEU A 14 -4.68 13.92 -1.17
N TYR A 15 -3.86 14.60 -1.93
CA TYR A 15 -2.43 14.54 -1.74
C TYR A 15 -2.10 14.42 -0.27
N SER A 16 -2.46 15.41 0.52
CA SER A 16 -2.13 15.33 1.89
C SER A 16 -3.14 14.54 2.71
N THR A 17 -4.35 14.33 2.17
CA THR A 17 -5.33 13.51 2.88
C THR A 17 -4.69 12.17 2.99
N LEU A 18 -4.45 11.66 1.81
CA LEU A 18 -3.80 10.42 1.58
C LEU A 18 -2.44 10.43 2.26
N LYS A 19 -1.81 11.61 2.31
CA LYS A 19 -0.51 11.75 2.95
C LYS A 19 -0.62 11.23 4.37
N SER A 20 -1.82 11.33 4.91
CA SER A 20 -2.09 10.88 6.27
C SER A 20 -2.44 9.41 6.26
N ILE A 21 -3.37 9.01 5.38
CA ILE A 21 -3.70 7.61 5.29
C ILE A 21 -2.41 6.85 5.10
N LEU A 22 -1.73 7.12 4.00
CA LEU A 22 -0.44 6.50 3.71
C LEU A 22 0.40 6.45 4.96
N GLN A 23 0.64 7.64 5.50
CA GLN A 23 1.41 7.80 6.72
C GLN A 23 1.00 6.78 7.77
N GLN A 24 -0.30 6.53 7.83
CA GLN A 24 -0.87 5.59 8.79
C GLN A 24 -0.70 4.13 8.36
N VAL A 25 -1.22 3.79 7.19
CA VAL A 25 -1.16 2.45 6.66
C VAL A 25 0.27 1.94 6.63
N LYS A 26 1.21 2.83 6.35
CA LYS A 26 2.61 2.43 6.30
C LYS A 26 3.19 2.42 7.70
N SER A 27 2.66 3.28 8.57
CA SER A 27 3.13 3.30 9.94
C SER A 27 2.56 2.08 10.65
N HIS A 28 1.70 1.37 9.92
CA HIS A 28 1.03 0.19 10.42
C HIS A 28 2.03 -0.93 10.72
N GLN A 29 1.75 -1.65 11.81
CA GLN A 29 2.56 -2.78 12.24
C GLN A 29 2.65 -3.88 11.16
N SER A 30 1.81 -3.76 10.13
CA SER A 30 1.77 -4.73 9.04
C SER A 30 2.30 -4.10 7.77
N ALA A 31 2.87 -2.93 7.93
CA ALA A 31 3.37 -2.17 6.82
C ALA A 31 4.89 -2.24 6.65
N TRP A 32 5.59 -2.93 7.53
CA TRP A 32 7.05 -3.00 7.42
C TRP A 32 7.52 -3.67 6.11
N PRO A 33 6.80 -4.68 5.56
CA PRO A 33 7.21 -5.30 4.30
C PRO A 33 6.93 -4.38 3.13
N PHE A 34 6.17 -3.33 3.40
CA PHE A 34 5.79 -2.36 2.38
C PHE A 34 6.33 -0.97 2.70
N MET A 35 6.81 -0.78 3.93
CA MET A 35 7.32 0.52 4.38
C MET A 35 8.26 1.15 3.37
N GLU A 36 9.01 0.30 2.71
CA GLU A 36 9.97 0.76 1.72
C GLU A 36 10.03 -0.23 0.57
N PRO A 37 10.60 0.19 -0.58
CA PRO A 37 10.72 -0.66 -1.76
C PRO A 37 11.76 -1.73 -1.58
N VAL A 38 11.33 -2.95 -1.84
CA VAL A 38 12.17 -4.12 -1.74
C VAL A 38 13.51 -3.94 -2.46
N LYS A 39 14.45 -4.82 -2.15
CA LYS A 39 15.77 -4.79 -2.77
C LYS A 39 15.69 -5.38 -4.16
N ARG A 40 14.46 -5.66 -4.59
CA ARG A 40 14.22 -6.28 -5.88
C ARG A 40 14.77 -7.70 -5.83
N THR A 41 15.40 -8.05 -4.70
CA THR A 41 15.98 -9.36 -4.56
C THR A 41 15.75 -9.97 -3.16
N GLU A 42 15.43 -9.15 -2.13
CA GLU A 42 15.13 -9.77 -0.84
C GLU A 42 13.93 -10.58 -1.15
N ALA A 43 13.33 -10.08 -2.21
CA ALA A 43 12.20 -10.61 -2.86
C ALA A 43 12.76 -11.17 -4.14
N PRO A 44 13.20 -12.41 -4.03
CA PRO A 44 13.86 -13.15 -5.09
C PRO A 44 13.16 -13.04 -6.43
N GLY A 45 12.06 -13.73 -6.60
CA GLY A 45 11.33 -13.63 -7.86
C GLY A 45 10.37 -12.46 -7.84
N TYR A 46 10.64 -11.49 -6.96
CA TYR A 46 9.77 -10.33 -6.78
C TYR A 46 9.20 -9.76 -8.07
N TYR A 47 10.06 -9.21 -8.90
CA TYR A 47 9.65 -8.59 -10.15
C TYR A 47 9.08 -9.59 -11.15
N GLU A 48 9.32 -10.88 -10.91
CA GLU A 48 8.85 -11.92 -11.81
C GLU A 48 7.35 -12.15 -11.60
N VAL A 49 6.94 -12.01 -10.36
CA VAL A 49 5.56 -12.18 -9.95
C VAL A 49 4.87 -10.84 -9.92
N ILE A 50 5.52 -9.98 -9.20
CA ILE A 50 5.02 -8.66 -8.99
C ILE A 50 5.21 -7.76 -10.18
N ARG A 51 4.20 -7.69 -11.03
CA ARG A 51 4.25 -6.83 -12.18
C ARG A 51 4.26 -5.36 -11.73
N PHE A 52 3.61 -5.06 -10.59
CA PHE A 52 3.59 -3.69 -10.07
C PHE A 52 4.05 -3.61 -8.60
N PRO A 53 5.33 -3.86 -8.34
CA PRO A 53 5.87 -3.80 -6.98
C PRO A 53 5.82 -2.41 -6.36
N MET A 54 4.69 -2.14 -5.69
CA MET A 54 4.47 -0.86 -5.03
C MET A 54 4.58 -1.03 -3.53
N ASP A 55 5.10 0.00 -2.89
CA ASP A 55 5.26 0.00 -1.46
C ASP A 55 4.71 1.30 -0.89
N LEU A 56 4.74 1.41 0.43
CA LEU A 56 4.26 2.60 1.09
C LEU A 56 5.17 3.77 0.85
N LYS A 57 6.45 3.51 0.64
CA LYS A 57 7.37 4.60 0.34
C LYS A 57 7.16 5.02 -1.10
N THR A 58 6.98 4.04 -1.97
CA THR A 58 6.69 4.34 -3.37
C THR A 58 5.37 5.10 -3.39
N MET A 59 4.45 4.64 -2.54
CA MET A 59 3.17 5.29 -2.35
C MET A 59 3.47 6.74 -1.97
N SER A 60 4.12 6.89 -0.82
CA SER A 60 4.51 8.20 -0.30
C SER A 60 5.39 8.96 -1.29
N GLU A 61 6.06 8.24 -2.16
CA GLU A 61 6.90 8.85 -3.17
C GLU A 61 6.02 9.65 -4.09
N ARG A 62 4.96 9.00 -4.52
CA ARG A 62 3.98 9.59 -5.37
C ARG A 62 3.30 10.72 -4.61
N LEU A 63 2.92 10.39 -3.40
CA LEU A 63 2.28 11.30 -2.47
C LEU A 63 3.06 12.58 -2.35
N LYS A 64 4.32 12.43 -2.03
CA LYS A 64 5.17 13.56 -1.84
C LYS A 64 5.08 14.49 -3.03
N ASN A 65 5.23 13.92 -4.22
CA ASN A 65 5.17 14.72 -5.45
C ASN A 65 3.73 15.11 -5.79
N ARG A 66 2.80 14.67 -4.94
CA ARG A 66 1.37 14.97 -5.10
C ARG A 66 0.75 14.15 -6.21
N TYR A 67 1.41 13.06 -6.55
CA TYR A 67 0.96 12.19 -7.62
C TYR A 67 -0.50 11.80 -7.44
N TYR A 68 -0.91 11.54 -6.20
CA TYR A 68 -2.27 11.14 -5.92
C TYR A 68 -3.27 12.24 -6.18
N VAL A 69 -3.57 12.42 -7.46
CA VAL A 69 -4.54 13.39 -7.88
C VAL A 69 -5.89 12.75 -7.81
N SER A 70 -5.90 11.60 -7.16
CA SER A 70 -7.08 10.80 -7.01
C SER A 70 -6.84 9.70 -5.99
N LYS A 71 -7.72 9.59 -4.98
CA LYS A 71 -7.56 8.54 -3.96
C LYS A 71 -7.38 7.20 -4.62
N LYS A 72 -7.82 7.08 -5.87
CA LYS A 72 -7.72 5.82 -6.58
C LYS A 72 -6.27 5.48 -6.86
N LEU A 73 -5.48 6.50 -7.18
CA LEU A 73 -4.06 6.29 -7.41
C LEU A 73 -3.48 5.72 -6.17
N PHE A 74 -3.86 6.40 -5.13
CA PHE A 74 -3.47 6.12 -3.80
C PHE A 74 -3.93 4.78 -3.33
N MET A 75 -5.17 4.51 -3.58
CA MET A 75 -5.75 3.28 -3.18
C MET A 75 -5.13 2.16 -3.96
N ALA A 76 -5.22 2.27 -5.27
CA ALA A 76 -4.67 1.26 -6.16
C ALA A 76 -3.21 0.93 -5.85
N ASP A 77 -2.40 1.96 -5.66
CA ASP A 77 -0.98 1.77 -5.39
C ASP A 77 -0.77 1.18 -3.98
N LEU A 78 -1.36 1.78 -2.97
CA LEU A 78 -1.23 1.22 -1.64
C LEU A 78 -1.78 -0.19 -1.71
N GLN A 79 -2.81 -0.32 -2.50
CA GLN A 79 -3.47 -1.59 -2.72
C GLN A 79 -2.57 -2.41 -3.60
N ARG A 80 -1.67 -1.71 -4.26
CA ARG A 80 -0.68 -2.31 -5.11
C ARG A 80 0.38 -2.96 -4.23
N VAL A 81 0.53 -2.46 -2.99
CA VAL A 81 1.48 -3.02 -2.04
C VAL A 81 0.85 -4.21 -1.32
N PHE A 82 -0.42 -4.06 -0.95
CA PHE A 82 -1.15 -5.14 -0.29
C PHE A 82 -1.36 -6.26 -1.29
N THR A 83 -1.84 -5.90 -2.48
CA THR A 83 -2.10 -6.87 -3.54
C THR A 83 -0.81 -7.59 -3.95
N ASN A 84 0.28 -6.83 -4.12
CA ASN A 84 1.54 -7.43 -4.50
C ASN A 84 2.03 -8.28 -3.34
N CYS A 85 1.64 -7.90 -2.13
CA CYS A 85 2.03 -8.67 -0.99
C CYS A 85 1.16 -9.91 -0.91
N LYS A 86 -0.04 -9.78 -1.44
CA LYS A 86 -1.02 -10.85 -1.52
C LYS A 86 -0.77 -11.72 -2.76
N GLU A 87 -0.04 -11.14 -3.70
CA GLU A 87 0.25 -11.77 -4.99
C GLU A 87 1.36 -12.80 -4.92
N TYR A 88 2.52 -12.30 -4.55
CA TYR A 88 3.73 -13.08 -4.45
C TYR A 88 3.77 -13.88 -3.19
N ASN A 89 3.67 -13.17 -2.10
CA ASN A 89 3.72 -13.76 -0.79
C ASN A 89 2.62 -14.77 -0.55
N PRO A 90 2.87 -15.70 0.38
CA PRO A 90 1.90 -16.70 0.82
C PRO A 90 1.16 -16.19 2.05
N PRO A 91 -0.12 -16.54 2.21
CA PRO A 91 -0.93 -16.08 3.34
C PRO A 91 -0.48 -16.70 4.66
N GLU A 92 0.72 -17.29 4.67
CA GLU A 92 1.24 -17.92 5.86
C GLU A 92 2.59 -17.35 6.28
N SER A 93 3.28 -16.69 5.35
CA SER A 93 4.59 -16.10 5.64
C SER A 93 4.52 -15.16 6.82
N GLU A 94 4.09 -13.94 6.55
CA GLU A 94 3.98 -12.91 7.57
C GLU A 94 3.52 -11.59 6.94
N TYR A 95 4.15 -11.23 5.84
CA TYR A 95 3.80 -10.00 5.13
C TYR A 95 2.41 -10.07 4.51
N TYR A 96 2.05 -11.25 4.01
CA TYR A 96 0.77 -11.43 3.33
C TYR A 96 -0.40 -11.00 4.19
N LYS A 97 -0.60 -11.64 5.33
CA LYS A 97 -1.69 -11.27 6.20
C LYS A 97 -1.53 -9.82 6.59
N CYS A 98 -0.28 -9.37 6.64
CA CYS A 98 0.02 -7.99 6.97
C CYS A 98 -0.51 -7.08 5.87
N ALA A 99 -0.59 -7.63 4.66
CA ALA A 99 -1.10 -6.90 3.52
C ALA A 99 -2.59 -6.74 3.64
N ASN A 100 -3.25 -7.84 4.00
CA ASN A 100 -4.68 -7.87 4.18
C ASN A 100 -5.05 -7.06 5.43
N ILE A 101 -4.22 -7.21 6.46
CA ILE A 101 -4.38 -6.52 7.72
C ILE A 101 -4.28 -5.04 7.51
N LEU A 102 -3.16 -4.65 6.92
CA LEU A 102 -2.92 -3.27 6.60
C LEU A 102 -4.06 -2.79 5.73
N GLU A 103 -4.25 -3.49 4.63
CA GLU A 103 -5.32 -3.18 3.69
C GLU A 103 -6.63 -2.90 4.44
N LYS A 104 -6.78 -3.52 5.59
CA LYS A 104 -7.95 -3.37 6.43
C LYS A 104 -7.86 -2.06 7.24
N PHE A 105 -6.76 -1.89 7.97
CA PHE A 105 -6.55 -0.67 8.74
C PHE A 105 -6.61 0.49 7.76
N PHE A 106 -5.74 0.40 6.75
CA PHE A 106 -5.70 1.35 5.66
C PHE A 106 -7.12 1.65 5.25
N PHE A 107 -7.93 0.61 5.08
CA PHE A 107 -9.33 0.80 4.70
C PHE A 107 -10.05 1.75 5.64
N SER A 108 -9.78 1.64 6.93
CA SER A 108 -10.42 2.53 7.90
C SER A 108 -9.88 3.95 7.76
N LYS A 109 -8.67 4.07 7.20
CA LYS A 109 -8.00 5.36 7.00
C LYS A 109 -8.47 6.07 5.75
N ILE A 110 -8.69 5.31 4.71
CA ILE A 110 -9.14 5.84 3.45
C ILE A 110 -10.59 6.21 3.62
N LYS A 111 -11.31 5.28 4.22
CA LYS A 111 -12.72 5.44 4.50
C LYS A 111 -12.92 6.75 5.23
N GLU A 112 -12.13 6.87 6.30
CA GLU A 112 -12.15 8.03 7.16
C GLU A 112 -11.87 9.29 6.36
N ALA A 113 -10.99 9.14 5.38
CA ALA A 113 -10.59 10.26 4.56
C ALA A 113 -11.38 10.40 3.26
N GLY A 114 -12.59 9.83 3.20
CA GLY A 114 -13.39 9.94 1.99
C GLY A 114 -12.74 9.31 0.78
N LEU A 115 -11.75 8.47 1.03
CA LEU A 115 -11.00 7.81 -0.02
C LEU A 115 -11.80 6.72 -0.71
N ILE A 116 -11.71 5.48 -0.21
CA ILE A 116 -12.45 4.36 -0.76
C ILE A 116 -13.70 4.79 -1.51
N ASP A 117 -13.79 4.37 -2.76
CA ASP A 117 -14.93 4.72 -3.60
C ASP A 117 -15.05 3.74 -4.77
N LYS A 118 -13.90 3.32 -5.30
CA LYS A 118 -13.85 2.38 -6.42
C LYS A 118 -14.69 1.14 -6.12
N SER B 1 13.87 -7.57 15.17
CA SER B 1 14.25 -9.00 15.06
C SER B 1 13.90 -9.55 13.67
N THR B 2 14.79 -9.30 12.71
CA THR B 2 14.59 -9.76 11.34
C THR B 2 13.32 -9.17 10.74
N GLY B 3 13.48 -8.09 9.98
CA GLY B 3 12.34 -7.45 9.35
C GLY B 3 12.74 -6.60 8.16
N GLY B 4 13.04 -7.26 7.04
CA GLY B 4 13.44 -6.56 5.84
C GLY B 4 14.12 -7.46 4.84
N VAL B 5 13.83 -8.76 4.93
CA VAL B 5 14.42 -9.74 4.03
C VAL B 5 13.43 -10.15 2.95
OH ALY B 6 5.73 -7.32 -1.31
CH ALY B 6 6.62 -7.22 -0.46
CH3 ALY B 6 6.21 -7.12 1.02
NZ ALY B 6 7.89 -7.45 -0.74
CE ALY B 6 8.38 -8.68 -1.37
CD ALY B 6 9.37 -9.42 -0.47
CG ALY B 6 10.48 -8.53 -0.01
CB ALY B 6 11.58 -9.35 0.64
CA ALY B 6 11.19 -9.86 2.03
N ALY B 6 12.24 -9.56 3.00
C ALY B 6 10.90 -11.37 2.02
O ALY B 6 10.31 -11.87 1.07
HH31 ALY B 6 7.08 -7.11 1.63
HH32 ALY B 6 5.65 -6.19 1.17
HH33 ALY B 6 5.58 -7.95 1.28
HZ ALY B 6 8.56 -6.80 -0.44
HE3 ALY B 6 7.53 -9.33 -1.57
HE2 ALY B 6 8.87 -8.42 -2.29
HD3 ALY B 6 8.84 -9.82 0.38
HD2 ALY B 6 9.80 -10.23 -1.04
HG3 ALY B 6 10.90 -8.02 -0.87
HG2 ALY B 6 10.11 -7.81 0.70
HB3 ALY B 6 11.79 -10.20 -0.01
HB2 ALY B 6 12.46 -8.77 0.72
HA ALY B 6 10.30 -9.34 2.36
H ALY B 6 12.06 -8.91 3.71
N LYS B 7 11.32 -12.04 3.09
CA LYS B 7 11.13 -13.48 3.25
C LYS B 7 11.02 -14.19 1.90
N PRO B 8 12.17 -14.46 1.25
CA PRO B 8 12.22 -15.11 -0.05
C PRO B 8 11.29 -16.32 -0.16
N HIS B 9 10.12 -16.08 -0.72
CA HIS B 9 9.14 -17.14 -0.92
C HIS B 9 9.06 -17.47 -2.41
N ARG B 10 10.23 -17.67 -3.02
CA ARG B 10 10.33 -17.99 -4.45
C ARG B 10 9.55 -16.97 -5.27
N TYR B 11 8.27 -17.27 -5.52
CA TYR B 11 7.40 -16.38 -6.27
C TYR B 11 5.97 -16.90 -6.29
N LYS B 12 5.03 -16.00 -5.95
CA LYS B 12 3.62 -16.34 -5.91
C LYS B 12 3.36 -17.64 -5.15
N CYS B 13 3.34 -18.76 -5.87
CA CYS B 13 3.10 -20.05 -5.26
C CYS B 13 3.90 -21.15 -5.97
N GLY A 1 -23.38 10.66 -12.05
CA GLY A 1 -24.29 11.10 -10.96
C GLY A 1 -23.86 10.59 -9.60
N SER A 2 -24.84 10.24 -8.77
CA SER A 2 -24.56 9.73 -7.43
C SER A 2 -23.72 10.73 -6.62
N HIS A 3 -24.41 11.64 -5.94
CA HIS A 3 -23.73 12.65 -5.12
C HIS A 3 -22.99 12.01 -3.96
N MET A 4 -21.77 12.48 -3.72
CA MET A 4 -20.94 11.95 -2.63
C MET A 4 -20.51 13.06 -1.69
N SER A 5 -20.37 12.73 -0.41
CA SER A 5 -19.95 13.69 0.59
C SER A 5 -18.56 13.37 1.12
N LYS A 6 -18.27 12.08 1.25
CA LYS A 6 -16.97 11.63 1.75
C LYS A 6 -16.02 11.37 0.59
N GLU A 7 -15.44 12.45 0.05
CA GLU A 7 -14.52 12.33 -1.05
C GLU A 7 -13.71 13.62 -1.22
N PRO A 8 -12.43 13.57 -0.84
CA PRO A 8 -11.49 14.70 -0.93
C PRO A 8 -11.50 15.35 -2.32
N ARG A 9 -11.50 14.49 -3.34
CA ARG A 9 -11.54 14.93 -4.75
C ARG A 9 -10.28 15.69 -5.17
N ASP A 10 -10.15 16.95 -4.75
CA ASP A 10 -9.00 17.76 -5.13
C ASP A 10 -7.69 16.98 -4.98
N PRO A 11 -6.66 17.38 -5.75
CA PRO A 11 -5.37 16.71 -5.75
C PRO A 11 -4.52 17.11 -4.54
N ASP A 12 -4.90 18.20 -3.89
CA ASP A 12 -4.19 18.68 -2.72
C ASP A 12 -4.81 18.12 -1.46
N GLN A 13 -6.14 18.20 -1.35
CA GLN A 13 -6.81 17.65 -0.18
C GLN A 13 -6.43 16.20 -0.06
N LEU A 14 -6.43 15.52 -1.21
CA LEU A 14 -6.06 14.11 -1.28
C LEU A 14 -4.60 13.96 -0.99
N TYR A 15 -3.77 14.65 -1.75
CA TYR A 15 -2.35 14.57 -1.56
C TYR A 15 -2.02 14.43 -0.09
N SER A 16 -2.38 15.41 0.70
CA SER A 16 -2.05 15.32 2.10
C SER A 16 -3.07 14.53 2.91
N THR A 17 -4.28 14.33 2.37
CA THR A 17 -5.25 13.51 3.07
C THR A 17 -4.63 12.16 3.15
N LEU A 18 -4.40 11.67 1.95
CA LEU A 18 -3.76 10.42 1.71
C LEU A 18 -2.39 10.42 2.36
N LYS A 19 -1.75 11.59 2.40
CA LYS A 19 -0.43 11.71 3.01
C LYS A 19 -0.51 11.19 4.42
N SER A 20 -1.71 11.28 4.98
CA SER A 20 -1.96 10.82 6.33
C SER A 20 -2.33 9.34 6.31
N ILE A 21 -3.28 8.96 5.45
CA ILE A 21 -3.64 7.57 5.33
C ILE A 21 -2.35 6.81 5.12
N LEU A 22 -1.69 7.07 4.00
CA LEU A 22 -0.40 6.46 3.69
C LEU A 22 0.46 6.41 4.92
N GLN A 23 0.74 7.59 5.45
CA GLN A 23 1.55 7.76 6.64
C GLN A 23 1.15 6.74 7.71
N GLN A 24 -0.14 6.49 7.78
CA GLN A 24 -0.70 5.56 8.76
C GLN A 24 -0.58 4.10 8.33
N VAL A 25 -1.12 3.77 7.16
CA VAL A 25 -1.08 2.42 6.64
C VAL A 25 0.33 1.89 6.60
N LYS A 26 1.29 2.77 6.30
CA LYS A 26 2.67 2.36 6.23
C LYS A 26 3.28 2.36 7.61
N SER A 27 2.79 3.25 8.48
CA SER A 27 3.28 3.26 9.84
C SER A 27 2.72 2.04 10.55
N HIS A 28 1.80 1.38 9.85
CA HIS A 28 1.14 0.19 10.35
C HIS A 28 2.17 -0.92 10.59
N GLN A 29 1.96 -1.67 11.65
CA GLN A 29 2.81 -2.78 12.02
C GLN A 29 2.84 -3.86 10.95
N SER A 30 1.88 -3.81 10.06
CA SER A 30 1.77 -4.76 8.96
C SER A 30 2.27 -4.13 7.67
N ALA A 31 2.89 -2.99 7.81
CA ALA A 31 3.38 -2.27 6.67
C ALA A 31 4.88 -2.39 6.44
N TRP A 32 5.61 -3.13 7.25
CA TRP A 32 7.05 -3.21 7.05
C TRP A 32 7.44 -3.89 5.72
N PRO A 33 6.69 -4.88 5.20
CA PRO A 33 7.02 -5.50 3.92
C PRO A 33 6.74 -4.54 2.78
N PHE A 34 6.05 -3.46 3.11
CA PHE A 34 5.65 -2.46 2.13
C PHE A 34 6.25 -1.09 2.45
N MET A 35 6.75 -0.93 3.67
CA MET A 35 7.30 0.34 4.13
C MET A 35 8.23 0.99 3.13
N GLU A 36 8.95 0.16 2.40
CA GLU A 36 9.88 0.64 1.40
C GLU A 36 10.10 -0.38 0.30
N PRO A 37 10.23 0.10 -0.95
CA PRO A 37 10.45 -0.74 -2.11
C PRO A 37 11.53 -1.78 -1.88
N VAL A 38 11.17 -3.01 -2.17
CA VAL A 38 12.04 -4.15 -2.02
C VAL A 38 13.39 -3.93 -2.69
N LYS A 39 14.33 -4.79 -2.36
CA LYS A 39 15.67 -4.73 -2.93
C LYS A 39 15.61 -5.29 -4.34
N ARG A 40 14.39 -5.61 -4.75
CA ARG A 40 14.15 -6.21 -6.05
C ARG A 40 14.70 -7.61 -6.01
N THR A 41 15.31 -7.97 -4.87
CA THR A 41 15.91 -9.28 -4.72
C THR A 41 15.67 -9.91 -3.35
N GLU A 42 15.33 -9.13 -2.30
CA GLU A 42 15.02 -9.79 -1.02
C GLU A 42 13.93 -10.72 -1.42
N ALA A 43 13.31 -10.18 -2.43
CA ALA A 43 12.26 -10.74 -3.16
C ALA A 43 12.87 -11.15 -4.47
N PRO A 44 13.30 -12.39 -4.48
CA PRO A 44 14.01 -12.99 -5.61
C PRO A 44 13.31 -12.77 -6.93
N GLY A 45 12.46 -13.71 -7.33
CA GLY A 45 11.74 -13.54 -8.56
C GLY A 45 10.57 -12.60 -8.37
N TYR A 46 10.70 -11.68 -7.41
CA TYR A 46 9.64 -10.75 -7.08
C TYR A 46 9.14 -9.95 -8.27
N TYR A 47 9.99 -9.14 -8.86
CA TYR A 47 9.61 -8.34 -10.02
C TYR A 47 8.97 -9.19 -11.13
N GLU A 48 9.16 -10.49 -11.06
CA GLU A 48 8.62 -11.42 -12.05
C GLU A 48 7.14 -11.69 -11.78
N VAL A 49 6.85 -11.92 -10.51
CA VAL A 49 5.51 -12.21 -10.04
C VAL A 49 4.74 -10.93 -9.90
N ILE A 50 5.43 -9.98 -9.36
CA ILE A 50 4.86 -8.71 -9.09
C ILE A 50 4.97 -7.73 -10.25
N ARG A 51 3.97 -7.75 -11.11
CA ARG A 51 3.95 -6.82 -12.24
C ARG A 51 4.03 -5.38 -11.75
N PHE A 52 3.38 -5.09 -10.62
CA PHE A 52 3.38 -3.72 -10.07
C PHE A 52 3.81 -3.68 -8.61
N PRO A 53 5.10 -3.89 -8.31
CA PRO A 53 5.60 -3.87 -6.95
C PRO A 53 5.48 -2.49 -6.29
N MET A 54 4.32 -2.24 -5.72
CA MET A 54 4.06 -0.98 -5.03
C MET A 54 4.40 -1.12 -3.57
N ASP A 55 4.78 -0.01 -2.99
CA ASP A 55 5.11 0.04 -1.61
C ASP A 55 4.57 1.32 -1.01
N LEU A 56 4.66 1.43 0.30
CA LEU A 56 4.21 2.61 0.99
C LEU A 56 5.14 3.77 0.76
N LYS A 57 6.41 3.47 0.51
CA LYS A 57 7.34 4.53 0.20
C LYS A 57 7.13 4.95 -1.23
N THR A 58 6.89 3.96 -2.10
CA THR A 58 6.58 4.25 -3.49
C THR A 58 5.27 5.03 -3.50
N MET A 59 4.34 4.58 -2.65
CA MET A 59 3.07 5.27 -2.46
C MET A 59 3.41 6.70 -2.08
N SER A 60 4.13 6.82 -0.95
CA SER A 60 4.55 8.12 -0.44
C SER A 60 5.37 8.89 -1.46
N GLU A 61 6.07 8.18 -2.33
CA GLU A 61 6.84 8.79 -3.37
C GLU A 61 5.94 9.62 -4.25
N ARG A 62 4.87 8.98 -4.65
CA ARG A 62 3.85 9.60 -5.45
C ARG A 62 3.22 10.71 -4.65
N LEU A 63 2.85 10.35 -3.44
CA LEU A 63 2.25 11.26 -2.48
C LEU A 63 3.04 12.53 -2.36
N LYS A 64 4.31 12.36 -2.09
CA LYS A 64 5.19 13.48 -1.90
C LYS A 64 5.09 14.44 -3.07
N ASN A 65 5.19 13.89 -4.28
CA ASN A 65 5.12 14.71 -5.48
C ASN A 65 3.68 15.14 -5.77
N ARG A 66 2.76 14.69 -4.91
CA ARG A 66 1.33 15.02 -5.02
C ARG A 66 0.68 14.24 -6.15
N TYR A 67 1.30 13.14 -6.50
CA TYR A 67 0.81 12.28 -7.58
C TYR A 67 -0.64 11.91 -7.38
N TYR A 68 -1.03 11.62 -6.13
CA TYR A 68 -2.39 11.22 -5.83
C TYR A 68 -3.37 12.34 -6.04
N VAL A 69 -3.69 12.56 -7.31
CA VAL A 69 -4.65 13.56 -7.69
C VAL A 69 -6.01 12.93 -7.63
N SER A 70 -6.02 11.75 -7.02
CA SER A 70 -7.20 10.95 -6.88
C SER A 70 -6.97 9.85 -5.84
N LYS A 71 -7.83 9.79 -4.82
CA LYS A 71 -7.67 8.76 -3.79
C LYS A 71 -7.56 7.40 -4.41
N LYS A 72 -7.95 7.29 -5.68
CA LYS A 72 -7.87 6.02 -6.38
C LYS A 72 -6.43 5.68 -6.71
N LEU A 73 -5.66 6.68 -7.12
CA LEU A 73 -4.25 6.47 -7.38
C LEU A 73 -3.67 5.86 -6.15
N PHE A 74 -4.05 6.53 -5.10
CA PHE A 74 -3.67 6.21 -3.77
C PHE A 74 -4.21 4.87 -3.36
N MET A 75 -5.43 4.63 -3.75
CA MET A 75 -6.06 3.39 -3.42
C MET A 75 -5.35 2.27 -4.15
N ALA A 76 -5.46 2.32 -5.47
CA ALA A 76 -4.85 1.34 -6.36
C ALA A 76 -3.42 1.01 -5.97
N ASP A 77 -2.59 2.04 -5.80
CA ASP A 77 -1.18 1.85 -5.48
C ASP A 77 -0.99 1.26 -4.08
N LEU A 78 -1.53 1.88 -3.05
CA LEU A 78 -1.39 1.29 -1.73
C LEU A 78 -1.96 -0.10 -1.79
N GLN A 79 -3.01 -0.22 -2.59
CA GLN A 79 -3.68 -1.48 -2.80
C GLN A 79 -2.81 -2.35 -3.65
N ARG A 80 -1.91 -1.67 -4.35
CA ARG A 80 -0.94 -2.29 -5.21
C ARG A 80 0.16 -2.94 -4.35
N VAL A 81 0.32 -2.43 -3.11
CA VAL A 81 1.31 -3.00 -2.18
C VAL A 81 0.71 -4.21 -1.48
N PHE A 82 -0.54 -4.06 -1.05
CA PHE A 82 -1.24 -5.15 -0.38
C PHE A 82 -1.42 -6.28 -1.39
N THR A 83 -2.01 -5.94 -2.53
CA THR A 83 -2.27 -6.90 -3.60
C THR A 83 -0.98 -7.62 -4.00
N ASN A 84 0.11 -6.86 -4.18
CA ASN A 84 1.38 -7.47 -4.55
C ASN A 84 1.85 -8.33 -3.42
N CYS A 85 1.42 -7.99 -2.20
CA CYS A 85 1.80 -8.77 -1.06
C CYS A 85 0.97 -10.04 -1.01
N LYS A 86 -0.24 -9.90 -1.51
CA LYS A 86 -1.21 -10.97 -1.60
C LYS A 86 -0.94 -11.82 -2.84
N GLU A 87 -0.22 -11.21 -3.77
CA GLU A 87 0.12 -11.80 -5.06
C GLU A 87 1.21 -12.84 -4.97
N TYR A 88 2.35 -12.36 -4.51
CA TYR A 88 3.56 -13.16 -4.40
C TYR A 88 3.65 -13.90 -3.09
N ASN A 89 3.62 -13.14 -2.03
CA ASN A 89 3.73 -13.73 -0.69
C ASN A 89 2.60 -14.69 -0.42
N PRO A 90 2.81 -15.61 0.54
CA PRO A 90 1.81 -16.58 0.98
C PRO A 90 1.09 -16.10 2.25
N PRO A 91 -0.25 -16.31 2.36
CA PRO A 91 -1.01 -15.89 3.54
C PRO A 91 -0.40 -16.41 4.84
N GLU A 92 0.51 -17.36 4.70
CA GLU A 92 1.18 -17.94 5.85
C GLU A 92 2.32 -17.05 6.33
N SER A 93 2.93 -16.35 5.37
CA SER A 93 4.02 -15.43 5.68
C SER A 93 3.55 -14.31 6.59
N GLU A 94 4.47 -13.44 6.95
CA GLU A 94 4.15 -12.32 7.82
C GLU A 94 3.48 -11.22 7.03
N TYR A 95 4.05 -11.00 5.86
CA TYR A 95 3.63 -9.92 4.99
C TYR A 95 2.23 -10.10 4.42
N TYR A 96 1.97 -11.23 3.77
CA TYR A 96 0.67 -11.46 3.15
C TYR A 96 -0.47 -11.02 4.07
N LYS A 97 -0.55 -11.60 5.24
CA LYS A 97 -1.61 -11.24 6.17
C LYS A 97 -1.47 -9.77 6.49
N CYS A 98 -0.24 -9.32 6.63
CA CYS A 98 0.04 -7.93 6.91
C CYS A 98 -0.53 -7.05 5.80
N ALA A 99 -0.68 -7.64 4.63
CA ALA A 99 -1.23 -6.93 3.48
C ALA A 99 -2.71 -6.76 3.67
N ASN A 100 -3.38 -7.85 4.02
CA ASN A 100 -4.80 -7.86 4.27
C ASN A 100 -5.14 -7.04 5.51
N ILE A 101 -4.26 -7.18 6.50
CA ILE A 101 -4.38 -6.49 7.78
C ILE A 101 -4.25 -5.00 7.55
N LEU A 102 -3.14 -4.63 6.97
CA LEU A 102 -2.89 -3.25 6.64
C LEU A 102 -4.04 -2.76 5.78
N GLU A 103 -4.28 -3.48 4.70
CA GLU A 103 -5.36 -3.16 3.79
C GLU A 103 -6.66 -2.89 4.54
N LYS A 104 -6.79 -3.51 5.71
CA LYS A 104 -7.95 -3.35 6.54
C LYS A 104 -7.86 -2.05 7.35
N PHE A 105 -6.76 -1.86 8.08
CA PHE A 105 -6.55 -0.62 8.83
C PHE A 105 -6.64 0.52 7.84
N PHE A 106 -5.78 0.45 6.85
CA PHE A 106 -5.75 1.39 5.76
C PHE A 106 -7.16 1.66 5.31
N PHE A 107 -7.96 0.60 5.16
CA PHE A 107 -9.34 0.77 4.74
C PHE A 107 -10.11 1.70 5.65
N SER A 108 -9.86 1.63 6.94
CA SER A 108 -10.53 2.51 7.88
C SER A 108 -10.00 3.94 7.76
N LYS A 109 -8.78 4.04 7.25
CA LYS A 109 -8.09 5.33 7.07
C LYS A 109 -8.52 6.05 5.81
N ILE A 110 -8.74 5.29 4.76
CA ILE A 110 -9.16 5.85 3.50
C ILE A 110 -10.61 6.24 3.63
N LYS A 111 -11.36 5.30 4.17
CA LYS A 111 -12.78 5.48 4.40
C LYS A 111 -12.99 6.76 5.16
N GLU A 112 -12.23 6.85 6.24
CA GLU A 112 -12.26 8.00 7.14
C GLU A 112 -11.96 9.27 6.38
N ALA A 113 -11.06 9.15 5.42
CA ALA A 113 -10.63 10.29 4.64
C ALA A 113 -11.42 10.48 3.33
N GLY A 114 -12.58 9.85 3.22
CA GLY A 114 -13.38 9.98 2.01
C GLY A 114 -12.68 9.40 0.80
N LEU A 115 -11.71 8.54 1.05
CA LEU A 115 -10.91 7.91 0.01
C LEU A 115 -11.72 6.88 -0.77
N ILE A 116 -11.63 5.63 -0.34
CA ILE A 116 -12.36 4.53 -0.95
C ILE A 116 -13.60 5.00 -1.73
N ASP A 117 -13.69 4.57 -2.97
CA ASP A 117 -14.81 4.95 -3.82
C ASP A 117 -14.95 4.00 -5.02
N LYS A 118 -13.82 3.49 -5.51
CA LYS A 118 -13.82 2.57 -6.64
C LYS A 118 -14.87 1.47 -6.48
N SER B 1 15.02 -3.53 14.12
CA SER B 1 14.70 -4.97 14.27
C SER B 1 13.60 -5.38 13.30
N THR B 2 13.98 -5.96 12.17
CA THR B 2 13.01 -6.39 11.17
C THR B 2 13.62 -7.43 10.24
N GLY B 3 12.75 -8.17 9.54
CA GLY B 3 13.22 -9.19 8.62
C GLY B 3 14.12 -8.64 7.53
N GLY B 4 13.52 -8.09 6.49
CA GLY B 4 14.29 -7.54 5.39
C GLY B 4 14.86 -8.61 4.48
N VAL B 5 14.08 -9.66 4.26
CA VAL B 5 14.51 -10.76 3.40
C VAL B 5 13.43 -11.14 2.40
OH ALY B 6 6.64 -6.42 -1.51
CH ALY B 6 6.65 -7.26 -0.61
CH3 ALY B 6 5.55 -7.22 0.44
NZ ALY B 6 7.54 -8.25 -0.58
CE ALY B 6 8.73 -8.28 -1.43
CD ALY B 6 9.98 -8.62 -0.63
CG ALY B 6 10.02 -10.07 -0.34
CB ALY B 6 11.31 -10.39 0.35
CA ALY B 6 11.08 -10.90 1.78
N ALY B 6 12.23 -10.63 2.64
C ALY B 6 10.69 -12.36 1.76
O ALY B 6 9.95 -12.80 0.87
HH31 ALY B 6 5.83 -7.85 1.27
HH32 ALY B 6 5.38 -6.20 0.79
HH33 ALY B 6 4.63 -7.61 0.01
HZ ALY B 6 7.51 -8.88 0.17
HE3 ALY B 6 8.60 -9.02 -2.19
HE2 ALY B 6 8.84 -7.33 -1.87
HD3 ALY B 6 10.87 -8.41 -1.22
HD2 ALY B 6 9.99 -8.07 0.29
HG3 ALY B 6 9.19 -10.34 0.29
HG2 ALY B 6 9.99 -10.61 -1.28
HB3 ALY B 6 11.82 -11.12 -0.25
HB2 ALY B 6 11.90 -9.50 0.39
HA ALY B 6 10.25 -10.35 2.20
H ALY B 6 12.11 -10.05 3.41
N LYS B 7 11.17 -13.12 2.75
CA LYS B 7 10.87 -14.55 2.86
C LYS B 7 10.48 -15.13 1.50
N PRO B 8 11.43 -15.18 0.55
CA PRO B 8 11.19 -15.69 -0.80
C PRO B 8 10.17 -16.83 -0.82
N HIS B 9 9.21 -16.75 -1.74
CA HIS B 9 8.19 -17.80 -1.86
C HIS B 9 8.12 -18.34 -3.28
N ARG B 10 7.46 -19.49 -3.44
CA ARG B 10 7.32 -20.15 -4.74
C ARG B 10 7.24 -19.16 -5.89
N TYR B 11 6.39 -18.14 -5.75
CA TYR B 11 6.24 -17.13 -6.80
C TYR B 11 7.56 -16.40 -7.02
N LYS B 12 8.40 -16.96 -7.88
CA LYS B 12 9.70 -16.38 -8.19
C LYS B 12 10.43 -17.21 -9.25
N CYS B 13 11.71 -16.93 -9.43
CA CYS B 13 12.52 -17.65 -10.41
C CYS B 13 12.83 -19.05 -9.93
N GLY A 1 -19.65 22.40 7.00
CA GLY A 1 -21.00 22.32 6.36
C GLY A 1 -21.17 21.08 5.53
N SER A 2 -20.14 20.23 5.50
CA SER A 2 -20.19 19.00 4.73
C SER A 2 -21.16 17.99 5.36
N HIS A 3 -20.72 17.37 6.46
CA HIS A 3 -21.54 16.38 7.16
C HIS A 3 -21.88 15.20 6.27
N MET A 4 -21.25 14.06 6.54
CA MET A 4 -21.50 12.84 5.77
C MET A 4 -21.25 13.07 4.28
N SER A 5 -20.24 13.87 3.97
CA SER A 5 -19.90 14.17 2.58
C SER A 5 -18.55 14.87 2.50
N LYS A 6 -17.48 14.10 2.65
CA LYS A 6 -16.13 14.65 2.59
C LYS A 6 -15.53 14.49 1.20
N GLU A 7 -14.83 13.38 0.98
CA GLU A 7 -14.21 13.10 -0.32
C GLU A 7 -13.27 14.23 -0.73
N PRO A 8 -11.95 14.01 -0.59
CA PRO A 8 -10.93 14.98 -0.94
C PRO A 8 -10.63 15.01 -2.44
N ARG A 9 -11.70 14.83 -3.24
CA ARG A 9 -11.61 14.82 -4.70
C ARG A 9 -10.44 15.64 -5.24
N ASP A 10 -10.32 16.89 -4.79
CA ASP A 10 -9.22 17.73 -5.26
C ASP A 10 -7.89 17.05 -5.03
N PRO A 11 -7.01 17.11 -6.05
CA PRO A 11 -5.70 16.47 -6.03
C PRO A 11 -4.84 16.90 -4.85
N ASP A 12 -5.17 18.03 -4.24
CA ASP A 12 -4.41 18.53 -3.09
C ASP A 12 -5.03 18.02 -1.81
N GLN A 13 -6.36 18.10 -1.71
CA GLN A 13 -7.04 17.61 -0.52
C GLN A 13 -6.63 16.16 -0.31
N LEU A 14 -6.62 15.43 -1.42
CA LEU A 14 -6.23 14.03 -1.41
C LEU A 14 -4.75 13.90 -1.14
N TYR A 15 -3.94 14.60 -1.93
CA TYR A 15 -2.51 14.55 -1.76
C TYR A 15 -2.15 14.46 -0.29
N SER A 16 -2.52 15.45 0.49
CA SER A 16 -2.17 15.38 1.88
C SER A 16 -3.16 14.60 2.72
N THR A 17 -4.37 14.38 2.19
CA THR A 17 -5.33 13.57 2.92
C THR A 17 -4.68 12.23 3.03
N LEU A 18 -4.45 11.71 1.85
CA LEU A 18 -3.79 10.47 1.63
C LEU A 18 -2.42 10.50 2.31
N LYS A 19 -1.80 11.69 2.33
CA LYS A 19 -0.49 11.83 2.97
C LYS A 19 -0.58 11.32 4.38
N SER A 20 -1.78 11.41 4.93
CA SER A 20 -2.04 10.95 6.29
C SER A 20 -2.37 9.48 6.27
N ILE A 21 -3.33 9.08 5.41
CA ILE A 21 -3.67 7.67 5.32
C ILE A 21 -2.39 6.91 5.13
N LEU A 22 -1.71 7.19 4.02
CA LEU A 22 -0.42 6.57 3.73
C LEU A 22 0.43 6.55 4.98
N GLN A 23 0.70 7.74 5.49
CA GLN A 23 1.50 7.91 6.70
C GLN A 23 1.06 6.94 7.79
N GLN A 24 -0.23 6.63 7.80
CA GLN A 24 -0.81 5.74 8.79
C GLN A 24 -0.67 4.27 8.40
N VAL A 25 -1.18 3.91 7.22
CA VAL A 25 -1.11 2.56 6.73
C VAL A 25 0.33 2.10 6.68
N LYS A 26 1.21 3.08 6.50
CA LYS A 26 2.63 2.83 6.41
C LYS A 26 3.21 2.72 7.81
N SER A 27 2.71 3.55 8.71
CA SER A 27 3.15 3.49 10.09
C SER A 27 2.58 2.25 10.74
N HIS A 28 1.68 1.60 9.99
CA HIS A 28 1.03 0.39 10.45
C HIS A 28 2.07 -0.70 10.71
N GLN A 29 1.84 -1.46 11.77
CA GLN A 29 2.71 -2.55 12.17
C GLN A 29 2.83 -3.61 11.08
N SER A 30 1.82 -3.67 10.23
CA SER A 30 1.79 -4.62 9.12
C SER A 30 2.32 -3.99 7.85
N ALA A 31 2.89 -2.82 8.01
CA ALA A 31 3.39 -2.07 6.88
C ALA A 31 4.91 -2.15 6.74
N TRP A 32 5.60 -2.87 7.60
CA TRP A 32 7.05 -2.93 7.50
C TRP A 32 7.55 -3.63 6.23
N PRO A 33 6.83 -4.63 5.67
CA PRO A 33 7.27 -5.29 4.44
C PRO A 33 6.99 -4.41 3.24
N PHE A 34 6.22 -3.36 3.49
CA PHE A 34 5.82 -2.43 2.45
C PHE A 34 6.39 -1.03 2.71
N MET A 35 6.82 -0.79 3.95
CA MET A 35 7.35 0.51 4.37
C MET A 35 8.36 1.06 3.38
N GLU A 36 9.10 0.15 2.76
CA GLU A 36 10.13 0.53 1.80
C GLU A 36 10.19 -0.47 0.66
N PRO A 37 10.49 0.01 -0.56
CA PRO A 37 10.60 -0.82 -1.74
C PRO A 37 11.54 -1.98 -1.52
N VAL A 38 11.17 -3.15 -2.00
CA VAL A 38 12.01 -4.31 -1.83
C VAL A 38 13.26 -4.20 -2.68
N LYS A 39 14.28 -4.95 -2.31
CA LYS A 39 15.58 -4.93 -2.99
C LYS A 39 15.48 -5.61 -4.33
N ARG A 40 14.26 -5.90 -4.74
CA ARG A 40 14.02 -6.62 -5.98
C ARG A 40 14.63 -7.99 -5.84
N THR A 41 15.25 -8.25 -4.68
CA THR A 41 15.90 -9.51 -4.46
C THR A 41 15.68 -10.07 -3.05
N GLU A 42 15.32 -9.24 -2.05
CA GLU A 42 15.03 -9.80 -0.72
C GLU A 42 13.90 -10.73 -1.01
N ALA A 43 13.27 -10.31 -2.08
CA ALA A 43 12.15 -10.90 -2.68
C ALA A 43 12.58 -11.63 -3.93
N PRO A 44 12.87 -12.89 -3.75
CA PRO A 44 13.36 -13.78 -4.80
C PRO A 44 12.36 -13.90 -5.93
N GLY A 45 12.72 -13.35 -7.07
CA GLY A 45 11.85 -13.37 -8.21
C GLY A 45 10.62 -12.52 -7.98
N TYR A 46 10.72 -11.58 -7.03
CA TYR A 46 9.60 -10.71 -6.71
C TYR A 46 9.02 -10.08 -7.96
N TYR A 47 9.85 -9.38 -8.71
CA TYR A 47 9.42 -8.71 -9.92
C TYR A 47 8.84 -9.68 -10.95
N GLU A 48 9.13 -10.96 -10.77
CA GLU A 48 8.65 -11.98 -11.70
C GLU A 48 7.16 -12.24 -11.47
N VAL A 49 6.79 -12.24 -10.20
CA VAL A 49 5.42 -12.46 -9.76
C VAL A 49 4.70 -11.16 -9.68
N ILE A 50 5.36 -10.27 -9.01
CA ILE A 50 4.86 -8.97 -8.75
C ILE A 50 4.89 -8.05 -9.95
N ARG A 51 3.82 -8.07 -10.72
CA ARG A 51 3.71 -7.20 -11.89
C ARG A 51 3.95 -5.74 -11.50
N PHE A 52 3.45 -5.33 -10.33
CA PHE A 52 3.61 -3.94 -9.88
C PHE A 52 4.05 -3.85 -8.41
N PRO A 53 5.34 -4.09 -8.13
CA PRO A 53 5.87 -4.01 -6.77
C PRO A 53 5.76 -2.62 -6.15
N MET A 54 4.62 -2.38 -5.47
CA MET A 54 4.36 -1.11 -4.81
C MET A 54 4.67 -1.22 -3.34
N ASP A 55 4.88 -0.08 -2.72
CA ASP A 55 5.16 -0.02 -1.32
C ASP A 55 4.67 1.30 -0.76
N LEU A 56 4.70 1.43 0.55
CA LEU A 56 4.28 2.66 1.21
C LEU A 56 5.26 3.78 0.97
N LYS A 57 6.51 3.41 0.71
CA LYS A 57 7.52 4.41 0.39
C LYS A 57 7.28 4.91 -1.02
N THR A 58 7.03 3.98 -1.94
CA THR A 58 6.72 4.34 -3.31
C THR A 58 5.39 5.08 -3.34
N MET A 59 4.46 4.61 -2.49
CA MET A 59 3.17 5.28 -2.33
C MET A 59 3.47 6.71 -1.93
N SER A 60 4.11 6.87 -0.77
CA SER A 60 4.48 8.19 -0.27
C SER A 60 5.31 8.95 -1.29
N GLU A 61 6.07 8.24 -2.09
CA GLU A 61 6.87 8.85 -3.14
C GLU A 61 5.96 9.69 -4.01
N ARG A 62 4.93 9.02 -4.50
CA ARG A 62 3.94 9.65 -5.34
C ARG A 62 3.30 10.79 -4.58
N LEU A 63 2.90 10.46 -3.38
CA LEU A 63 2.28 11.39 -2.44
C LEU A 63 3.07 12.66 -2.36
N LYS A 64 4.35 12.51 -2.14
CA LYS A 64 5.24 13.62 -2.01
C LYS A 64 5.04 14.57 -3.19
N ASN A 65 5.07 13.99 -4.40
CA ASN A 65 4.92 14.76 -5.62
C ASN A 65 3.48 15.19 -5.84
N ARG A 66 2.62 14.83 -4.90
CA ARG A 66 1.20 15.15 -4.99
C ARG A 66 0.59 14.32 -6.10
N TYR A 67 1.31 13.26 -6.48
CA TYR A 67 0.89 12.40 -7.55
C TYR A 67 -0.55 11.94 -7.36
N TYR A 68 -0.93 11.68 -6.12
CA TYR A 68 -2.28 11.22 -5.83
C TYR A 68 -3.29 12.30 -6.05
N VAL A 69 -3.62 12.50 -7.30
CA VAL A 69 -4.62 13.46 -7.68
C VAL A 69 -5.95 12.78 -7.63
N SER A 70 -5.93 11.63 -6.98
CA SER A 70 -7.09 10.79 -6.84
C SER A 70 -6.83 9.69 -5.83
N LYS A 71 -7.70 9.53 -4.83
CA LYS A 71 -7.49 8.48 -3.84
C LYS A 71 -7.36 7.14 -4.52
N LYS A 72 -7.75 7.08 -5.79
CA LYS A 72 -7.64 5.83 -6.53
C LYS A 72 -6.20 5.52 -6.87
N LEU A 73 -5.42 6.56 -7.13
CA LEU A 73 -4.01 6.39 -7.39
C LEU A 73 -3.43 5.81 -6.15
N PHE A 74 -3.87 6.45 -5.11
CA PHE A 74 -3.53 6.15 -3.77
C PHE A 74 -4.06 4.81 -3.34
N MET A 75 -5.24 4.52 -3.80
CA MET A 75 -5.87 3.29 -3.46
C MET A 75 -5.16 2.19 -4.17
N ALA A 76 -5.22 2.25 -5.49
CA ALA A 76 -4.60 1.27 -6.35
C ALA A 76 -3.17 0.96 -5.97
N ASP A 77 -2.37 1.99 -5.73
CA ASP A 77 -0.96 1.80 -5.40
C ASP A 77 -0.78 1.23 -4.00
N LEU A 78 -1.36 1.83 -2.98
CA LEU A 78 -1.24 1.24 -1.65
C LEU A 78 -1.80 -0.15 -1.73
N GLN A 79 -2.82 -0.27 -2.56
CA GLN A 79 -3.48 -1.53 -2.80
C GLN A 79 -2.59 -2.37 -3.66
N ARG A 80 -1.69 -1.68 -4.33
CA ARG A 80 -0.71 -2.30 -5.19
C ARG A 80 0.32 -2.99 -4.30
N VAL A 81 0.49 -2.47 -3.07
CA VAL A 81 1.40 -3.08 -2.12
C VAL A 81 0.71 -4.28 -1.49
N PHE A 82 -0.48 -4.06 -0.92
CA PHE A 82 -1.23 -5.16 -0.31
C PHE A 82 -1.42 -6.28 -1.32
N THR A 83 -1.92 -5.91 -2.50
CA THR A 83 -2.16 -6.89 -3.57
C THR A 83 -0.90 -7.65 -3.94
N ASN A 84 0.22 -6.93 -4.10
CA ASN A 84 1.48 -7.58 -4.45
C ASN A 84 1.98 -8.39 -3.27
N CYS A 85 1.62 -7.93 -2.07
CA CYS A 85 2.02 -8.60 -0.86
C CYS A 85 1.16 -9.82 -0.65
N LYS A 86 -0.02 -9.71 -1.21
CA LYS A 86 -1.02 -10.75 -1.19
C LYS A 86 -0.89 -11.68 -2.41
N GLU A 87 -0.22 -11.15 -3.44
CA GLU A 87 -0.02 -11.86 -4.71
C GLU A 87 1.04 -12.93 -4.65
N TYR A 88 2.24 -12.47 -4.40
CA TYR A 88 3.41 -13.32 -4.33
C TYR A 88 3.45 -14.12 -3.06
N ASN A 89 3.49 -13.36 -2.00
CA ASN A 89 3.60 -13.88 -0.66
C ASN A 89 2.51 -14.86 -0.32
N PRO A 90 2.79 -15.71 0.67
CA PRO A 90 1.83 -16.67 1.21
C PRO A 90 1.10 -16.09 2.42
N PRO A 91 -0.19 -16.42 2.60
CA PRO A 91 -0.99 -15.88 3.72
C PRO A 91 -0.54 -16.41 5.07
N GLU A 92 0.62 -17.05 5.11
CA GLU A 92 1.15 -17.62 6.35
C GLU A 92 2.49 -16.99 6.72
N SER A 93 3.16 -16.40 5.75
CA SER A 93 4.45 -15.76 5.96
C SER A 93 4.40 -14.71 7.06
N GLU A 94 4.08 -13.50 6.66
CA GLU A 94 3.97 -12.37 7.57
C GLU A 94 3.51 -11.15 6.80
N TYR A 95 4.18 -10.88 5.67
CA TYR A 95 3.83 -9.75 4.84
C TYR A 95 2.42 -9.87 4.27
N TYR A 96 2.08 -11.08 3.82
CA TYR A 96 0.77 -11.32 3.22
C TYR A 96 -0.35 -10.86 4.13
N LYS A 97 -0.42 -11.43 5.32
CA LYS A 97 -1.46 -11.03 6.25
C LYS A 97 -1.28 -9.57 6.57
N CYS A 98 -0.03 -9.15 6.60
CA CYS A 98 0.28 -7.76 6.87
C CYS A 98 -0.28 -6.89 5.76
N ALA A 99 -0.55 -7.51 4.62
CA ALA A 99 -1.10 -6.81 3.49
C ALA A 99 -2.60 -6.64 3.65
N ASN A 100 -3.26 -7.72 4.02
CA ASN A 100 -4.68 -7.73 4.27
C ASN A 100 -4.99 -6.90 5.51
N ILE A 101 -4.19 -7.13 6.54
CA ILE A 101 -4.30 -6.45 7.83
C ILE A 101 -4.17 -4.96 7.63
N LEU A 102 -3.13 -4.59 6.93
CA LEU A 102 -2.89 -3.21 6.63
C LEU A 102 -4.03 -2.71 5.77
N GLU A 103 -4.29 -3.44 4.71
CA GLU A 103 -5.35 -3.13 3.80
C GLU A 103 -6.65 -2.83 4.57
N LYS A 104 -6.76 -3.40 5.76
CA LYS A 104 -7.92 -3.19 6.62
C LYS A 104 -7.80 -1.84 7.31
N PHE A 105 -6.78 -1.73 8.16
CA PHE A 105 -6.49 -0.49 8.87
C PHE A 105 -6.55 0.65 7.87
N PHE A 106 -5.72 0.52 6.85
CA PHE A 106 -5.67 1.45 5.75
C PHE A 106 -7.09 1.74 5.32
N PHE A 107 -7.89 0.69 5.16
CA PHE A 107 -9.29 0.88 4.77
C PHE A 107 -10.02 1.83 5.70
N SER A 108 -9.70 1.77 6.99
CA SER A 108 -10.34 2.65 7.94
C SER A 108 -9.81 4.08 7.79
N LYS A 109 -8.59 4.19 7.25
CA LYS A 109 -7.93 5.49 7.04
C LYS A 109 -8.41 6.19 5.79
N ILE A 110 -8.66 5.40 4.76
CA ILE A 110 -9.12 5.94 3.49
C ILE A 110 -10.57 6.31 3.66
N LYS A 111 -11.31 5.38 4.23
CA LYS A 111 -12.72 5.56 4.48
C LYS A 111 -12.93 6.84 5.25
N GLU A 112 -12.15 6.95 6.31
CA GLU A 112 -12.18 8.11 7.19
C GLU A 112 -11.89 9.36 6.42
N ALA A 113 -10.95 9.26 5.51
CA ALA A 113 -10.54 10.39 4.71
C ALA A 113 -11.33 10.55 3.41
N GLY A 114 -12.53 9.98 3.37
CA GLY A 114 -13.35 10.08 2.17
C GLY A 114 -12.63 9.58 0.93
N LEU A 115 -11.82 8.55 1.11
CA LEU A 115 -11.03 7.97 0.05
C LEU A 115 -11.84 6.93 -0.72
N ILE A 116 -11.52 5.66 -0.49
CA ILE A 116 -12.20 4.54 -1.10
C ILE A 116 -13.29 4.95 -2.11
N ASP A 117 -14.55 4.57 -1.86
CA ASP A 117 -15.66 4.94 -2.74
C ASP A 117 -15.58 4.29 -4.12
N LYS A 118 -14.40 3.77 -4.47
CA LYS A 118 -14.20 3.12 -5.77
C LYS A 118 -15.23 2.00 -5.98
N SER B 1 16.11 -21.38 10.40
CA SER B 1 14.85 -20.64 10.67
C SER B 1 15.00 -19.16 10.29
N THR B 2 15.87 -18.89 9.33
CA THR B 2 16.11 -17.52 8.88
C THR B 2 15.23 -17.17 7.68
N GLY B 3 14.66 -15.97 7.71
CA GLY B 3 13.80 -15.54 6.62
C GLY B 3 14.20 -14.18 6.08
N GLY B 4 15.28 -13.61 6.62
CA GLY B 4 15.73 -12.31 6.17
C GLY B 4 14.68 -11.24 6.34
N VAL B 5 14.22 -10.67 5.23
CA VAL B 5 13.20 -9.63 5.25
C VAL B 5 11.98 -10.04 4.45
OH ALY B 6 6.57 -6.29 -0.90
CH ALY B 6 6.78 -7.12 -0.03
CH3 ALY B 6 5.85 -7.18 1.17
NZ ALY B 6 7.88 -7.87 -0.02
CE ALY B 6 9.06 -7.55 -0.81
CD ALY B 6 10.31 -8.22 -0.26
CG ALY B 6 10.04 -9.58 0.24
CB ALY B 6 11.29 -10.13 0.87
CA ALY B 6 11.06 -10.64 2.29
N ALY B 6 12.17 -10.27 3.15
C ALY B 6 10.86 -12.15 2.29
O ALY B 6 10.55 -12.72 1.25
HH31 ALY B 6 6.37 -7.62 2.01
HH32 ALY B 6 5.53 -6.18 1.43
HH33 ALY B 6 4.99 -7.79 0.93
HZ ALY B 6 7.92 -8.65 0.58
HE3 ALY B 6 8.90 -7.90 -1.82
HE2 ALY B 6 9.21 -6.49 -0.81
HD3 ALY B 6 11.02 -8.34 -1.06
HD2 ALY B 6 10.72 -7.62 0.53
HG3 ALY B 6 9.24 -9.56 0.96
HG2 ALY B 6 9.77 -10.19 -0.61
HB3 ALY B 6 11.66 -10.90 0.21
HB2 ALY B 6 12.02 -9.32 0.89
HA ALY B 6 10.18 -10.18 2.69
H ALY B 6 13.07 -10.17 2.78
N LYS B 7 11.01 -12.76 3.49
CA LYS B 7 10.84 -14.21 3.67
C LYS B 7 10.82 -14.91 2.31
N PRO B 8 11.98 -14.90 1.62
CA PRO B 8 12.12 -15.48 0.29
C PRO B 8 11.17 -16.62 0.00
N HIS B 9 10.07 -16.29 -0.66
CA HIS B 9 9.06 -17.26 -1.03
C HIS B 9 9.17 -17.56 -2.53
N ARG B 10 8.50 -18.62 -3.00
CA ARG B 10 8.58 -18.99 -4.42
C ARG B 10 7.21 -18.93 -5.10
N TYR B 11 7.01 -17.92 -5.95
CA TYR B 11 5.75 -17.76 -6.67
C TYR B 11 5.98 -17.42 -8.13
N LYS B 12 5.01 -17.75 -8.97
CA LYS B 12 5.08 -17.48 -10.41
C LYS B 12 6.25 -18.25 -11.04
N CYS B 13 5.92 -19.23 -11.86
CA CYS B 13 6.93 -20.04 -12.54
C CYS B 13 6.73 -20.02 -14.06
N GLY A 1 -28.81 17.82 11.12
CA GLY A 1 -28.22 16.46 11.15
C GLY A 1 -28.29 15.75 9.82
N SER A 2 -27.64 16.33 8.82
CA SER A 2 -27.63 15.76 7.47
C SER A 2 -26.58 16.43 6.60
N HIS A 3 -26.43 15.93 5.37
CA HIS A 3 -25.46 16.49 4.43
C HIS A 3 -24.05 16.45 5.01
N MET A 4 -23.34 15.36 4.75
CA MET A 4 -21.98 15.19 5.24
C MET A 4 -20.97 15.28 4.10
N SER A 5 -19.72 15.60 4.43
CA SER A 5 -18.67 15.71 3.43
C SER A 5 -17.96 14.38 3.24
N LYS A 6 -17.44 14.16 2.04
CA LYS A 6 -16.74 12.93 1.71
C LYS A 6 -16.13 13.06 0.33
N GLU A 7 -15.22 12.17 0.00
CA GLU A 7 -14.55 12.20 -1.29
C GLU A 7 -13.78 13.49 -1.46
N PRO A 8 -12.48 13.45 -1.12
CA PRO A 8 -11.57 14.60 -1.21
C PRO A 8 -11.55 15.22 -2.61
N ARG A 9 -11.39 14.36 -3.62
CA ARG A 9 -11.36 14.78 -5.02
C ARG A 9 -10.14 15.63 -5.37
N ASP A 10 -10.07 16.84 -4.82
CA ASP A 10 -8.95 17.73 -5.10
C ASP A 10 -7.62 16.99 -4.99
N PRO A 11 -6.62 17.42 -5.77
CA PRO A 11 -5.31 16.79 -5.84
C PRO A 11 -4.43 17.15 -4.66
N ASP A 12 -4.76 18.27 -4.02
CA ASP A 12 -4.01 18.73 -2.84
C ASP A 12 -4.70 18.19 -1.61
N GLN A 13 -6.03 18.19 -1.66
CA GLN A 13 -6.84 17.66 -0.58
C GLN A 13 -6.48 16.21 -0.38
N LEU A 14 -6.45 15.49 -1.50
CA LEU A 14 -6.08 14.08 -1.52
C LEU A 14 -4.62 13.92 -1.18
N TYR A 15 -3.77 14.62 -1.90
CA TYR A 15 -2.35 14.55 -1.66
C TYR A 15 -2.07 14.44 -0.18
N SER A 16 -2.45 15.43 0.59
CA SER A 16 -2.17 15.36 2.00
C SER A 16 -3.21 14.58 2.78
N THR A 17 -4.39 14.36 2.20
CA THR A 17 -5.38 13.54 2.89
C THR A 17 -4.76 12.19 2.99
N LEU A 18 -4.51 11.69 1.81
CA LEU A 18 -3.87 10.44 1.60
C LEU A 18 -2.50 10.44 2.27
N LYS A 19 -1.86 11.61 2.31
CA LYS A 19 -0.55 11.74 2.94
C LYS A 19 -0.65 11.23 4.36
N SER A 20 -1.85 11.33 4.90
CA SER A 20 -2.11 10.90 6.26
C SER A 20 -2.48 9.43 6.25
N ILE A 21 -3.42 9.03 5.38
CA ILE A 21 -3.76 7.63 5.28
C ILE A 21 -2.48 6.86 5.11
N LEU A 22 -1.80 7.12 4.00
CA LEU A 22 -0.52 6.49 3.72
C LEU A 22 0.32 6.47 4.97
N GLN A 23 0.61 7.65 5.48
CA GLN A 23 1.39 7.83 6.69
C GLN A 23 0.96 6.86 7.79
N GLN A 24 -0.33 6.54 7.79
CA GLN A 24 -0.90 5.64 8.78
C GLN A 24 -0.76 4.15 8.37
N VAL A 25 -1.25 3.82 7.18
CA VAL A 25 -1.20 2.47 6.67
C VAL A 25 0.23 1.96 6.67
N LYS A 26 1.18 2.85 6.46
CA LYS A 26 2.57 2.47 6.47
C LYS A 26 3.06 2.42 7.90
N SER A 27 2.71 3.43 8.70
CA SER A 27 3.11 3.43 10.08
C SER A 27 2.57 2.17 10.75
N HIS A 28 1.66 1.50 10.03
CA HIS A 28 1.04 0.27 10.49
C HIS A 28 2.07 -0.82 10.75
N GLN A 29 1.84 -1.60 11.80
CA GLN A 29 2.72 -2.69 12.18
C GLN A 29 2.75 -3.80 11.13
N SER A 30 1.86 -3.69 10.14
CA SER A 30 1.78 -4.67 9.05
C SER A 30 2.28 -4.05 7.76
N ALA A 31 2.86 -2.89 7.91
CA ALA A 31 3.35 -2.14 6.77
C ALA A 31 4.85 -2.23 6.56
N TRP A 32 5.58 -2.86 7.47
CA TRP A 32 7.04 -2.92 7.30
C TRP A 32 7.47 -3.57 5.98
N PRO A 33 6.76 -4.58 5.43
CA PRO A 33 7.15 -5.18 4.16
C PRO A 33 6.86 -4.23 3.02
N PHE A 34 6.04 -3.22 3.30
CA PHE A 34 5.65 -2.26 2.28
C PHE A 34 6.24 -0.88 2.59
N MET A 35 6.78 -0.75 3.78
CA MET A 35 7.39 0.51 4.21
C MET A 35 8.29 1.10 3.14
N GLU A 36 8.97 0.22 2.44
CA GLU A 36 9.87 0.61 1.38
C GLU A 36 10.03 -0.52 0.37
N PRO A 37 10.08 -0.18 -0.94
CA PRO A 37 10.23 -1.16 -1.99
C PRO A 37 11.18 -2.28 -1.60
N VAL A 38 10.85 -3.48 -2.02
CA VAL A 38 11.68 -4.62 -1.70
C VAL A 38 13.04 -4.46 -2.37
N LYS A 39 14.01 -5.22 -1.89
CA LYS A 39 15.38 -5.16 -2.41
C LYS A 39 15.43 -5.65 -3.83
N ARG A 40 14.26 -5.95 -4.38
CA ARG A 40 14.13 -6.48 -5.71
C ARG A 40 14.71 -7.89 -5.75
N THR A 41 15.37 -8.27 -4.65
CA THR A 41 15.98 -9.59 -4.59
C THR A 41 15.78 -10.26 -3.23
N GLU A 42 15.40 -9.50 -2.18
CA GLU A 42 15.13 -10.14 -0.89
C GLU A 42 13.99 -11.04 -1.20
N ALA A 43 13.36 -10.58 -2.28
CA ALA A 43 12.23 -11.14 -2.89
C ALA A 43 12.67 -11.76 -4.19
N PRO A 44 13.06 -12.99 -4.06
CA PRO A 44 13.57 -13.82 -5.13
C PRO A 44 12.55 -14.03 -6.20
N GLY A 45 12.80 -13.43 -7.35
CA GLY A 45 11.87 -13.53 -8.43
C GLY A 45 10.59 -12.84 -8.07
N TYR A 46 10.70 -11.80 -7.22
CA TYR A 46 9.54 -11.05 -6.80
C TYR A 46 9.06 -10.10 -7.90
N TYR A 47 9.98 -9.38 -8.50
CA TYR A 47 9.64 -8.42 -9.55
C TYR A 47 8.87 -9.02 -10.73
N GLU A 48 8.88 -10.35 -10.87
CA GLU A 48 8.14 -10.98 -11.96
C GLU A 48 6.69 -11.18 -11.56
N VAL A 49 6.51 -12.03 -10.56
CA VAL A 49 5.21 -12.33 -10.01
C VAL A 49 4.53 -11.04 -9.71
N ILE A 50 5.32 -10.13 -9.23
CA ILE A 50 4.85 -8.84 -8.85
C ILE A 50 4.95 -7.84 -9.98
N ARG A 51 3.96 -7.86 -10.85
CA ARG A 51 3.92 -6.94 -11.96
C ARG A 51 4.10 -5.49 -11.48
N PHE A 52 3.55 -5.17 -10.30
CA PHE A 52 3.65 -3.81 -9.77
C PHE A 52 4.06 -3.78 -8.29
N PRO A 53 5.35 -3.97 -7.98
CA PRO A 53 5.84 -3.92 -6.60
C PRO A 53 5.73 -2.52 -6.00
N MET A 54 4.51 -2.14 -5.61
CA MET A 54 4.28 -0.85 -4.99
C MET A 54 4.33 -1.00 -3.50
N ASP A 55 4.77 0.03 -2.85
CA ASP A 55 4.88 0.02 -1.42
C ASP A 55 4.46 1.35 -0.85
N LEU A 56 4.58 1.48 0.45
CA LEU A 56 4.20 2.70 1.14
C LEU A 56 5.17 3.83 0.86
N LYS A 57 6.42 3.50 0.57
CA LYS A 57 7.37 4.55 0.24
C LYS A 57 7.14 4.97 -1.19
N THR A 58 6.89 3.99 -2.04
CA THR A 58 6.57 4.27 -3.43
C THR A 58 5.26 5.06 -3.45
N MET A 59 4.33 4.61 -2.59
CA MET A 59 3.06 5.30 -2.40
C MET A 59 3.38 6.73 -2.00
N SER A 60 4.06 6.86 -0.86
CA SER A 60 4.47 8.15 -0.35
C SER A 60 5.35 8.90 -1.34
N GLU A 61 5.99 8.15 -2.23
CA GLU A 61 6.84 8.75 -3.25
C GLU A 61 5.95 9.57 -4.15
N ARG A 62 4.90 8.93 -4.58
CA ARG A 62 3.90 9.54 -5.41
C ARG A 62 3.26 10.68 -4.64
N LEU A 63 2.87 10.34 -3.44
CA LEU A 63 2.24 11.25 -2.50
C LEU A 63 3.05 12.51 -2.37
N LYS A 64 4.31 12.34 -2.07
CA LYS A 64 5.19 13.45 -1.87
C LYS A 64 5.09 14.41 -3.05
N ASN A 65 5.23 13.86 -4.25
CA ASN A 65 5.17 14.66 -5.46
C ASN A 65 3.73 15.09 -5.78
N ARG A 66 2.79 14.65 -4.93
CA ARG A 66 1.37 14.98 -5.06
C ARG A 66 0.73 14.21 -6.20
N TYR A 67 1.34 13.08 -6.52
CA TYR A 67 0.88 12.22 -7.59
C TYR A 67 -0.59 11.85 -7.42
N TYR A 68 -0.99 11.59 -6.17
CA TYR A 68 -2.36 11.20 -5.89
C TYR A 68 -3.34 12.31 -6.12
N VAL A 69 -3.63 12.53 -7.39
CA VAL A 69 -4.60 13.51 -7.78
C VAL A 69 -5.95 12.86 -7.77
N SER A 70 -5.95 11.69 -7.17
CA SER A 70 -7.13 10.87 -7.06
C SER A 70 -6.90 9.79 -6.00
N LYS A 71 -7.77 9.75 -4.98
CA LYS A 71 -7.63 8.77 -3.91
C LYS A 71 -7.56 7.36 -4.48
N LYS A 72 -7.93 7.21 -5.76
CA LYS A 72 -7.88 5.91 -6.39
C LYS A 72 -6.46 5.57 -6.79
N LEU A 73 -5.68 6.58 -7.14
CA LEU A 73 -4.27 6.37 -7.43
C LEU A 73 -3.68 5.76 -6.21
N PHE A 74 -4.01 6.45 -5.16
CA PHE A 74 -3.63 6.15 -3.84
C PHE A 74 -4.15 4.81 -3.43
N MET A 75 -5.39 4.57 -3.74
CA MET A 75 -5.99 3.31 -3.42
C MET A 75 -5.27 2.20 -4.15
N ALA A 76 -5.36 2.26 -5.45
CA ALA A 76 -4.73 1.28 -6.33
C ALA A 76 -3.31 0.93 -5.95
N ASP A 77 -2.49 1.95 -5.76
CA ASP A 77 -1.09 1.76 -5.43
C ASP A 77 -0.91 1.20 -4.02
N LEU A 78 -1.47 1.83 -3.00
CA LEU A 78 -1.34 1.26 -1.67
C LEU A 78 -1.90 -0.14 -1.73
N GLN A 79 -2.91 -0.27 -2.56
CA GLN A 79 -3.58 -1.53 -2.76
C GLN A 79 -2.68 -2.40 -3.59
N ARG A 80 -1.78 -1.72 -4.29
CA ARG A 80 -0.80 -2.35 -5.13
C ARG A 80 0.26 -3.00 -4.25
N VAL A 81 0.40 -2.49 -3.01
CA VAL A 81 1.35 -3.05 -2.06
C VAL A 81 0.73 -4.24 -1.33
N PHE A 82 -0.54 -4.09 -0.96
CA PHE A 82 -1.27 -5.15 -0.28
C PHE A 82 -1.50 -6.29 -1.27
N THR A 83 -1.90 -5.92 -2.48
CA THR A 83 -2.18 -6.89 -3.53
C THR A 83 -0.91 -7.64 -3.94
N ASN A 84 0.20 -6.90 -4.10
CA ASN A 84 1.45 -7.53 -4.47
C ASN A 84 1.93 -8.39 -3.33
N CYS A 85 1.57 -7.96 -2.11
CA CYS A 85 1.95 -8.73 -0.95
C CYS A 85 1.11 -9.99 -0.89
N LYS A 86 -0.10 -9.85 -1.40
CA LYS A 86 -1.08 -10.92 -1.48
C LYS A 86 -0.83 -11.78 -2.72
N GLU A 87 -0.21 -11.16 -3.71
CA GLU A 87 0.08 -11.77 -5.01
C GLU A 87 1.10 -12.89 -4.94
N TYR A 88 2.28 -12.50 -4.51
CA TYR A 88 3.42 -13.38 -4.45
C TYR A 88 3.50 -14.16 -3.17
N ASN A 89 3.59 -13.41 -2.08
CA ASN A 89 3.70 -14.01 -0.77
C ASN A 89 2.53 -14.92 -0.49
N PRO A 90 2.75 -15.94 0.35
CA PRO A 90 1.68 -16.84 0.78
C PRO A 90 0.98 -16.29 2.01
N PRO A 91 -0.33 -16.59 2.18
CA PRO A 91 -1.11 -16.08 3.32
C PRO A 91 -0.62 -16.67 4.63
N GLU A 92 0.51 -17.37 4.59
CA GLU A 92 1.11 -17.98 5.76
C GLU A 92 2.48 -17.40 6.06
N SER A 93 3.06 -16.72 5.07
CA SER A 93 4.37 -16.10 5.22
C SER A 93 4.43 -15.22 6.44
N GLU A 94 3.93 -14.00 6.28
CA GLU A 94 3.92 -13.02 7.35
C GLU A 94 3.44 -11.68 6.82
N TYR A 95 4.04 -11.24 5.73
CA TYR A 95 3.68 -9.95 5.12
C TYR A 95 2.30 -10.05 4.49
N TYR A 96 2.01 -11.19 3.88
CA TYR A 96 0.72 -11.40 3.23
C TYR A 96 -0.42 -10.96 4.12
N LYS A 97 -0.53 -11.56 5.28
CA LYS A 97 -1.57 -11.19 6.21
C LYS A 97 -1.44 -9.73 6.56
N CYS A 98 -0.20 -9.28 6.66
CA CYS A 98 0.07 -7.88 6.96
C CYS A 98 -0.49 -7.01 5.86
N ALA A 99 -0.65 -7.59 4.68
CA ALA A 99 -1.20 -6.87 3.54
C ALA A 99 -2.70 -6.72 3.70
N ASN A 100 -3.35 -7.82 4.04
CA ASN A 100 -4.78 -7.86 4.28
C ASN A 100 -5.13 -7.02 5.49
N ILE A 101 -4.28 -7.17 6.49
CA ILE A 101 -4.41 -6.48 7.76
C ILE A 101 -4.27 -5.00 7.56
N LEU A 102 -3.15 -4.62 6.96
CA LEU A 102 -2.91 -3.24 6.64
C LEU A 102 -4.05 -2.75 5.80
N GLU A 103 -4.30 -3.47 4.73
CA GLU A 103 -5.38 -3.14 3.82
C GLU A 103 -6.68 -2.87 4.59
N LYS A 104 -6.80 -3.48 5.75
CA LYS A 104 -7.94 -3.32 6.60
C LYS A 104 -7.84 -2.02 7.40
N PHE A 105 -6.73 -1.84 8.12
CA PHE A 105 -6.50 -0.61 8.87
C PHE A 105 -6.58 0.54 7.89
N PHE A 106 -5.75 0.45 6.87
CA PHE A 106 -5.72 1.40 5.78
C PHE A 106 -7.13 1.68 5.37
N PHE A 107 -7.94 0.63 5.20
CA PHE A 107 -9.33 0.81 4.82
C PHE A 107 -10.06 1.75 5.76
N SER A 108 -9.73 1.70 7.03
CA SER A 108 -10.36 2.59 8.00
C SER A 108 -9.83 4.02 7.85
N LYS A 109 -8.61 4.14 7.32
CA LYS A 109 -7.95 5.44 7.12
C LYS A 109 -8.43 6.13 5.85
N ILE A 110 -8.66 5.35 4.83
CA ILE A 110 -9.14 5.89 3.57
C ILE A 110 -10.59 6.26 3.76
N LYS A 111 -11.31 5.33 4.35
CA LYS A 111 -12.72 5.50 4.62
C LYS A 111 -12.92 6.80 5.37
N GLU A 112 -12.12 6.93 6.42
CA GLU A 112 -12.13 8.10 7.28
C GLU A 112 -11.86 9.34 6.46
N ALA A 113 -10.98 9.21 5.49
CA ALA A 113 -10.62 10.34 4.66
C ALA A 113 -11.46 10.45 3.39
N GLY A 114 -12.64 9.82 3.38
CA GLY A 114 -13.49 9.89 2.21
C GLY A 114 -12.82 9.34 0.96
N LEU A 115 -11.86 8.46 1.18
CA LEU A 115 -11.09 7.86 0.12
C LEU A 115 -11.90 6.81 -0.61
N ILE A 116 -11.56 5.54 -0.37
CA ILE A 116 -12.24 4.41 -0.95
C ILE A 116 -13.33 4.80 -1.97
N ASP A 117 -14.59 4.40 -1.73
CA ASP A 117 -15.69 4.75 -2.62
C ASP A 117 -15.55 4.11 -4.00
N LYS A 118 -14.42 3.42 -4.23
CA LYS A 118 -14.19 2.76 -5.50
C LYS A 118 -15.32 1.80 -5.85
N SER B 1 9.40 -3.79 13.13
CA SER B 1 10.79 -3.30 12.97
C SER B 1 11.74 -4.43 12.60
N THR B 2 12.39 -4.31 11.45
CA THR B 2 13.34 -5.32 10.96
C THR B 2 12.64 -6.63 10.66
N GLY B 3 12.99 -7.23 9.53
CA GLY B 3 12.38 -8.49 9.13
C GLY B 3 13.41 -9.49 8.62
N GLY B 4 14.29 -9.02 7.74
CA GLY B 4 15.31 -9.89 7.19
C GLY B 4 15.09 -10.21 5.72
N VAL B 5 14.62 -11.43 5.45
CA VAL B 5 14.36 -11.86 4.09
C VAL B 5 12.99 -11.40 3.62
OH ALY B 6 7.23 -7.96 1.71
CH ALY B 6 7.29 -7.23 0.73
CH3 ALY B 6 6.02 -6.52 0.25
NZ ALY B 6 8.40 -7.16 -0.02
CE ALY B 6 8.90 -8.27 -0.81
CD ALY B 6 10.22 -8.78 -0.30
CG ALY B 6 10.13 -10.22 0.02
CB ALY B 6 11.45 -10.71 0.60
CA ALY B 6 11.28 -11.52 1.90
N ALY B 6 12.58 -11.87 2.44
C ALY B 6 10.46 -12.77 1.63
O ALY B 6 9.98 -12.99 0.51
HH31 ALY B 6 5.38 -7.23 -0.25
HH32 ALY B 6 5.48 -6.09 1.11
HH33 ALY B 6 6.28 -5.72 -0.43
HZ ALY B 6 8.89 -6.30 -0.06
HE3 ALY B 6 8.18 -9.08 -0.77
HE2 ALY B 6 9.03 -7.96 -1.84
HD3 ALY B 6 10.97 -8.68 -1.09
HD2 ALY B 6 10.52 -8.22 0.57
HG3 ALY B 6 9.34 -10.39 0.74
HG2 ALY B 6 9.93 -10.75 -0.89
HB3 ALY B 6 11.95 -11.27 -0.16
HB2 ALY B 6 12.05 -9.85 0.81
HA ALY B 6 10.77 -10.91 2.63
H ALY B 6 13.17 -12.47 1.94
N LYS B 7 10.27 -13.58 2.70
CA LYS B 7 9.49 -14.83 2.62
C LYS B 7 9.38 -15.29 1.18
N PRO B 8 10.53 -15.60 0.56
CA PRO B 8 10.59 -16.02 -0.84
C PRO B 8 9.60 -17.13 -1.16
N HIS B 9 8.57 -16.81 -1.95
CA HIS B 9 7.59 -17.81 -2.33
C HIS B 9 7.92 -18.35 -3.72
N ARG B 10 7.23 -19.41 -4.13
CA ARG B 10 7.48 -20.02 -5.43
C ARG B 10 6.41 -19.61 -6.44
N TYR B 11 6.34 -18.31 -6.72
CA TYR B 11 5.37 -17.78 -7.69
C TYR B 11 6.04 -17.69 -9.06
N LYS B 12 6.65 -16.52 -9.33
CA LYS B 12 7.34 -16.27 -10.59
C LYS B 12 6.77 -17.07 -11.75
N CYS B 13 5.50 -16.80 -12.09
CA CYS B 13 4.86 -17.50 -13.20
C CYS B 13 5.40 -17.03 -14.54
N GLY A 1 -27.74 16.72 -1.38
CA GLY A 1 -28.47 17.02 -2.64
C GLY A 1 -28.13 16.06 -3.76
N SER A 2 -26.83 15.93 -4.06
CA SER A 2 -26.37 15.03 -5.11
C SER A 2 -25.09 14.31 -4.69
N HIS A 3 -24.30 14.96 -3.84
CA HIS A 3 -23.06 14.38 -3.34
C HIS A 3 -23.34 13.29 -2.31
N MET A 4 -22.30 12.55 -1.96
CA MET A 4 -22.44 11.47 -0.97
C MET A 4 -21.98 11.93 0.41
N SER A 5 -21.89 13.25 0.59
CA SER A 5 -21.48 13.82 1.87
C SER A 5 -20.12 13.30 2.31
N LYS A 6 -19.23 13.07 1.35
CA LYS A 6 -17.90 12.58 1.64
C LYS A 6 -16.98 12.84 0.46
N GLU A 7 -15.94 12.03 0.33
CA GLU A 7 -14.99 12.15 -0.76
C GLU A 7 -14.26 13.49 -0.71
N PRO A 8 -12.99 13.44 -0.31
CA PRO A 8 -12.11 14.61 -0.19
C PRO A 8 -11.93 15.33 -1.52
N ARG A 9 -11.66 14.57 -2.58
CA ARG A 9 -11.46 15.13 -3.91
C ARG A 9 -10.25 16.07 -3.92
N ASP A 10 -10.02 16.74 -5.05
CA ASP A 10 -8.90 17.65 -5.20
C ASP A 10 -7.56 16.90 -5.10
N PRO A 11 -6.54 17.39 -5.82
CA PRO A 11 -5.23 16.78 -5.85
C PRO A 11 -4.38 17.15 -4.64
N ASP A 12 -4.71 18.27 -4.01
CA ASP A 12 -3.98 18.74 -2.83
C ASP A 12 -4.66 18.20 -1.59
N GLN A 13 -5.99 18.27 -1.59
CA GLN A 13 -6.77 17.76 -0.49
C GLN A 13 -6.39 16.31 -0.28
N LEU A 14 -6.38 15.58 -1.38
CA LEU A 14 -6.02 14.17 -1.40
C LEU A 14 -4.56 14.00 -1.10
N TYR A 15 -3.73 14.70 -1.85
CA TYR A 15 -2.30 14.61 -1.64
C TYR A 15 -1.99 14.48 -0.17
N SER A 16 -2.36 15.47 0.63
CA SER A 16 -2.07 15.38 2.03
C SER A 16 -3.10 14.60 2.82
N THR A 17 -4.29 14.41 2.26
CA THR A 17 -5.29 13.61 2.96
C THR A 17 -4.68 12.26 3.05
N LEU A 18 -4.45 11.76 1.86
CA LEU A 18 -3.82 10.51 1.62
C LEU A 18 -2.45 10.49 2.29
N LYS A 19 -1.80 11.66 2.36
CA LYS A 19 -0.49 11.77 2.99
C LYS A 19 -0.59 11.24 4.40
N SER A 20 -1.80 11.35 4.95
CA SER A 20 -2.06 10.89 6.31
C SER A 20 -2.42 9.42 6.28
N ILE A 21 -3.37 9.04 5.41
CA ILE A 21 -3.73 7.64 5.29
C ILE A 21 -2.44 6.86 5.10
N LEU A 22 -1.77 7.15 4.00
CA LEU A 22 -0.48 6.52 3.71
C LEU A 22 0.37 6.48 4.94
N GLN A 23 0.65 7.66 5.48
CA GLN A 23 1.45 7.80 6.68
C GLN A 23 1.05 6.79 7.74
N GLN A 24 -0.23 6.47 7.76
CA GLN A 24 -0.79 5.55 8.73
C GLN A 24 -0.66 4.08 8.30
N VAL A 25 -1.21 3.76 7.13
CA VAL A 25 -1.16 2.43 6.59
C VAL A 25 0.26 1.97 6.48
N LYS A 26 1.13 2.93 6.23
CA LYS A 26 2.54 2.69 6.06
C LYS A 26 3.21 2.55 7.41
N SER A 27 2.76 3.33 8.37
CA SER A 27 3.32 3.24 9.70
C SER A 27 2.77 1.99 10.39
N HIS A 28 1.76 1.39 9.74
CA HIS A 28 1.11 0.19 10.25
C HIS A 28 2.11 -0.92 10.54
N GLN A 29 1.88 -1.66 11.61
CA GLN A 29 2.73 -2.76 12.02
C GLN A 29 2.75 -3.89 10.98
N SER A 30 1.89 -3.78 9.98
CA SER A 30 1.81 -4.77 8.90
C SER A 30 2.31 -4.16 7.62
N ALA A 31 2.85 -2.97 7.75
CA ALA A 31 3.32 -2.22 6.63
C ALA A 31 4.83 -2.27 6.44
N TRP A 32 5.56 -2.98 7.29
CA TRP A 32 7.01 -3.00 7.13
C TRP A 32 7.48 -3.69 5.85
N PRO A 33 6.78 -4.73 5.32
CA PRO A 33 7.21 -5.35 4.08
C PRO A 33 6.93 -4.42 2.91
N PHE A 34 6.11 -3.41 3.19
CA PHE A 34 5.71 -2.46 2.18
C PHE A 34 6.24 -1.05 2.50
N MET A 35 6.67 -0.87 3.75
CA MET A 35 7.16 0.43 4.22
C MET A 35 8.13 1.01 3.23
N GLU A 36 8.88 0.11 2.63
CA GLU A 36 9.86 0.46 1.63
C GLU A 36 9.89 -0.63 0.58
N PRO A 37 10.39 -0.34 -0.60
CA PRO A 37 10.46 -1.32 -1.68
C PRO A 37 11.48 -2.38 -1.38
N VAL A 38 11.07 -3.62 -1.55
CA VAL A 38 11.95 -4.74 -1.29
C VAL A 38 13.26 -4.55 -2.07
N LYS A 39 14.24 -5.37 -1.77
CA LYS A 39 15.55 -5.23 -2.40
C LYS A 39 15.55 -5.73 -3.82
N ARG A 40 14.37 -5.99 -4.35
CA ARG A 40 14.24 -6.52 -5.71
C ARG A 40 14.84 -7.91 -5.74
N THR A 41 15.54 -8.26 -4.66
CA THR A 41 16.19 -9.55 -4.55
C THR A 41 16.00 -10.14 -3.17
N GLU A 42 15.63 -9.31 -2.19
CA GLU A 42 15.34 -9.82 -0.86
C GLU A 42 14.22 -10.78 -1.15
N ALA A 43 13.55 -10.41 -2.23
CA ALA A 43 12.48 -11.13 -2.82
C ALA A 43 13.00 -12.02 -3.90
N PRO A 44 12.89 -13.30 -3.68
CA PRO A 44 13.32 -14.30 -4.65
C PRO A 44 12.45 -14.27 -5.91
N GLY A 45 12.65 -13.24 -6.74
CA GLY A 45 11.89 -13.09 -7.97
C GLY A 45 10.79 -12.05 -7.86
N TYR A 46 10.97 -11.10 -6.94
CA TYR A 46 10.00 -10.02 -6.69
C TYR A 46 9.38 -9.44 -7.96
N TYR A 47 10.20 -8.81 -8.77
CA TYR A 47 9.71 -8.19 -10.01
C TYR A 47 9.19 -9.20 -11.01
N GLU A 48 9.53 -10.45 -10.82
CA GLU A 48 9.08 -11.51 -11.72
C GLU A 48 7.60 -11.80 -11.50
N VAL A 49 7.24 -11.89 -10.22
CA VAL A 49 5.88 -12.16 -9.80
C VAL A 49 5.11 -10.89 -9.77
N ILE A 50 5.69 -9.95 -9.09
CA ILE A 50 5.09 -8.69 -8.91
C ILE A 50 5.22 -7.80 -10.12
N ARG A 51 4.24 -7.87 -11.00
CA ARG A 51 4.22 -7.06 -12.19
C ARG A 51 4.30 -5.57 -11.82
N PHE A 52 3.57 -5.19 -10.77
CA PHE A 52 3.55 -3.79 -10.32
C PHE A 52 3.89 -3.64 -8.84
N PRO A 53 5.16 -3.82 -8.47
CA PRO A 53 5.60 -3.71 -7.08
C PRO A 53 5.52 -2.30 -6.50
N MET A 54 4.39 -2.00 -5.87
CA MET A 54 4.19 -0.71 -5.22
C MET A 54 4.31 -0.89 -3.73
N ASP A 55 4.88 0.11 -3.09
CA ASP A 55 5.08 0.08 -1.66
C ASP A 55 4.54 1.34 -1.02
N LEU A 56 4.63 1.41 0.30
CA LEU A 56 4.18 2.59 1.02
C LEU A 56 5.18 3.72 0.83
N LYS A 57 6.43 3.35 0.57
CA LYS A 57 7.45 4.35 0.29
C LYS A 57 7.26 4.86 -1.12
N THR A 58 6.87 3.94 -2.02
CA THR A 58 6.59 4.31 -3.40
C THR A 58 5.29 5.10 -3.39
N MET A 59 4.34 4.63 -2.56
CA MET A 59 3.08 5.32 -2.36
C MET A 59 3.41 6.74 -1.91
N SER A 60 4.11 6.84 -0.78
CA SER A 60 4.52 8.12 -0.23
C SER A 60 5.40 8.89 -1.20
N GLU A 61 6.09 8.17 -2.07
CA GLU A 61 6.93 8.78 -3.07
C GLU A 61 6.05 9.59 -4.00
N ARG A 62 4.99 8.94 -4.43
CA ARG A 62 4.01 9.54 -5.29
C ARG A 62 3.36 10.69 -4.53
N LEU A 63 2.95 10.36 -3.33
CA LEU A 63 2.32 11.29 -2.41
C LEU A 63 3.11 12.56 -2.29
N LYS A 64 4.37 12.41 -1.97
CA LYS A 64 5.22 13.54 -1.79
C LYS A 64 5.17 14.46 -2.99
N ASN A 65 5.34 13.87 -4.18
CA ASN A 65 5.31 14.65 -5.40
C ASN A 65 3.88 15.09 -5.74
N ARG A 66 2.94 14.69 -4.88
CA ARG A 66 1.51 15.03 -5.03
C ARG A 66 0.89 14.24 -6.16
N TYR A 67 1.49 13.10 -6.47
CA TYR A 67 1.03 12.24 -7.53
C TYR A 67 -0.44 11.91 -7.39
N TYR A 68 -0.88 11.66 -6.15
CA TYR A 68 -2.26 11.29 -5.90
C TYR A 68 -3.22 12.42 -6.15
N VAL A 69 -3.48 12.64 -7.43
CA VAL A 69 -4.43 13.65 -7.84
C VAL A 69 -5.79 13.02 -7.84
N SER A 70 -5.82 11.85 -7.22
CA SER A 70 -7.00 11.05 -7.10
C SER A 70 -6.79 10.01 -6.00
N LYS A 71 -7.66 10.02 -5.00
CA LYS A 71 -7.55 9.07 -3.90
C LYS A 71 -7.53 7.65 -4.44
N LYS A 72 -7.90 7.51 -5.71
CA LYS A 72 -7.92 6.20 -6.35
C LYS A 72 -6.51 5.80 -6.75
N LEU A 73 -5.68 6.79 -7.10
CA LEU A 73 -4.29 6.52 -7.40
C LEU A 73 -3.71 5.90 -6.19
N PHE A 74 -4.01 6.61 -5.15
CA PHE A 74 -3.62 6.28 -3.82
C PHE A 74 -4.18 4.95 -3.40
N MET A 75 -5.44 4.76 -3.71
CA MET A 75 -6.08 3.53 -3.39
C MET A 75 -5.39 2.40 -4.12
N ALA A 76 -5.47 2.46 -5.44
CA ALA A 76 -4.88 1.47 -6.32
C ALA A 76 -3.45 1.11 -5.99
N ASP A 77 -2.61 2.13 -5.79
CA ASP A 77 -1.20 1.90 -5.51
C ASP A 77 -0.99 1.29 -4.13
N LEU A 78 -1.52 1.90 -3.09
CA LEU A 78 -1.40 1.30 -1.78
C LEU A 78 -1.97 -0.10 -1.86
N GLN A 79 -3.03 -0.19 -2.65
CA GLN A 79 -3.71 -1.44 -2.87
C GLN A 79 -2.85 -2.29 -3.78
N ARG A 80 -1.96 -1.59 -4.46
CA ARG A 80 -1.00 -2.20 -5.35
C ARG A 80 0.03 -2.90 -4.50
N VAL A 81 0.26 -2.39 -3.28
CA VAL A 81 1.20 -3.02 -2.38
C VAL A 81 0.53 -4.25 -1.77
N PHE A 82 -0.57 -4.04 -1.02
CA PHE A 82 -1.27 -5.14 -0.38
C PHE A 82 -1.46 -6.29 -1.34
N THR A 83 -1.96 -5.96 -2.54
CA THR A 83 -2.19 -6.98 -3.56
C THR A 83 -0.88 -7.64 -3.98
N ASN A 84 0.18 -6.84 -4.14
CA ASN A 84 1.47 -7.39 -4.53
C ASN A 84 2.03 -8.25 -3.42
N CYS A 85 1.71 -7.91 -2.17
CA CYS A 85 2.18 -8.71 -1.07
C CYS A 85 1.45 -10.02 -1.14
N LYS A 86 0.15 -9.87 -1.08
CA LYS A 86 -0.81 -10.96 -1.12
C LYS A 86 -0.61 -11.79 -2.37
N GLU A 87 0.00 -11.16 -3.35
CA GLU A 87 0.30 -11.76 -4.64
C GLU A 87 1.43 -12.76 -4.55
N TYR A 88 2.55 -12.25 -4.10
CA TYR A 88 3.80 -12.97 -4.04
C TYR A 88 4.07 -13.66 -2.70
N ASN A 89 3.22 -13.44 -1.72
CA ASN A 89 3.40 -14.08 -0.43
C ASN A 89 2.27 -15.04 -0.15
N PRO A 90 2.52 -16.03 0.71
CA PRO A 90 1.50 -16.97 1.15
C PRO A 90 0.78 -16.41 2.37
N PRO A 91 -0.53 -16.68 2.53
CA PRO A 91 -1.32 -16.14 3.64
C PRO A 91 -0.87 -16.69 5.00
N GLU A 92 0.27 -17.36 4.98
CA GLU A 92 0.83 -17.95 6.20
C GLU A 92 2.23 -17.37 6.48
N SER A 93 2.82 -16.78 5.45
CA SER A 93 4.15 -16.17 5.58
C SER A 93 4.20 -15.21 6.74
N GLU A 94 3.76 -13.98 6.47
CA GLU A 94 3.75 -12.93 7.48
C GLU A 94 3.31 -11.62 6.86
N TYR A 95 3.89 -11.28 5.70
CA TYR A 95 3.55 -10.04 5.03
C TYR A 95 2.19 -10.15 4.36
N TYR A 96 1.81 -11.37 3.97
CA TYR A 96 0.53 -11.59 3.33
C TYR A 96 -0.60 -11.09 4.19
N LYS A 97 -0.75 -11.65 5.39
CA LYS A 97 -1.81 -11.22 6.27
C LYS A 97 -1.61 -9.76 6.58
N CYS A 98 -0.36 -9.35 6.61
CA CYS A 98 -0.02 -7.96 6.86
C CYS A 98 -0.56 -7.09 5.74
N ALA A 99 -0.67 -7.67 4.56
CA ALA A 99 -1.19 -6.96 3.40
C ALA A 99 -2.68 -6.78 3.53
N ASN A 100 -3.36 -7.86 3.91
CA ASN A 100 -4.79 -7.86 4.12
C ASN A 100 -5.13 -7.03 5.35
N ILE A 101 -4.30 -7.19 6.36
CA ILE A 101 -4.44 -6.49 7.64
C ILE A 101 -4.32 -5.02 7.41
N LEU A 102 -3.19 -4.64 6.84
CA LEU A 102 -2.95 -3.26 6.50
C LEU A 102 -4.09 -2.79 5.65
N GLU A 103 -4.32 -3.49 4.56
CA GLU A 103 -5.39 -3.19 3.64
C GLU A 103 -6.69 -2.90 4.41
N LYS A 104 -6.82 -3.50 5.59
CA LYS A 104 -7.97 -3.32 6.43
C LYS A 104 -7.86 -2.03 7.25
N PHE A 105 -6.76 -1.88 8.00
CA PHE A 105 -6.51 -0.67 8.78
C PHE A 105 -6.58 0.50 7.82
N PHE A 106 -5.77 0.39 6.79
CA PHE A 106 -5.73 1.35 5.71
C PHE A 106 -7.14 1.64 5.30
N PHE A 107 -7.94 0.59 5.10
CA PHE A 107 -9.34 0.78 4.72
C PHE A 107 -10.07 1.70 5.67
N SER A 108 -9.69 1.68 6.94
CA SER A 108 -10.32 2.54 7.92
C SER A 108 -9.79 3.97 7.79
N LYS A 109 -8.57 4.09 7.26
CA LYS A 109 -7.92 5.41 7.07
C LYS A 109 -8.41 6.11 5.82
N ILE A 110 -8.63 5.35 4.78
CA ILE A 110 -9.11 5.90 3.52
C ILE A 110 -10.56 6.28 3.72
N LYS A 111 -11.28 5.34 4.32
CA LYS A 111 -12.68 5.51 4.60
C LYS A 111 -12.88 6.80 5.36
N GLU A 112 -12.08 6.91 6.42
CA GLU A 112 -12.09 8.06 7.29
C GLU A 112 -11.83 9.32 6.49
N ALA A 113 -10.95 9.20 5.51
CA ALA A 113 -10.60 10.34 4.69
C ALA A 113 -11.47 10.46 3.44
N GLY A 114 -12.60 9.76 3.39
CA GLY A 114 -13.48 9.85 2.23
C GLY A 114 -12.86 9.27 0.98
N LEU A 115 -11.78 8.53 1.19
CA LEU A 115 -11.01 7.93 0.10
C LEU A 115 -11.83 6.88 -0.64
N ILE A 116 -11.70 5.63 -0.20
CA ILE A 116 -12.44 4.52 -0.78
C ILE A 116 -13.68 4.96 -1.52
N ASP A 117 -13.68 4.73 -2.81
CA ASP A 117 -14.82 5.11 -3.64
C ASP A 117 -14.77 4.40 -5.00
N LYS A 118 -14.00 3.32 -5.08
CA LYS A 118 -13.88 2.57 -6.33
C LYS A 118 -15.03 1.57 -6.48
N SER B 1 14.37 -13.69 13.72
CA SER B 1 14.98 -12.52 14.39
C SER B 1 15.20 -11.37 13.40
N THR B 2 14.46 -10.28 13.60
CA THR B 2 14.58 -9.12 12.72
C THR B 2 14.23 -9.47 11.27
N GLY B 3 13.02 -9.11 10.85
CA GLY B 3 12.57 -9.39 9.51
C GLY B 3 13.28 -8.53 8.47
N GLY B 4 12.53 -8.09 7.47
CA GLY B 4 13.10 -7.27 6.42
C GLY B 4 13.34 -8.04 5.13
N VAL B 5 13.39 -9.37 5.24
CA VAL B 5 13.62 -10.22 4.09
C VAL B 5 12.34 -10.36 3.26
OH ALY B 6 6.60 -8.48 1.68
CH ALY B 6 7.12 -7.69 0.89
CH3 ALY B 6 6.23 -6.62 0.25
NZ ALY B 6 8.36 -7.88 0.44
CE ALY B 6 8.67 -8.71 -0.71
CD ALY B 6 10.10 -9.25 -0.72
CG ALY B 6 10.12 -10.74 -0.56
CB ALY B 6 11.36 -11.15 0.22
CA ALY B 6 11.08 -11.66 1.63
N ALY B 6 12.26 -11.43 2.47
C ALY B 6 10.72 -13.14 1.58
O ALY B 6 11.22 -13.88 0.72
HH31 ALY B 6 5.68 -7.06 -0.58
HH32 ALY B 6 5.53 -6.23 0.99
HH33 ALY B 6 6.86 -5.82 -0.13
HZ ALY B 6 9.11 -7.42 0.89
HE3 ALY B 6 7.99 -9.55 -0.74
HE2 ALY B 6 8.54 -8.13 -1.61
HD3 ALY B 6 10.55 -9.00 -1.66
HD2 ALY B 6 10.68 -8.83 0.05
HG3 ALY B 6 9.23 -11.05 -0.03
HG2 ALY B 6 10.15 -11.18 -1.53
HB3 ALY B 6 11.86 -11.91 -0.34
HB2 ALY B 6 12.00 -10.29 0.27
HA ALY B 6 10.26 -11.12 2.06
H ALY B 6 13.00 -12.06 2.44
N LYS B 7 9.88 -13.58 2.50
CA LYS B 7 9.44 -14.97 2.53
C LYS B 7 8.91 -15.34 1.16
N PRO B 8 9.54 -16.30 0.47
CA PRO B 8 9.15 -16.69 -0.88
C PRO B 8 7.77 -17.35 -0.93
N HIS B 9 7.32 -17.65 -2.15
CA HIS B 9 6.03 -18.29 -2.38
C HIS B 9 5.86 -18.63 -3.86
N ARG B 10 5.00 -19.61 -4.14
CA ARG B 10 4.76 -20.04 -5.52
C ARG B 10 4.49 -18.86 -6.45
N TYR B 11 5.55 -18.35 -7.05
CA TYR B 11 5.47 -17.23 -7.98
C TYR B 11 6.84 -16.94 -8.59
N LYS B 12 7.75 -17.90 -8.42
CA LYS B 12 9.11 -17.78 -8.94
C LYS B 12 9.67 -19.15 -9.29
N CYS B 13 9.62 -20.07 -8.33
CA CYS B 13 10.13 -21.42 -8.54
C CYS B 13 9.20 -22.23 -9.44
N GLY A 1 -10.52 20.31 5.68
CA GLY A 1 -11.92 19.89 5.98
C GLY A 1 -12.68 20.91 6.82
N SER A 2 -13.92 20.59 7.16
CA SER A 2 -14.75 21.47 7.96
C SER A 2 -15.96 20.73 8.50
N HIS A 3 -15.91 20.41 9.80
CA HIS A 3 -17.00 19.68 10.46
C HIS A 3 -17.19 18.29 9.86
N MET A 4 -17.89 18.23 8.72
CA MET A 4 -18.12 16.96 8.04
C MET A 4 -17.60 17.00 6.61
N SER A 5 -16.76 16.03 6.27
CA SER A 5 -16.18 15.95 4.93
C SER A 5 -15.66 14.54 4.66
N LYS A 6 -15.80 14.08 3.41
CA LYS A 6 -15.35 12.75 3.03
C LYS A 6 -14.54 12.78 1.75
N GLU A 7 -15.18 12.45 0.63
CA GLU A 7 -14.53 12.42 -0.67
C GLU A 7 -13.72 13.69 -0.91
N PRO A 8 -12.39 13.56 -0.80
CA PRO A 8 -11.45 14.67 -0.99
C PRO A 8 -11.50 15.24 -2.41
N ARG A 9 -11.24 14.36 -3.39
CA ARG A 9 -11.26 14.73 -4.81
C ARG A 9 -10.09 15.61 -5.22
N ASP A 10 -10.00 16.81 -4.65
CA ASP A 10 -8.93 17.73 -4.98
C ASP A 10 -7.56 17.08 -4.83
N PRO A 11 -6.68 17.35 -5.80
CA PRO A 11 -5.33 16.82 -5.86
C PRO A 11 -4.49 17.17 -4.63
N ASP A 12 -4.82 18.27 -3.98
CA ASP A 12 -4.10 18.70 -2.79
C ASP A 12 -4.81 18.15 -1.57
N GLN A 13 -6.13 18.19 -1.62
CA GLN A 13 -6.94 17.65 -0.54
C GLN A 13 -6.58 16.21 -0.34
N LEU A 14 -6.45 15.51 -1.46
CA LEU A 14 -6.07 14.10 -1.48
C LEU A 14 -4.60 13.95 -1.15
N TYR A 15 -3.77 14.65 -1.90
CA TYR A 15 -2.34 14.57 -1.67
C TYR A 15 -2.03 14.43 -0.20
N SER A 16 -2.41 15.41 0.59
CA SER A 16 -2.10 15.33 1.99
C SER A 16 -3.14 14.54 2.78
N THR A 17 -4.33 14.35 2.23
CA THR A 17 -5.31 13.53 2.92
C THR A 17 -4.68 12.19 3.01
N LEU A 18 -4.43 11.69 1.83
CA LEU A 18 -3.77 10.45 1.60
C LEU A 18 -2.41 10.45 2.28
N LYS A 19 -1.78 11.64 2.34
CA LYS A 19 -0.48 11.75 2.98
C LYS A 19 -0.60 11.24 4.39
N SER A 20 -1.81 11.34 4.93
CA SER A 20 -2.10 10.89 6.27
C SER A 20 -2.44 9.41 6.26
N ILE A 21 -3.35 9.01 5.35
CA ILE A 21 -3.67 7.60 5.25
C ILE A 21 -2.37 6.86 5.07
N LEU A 22 -1.68 7.12 3.96
CA LEU A 22 -0.38 6.51 3.69
C LEU A 22 0.45 6.49 4.95
N GLN A 23 0.66 7.67 5.48
CA GLN A 23 1.43 7.85 6.71
C GLN A 23 1.02 6.83 7.76
N GLN A 24 -0.27 6.57 7.82
CA GLN A 24 -0.84 5.63 8.77
C GLN A 24 -0.65 4.18 8.34
N VAL A 25 -1.20 3.83 7.17
CA VAL A 25 -1.11 2.48 6.63
C VAL A 25 0.32 2.00 6.62
N LYS A 26 1.26 2.90 6.35
CA LYS A 26 2.65 2.51 6.32
C LYS A 26 3.25 2.52 7.70
N SER A 27 2.73 3.37 8.56
CA SER A 27 3.19 3.38 9.93
C SER A 27 2.64 2.16 10.62
N HIS A 28 1.76 1.48 9.89
CA HIS A 28 1.12 0.27 10.38
C HIS A 28 2.16 -0.82 10.62
N GLN A 29 1.95 -1.55 11.69
CA GLN A 29 2.81 -2.64 12.10
C GLN A 29 2.87 -3.75 11.05
N SER A 30 1.95 -3.70 10.11
CA SER A 30 1.88 -4.68 9.02
C SER A 30 2.36 -4.06 7.74
N ALA A 31 2.94 -2.89 7.86
CA ALA A 31 3.41 -2.15 6.72
C ALA A 31 4.91 -2.23 6.49
N TRP A 32 5.66 -2.90 7.35
CA TRP A 32 7.11 -2.95 7.18
C TRP A 32 7.55 -3.66 5.89
N PRO A 33 6.83 -4.70 5.40
CA PRO A 33 7.22 -5.37 4.15
C PRO A 33 6.91 -4.49 2.97
N PHE A 34 6.17 -3.42 3.25
CA PHE A 34 5.73 -2.49 2.22
C PHE A 34 6.28 -1.10 2.47
N MET A 35 6.73 -0.83 3.70
CA MET A 35 7.24 0.49 4.09
C MET A 35 8.17 1.07 3.03
N GLU A 36 8.83 0.19 2.32
CA GLU A 36 9.77 0.58 1.28
C GLU A 36 9.80 -0.46 0.17
N PRO A 37 10.37 -0.10 -0.99
CA PRO A 37 10.46 -1.00 -2.14
C PRO A 37 11.41 -2.15 -1.88
N VAL A 38 11.05 -3.35 -2.32
CA VAL A 38 11.88 -4.50 -2.13
C VAL A 38 13.17 -4.38 -2.94
N LYS A 39 14.19 -5.13 -2.55
CA LYS A 39 15.48 -5.10 -3.24
C LYS A 39 15.35 -5.69 -4.62
N ARG A 40 14.12 -6.04 -4.98
CA ARG A 40 13.85 -6.65 -6.26
C ARG A 40 14.53 -8.02 -6.28
N THR A 41 15.20 -8.35 -5.17
CA THR A 41 15.91 -9.62 -5.09
C THR A 41 15.77 -10.30 -3.72
N GLU A 42 15.50 -9.55 -2.63
CA GLU A 42 15.29 -10.22 -1.36
C GLU A 42 14.13 -11.11 -1.62
N ALA A 43 13.44 -10.61 -2.61
CA ALA A 43 12.28 -11.15 -3.19
C ALA A 43 12.68 -11.75 -4.52
N PRO A 44 12.95 -13.04 -4.48
CA PRO A 44 13.41 -13.80 -5.64
C PRO A 44 12.40 -13.83 -6.74
N GLY A 45 12.77 -13.27 -7.89
CA GLY A 45 11.86 -13.21 -9.00
C GLY A 45 10.59 -12.52 -8.58
N TYR A 46 10.66 -11.75 -7.49
CA TYR A 46 9.50 -11.03 -7.00
C TYR A 46 8.91 -10.16 -8.10
N TYR A 47 9.77 -9.45 -8.80
CA TYR A 47 9.33 -8.59 -9.89
C TYR A 47 8.65 -9.39 -11.00
N GLU A 48 8.85 -10.70 -11.01
CA GLU A 48 8.27 -11.58 -12.03
C GLU A 48 6.81 -11.89 -11.67
N VAL A 49 6.61 -12.23 -10.42
CA VAL A 49 5.31 -12.56 -9.89
C VAL A 49 4.54 -11.29 -9.67
N ILE A 50 5.29 -10.31 -9.26
CA ILE A 50 4.76 -9.03 -8.96
C ILE A 50 4.79 -8.10 -10.15
N ARG A 51 3.74 -8.16 -10.94
CA ARG A 51 3.63 -7.31 -12.10
C ARG A 51 3.78 -5.84 -11.73
N PHE A 52 3.28 -5.45 -10.54
CA PHE A 52 3.37 -4.06 -10.12
C PHE A 52 3.85 -3.90 -8.68
N PRO A 53 5.14 -4.07 -8.42
CA PRO A 53 5.70 -3.91 -7.08
C PRO A 53 5.40 -2.54 -6.50
N MET A 54 4.50 -2.51 -5.55
CA MET A 54 4.18 -1.26 -4.90
C MET A 54 4.49 -1.33 -3.43
N ASP A 55 4.87 -0.20 -2.90
CA ASP A 55 5.17 -0.09 -1.51
C ASP A 55 4.67 1.23 -0.98
N LEU A 56 4.69 1.35 0.32
CA LEU A 56 4.24 2.56 0.97
C LEU A 56 5.18 3.73 0.72
N LYS A 57 6.45 3.45 0.51
CA LYS A 57 7.38 4.54 0.19
C LYS A 57 7.14 4.98 -1.23
N THR A 58 6.95 4.02 -2.12
CA THR A 58 6.63 4.34 -3.51
C THR A 58 5.30 5.07 -3.51
N MET A 59 4.39 4.59 -2.67
CA MET A 59 3.11 5.26 -2.47
C MET A 59 3.43 6.70 -2.05
N SER A 60 4.19 6.82 -0.97
CA SER A 60 4.59 8.12 -0.45
C SER A 60 5.45 8.92 -1.43
N GLU A 61 6.12 8.25 -2.36
CA GLU A 61 6.93 8.94 -3.33
C GLU A 61 6.03 9.77 -4.20
N ARG A 62 4.98 9.09 -4.61
CA ARG A 62 3.95 9.66 -5.41
C ARG A 62 3.29 10.77 -4.61
N LEU A 63 2.93 10.40 -3.40
CA LEU A 63 2.30 11.30 -2.46
C LEU A 63 3.08 12.58 -2.33
N LYS A 64 4.34 12.44 -2.01
CA LYS A 64 5.20 13.57 -1.81
C LYS A 64 5.10 14.53 -2.98
N ASN A 65 5.24 13.99 -4.20
CA ASN A 65 5.18 14.81 -5.40
C ASN A 65 3.74 15.21 -5.72
N ARG A 66 2.81 14.78 -4.87
CA ARG A 66 1.39 15.08 -5.01
C ARG A 66 0.77 14.26 -6.13
N TYR A 67 1.42 13.16 -6.47
CA TYR A 67 0.97 12.28 -7.52
C TYR A 67 -0.51 11.97 -7.39
N TYR A 68 -0.93 11.63 -6.17
CA TYR A 68 -2.31 11.25 -5.91
C TYR A 68 -3.29 12.37 -6.13
N VAL A 69 -3.66 12.53 -7.39
CA VAL A 69 -4.64 13.50 -7.76
C VAL A 69 -5.98 12.82 -7.73
N SER A 70 -5.96 11.66 -7.09
CA SER A 70 -7.11 10.81 -6.96
C SER A 70 -6.84 9.74 -5.90
N LYS A 71 -7.71 9.63 -4.89
CA LYS A 71 -7.51 8.62 -3.86
C LYS A 71 -7.41 7.26 -4.49
N LYS A 72 -7.80 7.16 -5.77
CA LYS A 72 -7.74 5.90 -6.47
C LYS A 72 -6.32 5.59 -6.89
N LEU A 73 -5.54 6.63 -7.16
CA LEU A 73 -4.14 6.43 -7.46
C LEU A 73 -3.53 5.84 -6.24
N PHE A 74 -3.90 6.51 -5.19
CA PHE A 74 -3.52 6.22 -3.86
C PHE A 74 -4.03 4.87 -3.44
N MET A 75 -5.23 4.59 -3.84
CA MET A 75 -5.82 3.34 -3.52
C MET A 75 -5.10 2.26 -4.27
N ALA A 76 -5.22 2.31 -5.58
CA ALA A 76 -4.61 1.34 -6.47
C ALA A 76 -3.19 0.97 -6.07
N ASP A 77 -2.36 1.97 -5.83
CA ASP A 77 -0.96 1.73 -5.49
C ASP A 77 -0.81 1.13 -4.09
N LEU A 78 -1.35 1.77 -3.07
CA LEU A 78 -1.26 1.18 -1.73
C LEU A 78 -1.87 -0.20 -1.82
N GLN A 79 -2.91 -0.27 -2.61
CA GLN A 79 -3.64 -1.49 -2.86
C GLN A 79 -2.75 -2.39 -3.70
N ARG A 80 -1.85 -1.73 -4.41
CA ARG A 80 -0.89 -2.39 -5.27
C ARG A 80 0.16 -3.07 -4.40
N VAL A 81 0.36 -2.55 -3.19
CA VAL A 81 1.30 -3.17 -2.26
C VAL A 81 0.62 -4.39 -1.64
N PHE A 82 -0.49 -4.18 -0.94
CA PHE A 82 -1.23 -5.28 -0.31
C PHE A 82 -1.46 -6.39 -1.31
N THR A 83 -1.92 -6.02 -2.50
CA THR A 83 -2.20 -7.00 -3.55
C THR A 83 -0.94 -7.75 -3.96
N ASN A 84 0.18 -7.03 -4.11
CA ASN A 84 1.43 -7.66 -4.50
C ASN A 84 1.93 -8.49 -3.33
N CYS A 85 1.53 -8.09 -2.13
CA CYS A 85 1.92 -8.79 -0.94
C CYS A 85 1.04 -10.02 -0.79
N LYS A 86 -0.13 -9.92 -1.36
CA LYS A 86 -1.11 -10.99 -1.42
C LYS A 86 -0.85 -11.90 -2.62
N GLU A 87 -0.26 -11.29 -3.64
CA GLU A 87 0.02 -11.95 -4.92
C GLU A 87 1.12 -13.00 -4.84
N TYR A 88 2.28 -12.53 -4.46
CA TYR A 88 3.47 -13.34 -4.38
C TYR A 88 3.59 -14.07 -3.08
N ASN A 89 3.64 -13.29 -2.03
CA ASN A 89 3.80 -13.83 -0.70
C ASN A 89 2.70 -14.84 -0.40
N PRO A 90 2.99 -15.78 0.51
CA PRO A 90 2.05 -16.77 0.97
C PRO A 90 1.29 -16.26 2.19
N PRO A 91 0.00 -16.62 2.31
CA PRO A 91 -0.84 -16.16 3.43
C PRO A 91 -0.38 -16.76 4.75
N GLU A 92 0.77 -17.43 4.71
CA GLU A 92 1.33 -18.06 5.89
C GLU A 92 2.69 -17.46 6.24
N SER A 93 3.30 -16.75 5.28
CA SER A 93 4.61 -16.14 5.48
C SER A 93 4.58 -15.20 6.66
N GLU A 94 4.07 -14.00 6.41
CA GLU A 94 4.00 -12.97 7.43
C GLU A 94 3.47 -11.67 6.83
N TYR A 95 4.11 -11.20 5.77
CA TYR A 95 3.71 -9.96 5.13
C TYR A 95 2.34 -10.08 4.49
N TYR A 96 2.05 -11.25 3.95
CA TYR A 96 0.78 -11.49 3.29
C TYR A 96 -0.38 -11.06 4.18
N LYS A 97 -0.49 -11.64 5.36
CA LYS A 97 -1.56 -11.25 6.27
C LYS A 97 -1.43 -9.78 6.57
N CYS A 98 -0.18 -9.33 6.69
CA CYS A 98 0.09 -7.93 6.95
C CYS A 98 -0.48 -7.08 5.84
N ALA A 99 -0.62 -7.69 4.67
CA ALA A 99 -1.18 -7.01 3.52
C ALA A 99 -2.65 -6.82 3.72
N ASN A 100 -3.32 -7.91 4.07
CA ASN A 100 -4.74 -7.92 4.33
C ASN A 100 -5.07 -7.07 5.55
N ILE A 101 -4.20 -7.19 6.54
CA ILE A 101 -4.31 -6.48 7.81
C ILE A 101 -4.20 -5.00 7.55
N LEU A 102 -3.09 -4.61 6.97
CA LEU A 102 -2.86 -3.25 6.61
C LEU A 102 -4.01 -2.78 5.76
N GLU A 103 -4.23 -3.52 4.69
CA GLU A 103 -5.32 -3.22 3.77
C GLU A 103 -6.62 -2.94 4.53
N LYS A 104 -6.75 -3.52 5.71
CA LYS A 104 -7.89 -3.35 6.55
C LYS A 104 -7.79 -2.05 7.35
N PHE A 105 -6.69 -1.87 8.10
CA PHE A 105 -6.46 -0.65 8.85
C PHE A 105 -6.55 0.51 7.87
N PHE A 106 -5.70 0.41 6.85
CA PHE A 106 -5.69 1.35 5.76
C PHE A 106 -7.10 1.62 5.33
N PHE A 107 -7.89 0.56 5.14
CA PHE A 107 -9.28 0.72 4.74
C PHE A 107 -10.05 1.65 5.64
N SER A 108 -9.74 1.66 6.93
CA SER A 108 -10.42 2.55 7.85
C SER A 108 -9.87 3.97 7.71
N LYS A 109 -8.61 4.08 7.27
CA LYS A 109 -7.96 5.36 7.07
C LYS A 109 -8.53 6.02 5.83
N ILE A 110 -8.40 5.35 4.71
CA ILE A 110 -8.95 5.84 3.46
C ILE A 110 -10.42 6.17 3.69
N LYS A 111 -11.10 5.24 4.33
CA LYS A 111 -12.52 5.35 4.64
C LYS A 111 -12.77 6.67 5.33
N GLU A 112 -11.99 6.89 6.37
CA GLU A 112 -12.06 8.08 7.18
C GLU A 112 -11.81 9.32 6.35
N ALA A 113 -10.96 9.16 5.35
CA ALA A 113 -10.60 10.27 4.49
C ALA A 113 -11.45 10.34 3.22
N GLY A 114 -12.57 9.64 3.20
CA GLY A 114 -13.42 9.66 2.01
C GLY A 114 -12.68 9.18 0.78
N LEU A 115 -11.74 8.28 1.01
CA LEU A 115 -10.92 7.73 -0.05
C LEU A 115 -11.69 6.67 -0.81
N ILE A 116 -11.35 5.39 -0.55
CA ILE A 116 -12.00 4.25 -1.15
C ILE A 116 -13.07 4.61 -2.19
N ASP A 117 -14.32 4.16 -1.99
CA ASP A 117 -15.41 4.47 -2.91
C ASP A 117 -15.20 3.84 -4.28
N LYS A 118 -14.08 3.12 -4.45
CA LYS A 118 -13.78 2.46 -5.71
C LYS A 118 -14.86 1.43 -6.06
N SER B 1 17.70 -8.78 10.23
CA SER B 1 16.37 -9.31 10.67
C SER B 1 16.14 -10.71 10.13
N THR B 2 15.73 -11.62 11.01
CA THR B 2 15.46 -13.00 10.63
C THR B 2 14.00 -13.20 10.22
N GLY B 3 13.30 -12.09 10.04
CA GLY B 3 11.90 -12.15 9.65
C GLY B 3 11.48 -10.98 8.78
N GLY B 4 12.27 -9.91 8.81
CA GLY B 4 11.95 -8.74 8.01
C GLY B 4 12.82 -8.64 6.78
N VAL B 5 12.57 -9.51 5.79
CA VAL B 5 13.35 -9.51 4.56
C VAL B 5 12.42 -9.47 3.33
OH ALY B 6 7.74 -7.83 1.66
CH ALY B 6 7.15 -7.57 0.62
CH3 ALY B 6 5.65 -7.26 0.67
NZ ALY B 6 7.69 -7.83 -0.57
CE ALY B 6 9.13 -7.87 -0.80
CD ALY B 6 9.75 -9.20 -0.40
CG ALY B 6 11.22 -9.03 -0.13
CB ALY B 6 11.82 -10.26 0.50
CA ALY B 6 11.09 -10.75 1.75
N ALY B 6 11.97 -10.65 2.91
C ALY B 6 10.59 -12.18 1.59
O ALY B 6 10.08 -12.55 0.53
HH31 ALY B 6 5.14 -8.02 1.25
HH32 ALY B 6 5.48 -6.28 1.14
HH33 ALY B 6 5.25 -7.24 -0.33
HZ ALY B 6 7.11 -7.73 -1.35
HE3 ALY B 6 9.31 -7.75 -1.85
HE2 ALY B 6 9.61 -7.09 -0.26
HD3 ALY B 6 9.25 -9.58 0.49
HD2 ALY B 6 9.65 -9.90 -1.21
HG3 ALY B 6 11.71 -8.87 -1.08
HG2 ALY B 6 11.37 -8.19 0.52
HB3 ALY B 6 11.86 -11.03 -0.26
HB2 ALY B 6 12.83 -10.04 0.78
HA ALY B 6 10.24 -10.11 1.93
H ALY B 6 12.22 -11.46 3.39
N LYS B 7 10.73 -12.97 2.67
CA LYS B 7 10.31 -14.38 2.72
C LYS B 7 9.92 -14.91 1.35
N PRO B 8 10.91 -15.33 0.56
CA PRO B 8 10.69 -15.86 -0.78
C PRO B 8 9.49 -16.81 -0.86
N HIS B 9 9.00 -17.01 -2.08
CA HIS B 9 7.86 -17.91 -2.32
C HIS B 9 8.04 -18.61 -3.66
N ARG B 10 7.35 -19.74 -3.83
CA ARG B 10 7.44 -20.51 -5.07
C ARG B 10 6.64 -19.84 -6.19
N TYR B 11 7.07 -18.63 -6.58
CA TYR B 11 6.40 -17.89 -7.64
C TYR B 11 7.42 -17.43 -8.68
N LYS B 12 8.63 -17.97 -8.59
CA LYS B 12 9.69 -17.60 -9.53
C LYS B 12 10.45 -18.85 -9.98
N CYS B 13 10.89 -18.83 -11.24
CA CYS B 13 11.63 -19.97 -11.80
C CYS B 13 13.05 -19.56 -12.15
N GLY A 1 -19.12 -0.25 -1.41
CA GLY A 1 -19.14 1.17 -0.99
C GLY A 1 -20.33 1.94 -1.51
N SER A 2 -20.17 2.56 -2.67
CA SER A 2 -21.25 3.33 -3.29
C SER A 2 -21.76 4.43 -2.34
N HIS A 3 -21.04 5.55 -2.31
CA HIS A 3 -21.40 6.67 -1.45
C HIS A 3 -20.86 7.98 -2.01
N MET A 4 -21.73 8.98 -2.11
CA MET A 4 -21.35 10.28 -2.63
C MET A 4 -21.63 11.38 -1.61
N SER A 5 -20.78 11.46 -0.59
CA SER A 5 -20.95 12.47 0.46
C SER A 5 -19.60 12.83 1.07
N LYS A 6 -18.77 11.82 1.30
CA LYS A 6 -17.45 12.03 1.88
C LYS A 6 -16.35 11.70 0.87
N GLU A 7 -15.63 12.74 0.42
CA GLU A 7 -14.56 12.57 -0.55
C GLU A 7 -13.75 13.85 -0.70
N PRO A 8 -12.48 13.80 -0.26
CA PRO A 8 -11.55 14.92 -0.33
C PRO A 8 -11.43 15.49 -1.73
N ARG A 9 -11.23 14.61 -2.71
CA ARG A 9 -11.09 15.03 -4.09
C ARG A 9 -9.96 16.03 -4.24
N ASP A 10 -9.71 16.47 -5.48
CA ASP A 10 -8.63 17.41 -5.75
C ASP A 10 -7.29 16.83 -5.37
N PRO A 11 -6.30 17.03 -6.26
CA PRO A 11 -4.95 16.52 -6.09
C PRO A 11 -4.26 17.00 -4.82
N ASP A 12 -4.76 18.09 -4.22
CA ASP A 12 -4.15 18.62 -3.01
C ASP A 12 -4.82 18.04 -1.77
N GLN A 13 -6.16 18.19 -1.67
CA GLN A 13 -6.86 17.64 -0.53
C GLN A 13 -6.50 16.18 -0.36
N LEU A 14 -6.41 15.50 -1.49
CA LEU A 14 -6.05 14.09 -1.54
C LEU A 14 -4.58 13.93 -1.21
N TYR A 15 -3.74 14.61 -1.95
CA TYR A 15 -2.31 14.54 -1.71
C TYR A 15 -2.03 14.43 -0.23
N SER A 16 -2.42 15.42 0.53
CA SER A 16 -2.14 15.34 1.95
C SER A 16 -3.19 14.57 2.73
N THR A 17 -4.38 14.36 2.16
CA THR A 17 -5.36 13.56 2.87
C THR A 17 -4.74 12.21 2.95
N LEU A 18 -4.51 11.70 1.77
CA LEU A 18 -3.86 10.46 1.55
C LEU A 18 -2.49 10.47 2.23
N LYS A 19 -1.86 11.64 2.28
CA LYS A 19 -0.54 11.76 2.93
C LYS A 19 -0.65 11.26 4.35
N SER A 20 -1.85 11.36 4.88
CA SER A 20 -2.13 10.92 6.24
C SER A 20 -2.47 9.45 6.22
N ILE A 21 -3.41 9.04 5.35
CA ILE A 21 -3.75 7.64 5.26
C ILE A 21 -2.45 6.88 5.09
N LEU A 22 -1.77 7.15 3.99
CA LEU A 22 -0.48 6.52 3.72
C LEU A 22 0.35 6.49 4.97
N GLN A 23 0.62 7.69 5.49
CA GLN A 23 1.39 7.87 6.70
C GLN A 23 0.95 6.90 7.79
N GLN A 24 -0.34 6.58 7.78
CA GLN A 24 -0.93 5.69 8.76
C GLN A 24 -0.81 4.22 8.38
N VAL A 25 -1.26 3.87 7.17
CA VAL A 25 -1.22 2.51 6.68
C VAL A 25 0.20 1.99 6.72
N LYS A 26 1.16 2.88 6.51
CA LYS A 26 2.54 2.49 6.55
C LYS A 26 3.00 2.46 7.99
N SER A 27 2.64 3.47 8.77
CA SER A 27 3.02 3.48 10.16
C SER A 27 2.44 2.24 10.83
N HIS A 28 1.58 1.55 10.07
CA HIS A 28 0.93 0.34 10.53
C HIS A 28 1.92 -0.77 10.85
N GLN A 29 1.63 -1.52 11.91
CA GLN A 29 2.43 -2.64 12.36
C GLN A 29 2.55 -3.73 11.28
N SER A 30 1.73 -3.64 10.24
CA SER A 30 1.73 -4.62 9.15
C SER A 30 2.27 -3.99 7.89
N ALA A 31 2.82 -2.81 8.06
CA ALA A 31 3.35 -2.07 6.94
C ALA A 31 4.87 -2.14 6.82
N TRP A 32 5.55 -2.80 7.75
CA TRP A 32 7.01 -2.86 7.70
C TRP A 32 7.56 -3.47 6.39
N PRO A 33 6.87 -4.45 5.77
CA PRO A 33 7.32 -5.06 4.50
C PRO A 33 7.06 -4.15 3.32
N PHE A 34 6.15 -3.22 3.53
CA PHE A 34 5.75 -2.30 2.48
C PHE A 34 6.33 -0.91 2.73
N MET A 35 6.77 -0.71 3.97
CA MET A 35 7.37 0.55 4.40
C MET A 35 8.27 1.15 3.35
N GLU A 36 9.03 0.28 2.70
CA GLU A 36 9.96 0.68 1.68
C GLU A 36 9.99 -0.34 0.55
N PRO A 37 10.36 0.11 -0.65
CA PRO A 37 10.42 -0.74 -1.83
C PRO A 37 11.49 -1.80 -1.70
N VAL A 38 11.08 -3.01 -1.90
CA VAL A 38 11.93 -4.18 -1.82
C VAL A 38 13.24 -3.99 -2.55
N LYS A 39 14.18 -4.86 -2.27
CA LYS A 39 15.49 -4.80 -2.89
C LYS A 39 15.41 -5.24 -4.33
N ARG A 40 14.18 -5.42 -4.81
CA ARG A 40 13.92 -5.90 -6.15
C ARG A 40 14.41 -7.34 -6.24
N THR A 41 15.11 -7.78 -5.19
CA THR A 41 15.64 -9.12 -5.13
C THR A 41 15.53 -9.69 -3.72
N GLU A 42 15.15 -8.87 -2.74
CA GLU A 42 14.95 -9.37 -1.40
C GLU A 42 13.81 -10.33 -1.56
N ALA A 43 13.10 -10.03 -2.63
CA ALA A 43 12.00 -10.82 -3.11
C ALA A 43 12.45 -11.60 -4.31
N PRO A 44 12.76 -12.85 -4.06
CA PRO A 44 13.24 -13.77 -5.09
C PRO A 44 12.14 -14.06 -6.11
N GLY A 45 12.04 -13.16 -7.08
CA GLY A 45 11.03 -13.29 -8.09
C GLY A 45 10.02 -12.18 -7.95
N TYR A 46 10.32 -11.24 -7.08
CA TYR A 46 9.45 -10.11 -6.84
C TYR A 46 8.82 -9.56 -8.11
N TYR A 47 9.65 -9.03 -8.99
CA TYR A 47 9.18 -8.38 -10.20
C TYR A 47 8.49 -9.30 -11.22
N GLU A 48 8.65 -10.63 -11.12
CA GLU A 48 7.96 -11.51 -12.07
C GLU A 48 6.51 -11.71 -11.65
N VAL A 49 6.34 -12.10 -10.39
CA VAL A 49 5.03 -12.32 -9.82
C VAL A 49 4.33 -11.00 -9.73
N ILE A 50 5.08 -10.06 -9.24
CA ILE A 50 4.58 -8.74 -9.03
C ILE A 50 4.71 -7.86 -10.24
N ARG A 51 3.72 -7.90 -11.10
CA ARG A 51 3.71 -7.05 -12.28
C ARG A 51 3.91 -5.59 -11.89
N PHE A 52 3.27 -5.18 -10.79
CA PHE A 52 3.38 -3.80 -10.31
C PHE A 52 3.72 -3.71 -8.82
N PRO A 53 4.99 -3.92 -8.44
CA PRO A 53 5.42 -3.85 -7.05
C PRO A 53 5.34 -2.44 -6.44
N MET A 54 4.38 -2.27 -5.53
CA MET A 54 4.13 -1.01 -4.84
C MET A 54 4.49 -1.13 -3.38
N ASP A 55 4.80 0.02 -2.78
CA ASP A 55 5.13 0.07 -1.38
C ASP A 55 4.62 1.37 -0.79
N LEU A 56 4.70 1.48 0.53
CA LEU A 56 4.26 2.67 1.22
C LEU A 56 5.21 3.83 0.97
N LYS A 57 6.49 3.54 0.77
CA LYS A 57 7.43 4.60 0.47
C LYS A 57 7.24 5.01 -0.97
N THR A 58 7.01 4.02 -1.83
CA THR A 58 6.73 4.30 -3.23
C THR A 58 5.42 5.07 -3.27
N MET A 59 4.46 4.60 -2.48
CA MET A 59 3.18 5.27 -2.32
C MET A 59 3.48 6.71 -1.91
N SER A 60 4.16 6.84 -0.78
CA SER A 60 4.55 8.15 -0.25
C SER A 60 5.43 8.90 -1.23
N GLU A 61 6.11 8.16 -2.09
CA GLU A 61 6.97 8.77 -3.10
C GLU A 61 6.09 9.57 -4.03
N ARG A 62 5.03 8.91 -4.45
CA ARG A 62 4.05 9.50 -5.30
C ARG A 62 3.39 10.64 -4.56
N LEU A 63 2.97 10.32 -3.36
CA LEU A 63 2.34 11.25 -2.45
C LEU A 63 3.13 12.51 -2.32
N LYS A 64 4.39 12.35 -1.99
CA LYS A 64 5.25 13.47 -1.80
C LYS A 64 5.17 14.40 -3.00
N ASN A 65 5.34 13.83 -4.20
CA ASN A 65 5.29 14.62 -5.42
C ASN A 65 3.86 15.01 -5.78
N ARG A 66 2.91 14.59 -4.93
CA ARG A 66 1.48 14.90 -5.10
C ARG A 66 0.89 14.08 -6.24
N TYR A 67 1.54 12.97 -6.56
CA TYR A 67 1.10 12.09 -7.62
C TYR A 67 -0.37 11.74 -7.48
N TYR A 68 -0.81 11.50 -6.24
CA TYR A 68 -2.19 11.13 -5.99
C TYR A 68 -3.15 12.26 -6.30
N VAL A 69 -3.38 12.44 -7.59
CA VAL A 69 -4.31 13.44 -8.05
C VAL A 69 -5.69 12.85 -7.98
N SER A 70 -5.73 11.70 -7.33
CA SER A 70 -6.93 10.94 -7.17
C SER A 70 -6.73 9.89 -6.07
N LYS A 71 -7.59 9.89 -5.06
CA LYS A 71 -7.46 8.93 -3.97
C LYS A 71 -7.43 7.51 -4.52
N LYS A 72 -7.80 7.35 -5.79
CA LYS A 72 -7.79 6.04 -6.42
C LYS A 72 -6.38 5.64 -6.79
N LEU A 73 -5.55 6.61 -7.15
CA LEU A 73 -4.16 6.35 -7.43
C LEU A 73 -3.59 5.76 -6.19
N PHE A 74 -3.91 6.48 -5.17
CA PHE A 74 -3.55 6.17 -3.83
C PHE A 74 -4.11 4.85 -3.41
N MET A 75 -5.35 4.63 -3.75
CA MET A 75 -6.00 3.40 -3.42
C MET A 75 -5.29 2.28 -4.12
N ALA A 76 -5.37 2.31 -5.43
CA ALA A 76 -4.76 1.30 -6.30
C ALA A 76 -3.33 0.95 -5.91
N ASP A 77 -2.50 1.97 -5.73
CA ASP A 77 -1.10 1.76 -5.41
C ASP A 77 -0.92 1.20 -4.00
N LEU A 78 -1.43 1.85 -2.98
CA LEU A 78 -1.31 1.28 -1.65
C LEU A 78 -1.90 -0.11 -1.70
N GLN A 79 -2.97 -0.22 -2.49
CA GLN A 79 -3.65 -1.47 -2.67
C GLN A 79 -2.76 -2.37 -3.49
N ARG A 80 -1.89 -1.70 -4.22
CA ARG A 80 -0.92 -2.37 -5.06
C ARG A 80 0.13 -3.02 -4.17
N VAL A 81 0.33 -2.46 -2.96
CA VAL A 81 1.28 -3.05 -2.03
C VAL A 81 0.63 -4.26 -1.38
N PHE A 82 -0.52 -4.06 -0.75
CA PHE A 82 -1.24 -5.16 -0.09
C PHE A 82 -1.46 -6.31 -1.07
N THR A 83 -1.99 -5.99 -2.24
CA THR A 83 -2.26 -7.00 -3.26
C THR A 83 -1.00 -7.70 -3.72
N ASN A 84 0.07 -6.95 -3.98
CA ASN A 84 1.32 -7.56 -4.41
C ASN A 84 1.92 -8.33 -3.25
N CYS A 85 1.57 -7.91 -2.04
CA CYS A 85 2.06 -8.54 -0.85
C CYS A 85 1.26 -9.81 -0.60
N LYS A 86 0.03 -9.74 -1.05
CA LYS A 86 -0.93 -10.83 -1.00
C LYS A 86 -0.77 -11.74 -2.22
N GLU A 87 -0.13 -11.19 -3.26
CA GLU A 87 0.07 -11.88 -4.54
C GLU A 87 1.20 -12.90 -4.51
N TYR A 88 2.37 -12.36 -4.26
CA TYR A 88 3.61 -13.12 -4.24
C TYR A 88 3.70 -13.98 -3.01
N ASN A 89 3.61 -13.34 -1.88
CA ASN A 89 3.72 -14.03 -0.61
C ASN A 89 2.61 -15.03 -0.39
N PRO A 90 2.85 -15.97 0.53
CA PRO A 90 1.87 -16.95 0.96
C PRO A 90 1.14 -16.42 2.18
N PRO A 91 -0.14 -16.76 2.37
CA PRO A 91 -0.91 -16.27 3.51
C PRO A 91 -0.38 -16.82 4.84
N GLU A 92 0.80 -17.42 4.79
CA GLU A 92 1.43 -17.99 5.97
C GLU A 92 2.69 -17.20 6.33
N SER A 93 3.19 -16.44 5.35
CA SER A 93 4.38 -15.61 5.52
C SER A 93 4.17 -14.58 6.60
N GLU A 94 4.97 -13.53 6.56
CA GLU A 94 4.84 -12.46 7.52
C GLU A 94 4.16 -11.24 6.91
N TYR A 95 4.46 -10.92 5.65
CA TYR A 95 3.85 -9.74 5.05
C TYR A 95 2.50 -9.96 4.38
N TYR A 96 2.23 -11.17 3.89
CA TYR A 96 0.94 -11.44 3.24
C TYR A 96 -0.22 -10.97 4.12
N LYS A 97 -0.33 -11.54 5.31
CA LYS A 97 -1.39 -11.17 6.22
C LYS A 97 -1.30 -9.71 6.55
N CYS A 98 -0.08 -9.23 6.72
CA CYS A 98 0.16 -7.83 7.02
C CYS A 98 -0.43 -6.97 5.90
N ALA A 99 -0.54 -7.56 4.73
CA ALA A 99 -1.09 -6.86 3.59
C ALA A 99 -2.60 -6.76 3.73
N ASN A 100 -3.23 -7.88 4.03
CA ASN A 100 -4.66 -7.93 4.25
C ASN A 100 -5.04 -7.08 5.46
N ILE A 101 -4.22 -7.20 6.49
CA ILE A 101 -4.39 -6.48 7.74
C ILE A 101 -4.30 -4.99 7.50
N LEU A 102 -3.15 -4.59 7.00
CA LEU A 102 -2.92 -3.20 6.66
C LEU A 102 -4.07 -2.74 5.80
N GLU A 103 -4.30 -3.47 4.73
CA GLU A 103 -5.37 -3.18 3.79
C GLU A 103 -6.67 -2.90 4.54
N LYS A 104 -6.83 -3.52 5.69
CA LYS A 104 -8.00 -3.36 6.52
C LYS A 104 -7.92 -2.05 7.33
N PHE A 105 -6.82 -1.85 8.06
CA PHE A 105 -6.63 -0.61 8.81
C PHE A 105 -6.71 0.53 7.81
N PHE A 106 -5.83 0.45 6.84
CA PHE A 106 -5.78 1.40 5.75
C PHE A 106 -7.18 1.66 5.28
N PHE A 107 -7.99 0.60 5.14
CA PHE A 107 -9.36 0.77 4.70
C PHE A 107 -10.14 1.70 5.59
N SER A 108 -9.88 1.64 6.90
CA SER A 108 -10.56 2.52 7.82
C SER A 108 -10.02 3.95 7.70
N LYS A 109 -8.80 4.06 7.19
CA LYS A 109 -8.11 5.34 7.01
C LYS A 109 -8.54 6.06 5.75
N ILE A 110 -8.74 5.30 4.70
CA ILE A 110 -9.16 5.85 3.43
C ILE A 110 -10.61 6.24 3.56
N LYS A 111 -11.36 5.30 4.12
CA LYS A 111 -12.78 5.49 4.34
C LYS A 111 -12.99 6.78 5.10
N GLU A 112 -12.25 6.87 6.19
CA GLU A 112 -12.29 8.01 7.08
C GLU A 112 -11.97 9.28 6.32
N ALA A 113 -11.05 9.15 5.38
CA ALA A 113 -10.61 10.29 4.61
C ALA A 113 -11.36 10.46 3.28
N GLY A 114 -12.57 9.91 3.17
CA GLY A 114 -13.34 10.05 1.94
C GLY A 114 -12.64 9.46 0.73
N LEU A 115 -11.74 8.52 0.99
CA LEU A 115 -10.96 7.88 -0.06
C LEU A 115 -11.78 6.84 -0.80
N ILE A 116 -11.65 5.58 -0.39
CA ILE A 116 -12.39 4.48 -0.98
C ILE A 116 -13.61 4.92 -1.75
N ASP A 117 -13.65 4.58 -3.02
CA ASP A 117 -14.76 4.96 -3.88
C ASP A 117 -14.90 3.99 -5.05
N LYS A 118 -13.76 3.54 -5.57
CA LYS A 118 -13.75 2.61 -6.69
C LYS A 118 -14.68 1.41 -6.45
N SER B 1 9.55 -19.96 10.97
CA SER B 1 9.05 -18.55 10.86
C SER B 1 10.16 -17.60 10.48
N THR B 2 11.27 -18.16 9.99
CA THR B 2 12.41 -17.35 9.59
C THR B 2 12.37 -17.02 8.09
N GLY B 3 12.77 -15.80 7.74
CA GLY B 3 12.76 -15.39 6.35
C GLY B 3 13.58 -14.14 6.11
N GLY B 4 14.30 -14.10 5.00
CA GLY B 4 15.11 -12.95 4.68
C GLY B 4 14.29 -11.75 4.26
N VAL B 5 13.74 -11.04 5.23
CA VAL B 5 12.92 -9.85 4.98
C VAL B 5 11.67 -10.22 4.19
OH ALY B 6 7.17 -8.12 1.05
CH ALY B 6 7.05 -7.27 0.16
CH3 ALY B 6 6.21 -6.02 0.43
NZ ALY B 6 7.74 -7.34 -0.97
CE ALY B 6 8.46 -8.54 -1.41
CD ALY B 6 9.68 -8.82 -0.56
CG ALY B 6 9.88 -10.29 -0.35
CB ALY B 6 11.06 -10.52 0.53
CA ALY B 6 10.69 -10.69 2.00
N ALY B 6 11.82 -10.36 2.87
C ALY B 6 10.23 -12.12 2.23
O ALY B 6 9.37 -12.62 1.48
HH31 ALY B 6 5.51 -5.89 -0.38
HH32 ALY B 6 5.67 -6.10 1.37
HH33 ALY B 6 6.87 -5.16 0.46
HZ ALY B 6 7.83 -6.53 -1.50
HE3 ALY B 6 7.79 -9.38 -1.36
HE2 ALY B 6 8.78 -8.39 -2.44
HD3 ALY B 6 10.58 -8.44 -1.04
HD2 ALY B 6 9.57 -8.34 0.41
HG3 ALY B 6 9.00 -10.72 0.10
HG2 ALY B 6 10.06 -10.75 -1.31
HB3 ALY B 6 11.57 -11.40 0.19
HB2 ALY B 6 11.71 -9.68 0.42
HA ALY B 6 9.88 -10.02 2.25
H ALY B 6 12.70 -10.23 2.47
N LYS B 7 10.78 -12.79 3.24
CA LYS B 7 10.44 -14.19 3.48
C LYS B 7 10.39 -14.89 2.13
N PRO B 8 11.51 -14.82 1.38
CA PRO B 8 11.65 -15.38 0.04
C PRO B 8 10.66 -16.48 -0.29
N HIS B 9 9.85 -16.22 -1.32
CA HIS B 9 8.86 -17.18 -1.77
C HIS B 9 9.04 -17.47 -3.26
N ARG B 10 8.17 -18.30 -3.82
CA ARG B 10 8.23 -18.65 -5.24
C ARG B 10 6.89 -18.40 -5.92
N TYR B 11 6.80 -17.27 -6.62
CA TYR B 11 5.57 -16.91 -7.33
C TYR B 11 5.88 -16.22 -8.65
N LYS B 12 4.98 -16.37 -9.62
CA LYS B 12 5.13 -15.76 -10.94
C LYS B 12 4.08 -16.29 -11.90
N CYS B 13 3.33 -17.30 -11.46
CA CYS B 13 2.29 -17.90 -12.28
C CYS B 13 1.06 -18.25 -11.44
N GLY A 1 -15.16 22.76 13.24
CA GLY A 1 -15.94 21.84 12.37
C GLY A 1 -15.16 21.37 11.16
N SER A 2 -15.86 21.08 10.07
CA SER A 2 -15.22 20.61 8.85
C SER A 2 -16.16 20.76 7.66
N HIS A 3 -15.60 20.75 6.46
CA HIS A 3 -16.38 20.87 5.24
C HIS A 3 -15.72 20.13 4.08
N MET A 4 -14.97 19.08 4.41
CA MET A 4 -14.28 18.28 3.40
C MET A 4 -15.25 17.40 2.62
N SER A 5 -16.52 17.45 3.02
CA SER A 5 -17.56 16.66 2.36
C SER A 5 -17.22 15.17 2.39
N LYS A 6 -16.53 14.75 3.46
CA LYS A 6 -16.13 13.36 3.65
C LYS A 6 -15.61 12.77 2.34
N GLU A 7 -14.89 13.58 1.57
CA GLU A 7 -14.31 13.15 0.29
C GLU A 7 -13.46 14.27 -0.30
N PRO A 8 -12.14 14.12 -0.17
CA PRO A 8 -11.16 15.09 -0.67
C PRO A 8 -11.34 15.39 -2.15
N ARG A 9 -10.98 14.43 -3.01
CA ARG A 9 -11.10 14.58 -4.47
C ARG A 9 -10.04 15.53 -5.04
N ASP A 10 -9.87 16.69 -4.41
CA ASP A 10 -8.88 17.66 -4.86
C ASP A 10 -7.48 17.08 -4.76
N PRO A 11 -6.66 17.36 -5.76
CA PRO A 11 -5.28 16.89 -5.85
C PRO A 11 -4.45 17.25 -4.62
N ASP A 12 -4.79 18.34 -3.96
CA ASP A 12 -4.07 18.79 -2.77
C ASP A 12 -4.75 18.22 -1.53
N GLN A 13 -6.08 18.27 -1.55
CA GLN A 13 -6.87 17.73 -0.47
C GLN A 13 -6.50 16.27 -0.29
N LEU A 14 -6.46 15.57 -1.41
CA LEU A 14 -6.11 14.15 -1.44
C LEU A 14 -4.65 13.99 -1.12
N TYR A 15 -3.80 14.66 -1.87
CA TYR A 15 -2.38 14.57 -1.65
C TYR A 15 -2.07 14.42 -0.19
N SER A 16 -2.42 15.40 0.60
CA SER A 16 -2.11 15.31 2.00
C SER A 16 -3.15 14.55 2.80
N THR A 17 -4.34 14.36 2.24
CA THR A 17 -5.33 13.55 2.94
C THR A 17 -4.70 12.20 3.03
N LEU A 18 -4.47 11.71 1.85
CA LEU A 18 -3.81 10.47 1.61
C LEU A 18 -2.44 10.46 2.28
N LYS A 19 -1.81 11.63 2.32
CA LYS A 19 -0.49 11.75 2.95
C LYS A 19 -0.59 11.23 4.36
N SER A 20 -1.78 11.32 4.91
CA SER A 20 -2.04 10.86 6.27
C SER A 20 -2.41 9.39 6.25
N ILE A 21 -3.36 9.01 5.38
CA ILE A 21 -3.72 7.62 5.28
C ILE A 21 -2.43 6.84 5.08
N LEU A 22 -1.77 7.12 3.96
CA LEU A 22 -0.49 6.48 3.65
C LEU A 22 0.37 6.43 4.87
N GLN A 23 0.62 7.60 5.42
CA GLN A 23 1.42 7.75 6.63
C GLN A 23 1.00 6.74 7.69
N GLN A 24 -0.29 6.50 7.77
CA GLN A 24 -0.85 5.58 8.74
C GLN A 24 -0.69 4.12 8.30
N VAL A 25 -1.28 3.78 7.16
CA VAL A 25 -1.22 2.45 6.60
C VAL A 25 0.22 1.95 6.57
N LYS A 26 1.14 2.86 6.29
CA LYS A 26 2.53 2.48 6.20
C LYS A 26 3.18 2.44 7.57
N SER A 27 2.69 3.29 8.47
CA SER A 27 3.22 3.28 9.81
C SER A 27 2.66 2.05 10.52
N HIS A 28 1.72 1.41 9.84
CA HIS A 28 1.05 0.23 10.34
C HIS A 28 2.07 -0.89 10.61
N GLN A 29 1.84 -1.62 11.69
CA GLN A 29 2.67 -2.75 12.10
C GLN A 29 2.67 -3.86 11.04
N SER A 30 1.83 -3.72 10.02
CA SER A 30 1.72 -4.69 8.96
C SER A 30 2.23 -4.09 7.67
N ALA A 31 2.80 -2.92 7.82
CA ALA A 31 3.30 -2.18 6.69
C ALA A 31 4.81 -2.25 6.51
N TRP A 32 5.52 -2.98 7.36
CA TRP A 32 6.98 -3.02 7.21
C TRP A 32 7.45 -3.70 5.91
N PRO A 33 6.74 -4.72 5.38
CA PRO A 33 7.16 -5.36 4.13
C PRO A 33 6.84 -4.46 2.96
N PHE A 34 6.14 -3.37 3.26
CA PHE A 34 5.71 -2.41 2.25
C PHE A 34 6.24 -1.01 2.55
N MET A 35 6.65 -0.78 3.80
CA MET A 35 7.13 0.54 4.25
C MET A 35 8.04 1.17 3.24
N GLU A 36 8.80 0.34 2.58
CA GLU A 36 9.72 0.78 1.56
C GLU A 36 9.90 -0.31 0.52
N PRO A 37 10.39 0.04 -0.68
CA PRO A 37 10.60 -0.92 -1.74
C PRO A 37 11.72 -1.86 -1.43
N VAL A 38 11.66 -3.04 -2.03
CA VAL A 38 12.66 -4.04 -1.79
C VAL A 38 13.83 -3.85 -2.75
N LYS A 39 14.87 -4.65 -2.59
CA LYS A 39 16.08 -4.54 -3.40
C LYS A 39 15.86 -5.07 -4.80
N ARG A 40 14.60 -5.31 -5.16
CA ARG A 40 14.28 -5.88 -6.46
C ARG A 40 14.89 -7.27 -6.50
N THR A 41 15.58 -7.62 -5.41
CA THR A 41 16.23 -8.90 -5.29
C THR A 41 16.04 -9.49 -3.89
N GLU A 42 15.65 -8.64 -2.92
CA GLU A 42 15.36 -9.14 -1.58
C GLU A 42 14.46 -10.30 -1.82
N ALA A 43 13.55 -9.95 -2.69
CA ALA A 43 12.54 -10.82 -3.19
C ALA A 43 13.00 -11.42 -4.50
N PRO A 44 13.22 -12.71 -4.48
CA PRO A 44 13.66 -13.46 -5.66
C PRO A 44 12.56 -13.47 -6.70
N GLY A 45 12.85 -12.90 -7.85
CA GLY A 45 11.86 -12.83 -8.88
C GLY A 45 10.77 -11.87 -8.49
N TYR A 46 11.06 -11.05 -7.48
CA TYR A 46 10.12 -10.05 -6.98
C TYR A 46 9.39 -9.37 -8.14
N TYR A 47 10.15 -8.75 -9.01
CA TYR A 47 9.58 -8.06 -10.16
C TYR A 47 8.97 -9.01 -11.17
N GLU A 48 9.33 -10.28 -11.06
CA GLU A 48 8.80 -11.30 -11.98
C GLU A 48 7.34 -11.59 -11.65
N VAL A 49 7.08 -11.81 -10.37
CA VAL A 49 5.74 -12.09 -9.87
C VAL A 49 5.00 -10.80 -9.77
N ILE A 50 5.70 -9.84 -9.24
CA ILE A 50 5.15 -8.55 -9.01
C ILE A 50 5.32 -7.62 -10.19
N ARG A 51 4.36 -7.64 -11.09
CA ARG A 51 4.40 -6.75 -12.24
C ARG A 51 4.49 -5.30 -11.79
N PHE A 52 3.75 -4.96 -10.74
CA PHE A 52 3.75 -3.59 -10.21
C PHE A 52 4.05 -3.54 -8.71
N PRO A 53 5.32 -3.75 -8.32
CA PRO A 53 5.73 -3.73 -6.91
C PRO A 53 5.59 -2.36 -6.27
N MET A 54 4.42 -2.11 -5.70
CA MET A 54 4.13 -0.86 -5.01
C MET A 54 4.45 -1.01 -3.56
N ASP A 55 4.82 0.09 -2.95
CA ASP A 55 5.14 0.12 -1.56
C ASP A 55 4.59 1.38 -0.95
N LEU A 56 4.67 1.46 0.36
CA LEU A 56 4.20 2.64 1.06
C LEU A 56 5.13 3.80 0.87
N LYS A 57 6.42 3.54 0.69
CA LYS A 57 7.35 4.61 0.42
C LYS A 57 7.16 5.04 -1.01
N THR A 58 6.96 4.05 -1.88
CA THR A 58 6.69 4.35 -3.28
C THR A 58 5.37 5.12 -3.34
N MET A 59 4.41 4.63 -2.55
CA MET A 59 3.12 5.31 -2.40
C MET A 59 3.43 6.74 -1.99
N SER A 60 4.13 6.87 -0.87
CA SER A 60 4.53 8.17 -0.33
C SER A 60 5.41 8.92 -1.30
N GLU A 61 6.06 8.19 -2.20
CA GLU A 61 6.91 8.81 -3.20
C GLU A 61 6.03 9.64 -4.11
N ARG A 62 4.96 8.99 -4.54
CA ARG A 62 3.98 9.61 -5.38
C ARG A 62 3.32 10.73 -4.60
N LEU A 63 2.93 10.38 -3.39
CA LEU A 63 2.30 11.30 -2.46
C LEU A 63 3.10 12.55 -2.32
N LYS A 64 4.36 12.37 -2.00
CA LYS A 64 5.23 13.50 -1.81
C LYS A 64 5.14 14.45 -2.98
N ASN A 65 5.29 13.90 -4.18
CA ASN A 65 5.23 14.72 -5.40
C ASN A 65 3.80 15.12 -5.72
N ARG A 66 2.87 14.71 -4.86
CA ARG A 66 1.46 15.06 -4.98
C ARG A 66 0.79 14.26 -6.09
N TYR A 67 1.43 13.17 -6.48
CA TYR A 67 0.94 12.30 -7.53
C TYR A 67 -0.53 11.94 -7.36
N TYR A 68 -0.93 11.68 -6.11
CA TYR A 68 -2.30 11.27 -5.84
C TYR A 68 -3.28 12.40 -6.04
N VAL A 69 -3.61 12.59 -7.30
CA VAL A 69 -4.60 13.57 -7.66
C VAL A 69 -5.94 12.89 -7.69
N SER A 70 -5.92 11.72 -7.07
CA SER A 70 -7.08 10.86 -6.99
C SER A 70 -6.85 9.79 -5.92
N LYS A 71 -7.75 9.69 -4.93
CA LYS A 71 -7.59 8.68 -3.89
C LYS A 71 -7.50 7.31 -4.52
N LYS A 72 -7.87 7.22 -5.80
CA LYS A 72 -7.81 5.95 -6.50
C LYS A 72 -6.38 5.63 -6.89
N LEU A 73 -5.59 6.65 -7.17
CA LEU A 73 -4.18 6.46 -7.45
C LEU A 73 -3.60 5.84 -6.24
N PHE A 74 -3.96 6.52 -5.18
CA PHE A 74 -3.59 6.20 -3.86
C PHE A 74 -4.13 4.86 -3.45
N MET A 75 -5.35 4.61 -3.83
CA MET A 75 -5.98 3.37 -3.51
C MET A 75 -5.27 2.27 -4.25
N ALA A 76 -5.36 2.34 -5.56
CA ALA A 76 -4.76 1.36 -6.46
C ALA A 76 -3.32 1.02 -6.08
N ASP A 77 -2.51 2.04 -5.84
CA ASP A 77 -1.11 1.83 -5.50
C ASP A 77 -0.94 1.24 -4.11
N LEU A 78 -1.45 1.88 -3.08
CA LEU A 78 -1.34 1.28 -1.76
C LEU A 78 -1.91 -0.11 -1.83
N GLN A 79 -2.95 -0.22 -2.63
CA GLN A 79 -3.62 -1.48 -2.85
C GLN A 79 -2.72 -2.35 -3.68
N ARG A 80 -1.88 -1.66 -4.45
CA ARG A 80 -0.91 -2.30 -5.31
C ARG A 80 0.14 -2.96 -4.43
N VAL A 81 0.31 -2.45 -3.20
CA VAL A 81 1.26 -3.05 -2.28
C VAL A 81 0.60 -4.28 -1.65
N PHE A 82 -0.50 -4.07 -0.93
CA PHE A 82 -1.21 -5.18 -0.27
C PHE A 82 -1.41 -6.31 -1.27
N THR A 83 -1.86 -5.96 -2.47
CA THR A 83 -2.10 -6.94 -3.51
C THR A 83 -0.81 -7.63 -3.94
N ASN A 84 0.26 -6.86 -4.12
CA ASN A 84 1.55 -7.45 -4.49
C ASN A 84 2.04 -8.30 -3.34
N CYS A 85 1.55 -7.99 -2.15
CA CYS A 85 1.92 -8.71 -0.97
C CYS A 85 1.06 -9.96 -0.87
N LYS A 86 -0.12 -9.85 -1.43
CA LYS A 86 -1.09 -10.92 -1.53
C LYS A 86 -0.79 -11.77 -2.77
N GLU A 87 -0.05 -11.17 -3.70
CA GLU A 87 0.29 -11.78 -4.98
C GLU A 87 1.42 -12.78 -4.88
N TYR A 88 2.55 -12.24 -4.50
CA TYR A 88 3.79 -12.97 -4.37
C TYR A 88 3.85 -13.77 -3.11
N ASN A 89 3.71 -13.07 -2.02
CA ASN A 89 3.77 -13.70 -0.72
C ASN A 89 2.60 -14.65 -0.55
N PRO A 90 2.78 -15.67 0.29
CA PRO A 90 1.74 -16.61 0.67
C PRO A 90 1.08 -16.15 1.98
N PRO A 91 -0.25 -16.35 2.16
CA PRO A 91 -0.93 -15.93 3.38
C PRO A 91 -0.34 -16.60 4.62
N GLU A 92 0.72 -17.38 4.43
CA GLU A 92 1.36 -18.09 5.51
C GLU A 92 2.74 -17.52 5.84
N SER A 93 3.33 -16.80 4.90
CA SER A 93 4.66 -16.22 5.12
C SER A 93 4.61 -15.28 6.30
N GLU A 94 3.96 -14.15 6.09
CA GLU A 94 3.82 -13.13 7.11
C GLU A 94 3.28 -11.85 6.51
N TYR A 95 4.05 -11.27 5.58
CA TYR A 95 3.68 -10.02 4.95
C TYR A 95 2.33 -10.12 4.29
N TYR A 96 2.09 -11.20 3.57
CA TYR A 96 0.81 -11.42 2.90
C TYR A 96 -0.32 -11.01 3.84
N LYS A 97 -0.28 -11.54 5.04
CA LYS A 97 -1.28 -11.23 6.03
C LYS A 97 -1.29 -9.76 6.33
N CYS A 98 -0.13 -9.26 6.74
CA CYS A 98 0.02 -7.85 7.05
C CYS A 98 -0.59 -7.00 5.94
N ALA A 99 -0.55 -7.54 4.75
CA ALA A 99 -1.12 -6.87 3.59
C ALA A 99 -2.62 -6.78 3.73
N ASN A 100 -3.23 -7.91 4.05
CA ASN A 100 -4.66 -8.00 4.27
C ASN A 100 -5.05 -7.13 5.47
N ILE A 101 -4.20 -7.23 6.50
CA ILE A 101 -4.39 -6.51 7.75
C ILE A 101 -4.32 -5.02 7.50
N LEU A 102 -3.20 -4.61 6.94
CA LEU A 102 -2.98 -3.24 6.58
C LEU A 102 -4.13 -2.79 5.72
N GLU A 103 -4.32 -3.50 4.63
CA GLU A 103 -5.40 -3.22 3.70
C GLU A 103 -6.71 -2.93 4.46
N LYS A 104 -6.85 -3.54 5.61
CA LYS A 104 -8.00 -3.36 6.46
C LYS A 104 -7.89 -2.05 7.26
N PHE A 105 -6.79 -1.87 8.00
CA PHE A 105 -6.55 -0.65 8.76
C PHE A 105 -6.61 0.50 7.78
N PHE A 106 -5.77 0.39 6.76
CA PHE A 106 -5.72 1.34 5.67
C PHE A 106 -7.14 1.65 5.25
N PHE A 107 -7.96 0.61 5.10
CA PHE A 107 -9.35 0.80 4.72
C PHE A 107 -10.07 1.75 5.67
N SER A 108 -9.77 1.67 6.94
CA SER A 108 -10.38 2.55 7.92
C SER A 108 -9.84 3.98 7.78
N LYS A 109 -8.63 4.09 7.23
CA LYS A 109 -7.96 5.38 7.04
C LYS A 109 -8.42 6.11 5.80
N ILE A 110 -8.67 5.35 4.76
CA ILE A 110 -9.13 5.91 3.50
C ILE A 110 -10.57 6.30 3.68
N LYS A 111 -11.31 5.37 4.25
CA LYS A 111 -12.72 5.56 4.52
C LYS A 111 -12.89 6.83 5.31
N GLU A 112 -12.11 6.91 6.38
CA GLU A 112 -12.12 8.04 7.28
C GLU A 112 -11.83 9.31 6.50
N ALA A 113 -10.94 9.19 5.55
CA ALA A 113 -10.54 10.32 4.75
C ALA A 113 -11.35 10.47 3.46
N GLY A 114 -12.54 9.89 3.43
CA GLY A 114 -13.37 9.98 2.23
C GLY A 114 -12.63 9.55 0.99
N LEU A 115 -11.86 8.48 1.13
CA LEU A 115 -11.05 7.94 0.06
C LEU A 115 -11.85 6.91 -0.73
N ILE A 116 -11.53 5.64 -0.48
CA ILE A 116 -12.19 4.51 -1.11
C ILE A 116 -13.25 4.92 -2.16
N ASP A 117 -14.53 4.59 -1.92
CA ASP A 117 -15.59 4.95 -2.84
C ASP A 117 -15.47 4.21 -4.17
N LYS A 118 -14.36 3.48 -4.36
CA LYS A 118 -14.15 2.74 -5.59
C LYS A 118 -15.26 1.72 -5.82
N SER B 1 12.86 -21.62 4.57
CA SER B 1 12.91 -21.52 6.05
C SER B 1 13.56 -20.22 6.49
N THR B 2 14.73 -19.93 5.94
CA THR B 2 15.45 -18.70 6.28
C THR B 2 15.10 -17.57 5.33
N GLY B 3 15.53 -16.36 5.68
CA GLY B 3 15.26 -15.20 4.85
C GLY B 3 15.37 -13.89 5.61
N GLY B 4 16.16 -12.97 5.08
CA GLY B 4 16.34 -11.68 5.73
C GLY B 4 15.05 -10.90 5.83
N VAL B 5 14.81 -10.02 4.86
CA VAL B 5 13.60 -9.22 4.84
C VAL B 5 12.51 -9.86 4.01
OH ALY B 6 7.62 -7.60 1.68
CH ALY B 6 7.02 -7.54 0.61
CH3 ALY B 6 5.54 -7.14 0.60
NZ ALY B 6 7.57 -7.92 -0.52
CE ALY B 6 9.00 -7.81 -0.78
CD ALY B 6 9.79 -8.99 -0.26
CG ALY B 6 11.21 -8.59 0.06
CB ALY B 6 12.05 -9.80 0.37
CA ALY B 6 11.77 -10.40 1.75
N ALY B 6 12.72 -9.85 2.70
C ALY B 6 11.85 -11.92 1.71
O ALY B 6 12.19 -12.48 0.67
HH31 ALY B 6 4.95 -7.89 1.12
HH32 ALY B 6 5.41 -6.18 1.09
HH33 ALY B 6 5.20 -7.07 -0.42
HZ ALY B 6 6.99 -7.97 -1.31
HE3 ALY B 6 9.16 -7.74 -1.84
HE2 ALY B 6 9.36 -6.91 -0.29
HD3 ALY B 6 9.33 -9.38 0.63
HD2 ALY B 6 9.84 -9.76 -1.02
HG3 ALY B 6 11.62 -8.09 -0.81
HG2 ALY B 6 11.20 -7.92 0.91
HB3 ALY B 6 11.87 -10.53 -0.40
HB2 ALY B 6 13.08 -9.50 0.34
HA ALY B 6 10.78 -10.11 2.07
H ALY B 6 13.54 -9.44 2.36
N LYS B 7 11.56 -12.57 2.84
CA LYS B 7 11.58 -14.03 2.94
C LYS B 7 11.08 -14.62 1.64
N PRO B 8 11.98 -15.05 0.75
CA PRO B 8 11.61 -15.60 -0.55
C PRO B 8 10.36 -16.49 -0.51
N HIS B 9 9.52 -16.35 -1.52
CA HIS B 9 8.30 -17.14 -1.62
C HIS B 9 8.21 -17.82 -2.98
N ARG B 10 8.88 -17.23 -3.97
CA ARG B 10 8.88 -17.77 -5.33
C ARG B 10 7.46 -17.98 -5.83
N TYR B 11 6.80 -16.90 -6.24
CA TYR B 11 5.43 -16.98 -6.74
C TYR B 11 5.40 -17.39 -8.20
N LYS B 12 5.64 -16.44 -9.10
CA LYS B 12 5.64 -16.72 -10.52
C LYS B 12 6.84 -17.58 -10.92
N CYS B 13 6.59 -18.55 -11.79
CA CYS B 13 7.66 -19.45 -12.25
C CYS B 13 8.23 -18.98 -13.57
#